data_1RCS
#
_entry.id   1RCS
#
_cell.length_a   1.000
_cell.length_b   1.000
_cell.length_c   1.000
_cell.angle_alpha   90.00
_cell.angle_beta   90.00
_cell.angle_gamma   90.00
#
_symmetry.space_group_name_H-M   'P 1'
#
loop_
_entity.id
_entity.type
_entity.pdbx_description
1 polymer "DNA (5'-D(*CP*GP*TP*AP*CP*TP*AP*GP*TP*TP*AP*AP*CP*TP*AP*GP*TP*AP*CP*G)-3')"
2 polymer 'TRP REPRESSOR'
3 non-polymer TRYPTOPHAN
#
loop_
_entity_poly.entity_id
_entity_poly.type
_entity_poly.pdbx_seq_one_letter_code
_entity_poly.pdbx_strand_id
1 'polydeoxyribonucleotide' (DC)(DG)(DT)(DA)(DC)(DT)(DA)(DG)(DT)(DT)(DA)(DA)(DC)(DT)(DA)(DG)(DT)(DA)(DC)(DG) E,F
2 'polypeptide(L)'
;QSPYSAAMAEQRHQEWLRFVDLLKNAYQNDLHLPLLNLMLTPDEREALGTRVRIVEELLRGEMSQRELKNELGAGIATIT
RGSNSLKAAPVELRQWLEEVLLKSD
;
A,B
#
# COMPACT_ATOMS: atom_id res chain seq x y z
N GLN C 1 35.92 -1.57 22.60
CA GLN C 1 35.78 -0.13 22.23
C GLN C 1 34.60 0.50 23.04
N SER C 2 33.38 -0.10 22.93
CA SER C 2 32.15 0.41 23.67
C SER C 2 31.25 -0.80 24.14
N PRO C 3 30.82 -0.87 25.45
CA PRO C 3 29.95 -1.99 25.97
C PRO C 3 28.50 -1.85 25.41
N TYR C 4 27.90 -0.64 25.55
CA TYR C 4 26.48 -0.35 25.04
C TYR C 4 26.51 0.81 24.01
N SER C 5 25.67 0.69 22.92
CA SER C 5 25.55 1.73 21.80
C SER C 5 26.87 1.80 20.98
N ALA C 6 26.79 1.64 19.64
CA ALA C 6 28.00 1.68 18.72
C ALA C 6 27.75 2.68 17.57
N ALA C 7 28.61 3.73 17.44
CA ALA C 7 28.52 4.83 16.37
C ALA C 7 27.21 5.64 16.51
N MET C 8 27.33 6.98 16.67
CA MET C 8 26.14 7.91 16.82
C MET C 8 25.93 8.64 15.46
N ALA C 9 24.71 8.55 14.88
CA ALA C 9 24.38 9.22 13.56
C ALA C 9 22.91 9.70 13.56
N GLU C 10 21.95 8.80 13.92
CA GLU C 10 20.45 9.11 13.98
C GLU C 10 19.89 9.40 12.55
N GLN C 11 18.85 8.66 12.12
CA GLN C 11 18.22 8.84 10.74
C GLN C 11 16.78 8.27 10.71
N ARG C 12 15.81 9.04 10.13
CA ARG C 12 14.35 8.61 10.05
C ARG C 12 13.69 9.08 8.72
N HIS C 13 12.91 8.17 8.07
CA HIS C 13 12.19 8.48 6.77
C HIS C 13 10.72 8.84 7.12
N GLN C 14 10.28 10.10 6.79
CA GLN C 14 8.86 10.58 7.11
C GLN C 14 8.04 10.81 5.78
N GLU C 15 7.56 9.70 5.20
CA GLU C 15 6.71 9.71 3.92
C GLU C 15 5.76 8.47 3.99
N TRP C 16 6.34 7.25 3.88
CA TRP C 16 5.54 5.94 4.04
C TRP C 16 4.81 5.87 5.43
N LEU C 17 5.25 6.63 6.43
CA LEU C 17 4.67 6.59 7.85
C LEU C 17 3.55 7.62 8.02
N ARG C 18 3.58 8.77 7.31
CA ARG C 18 2.39 9.74 7.34
C ARG C 18 1.19 8.96 6.68
N PHE C 19 1.51 7.97 5.77
CA PHE C 19 0.48 7.07 5.14
C PHE C 19 0.19 5.87 6.14
N VAL C 20 1.18 5.36 6.98
CA VAL C 20 0.88 4.15 7.92
C VAL C 20 0.04 4.55 9.17
N ASP C 21 0.07 5.82 9.64
CA ASP C 21 -0.73 6.23 10.88
C ASP C 21 -2.20 6.42 10.48
N LEU C 22 -2.47 7.09 9.32
CA LEU C 22 -3.90 7.24 8.80
C LEU C 22 -4.41 5.85 8.27
N LEU C 23 -3.49 4.93 7.81
CA LEU C 23 -3.88 3.53 7.35
C LEU C 23 -4.38 2.73 8.58
N LYS C 24 -3.76 2.96 9.77
CA LYS C 24 -4.21 2.27 11.05
C LYS C 24 -5.62 2.79 11.50
N ASN C 25 -6.03 4.05 11.12
CA ASN C 25 -7.40 4.60 11.50
C ASN C 25 -8.48 3.85 10.69
N ALA C 26 -8.20 3.55 9.41
CA ALA C 26 -9.16 2.80 8.54
C ALA C 26 -8.93 1.24 8.68
N TYR C 27 -7.84 0.76 9.34
CA TYR C 27 -7.58 -0.73 9.51
C TYR C 27 -8.48 -1.28 10.66
N GLN C 28 -8.76 -0.45 11.72
CA GLN C 28 -9.68 -0.87 12.88
C GLN C 28 -11.11 -1.05 12.33
N ASN C 29 -11.56 -0.10 11.47
CA ASN C 29 -12.92 -0.19 10.80
C ASN C 29 -12.71 -1.02 9.48
N ASP C 30 -12.38 -0.34 8.34
CA ASP C 30 -12.07 -0.96 6.94
C ASP C 30 -12.42 0.12 5.83
N LEU C 31 -11.93 1.37 6.04
CA LEU C 31 -12.17 2.56 5.13
C LEU C 31 -10.84 2.96 4.39
N HIS C 32 -9.80 2.05 4.42
CA HIS C 32 -8.49 2.25 3.68
C HIS C 32 -8.68 1.83 2.17
N LEU C 33 -9.92 1.44 1.76
CA LEU C 33 -10.26 0.91 0.39
C LEU C 33 -10.75 2.11 -0.48
N PRO C 34 -11.75 2.96 -0.02
CA PRO C 34 -12.11 4.25 -0.72
C PRO C 34 -10.81 5.15 -0.67
N LEU C 35 -10.00 4.99 0.44
CA LEU C 35 -8.64 5.68 0.64
C LEU C 35 -7.69 5.23 -0.51
N LEU C 36 -7.64 3.90 -0.81
CA LEU C 36 -6.73 3.36 -1.92
C LEU C 36 -7.32 3.70 -3.33
N ASN C 37 -8.59 4.15 -3.43
CA ASN C 37 -9.25 4.52 -4.74
C ASN C 37 -8.98 6.01 -5.10
N LEU C 38 -8.58 6.91 -4.13
CA LEU C 38 -8.35 8.39 -4.44
C LEU C 38 -6.87 8.86 -4.28
N MET C 39 -6.02 8.17 -3.48
CA MET C 39 -4.53 8.59 -3.33
C MET C 39 -3.57 7.37 -3.55
N LEU C 40 -3.99 6.35 -4.36
CA LEU C 40 -3.12 5.16 -4.67
C LEU C 40 -3.19 4.86 -6.20
N THR C 41 -4.39 4.39 -6.70
CA THR C 41 -4.73 3.99 -8.18
C THR C 41 -5.19 2.48 -8.24
N PRO C 42 -5.92 2.04 -9.35
CA PRO C 42 -6.32 0.60 -9.54
C PRO C 42 -5.02 -0.27 -9.79
N ASP C 43 -3.96 0.35 -10.41
CA ASP C 43 -2.61 -0.34 -10.65
C ASP C 43 -1.90 -0.67 -9.29
N GLU C 44 -2.28 0.02 -8.16
CA GLU C 44 -1.67 -0.25 -6.79
C GLU C 44 -2.24 -1.57 -6.21
N ARG C 45 -3.51 -1.97 -6.56
CA ARG C 45 -4.06 -3.35 -6.15
C ARG C 45 -3.74 -4.38 -7.27
N GLU C 46 -3.33 -3.90 -8.49
CA GLU C 46 -2.86 -4.82 -9.61
C GLU C 46 -1.36 -5.19 -9.29
N ALA C 47 -0.65 -4.35 -8.47
CA ALA C 47 0.78 -4.57 -8.06
C ALA C 47 0.81 -5.32 -6.70
N LEU C 48 -0.13 -5.04 -5.76
CA LEU C 48 -0.23 -5.84 -4.45
C LEU C 48 -0.88 -7.22 -4.82
N GLY C 49 -1.68 -7.27 -5.93
CA GLY C 49 -2.34 -8.51 -6.47
C GLY C 49 -1.32 -9.48 -7.07
N THR C 50 -0.73 -9.12 -8.23
CA THR C 50 0.26 -10.03 -8.97
C THR C 50 1.63 -10.14 -8.26
N ARG C 51 2.07 -9.14 -7.47
CA ARG C 51 3.39 -9.27 -6.73
C ARG C 51 3.19 -10.24 -5.54
N VAL C 52 2.10 -10.12 -4.75
CA VAL C 52 1.84 -11.18 -3.65
C VAL C 52 1.56 -12.57 -4.33
N ARG C 53 1.20 -12.63 -5.66
CA ARG C 53 0.98 -13.97 -6.37
C ARG C 53 2.33 -14.72 -6.65
N ILE C 54 3.38 -14.07 -7.25
CA ILE C 54 4.71 -14.79 -7.56
C ILE C 54 5.52 -15.10 -6.26
N VAL C 55 5.30 -14.38 -5.11
CA VAL C 55 6.10 -14.64 -3.82
C VAL C 55 5.36 -15.73 -3.04
N GLU C 56 4.04 -15.57 -2.80
CA GLU C 56 3.22 -16.64 -2.06
C GLU C 56 3.23 -17.99 -2.87
N GLU C 57 3.50 -17.96 -4.20
CA GLU C 57 3.58 -19.21 -5.06
C GLU C 57 5.05 -19.70 -5.19
N LEU C 58 6.09 -18.82 -5.03
CA LEU C 58 7.56 -19.23 -5.13
C LEU C 58 7.97 -19.97 -3.82
N LEU C 59 7.80 -19.28 -2.66
CA LEU C 59 8.15 -19.82 -1.26
C LEU C 59 7.64 -21.28 -1.03
N ARG C 60 6.51 -21.68 -1.68
CA ARG C 60 5.94 -23.08 -1.55
C ARG C 60 6.65 -23.98 -2.59
N GLY C 61 6.66 -23.57 -3.88
CA GLY C 61 7.35 -24.35 -4.98
C GLY C 61 6.46 -25.52 -5.46
N GLU C 62 5.46 -25.23 -6.33
CA GLU C 62 4.52 -26.27 -6.90
C GLU C 62 4.31 -25.94 -8.41
N MET C 63 3.80 -24.71 -8.70
CA MET C 63 3.58 -24.21 -10.12
C MET C 63 3.74 -22.64 -10.07
N SER C 64 5.01 -22.18 -9.99
CA SER C 64 5.33 -20.70 -9.86
C SER C 64 6.60 -20.23 -10.66
N GLN C 65 7.26 -21.12 -11.45
CA GLN C 65 8.52 -20.74 -12.23
C GLN C 65 8.30 -20.83 -13.77
N ARG C 66 7.87 -22.01 -14.27
CA ARG C 66 7.69 -22.27 -15.76
C ARG C 66 6.19 -22.39 -16.14
N GLU C 67 5.47 -23.33 -15.51
CA GLU C 67 4.00 -23.60 -15.80
C GLU C 67 3.04 -22.51 -15.23
N LEU C 68 3.54 -21.49 -14.45
CA LEU C 68 2.64 -20.42 -13.86
C LEU C 68 2.21 -19.38 -14.93
N LYS C 69 3.18 -18.85 -15.71
CA LYS C 69 2.95 -17.74 -16.76
C LYS C 69 1.57 -17.80 -17.51
N ASN C 70 1.11 -19.00 -17.89
CA ASN C 70 -0.20 -19.16 -18.66
C ASN C 70 -1.43 -19.03 -17.71
N GLU C 71 -1.34 -19.61 -16.48
CA GLU C 71 -2.46 -19.58 -15.44
C GLU C 71 -3.00 -18.15 -15.16
N LEU C 72 -2.13 -17.10 -15.17
CA LEU C 72 -2.56 -15.66 -14.88
C LEU C 72 -2.01 -14.67 -15.94
N GLY C 73 -0.70 -14.78 -16.32
CA GLY C 73 -0.08 -13.85 -17.36
C GLY C 73 0.84 -12.79 -16.73
N ALA C 74 2.05 -13.19 -16.26
CA ALA C 74 3.06 -12.22 -15.62
C ALA C 74 4.48 -12.30 -16.30
N GLY C 75 4.75 -13.32 -17.16
CA GLY C 75 6.11 -13.47 -17.86
C GLY C 75 7.12 -14.25 -16.96
N ILE C 76 8.29 -14.72 -17.51
CA ILE C 76 9.30 -15.48 -16.64
C ILE C 76 10.25 -14.45 -15.96
N ALA C 77 10.39 -13.20 -16.49
CA ALA C 77 11.32 -12.19 -15.83
C ALA C 77 10.80 -11.73 -14.43
N THR C 78 9.47 -11.69 -14.17
CA THR C 78 8.90 -11.27 -12.79
C THR C 78 8.91 -12.45 -11.79
N ILE C 79 8.48 -13.65 -12.23
CA ILE C 79 8.40 -14.88 -11.31
C ILE C 79 9.79 -15.43 -10.89
N THR C 80 10.89 -15.09 -11.61
CA THR C 80 12.29 -15.58 -11.26
C THR C 80 13.16 -14.41 -10.73
N ARG C 81 12.95 -13.14 -11.20
CA ARG C 81 13.71 -11.94 -10.62
C ARG C 81 13.12 -11.62 -9.20
N GLY C 82 11.82 -11.99 -8.94
CA GLY C 82 11.18 -11.83 -7.56
C GLY C 82 11.95 -12.71 -6.53
N SER C 83 12.52 -13.88 -6.99
CA SER C 83 13.38 -14.81 -6.10
C SER C 83 14.66 -14.03 -5.62
N ASN C 84 15.29 -13.26 -6.54
CA ASN C 84 16.55 -12.41 -6.25
C ASN C 84 16.32 -11.42 -5.04
N SER C 85 15.05 -10.99 -4.81
CA SER C 85 14.70 -10.02 -3.68
C SER C 85 14.93 -10.69 -2.27
N LEU C 86 14.58 -11.99 -2.14
CA LEU C 86 14.73 -12.80 -0.85
C LEU C 86 16.22 -12.84 -0.40
N LYS C 87 17.16 -13.03 -1.35
CA LYS C 87 18.67 -13.10 -1.07
C LYS C 87 19.23 -11.78 -0.46
N ALA C 88 18.54 -10.62 -0.64
CA ALA C 88 19.01 -9.29 -0.10
C ALA C 88 18.48 -9.03 1.33
N ALA C 89 17.19 -9.36 1.61
CA ALA C 89 16.55 -9.14 3.00
C ALA C 89 17.32 -9.86 4.15
N PRO C 90 17.16 -9.40 5.43
CA PRO C 90 17.84 -10.03 6.59
C PRO C 90 17.00 -11.24 7.12
N VAL C 91 17.58 -12.04 8.04
CA VAL C 91 16.91 -13.27 8.62
C VAL C 91 16.12 -12.92 9.92
N GLU C 92 16.48 -11.84 10.65
CA GLU C 92 15.77 -11.46 11.94
C GLU C 92 14.28 -11.11 11.64
N LEU C 93 14.03 -10.35 10.55
CA LEU C 93 12.64 -9.95 10.11
C LEU C 93 12.11 -10.87 8.95
N ARG C 94 13.02 -11.64 8.25
CA ARG C 94 12.53 -12.74 7.28
C ARG C 94 11.88 -13.82 8.23
N GLN C 95 12.35 -13.88 9.51
CA GLN C 95 11.75 -14.76 10.59
C GLN C 95 10.26 -14.43 10.77
N TRP C 96 9.89 -13.10 10.72
CA TRP C 96 8.41 -12.69 10.82
C TRP C 96 7.68 -13.27 9.59
N LEU C 97 8.36 -13.33 8.39
CA LEU C 97 7.74 -13.97 7.15
C LEU C 97 7.24 -15.41 7.53
N GLU C 98 8.03 -16.15 8.38
CA GLU C 98 7.64 -17.53 8.94
C GLU C 98 6.42 -17.36 9.90
N GLU C 99 6.41 -16.26 10.72
CA GLU C 99 5.22 -15.91 11.65
C GLU C 99 3.91 -15.72 10.83
N VAL C 100 4.02 -15.40 9.50
CA VAL C 100 2.83 -15.13 8.60
C VAL C 100 2.78 -16.09 7.34
N LEU C 101 3.70 -17.11 7.23
CA LEU C 101 3.70 -18.14 6.13
C LEU C 101 3.10 -19.43 6.77
N LEU C 102 3.73 -19.88 7.89
CA LEU C 102 3.32 -21.11 8.71
C LEU C 102 1.85 -20.96 9.22
N LYS C 103 1.50 -19.79 9.80
CA LYS C 103 0.11 -19.51 10.34
C LYS C 103 -0.76 -18.86 9.23
N SER C 104 -0.40 -17.62 8.78
CA SER C 104 -1.16 -16.82 7.70
C SER C 104 -2.59 -16.43 8.17
N GLN D 1 -38.82 -20.34 -6.53
CA GLN D 1 -37.93 -19.12 -6.57
C GLN D 1 -36.96 -19.13 -5.35
N SER D 2 -35.64 -18.93 -5.60
CA SER D 2 -34.59 -18.91 -4.50
C SER D 2 -33.33 -18.09 -4.96
N PRO D 3 -32.90 -17.01 -4.19
CA PRO D 3 -31.69 -16.18 -4.55
C PRO D 3 -30.36 -17.01 -4.38
N TYR D 4 -29.35 -16.76 -5.25
CA TYR D 4 -28.02 -17.51 -5.21
C TYR D 4 -27.16 -17.03 -4.00
N SER D 5 -26.73 -15.75 -4.00
CA SER D 5 -25.88 -15.17 -2.87
C SER D 5 -26.48 -13.78 -2.47
N ALA D 6 -26.78 -13.60 -1.15
CA ALA D 6 -27.38 -12.30 -0.63
C ALA D 6 -27.16 -12.15 0.89
N ALA D 7 -27.45 -13.23 1.67
CA ALA D 7 -27.28 -13.21 3.19
C ALA D 7 -25.79 -13.33 3.59
N MET D 8 -25.40 -12.59 4.67
CA MET D 8 -23.97 -12.56 5.25
C MET D 8 -23.03 -11.65 4.42
N ALA D 9 -22.63 -12.06 3.19
CA ALA D 9 -21.69 -11.25 2.31
C ALA D 9 -22.30 -10.95 0.92
N GLU D 10 -22.11 -9.71 0.41
CA GLU D 10 -22.62 -9.28 -0.96
C GLU D 10 -21.42 -9.24 -1.94
N GLN D 11 -20.31 -8.58 -1.54
CA GLN D 11 -19.04 -8.46 -2.39
C GLN D 11 -18.01 -9.52 -1.93
N ARG D 12 -17.37 -10.23 -2.88
CA ARG D 12 -16.34 -11.30 -2.56
C ARG D 12 -14.91 -10.69 -2.65
N HIS D 13 -14.10 -10.87 -1.59
CA HIS D 13 -12.66 -10.36 -1.54
C HIS D 13 -11.73 -11.54 -1.90
N GLN D 14 -10.92 -11.38 -2.98
CA GLN D 14 -9.99 -12.48 -3.49
C GLN D 14 -8.48 -12.12 -3.35
N GLU D 15 -8.09 -10.85 -3.65
CA GLU D 15 -6.62 -10.43 -3.64
C GLU D 15 -6.27 -9.30 -2.62
N TRP D 16 -6.49 -7.97 -2.95
CA TRP D 16 -6.08 -6.76 -2.08
C TRP D 16 -6.21 -6.95 -0.53
N LEU D 17 -7.16 -7.78 -0.06
CA LEU D 17 -7.48 -7.90 1.44
C LEU D 17 -6.80 -9.09 2.11
N ARG D 18 -6.57 -10.21 1.38
CA ARG D 18 -5.72 -11.36 1.97
C ARG D 18 -4.28 -10.75 2.20
N PHE D 19 -3.93 -9.68 1.40
CA PHE D 19 -2.66 -8.89 1.58
C PHE D 19 -2.87 -7.98 2.84
N VAL D 20 -4.09 -7.31 3.01
CA VAL D 20 -4.37 -6.44 4.28
C VAL D 20 -4.36 -7.33 5.59
N ASP D 21 -4.51 -8.68 5.50
CA ASP D 21 -4.52 -9.59 6.73
C ASP D 21 -3.08 -9.70 7.24
N LEU D 22 -2.13 -10.08 6.34
CA LEU D 22 -0.65 -10.14 6.70
C LEU D 22 -0.12 -8.73 7.07
N LEU D 23 -0.76 -7.64 6.53
CA LEU D 23 -0.34 -6.22 6.87
C LEU D 23 -0.67 -5.94 8.35
N LYS D 24 -1.83 -6.45 8.85
CA LYS D 24 -2.21 -6.27 10.32
C LYS D 24 -1.27 -7.11 11.25
N ASN D 25 -0.56 -8.16 10.73
CA ASN D 25 0.42 -8.97 11.57
C ASN D 25 1.70 -8.14 11.78
N ALA D 26 2.13 -7.39 10.75
CA ALA D 26 3.35 -6.52 10.85
C ALA D 26 2.94 -5.04 11.29
N TYR D 27 1.63 -4.70 11.35
CA TYR D 27 1.17 -3.30 11.77
C TYR D 27 1.17 -3.21 13.32
N GLN D 28 0.95 -4.35 14.05
CA GLN D 28 1.00 -4.38 15.58
C GLN D 28 2.48 -4.14 16.00
N ASN D 29 3.43 -4.81 15.30
CA ASN D 29 4.91 -4.62 15.55
C ASN D 29 5.39 -3.46 14.59
N ASP D 30 5.88 -3.78 13.35
CA ASP D 30 6.34 -2.80 12.24
C ASP D 30 7.36 -3.57 11.32
N LEU D 31 6.91 -4.75 10.81
CA LEU D 31 7.75 -5.68 9.95
C LEU D 31 7.17 -5.78 8.48
N HIS D 32 6.20 -4.87 8.13
CA HIS D 32 5.64 -4.77 6.73
C HIS D 32 6.63 -3.93 5.83
N LEU D 33 7.77 -3.46 6.40
CA LEU D 33 8.79 -2.58 5.71
C LEU D 33 9.91 -3.47 5.10
N PRO D 34 10.55 -4.42 5.89
CA PRO D 34 11.51 -5.43 5.29
C PRO D 34 10.66 -6.34 4.33
N LEU D 35 9.36 -6.61 4.71
CA LEU D 35 8.36 -7.38 3.86
C LEU D 35 8.13 -6.60 2.53
N LEU D 36 8.02 -5.24 2.60
CA LEU D 36 7.84 -4.39 1.33
C LEU D 36 9.17 -4.35 0.49
N ASN D 37 10.35 -4.61 1.12
CA ASN D 37 11.68 -4.66 0.37
C ASN D 37 11.80 -6.02 -0.42
N LEU D 38 10.87 -6.99 -0.21
CA LEU D 38 10.90 -8.34 -0.89
C LEU D 38 9.80 -8.42 -2.00
N MET D 39 8.55 -7.99 -1.71
CA MET D 39 7.39 -8.11 -2.71
C MET D 39 7.15 -6.86 -3.59
N LEU D 40 7.59 -5.63 -3.21
CA LEU D 40 7.27 -4.38 -4.05
C LEU D 40 8.56 -3.64 -4.58
N THR D 41 8.97 -2.44 -4.05
CA THR D 41 10.18 -1.61 -4.56
C THR D 41 10.35 -0.27 -3.72
N PRO D 42 11.54 0.43 -3.84
CA PRO D 42 11.74 1.80 -3.23
C PRO D 42 10.85 2.84 -4.00
N ASP D 43 10.67 2.65 -5.34
CA ASP D 43 9.79 3.56 -6.21
C ASP D 43 8.30 3.58 -5.71
N GLU D 44 7.86 2.56 -4.90
CA GLU D 44 6.44 2.54 -4.34
C GLU D 44 6.36 3.55 -3.16
N ARG D 45 7.39 3.56 -2.24
CA ARG D 45 7.42 4.59 -1.11
C ARG D 45 8.00 5.98 -1.61
N GLU D 46 8.41 6.08 -2.90
CA GLU D 46 8.87 7.42 -3.50
C GLU D 46 7.54 8.12 -3.97
N ALA D 47 6.68 7.34 -4.69
CA ALA D 47 5.34 7.83 -5.17
C ALA D 47 4.30 7.89 -4.02
N LEU D 48 4.52 7.22 -2.84
CA LEU D 48 3.56 7.36 -1.67
C LEU D 48 3.84 8.76 -1.04
N GLY D 49 5.13 9.17 -0.96
CA GLY D 49 5.55 10.46 -0.33
C GLY D 49 4.95 11.66 -1.10
N THR D 50 5.26 11.78 -2.42
CA THR D 50 4.74 12.97 -3.25
C THR D 50 3.23 12.87 -3.55
N ARG D 51 2.66 11.66 -3.75
CA ARG D 51 1.15 11.51 -4.00
C ARG D 51 0.39 11.89 -2.68
N VAL D 52 0.69 11.20 -1.57
CA VAL D 52 0.05 11.56 -0.19
C VAL D 52 0.40 13.03 0.20
N ARG D 53 1.44 13.68 -0.42
CA ARG D 53 1.78 15.14 -0.09
C ARG D 53 0.91 16.14 -0.94
N ILE D 54 0.48 15.85 -2.22
CA ILE D 54 -0.39 16.80 -3.02
C ILE D 54 -1.88 16.70 -2.51
N VAL D 55 -2.28 15.57 -1.84
CA VAL D 55 -3.71 15.37 -1.32
C VAL D 55 -3.77 15.96 0.10
N GLU D 56 -2.80 15.57 0.97
CA GLU D 56 -2.72 16.10 2.40
C GLU D 56 -2.50 17.66 2.37
N GLU D 57 -1.93 18.21 1.25
CA GLU D 57 -1.70 19.71 1.09
C GLU D 57 -2.86 20.37 0.27
N LEU D 58 -3.60 19.61 -0.61
CA LEU D 58 -4.75 20.21 -1.44
C LEU D 58 -5.97 20.42 -0.51
N LEU D 59 -6.38 19.35 0.23
CA LEU D 59 -7.56 19.38 1.22
C LEU D 59 -7.51 20.63 2.17
N ARG D 60 -6.29 21.17 2.46
CA ARG D 60 -6.13 22.40 3.34
C ARG D 60 -6.56 23.64 2.50
N GLY D 61 -5.98 23.77 1.27
CA GLY D 61 -6.34 24.87 0.28
C GLY D 61 -6.04 26.31 0.79
N GLU D 62 -4.79 26.58 1.20
CA GLU D 62 -4.34 27.96 1.66
C GLU D 62 -3.27 28.45 0.63
N MET D 63 -2.20 27.65 0.45
CA MET D 63 -1.08 27.94 -0.55
C MET D 63 -0.76 26.55 -1.18
N SER D 64 -1.64 26.10 -2.10
CA SER D 64 -1.56 24.71 -2.70
C SER D 64 -1.78 24.66 -4.26
N GLN D 65 -2.07 25.80 -4.93
CA GLN D 65 -2.30 25.83 -6.42
C GLN D 65 -1.00 26.30 -7.17
N ARG D 66 -0.75 27.62 -7.32
CA ARG D 66 0.48 28.13 -8.08
C ARG D 66 1.79 27.97 -7.23
N GLU D 67 1.80 28.56 -6.01
CA GLU D 67 3.02 28.61 -5.10
C GLU D 67 3.45 27.26 -4.45
N LEU D 68 2.74 26.13 -4.66
CA LEU D 68 3.15 24.81 -3.98
C LEU D 68 4.22 24.05 -4.82
N LYS D 69 4.04 23.91 -6.15
CA LYS D 69 5.04 23.17 -7.09
C LYS D 69 6.56 23.44 -6.78
N ASN D 70 6.93 24.67 -6.37
CA ASN D 70 8.40 25.04 -6.08
C ASN D 70 8.90 24.35 -4.78
N GLU D 71 8.05 24.27 -3.73
CA GLU D 71 8.40 23.63 -2.38
C GLU D 71 8.93 22.16 -2.55
N LEU D 72 8.11 21.25 -3.14
CA LEU D 72 8.50 19.81 -3.36
C LEU D 72 9.09 19.63 -4.80
N GLY D 73 8.26 19.85 -5.85
CA GLY D 73 8.68 19.68 -7.30
C GLY D 73 7.72 18.71 -8.01
N ALA D 74 6.38 18.88 -7.82
CA ALA D 74 5.31 18.02 -8.46
C ALA D 74 4.44 18.93 -9.34
N GLY D 75 4.45 18.71 -10.69
CA GLY D 75 3.69 19.54 -11.74
C GLY D 75 2.27 20.02 -11.36
N ILE D 76 1.64 20.91 -12.19
CA ILE D 76 0.22 21.38 -11.91
C ILE D 76 -0.76 20.27 -12.41
N ALA D 77 -0.31 19.28 -13.26
CA ALA D 77 -1.21 18.14 -13.71
C ALA D 77 -1.50 17.19 -12.52
N THR D 78 -0.50 16.92 -11.65
CA THR D 78 -0.70 16.00 -10.43
C THR D 78 -1.44 16.73 -9.30
N ILE D 79 -1.12 18.01 -9.08
CA ILE D 79 -1.70 18.82 -7.93
C ILE D 79 -3.22 19.09 -8.09
N THR D 80 -3.72 19.28 -9.34
CA THR D 80 -5.18 19.56 -9.61
C THR D 80 -5.92 18.28 -10.13
N ARG D 81 -5.21 17.29 -10.77
CA ARG D 81 -5.88 15.97 -11.19
C ARG D 81 -6.13 15.12 -9.91
N GLY D 82 -5.33 15.33 -8.80
CA GLY D 82 -5.60 14.64 -7.47
C GLY D 82 -7.01 15.14 -6.97
N SER D 83 -7.34 16.45 -7.22
CA SER D 83 -8.70 17.08 -6.87
C SER D 83 -9.86 16.32 -7.60
N ASN D 84 -9.64 15.93 -8.89
CA ASN D 84 -10.70 15.18 -9.75
C ASN D 84 -11.12 13.82 -9.09
N SER D 85 -10.18 13.14 -8.38
CA SER D 85 -10.46 11.81 -7.68
C SER D 85 -11.51 11.99 -6.54
N LEU D 86 -11.44 13.12 -5.80
CA LEU D 86 -12.38 13.45 -4.64
C LEU D 86 -13.88 13.48 -5.10
N LYS D 87 -14.16 14.13 -6.24
CA LYS D 87 -15.59 14.25 -6.80
C LYS D 87 -16.18 12.87 -7.30
N ALA D 88 -15.34 11.82 -7.48
CA ALA D 88 -15.82 10.46 -7.96
C ALA D 88 -16.23 9.57 -6.76
N ALA D 89 -15.42 9.56 -5.67
CA ALA D 89 -15.70 8.73 -4.40
C ALA D 89 -17.09 9.05 -3.75
N PRO D 90 -17.59 8.15 -2.83
CA PRO D 90 -18.90 8.40 -2.14
C PRO D 90 -18.72 9.39 -0.95
N VAL D 91 -19.82 9.81 -0.31
CA VAL D 91 -19.79 10.79 0.85
C VAL D 91 -19.78 10.06 2.22
N GLU D 92 -20.32 8.82 2.32
CA GLU D 92 -20.36 8.06 3.63
C GLU D 92 -18.91 7.78 4.14
N LEU D 93 -17.99 7.40 3.21
CA LEU D 93 -16.54 7.12 3.53
C LEU D 93 -15.63 8.34 3.22
N ARG D 94 -16.12 9.35 2.41
CA ARG D 94 -15.37 10.69 2.28
C ARG D 94 -15.45 11.30 3.72
N GLN D 95 -16.60 11.03 4.40
CA GLN D 95 -16.85 11.41 5.85
C GLN D 95 -15.70 10.91 6.76
N TRP D 96 -15.17 9.66 6.54
CA TRP D 96 -14.01 9.14 7.38
C TRP D 96 -12.78 10.04 7.09
N LEU D 97 -12.59 10.50 5.82
CA LEU D 97 -11.44 11.45 5.47
C LEU D 97 -11.49 12.68 6.45
N GLU D 98 -12.73 13.12 6.82
CA GLU D 98 -12.95 14.25 7.85
C GLU D 98 -12.57 13.71 9.27
N GLU D 99 -12.92 12.43 9.58
CA GLU D 99 -12.55 11.72 10.90
C GLU D 99 -11.00 11.69 11.12
N VAL D 100 -10.20 11.78 10.03
CA VAL D 100 -8.68 11.67 10.11
C VAL D 100 -7.93 13.03 9.90
N LEU D 101 -8.64 14.15 9.54
CA LEU D 101 -8.00 15.53 9.43
C LEU D 101 -8.46 16.33 10.68
N LEU D 102 -9.80 16.52 10.81
CA LEU D 102 -10.48 17.28 11.96
C LEU D 102 -9.93 16.92 13.37
N LYS D 103 -9.50 15.64 13.58
CA LYS D 103 -8.95 15.12 14.92
C LYS D 103 -10.08 15.10 15.99
N SER D 104 -10.73 13.92 16.18
CA SER D 104 -11.85 13.72 17.18
C SER D 104 -11.42 12.71 18.27
N GLN C 1 30.64 -13.88 32.17
CA GLN C 1 29.57 -12.84 32.27
C GLN C 1 30.15 -11.46 31.84
N SER C 2 29.54 -10.81 30.83
CA SER C 2 30.01 -9.47 30.30
C SER C 2 28.77 -8.61 29.84
N PRO C 3 28.66 -7.29 30.28
CA PRO C 3 27.49 -6.41 29.90
C PRO C 3 27.61 -5.91 28.43
N TYR C 4 26.45 -5.81 27.73
CA TYR C 4 26.37 -5.28 26.31
C TYR C 4 25.23 -4.22 26.28
N SER C 5 25.58 -2.94 25.99
CA SER C 5 24.56 -1.80 25.96
C SER C 5 24.01 -1.60 24.53
N ALA C 6 22.66 -1.52 24.40
CA ALA C 6 21.98 -1.30 23.06
C ALA C 6 21.26 0.07 23.10
N ALA C 7 21.61 0.99 22.16
CA ALA C 7 21.01 2.38 22.10
C ALA C 7 21.08 2.96 20.67
N MET C 8 19.96 3.54 20.18
CA MET C 8 19.89 4.14 18.79
C MET C 8 19.39 5.60 18.90
N ALA C 9 20.17 6.57 18.33
CA ALA C 9 19.81 8.04 18.34
C ALA C 9 19.72 8.53 16.87
N GLU C 10 18.55 9.06 16.45
CA GLU C 10 18.32 9.53 15.01
C GLU C 10 17.09 10.47 14.90
N GLN C 11 17.15 11.46 13.97
CA GLN C 11 16.00 12.42 13.72
C GLN C 11 14.95 11.75 12.80
N ARG C 12 13.66 11.84 13.19
CA ARG C 12 12.52 11.20 12.40
C ARG C 12 11.89 12.21 11.41
N HIS C 13 11.68 11.77 10.14
CA HIS C 13 11.02 12.62 9.07
C HIS C 13 9.71 11.86 8.69
N GLN C 14 8.54 12.48 8.96
CA GLN C 14 7.20 11.81 8.70
C GLN C 14 6.73 11.98 7.23
N GLU C 15 6.55 10.83 6.53
CA GLU C 15 6.04 10.77 5.10
C GLU C 15 5.27 9.41 5.00
N TRP C 16 6.02 8.27 5.03
CA TRP C 16 5.40 6.86 5.08
C TRP C 16 4.52 6.67 6.34
N LEU C 17 4.69 7.49 7.38
CA LEU C 17 3.93 7.39 8.69
C LEU C 17 2.68 8.27 8.66
N ARG C 18 2.71 9.42 7.93
CA ARG C 18 1.42 10.24 7.72
C ARG C 18 0.42 9.30 6.96
N PHE C 19 0.96 8.32 6.16
CA PHE C 19 0.13 7.27 5.45
C PHE C 19 -0.07 6.02 6.42
N VAL C 20 0.90 5.64 7.37
CA VAL C 20 0.68 4.38 8.27
C VAL C 20 -0.38 4.68 9.38
N ASP C 21 -0.11 5.64 10.29
CA ASP C 21 -1.07 6.01 11.45
C ASP C 21 -2.50 6.31 10.94
N LEU C 22 -2.63 6.94 9.75
CA LEU C 22 -4.00 7.24 9.13
C LEU C 22 -4.60 5.90 8.59
N LEU C 23 -3.74 4.99 8.05
CA LEU C 23 -4.20 3.62 7.57
C LEU C 23 -4.83 2.83 8.76
N LYS C 24 -4.20 2.92 9.97
CA LYS C 24 -4.71 2.22 11.23
C LYS C 24 -6.19 2.63 11.57
N ASN C 25 -6.60 3.88 11.21
CA ASN C 25 -8.03 4.37 11.46
C ASN C 25 -8.99 3.66 10.48
N ALA C 26 -8.58 3.51 9.21
CA ALA C 26 -9.42 2.77 8.18
C ALA C 26 -9.08 1.23 8.21
N TYR C 27 -8.20 0.76 9.12
CA TYR C 27 -7.80 -0.70 9.24
C TYR C 27 -8.82 -1.40 10.17
N GLN C 28 -9.16 -0.75 11.33
CA GLN C 28 -10.18 -1.32 12.34
C GLN C 28 -11.55 -1.53 11.64
N ASN C 29 -11.92 -0.57 10.75
CA ASN C 29 -13.19 -0.66 9.94
C ASN C 29 -12.85 -1.35 8.57
N ASP C 30 -12.34 -0.57 7.58
CA ASP C 30 -11.88 -0.99 6.15
C ASP C 30 -12.23 0.19 5.15
N LEU C 31 -11.93 1.44 5.57
CA LEU C 31 -12.22 2.70 4.73
C LEU C 31 -10.92 3.17 3.99
N HIS C 32 -9.86 2.30 3.96
CA HIS C 32 -8.58 2.53 3.20
C HIS C 32 -8.73 1.94 1.75
N LEU C 33 -9.99 1.66 1.32
CA LEU C 33 -10.34 1.07 -0.02
C LEU C 33 -10.78 2.24 -0.95
N PRO C 34 -11.77 3.13 -0.52
CA PRO C 34 -12.09 4.38 -1.28
C PRO C 34 -10.87 5.34 -1.11
N LEU C 35 -10.19 5.29 0.08
CA LEU C 35 -8.95 6.12 0.37
C LEU C 35 -7.80 5.64 -0.58
N LEU C 36 -7.60 4.29 -0.81
CA LEU C 36 -6.50 3.86 -1.81
C LEU C 36 -6.98 4.04 -3.29
N ASN C 37 -8.31 4.31 -3.53
CA ASN C 37 -8.85 4.59 -4.92
C ASN C 37 -8.82 6.16 -5.21
N LEU C 38 -8.15 6.99 -4.35
CA LEU C 38 -8.09 8.50 -4.52
C LEU C 38 -6.60 8.97 -4.53
N MET C 39 -5.80 8.54 -3.53
CA MET C 39 -4.33 8.99 -3.41
C MET C 39 -3.33 8.00 -4.08
N LEU C 40 -3.76 6.76 -4.42
CA LEU C 40 -2.84 5.73 -5.01
C LEU C 40 -3.20 5.46 -6.51
N THR C 41 -4.20 4.58 -6.80
CA THR C 41 -4.68 4.16 -8.24
C THR C 41 -5.25 2.70 -8.19
N PRO C 42 -5.97 2.24 -9.27
CA PRO C 42 -6.44 0.81 -9.39
C PRO C 42 -5.18 -0.11 -9.61
N ASP C 43 -4.14 0.42 -10.34
CA ASP C 43 -2.83 -0.32 -10.60
C ASP C 43 -2.07 -0.60 -9.25
N GLU C 44 -2.39 0.13 -8.14
CA GLU C 44 -1.70 -0.09 -6.79
C GLU C 44 -2.21 -1.42 -6.15
N ARG C 45 -3.51 -1.82 -6.38
CA ARG C 45 -4.01 -3.20 -5.89
C ARG C 45 -3.75 -4.24 -7.02
N GLU C 46 -3.44 -3.79 -8.28
CA GLU C 46 -3.02 -4.71 -9.40
C GLU C 46 -1.49 -5.03 -9.16
N ALA C 47 -0.77 -4.17 -8.35
CA ALA C 47 0.70 -4.36 -8.04
C ALA C 47 0.85 -5.11 -6.70
N LEU C 48 -0.01 -4.85 -5.69
CA LEU C 48 0.00 -5.68 -4.39
C LEU C 48 -0.68 -7.06 -4.74
N GLY C 49 -1.51 -7.08 -5.84
CA GLY C 49 -2.19 -8.29 -6.37
C GLY C 49 -1.17 -9.27 -6.99
N THR C 50 -0.59 -8.91 -8.16
CA THR C 50 0.41 -9.81 -8.91
C THR C 50 1.77 -9.93 -8.17
N ARG C 51 2.22 -8.91 -7.39
CA ARG C 51 3.55 -9.03 -6.64
C ARG C 51 3.37 -10.09 -5.52
N VAL C 52 2.31 -9.98 -4.67
CA VAL C 52 2.05 -11.06 -3.59
C VAL C 52 1.75 -12.44 -4.30
N ARG C 53 1.37 -12.48 -5.61
CA ARG C 53 1.11 -13.82 -6.31
C ARG C 53 2.43 -14.56 -6.70
N ILE C 54 3.50 -13.91 -7.27
CA ILE C 54 4.79 -14.64 -7.63
C ILE C 54 5.61 -15.00 -6.35
N VAL C 55 5.41 -14.30 -5.18
CA VAL C 55 6.21 -14.61 -3.91
C VAL C 55 5.44 -15.69 -3.12
N GLU C 56 4.15 -15.47 -2.85
CA GLU C 56 3.28 -16.51 -2.15
C GLU C 56 3.24 -17.86 -2.98
N GLU C 57 3.52 -17.79 -4.32
CA GLU C 57 3.58 -19.03 -5.22
C GLU C 57 5.06 -19.54 -5.39
N LEU C 58 6.10 -18.67 -5.18
CA LEU C 58 7.57 -19.11 -5.31
C LEU C 58 7.94 -19.94 -4.05
N LEU C 59 7.71 -19.35 -2.84
CA LEU C 59 7.99 -20.00 -1.46
C LEU C 59 7.49 -21.47 -1.40
N ARG C 60 6.34 -21.76 -2.05
CA ARG C 60 5.73 -23.16 -2.05
C ARG C 60 6.45 -24.01 -3.13
N GLY C 61 6.51 -23.50 -4.38
CA GLY C 61 7.23 -24.21 -5.52
C GLY C 61 6.39 -25.39 -6.08
N GLU C 62 5.16 -25.12 -6.57
CA GLU C 62 4.25 -26.19 -7.18
C GLU C 62 4.06 -25.84 -8.68
N MET C 63 3.60 -24.60 -8.95
CA MET C 63 3.39 -24.07 -10.37
C MET C 63 3.63 -22.52 -10.34
N SER C 64 4.92 -22.12 -10.32
CA SER C 64 5.35 -20.65 -10.20
C SER C 64 6.39 -20.19 -11.29
N GLN C 65 6.96 -21.11 -12.10
CA GLN C 65 8.00 -20.75 -13.16
C GLN C 65 7.47 -21.01 -14.61
N ARG C 66 7.09 -22.27 -14.93
CA ARG C 66 6.63 -22.65 -16.33
C ARG C 66 5.07 -22.59 -16.46
N GLU C 67 4.35 -23.32 -15.57
CA GLU C 67 2.83 -23.39 -15.61
C GLU C 67 2.12 -22.11 -15.03
N LEU C 68 2.84 -21.17 -14.39
CA LEU C 68 2.19 -19.93 -13.77
C LEU C 68 1.82 -18.86 -14.83
N LYS C 69 2.75 -18.49 -15.73
CA LYS C 69 2.51 -17.38 -16.76
C LYS C 69 1.17 -17.53 -17.56
N ASN C 70 0.73 -18.78 -17.85
CA ASN C 70 -0.55 -19.04 -18.66
C ASN C 70 -1.83 -18.63 -17.86
N GLU C 71 -1.82 -18.77 -16.52
CA GLU C 71 -3.01 -18.43 -15.60
C GLU C 71 -3.55 -16.98 -15.83
N LEU C 72 -2.64 -15.96 -15.90
CA LEU C 72 -3.07 -14.52 -16.11
C LEU C 72 -2.14 -13.77 -17.12
N GLY C 73 -0.81 -14.00 -17.07
CA GLY C 73 0.17 -13.34 -18.03
C GLY C 73 1.02 -12.24 -17.34
N ALA C 74 2.07 -12.64 -16.59
CA ALA C 74 3.02 -11.68 -15.88
C ALA C 74 4.45 -11.74 -16.52
N GLY C 75 4.73 -12.72 -17.41
CA GLY C 75 6.08 -12.87 -18.06
C GLY C 75 7.00 -13.76 -17.19
N ILE C 76 8.12 -14.31 -17.76
CA ILE C 76 9.05 -15.17 -16.91
C ILE C 76 10.05 -14.23 -16.20
N ALA C 77 10.32 -12.99 -16.71
CA ALA C 77 11.28 -12.04 -16.02
C ALA C 77 10.75 -11.63 -14.62
N THR C 78 9.40 -11.55 -14.36
CA THR C 78 8.87 -11.16 -12.97
C THR C 78 8.85 -12.39 -12.02
N ILE C 79 8.34 -13.56 -12.48
CA ILE C 79 8.23 -14.81 -11.60
C ILE C 79 9.63 -15.42 -11.25
N THR C 80 10.73 -15.06 -11.95
CA THR C 80 12.11 -15.59 -11.64
C THR C 80 13.02 -14.48 -11.06
N ARG C 81 12.82 -13.17 -11.46
CA ARG C 81 13.60 -12.02 -10.82
C ARG C 81 13.02 -11.76 -9.39
N GLY C 82 11.73 -12.19 -9.11
CA GLY C 82 11.08 -12.07 -7.75
C GLY C 82 11.81 -13.01 -6.74
N SER C 83 12.40 -14.15 -7.23
CA SER C 83 13.21 -15.11 -6.34
C SER C 83 14.49 -14.38 -5.80
N ASN C 84 15.13 -13.55 -6.67
CA ASN C 84 16.39 -12.74 -6.29
C ASN C 84 16.11 -11.71 -5.13
N SER C 85 14.84 -11.34 -4.88
CA SER C 85 14.47 -10.34 -3.77
C SER C 85 14.64 -11.00 -2.36
N LEU C 86 14.26 -12.29 -2.24
CA LEU C 86 14.35 -13.09 -0.94
C LEU C 86 15.80 -13.13 -0.36
N LYS C 87 16.81 -13.46 -1.20
CA LYS C 87 18.27 -13.55 -0.72
C LYS C 87 18.87 -12.16 -0.34
N ALA C 88 18.21 -11.02 -0.66
CA ALA C 88 18.73 -9.64 -0.31
C ALA C 88 18.32 -9.24 1.13
N ALA C 89 17.05 -9.48 1.51
CA ALA C 89 16.50 -9.11 2.92
C ALA C 89 17.31 -9.80 4.07
N PRO C 90 17.19 -9.29 5.35
CA PRO C 90 17.91 -9.89 6.51
C PRO C 90 17.17 -11.18 6.99
N VAL C 91 17.73 -11.92 7.96
CA VAL C 91 17.11 -13.21 8.49
C VAL C 91 16.24 -12.96 9.75
N GLU C 92 16.52 -11.93 10.57
CA GLU C 92 15.72 -11.67 11.83
C GLU C 92 14.25 -11.31 11.49
N LEU C 93 14.04 -10.51 10.41
CA LEU C 93 12.66 -10.10 9.94
C LEU C 93 12.18 -10.98 8.75
N ARG C 94 13.10 -11.71 8.04
CA ARG C 94 12.65 -12.79 7.03
C ARG C 94 11.96 -13.86 7.94
N GLN C 95 12.48 -14.00 9.19
CA GLN C 95 11.89 -14.88 10.27
C GLN C 95 10.40 -14.53 10.52
N TRP C 96 10.04 -13.20 10.53
CA TRP C 96 8.56 -12.80 10.73
C TRP C 96 7.77 -13.37 9.53
N LEU C 97 8.36 -13.41 8.29
CA LEU C 97 7.65 -14.06 7.08
C LEU C 97 7.20 -15.51 7.48
N GLU C 98 8.07 -16.23 8.27
CA GLU C 98 7.73 -17.63 8.83
C GLU C 98 6.59 -17.48 9.91
N GLU C 99 6.61 -16.39 10.72
CA GLU C 99 5.51 -16.08 11.76
C GLU C 99 4.12 -15.89 11.05
N VAL C 100 4.13 -15.52 9.74
CA VAL C 100 2.86 -15.24 8.96
C VAL C 100 2.64 -16.28 7.79
N LEU C 101 3.59 -17.24 7.56
CA LEU C 101 3.42 -18.33 6.52
C LEU C 101 2.94 -19.59 7.30
N LEU C 102 3.74 -20.01 8.32
CA LEU C 102 3.44 -21.20 9.23
C LEU C 102 2.19 -20.91 10.11
N LYS C 103 2.08 -19.66 10.66
CA LYS C 103 0.92 -19.14 11.56
C LYS C 103 1.23 -19.38 13.05
N SER C 104 1.72 -20.60 13.42
CA SER C 104 2.08 -21.01 14.85
C SER C 104 0.84 -20.99 15.79
N GLN D 1 -41.48 -13.43 -2.88
CA GLN D 1 -42.01 -14.83 -2.89
C GLN D 1 -41.63 -15.53 -4.22
N SER D 2 -41.06 -16.77 -4.14
CA SER D 2 -40.62 -17.61 -5.35
C SER D 2 -39.45 -16.86 -6.12
N PRO D 3 -38.15 -17.29 -5.95
CA PRO D 3 -36.97 -16.61 -6.61
C PRO D 3 -36.81 -17.05 -8.10
N TYR D 4 -36.34 -16.11 -8.96
CA TYR D 4 -36.07 -16.38 -10.44
C TYR D 4 -34.55 -16.15 -10.69
N SER D 5 -34.02 -14.98 -10.27
CA SER D 5 -32.54 -14.62 -10.44
C SER D 5 -31.88 -14.40 -9.05
N ALA D 6 -30.64 -14.93 -8.87
CA ALA D 6 -29.88 -14.78 -7.56
C ALA D 6 -29.16 -13.41 -7.47
N ALA D 7 -28.64 -12.88 -8.62
CA ALA D 7 -27.91 -11.52 -8.67
C ALA D 7 -26.53 -11.55 -7.92
N MET D 8 -25.63 -10.60 -8.27
CA MET D 8 -24.24 -10.48 -7.63
C MET D 8 -24.25 -9.40 -6.52
N ALA D 9 -23.51 -9.64 -5.39
CA ALA D 9 -23.45 -8.65 -4.24
C ALA D 9 -22.15 -8.81 -3.39
N GLU D 10 -21.74 -10.06 -3.07
CA GLU D 10 -20.50 -10.34 -2.20
C GLU D 10 -19.28 -10.83 -3.05
N GLN D 11 -18.04 -10.49 -2.59
CA GLN D 11 -16.74 -10.90 -3.30
C GLN D 11 -16.44 -12.39 -3.03
N ARG D 12 -16.10 -13.17 -4.09
CA ARG D 12 -15.79 -14.66 -3.96
C ARG D 12 -14.25 -14.86 -3.80
N HIS D 13 -13.43 -14.18 -4.65
CA HIS D 13 -11.91 -14.29 -4.57
C HIS D 13 -11.35 -13.03 -3.86
N GLN D 14 -10.64 -13.20 -2.72
CA GLN D 14 -10.03 -12.04 -1.94
C GLN D 14 -8.57 -11.84 -2.41
N GLU D 15 -8.20 -10.59 -2.82
CA GLU D 15 -6.81 -10.27 -3.34
C GLU D 15 -6.18 -9.13 -2.46
N TRP D 16 -6.45 -7.81 -2.75
CA TRP D 16 -5.86 -6.61 -1.96
C TRP D 16 -5.92 -6.81 -0.39
N LEU D 17 -6.88 -7.60 0.10
CA LEU D 17 -7.15 -7.76 1.60
C LEU D 17 -6.54 -9.02 2.18
N ARG D 18 -6.35 -10.11 1.39
CA ARG D 18 -5.55 -11.33 1.89
C ARG D 18 -4.10 -10.78 2.18
N PHE D 19 -3.71 -9.67 1.47
CA PHE D 19 -2.43 -8.92 1.70
C PHE D 19 -2.61 -8.05 2.97
N VAL D 20 -3.79 -7.33 3.15
CA VAL D 20 -4.04 -6.40 4.40
C VAL D 20 -4.25 -7.21 5.74
N ASP D 21 -4.57 -8.53 5.71
CA ASP D 21 -4.81 -9.34 6.99
C ASP D 21 -3.45 -9.71 7.59
N LEU D 22 -2.54 -10.24 6.76
CA LEU D 22 -1.11 -10.56 7.23
C LEU D 22 -0.29 -9.23 7.31
N LEU D 23 -0.75 -8.13 6.63
CA LEU D 23 -0.10 -6.78 6.76
C LEU D 23 -0.40 -6.25 8.19
N LYS D 24 -1.63 -6.58 8.74
CA LYS D 24 -1.99 -6.19 10.17
C LYS D 24 -1.06 -6.91 11.19
N ASN D 25 -0.50 -8.11 10.84
CA ASN D 25 0.47 -8.86 11.77
C ASN D 25 1.75 -8.03 11.94
N ALA D 26 2.25 -7.44 10.83
CA ALA D 26 3.48 -6.57 10.91
C ALA D 26 3.10 -5.10 11.36
N TYR D 27 1.80 -4.68 11.36
CA TYR D 27 1.38 -3.27 11.80
C TYR D 27 1.43 -3.18 13.35
N GLN D 28 1.14 -4.30 14.09
CA GLN D 28 1.20 -4.33 15.63
C GLN D 28 2.68 -4.08 16.06
N ASN D 29 3.63 -4.77 15.38
CA ASN D 29 5.11 -4.58 15.65
C ASN D 29 5.57 -3.43 14.68
N ASP D 30 6.02 -3.76 13.44
CA ASP D 30 6.46 -2.79 12.30
C ASP D 30 7.45 -3.57 11.35
N LEU D 31 7.04 -4.79 10.94
CA LEU D 31 7.84 -5.72 10.05
C LEU D 31 7.22 -5.73 8.60
N HIS D 32 6.31 -4.76 8.29
CA HIS D 32 5.71 -4.57 6.92
C HIS D 32 6.69 -3.67 6.06
N LEU D 33 7.89 -3.33 6.61
CA LEU D 33 8.89 -2.41 5.98
C LEU D 33 9.97 -3.28 5.26
N PRO D 34 10.60 -4.32 5.93
CA PRO D 34 11.49 -5.30 5.22
C PRO D 34 10.58 -6.16 4.29
N LEU D 35 9.32 -6.48 4.78
CA LEU D 35 8.27 -7.25 3.97
C LEU D 35 7.95 -6.44 2.69
N LEU D 36 7.75 -5.09 2.80
CA LEU D 36 7.44 -4.26 1.55
C LEU D 36 8.71 -4.07 0.65
N ASN D 37 9.94 -4.23 1.20
CA ASN D 37 11.22 -4.14 0.36
C ASN D 37 11.38 -5.44 -0.51
N LEU D 38 10.75 -6.57 -0.09
CA LEU D 38 10.83 -7.90 -0.81
C LEU D 38 9.74 -7.96 -1.93
N MET D 39 8.45 -7.68 -1.58
CA MET D 39 7.31 -7.76 -2.59
C MET D 39 6.88 -6.37 -3.18
N LEU D 40 7.72 -5.29 -3.08
CA LEU D 40 7.34 -3.94 -3.70
C LEU D 40 8.52 -3.26 -4.51
N THR D 41 9.30 -2.27 -3.93
CA THR D 41 10.46 -1.47 -4.66
C THR D 41 10.72 -0.09 -3.90
N PRO D 42 11.77 0.74 -4.30
CA PRO D 42 11.99 2.12 -3.69
C PRO D 42 10.75 3.07 -4.00
N ASP D 43 9.98 2.77 -5.11
CA ASP D 43 8.69 3.55 -5.50
C ASP D 43 7.69 3.59 -4.30
N GLU D 44 7.80 2.64 -3.33
CA GLU D 44 6.96 2.51 -2.07
C GLU D 44 6.78 3.90 -1.34
N ARG D 45 7.82 4.40 -0.61
CA ARG D 45 7.72 5.72 0.15
C ARG D 45 8.25 6.94 -0.66
N GLU D 46 8.76 6.77 -1.92
CA GLU D 46 9.13 7.98 -2.79
C GLU D 46 7.77 8.57 -3.30
N ALA D 47 6.96 7.67 -3.89
CA ALA D 47 5.58 7.99 -4.43
C ALA D 47 4.57 8.17 -3.29
N LEU D 48 4.79 7.63 -2.04
CA LEU D 48 3.81 7.89 -0.89
C LEU D 48 4.03 9.35 -0.40
N GLY D 49 5.29 9.83 -0.33
CA GLY D 49 5.60 11.21 0.18
C GLY D 49 4.98 12.29 -0.74
N THR D 50 5.18 12.17 -2.08
CA THR D 50 4.61 13.24 -3.04
C THR D 50 3.10 13.04 -3.30
N ARG D 51 2.60 11.79 -3.44
CA ARG D 51 1.10 11.55 -3.70
C ARG D 51 0.28 12.01 -2.44
N VAL D 52 0.70 11.58 -1.24
CA VAL D 52 0.03 12.00 0.08
C VAL D 52 0.29 13.52 0.33
N ARG D 53 1.32 14.17 -0.30
CA ARG D 53 1.55 15.66 -0.08
C ARG D 53 0.64 16.55 -0.99
N ILE D 54 0.25 16.18 -2.27
CA ILE D 54 -0.68 17.07 -3.09
C ILE D 54 -2.16 16.89 -2.61
N VAL D 55 -2.52 15.74 -1.92
CA VAL D 55 -3.95 15.52 -1.43
C VAL D 55 -4.06 16.19 -0.05
N GLU D 56 -3.15 15.86 0.89
CA GLU D 56 -3.15 16.49 2.30
C GLU D 56 -2.94 18.04 2.20
N GLU D 57 -2.25 18.55 1.14
CA GLU D 57 -2.08 20.05 0.93
C GLU D 57 -3.29 20.62 0.14
N LEU D 58 -3.98 19.78 -0.69
CA LEU D 58 -5.23 20.21 -1.49
C LEU D 58 -6.37 20.53 -0.46
N LEU D 59 -6.54 19.65 0.55
CA LEU D 59 -7.59 19.82 1.66
C LEU D 59 -7.38 21.14 2.45
N ARG D 60 -6.14 21.72 2.44
CA ARG D 60 -5.85 23.03 3.16
C ARG D 60 -6.41 24.21 2.30
N GLY D 61 -6.03 24.27 1.01
CA GLY D 61 -6.52 25.34 0.04
C GLY D 61 -5.92 26.73 0.40
N GLU D 62 -4.63 26.97 0.06
CA GLU D 62 -3.93 28.30 0.37
C GLU D 62 -2.65 28.46 -0.49
N MET D 63 -1.76 27.45 -0.45
CA MET D 63 -0.46 27.43 -1.24
C MET D 63 -0.34 26.01 -1.85
N SER D 64 -1.30 25.67 -2.73
CA SER D 64 -1.40 24.30 -3.38
C SER D 64 -1.73 24.37 -4.92
N GLN D 65 -1.69 25.58 -5.55
CA GLN D 65 -2.00 25.75 -7.02
C GLN D 65 -0.73 26.16 -7.80
N ARG D 66 -0.17 27.35 -7.51
CA ARG D 66 1.07 27.88 -8.22
C ARG D 66 2.29 27.88 -7.26
N GLU D 67 2.08 28.32 -6.01
CA GLU D 67 3.19 28.41 -4.97
C GLU D 67 3.69 27.02 -4.47
N LEU D 68 2.98 25.89 -4.75
CA LEU D 68 3.44 24.52 -4.26
C LEU D 68 4.52 23.93 -5.21
N LYS D 69 4.27 23.87 -6.55
CA LYS D 69 5.27 23.31 -7.57
C LYS D 69 6.76 23.80 -7.34
N ASN D 70 6.94 25.04 -6.79
CA ASN D 70 8.33 25.63 -6.54
C ASN D 70 9.08 24.84 -5.43
N GLU D 71 8.37 24.48 -4.32
CA GLU D 71 8.96 23.73 -3.12
C GLU D 71 9.79 22.47 -3.52
N LEU D 72 9.25 21.58 -4.39
CA LEU D 72 9.98 20.30 -4.82
C LEU D 72 9.85 20.06 -6.35
N GLY D 73 8.64 20.23 -6.93
CA GLY D 73 8.41 20.03 -8.42
C GLY D 73 7.47 18.82 -8.66
N ALA D 74 6.14 19.04 -8.54
CA ALA D 74 5.08 17.96 -8.76
C ALA D 74 4.42 18.15 -10.15
N GLY D 75 4.10 19.42 -10.49
CA GLY D 75 3.43 19.78 -11.80
C GLY D 75 1.98 20.21 -11.54
N ILE D 76 1.33 20.99 -12.45
CA ILE D 76 -0.12 21.37 -12.23
C ILE D 76 -1.01 20.19 -12.73
N ALA D 77 -0.49 19.21 -13.55
CA ALA D 77 -1.32 18.00 -13.97
C ALA D 77 -1.57 17.10 -12.73
N THR D 78 -0.56 16.86 -11.88
CA THR D 78 -0.73 15.98 -10.62
C THR D 78 -1.49 16.72 -9.49
N ILE D 79 -1.20 18.01 -9.31
CA ILE D 79 -1.77 18.84 -8.16
C ILE D 79 -3.31 19.06 -8.31
N THR D 80 -3.81 19.24 -9.54
CA THR D 80 -5.29 19.47 -9.77
C THR D 80 -6.00 18.18 -10.25
N ARG D 81 -5.28 17.20 -10.90
CA ARG D 81 -5.94 15.88 -11.30
C ARG D 81 -6.14 15.00 -10.02
N GLY D 82 -5.33 15.23 -8.92
CA GLY D 82 -5.56 14.51 -7.59
C GLY D 82 -6.96 14.94 -7.04
N SER D 83 -7.37 16.23 -7.29
CA SER D 83 -8.76 16.77 -6.88
C SER D 83 -9.88 16.03 -7.69
N ASN D 84 -9.62 15.66 -8.98
CA ASN D 84 -10.63 14.90 -9.86
C ASN D 84 -10.96 13.51 -9.25
N SER D 85 -9.96 12.85 -8.61
CA SER D 85 -10.12 11.48 -7.94
C SER D 85 -11.19 11.53 -6.80
N LEU D 86 -11.27 12.67 -6.05
CA LEU D 86 -12.27 12.86 -4.91
C LEU D 86 -13.74 12.69 -5.42
N LYS D 87 -14.05 13.26 -6.61
CA LYS D 87 -15.45 13.16 -7.26
C LYS D 87 -15.86 11.70 -7.53
N ALA D 88 -14.87 10.80 -7.79
CA ALA D 88 -15.14 9.33 -8.05
C ALA D 88 -15.57 8.62 -6.75
N ALA D 89 -14.91 8.94 -5.60
CA ALA D 89 -15.27 8.34 -4.24
C ALA D 89 -16.64 8.88 -3.71
N PRO D 90 -17.30 8.13 -2.77
CA PRO D 90 -18.62 8.56 -2.19
C PRO D 90 -18.43 9.61 -1.05
N VAL D 91 -19.55 10.08 -0.48
CA VAL D 91 -19.56 11.10 0.66
C VAL D 91 -19.59 10.36 2.02
N GLU D 92 -20.14 9.12 2.12
CA GLU D 92 -20.21 8.35 3.43
C GLU D 92 -18.78 8.00 3.92
N LEU D 93 -17.86 7.65 2.97
CA LEU D 93 -16.42 7.30 3.28
C LEU D 93 -15.49 8.52 3.05
N ARG D 94 -15.92 9.54 2.23
CA ARG D 94 -15.15 10.87 2.17
C ARG D 94 -15.41 11.50 3.61
N GLN D 95 -16.57 11.13 4.24
CA GLN D 95 -16.93 11.51 5.67
C GLN D 95 -15.83 10.99 6.64
N TRP D 96 -15.30 9.75 6.39
CA TRP D 96 -14.19 9.17 7.25
C TRP D 96 -12.96 10.09 7.13
N LEU D 97 -12.71 10.68 5.92
CA LEU D 97 -11.55 11.67 5.73
C LEU D 97 -11.63 12.79 6.84
N GLU D 98 -12.90 13.20 7.21
CA GLU D 98 -13.16 14.20 8.34
C GLU D 98 -12.89 13.49 9.70
N GLU D 99 -13.25 12.19 9.84
CA GLU D 99 -12.94 11.34 11.10
C GLU D 99 -11.41 11.26 11.37
N VAL D 100 -10.56 11.49 10.33
CA VAL D 100 -9.04 11.36 10.46
C VAL D 100 -8.29 12.74 10.30
N LEU D 101 -9.03 13.88 10.14
CA LEU D 101 -8.42 15.26 10.08
C LEU D 101 -8.94 16.02 11.34
N LEU D 102 -10.29 16.17 11.44
CA LEU D 102 -10.99 16.88 12.61
C LEU D 102 -10.72 16.19 13.98
N LYS D 103 -11.19 14.92 14.15
CA LYS D 103 -11.04 14.14 15.47
C LYS D 103 -9.54 13.88 15.80
N SER D 104 -8.75 13.43 14.79
CA SER D 104 -7.27 13.11 14.99
C SER D 104 -6.40 14.08 14.13
N GLN C 1 15.77 -2.57 33.78
CA GLN C 1 15.61 -2.98 32.34
C GLN C 1 14.18 -2.66 31.85
N SER C 2 14.06 -2.00 30.67
CA SER C 2 12.72 -1.64 30.06
C SER C 2 12.84 -1.51 28.50
N PRO C 3 12.01 -2.26 27.67
CA PRO C 3 12.07 -2.19 26.17
C PRO C 3 11.39 -0.88 25.67
N TYR C 4 12.06 -0.13 24.76
CA TYR C 4 11.50 1.18 24.20
C TYR C 4 10.65 0.92 22.93
N SER C 5 9.49 1.61 22.84
CA SER C 5 8.54 1.49 21.65
C SER C 5 8.22 2.89 21.09
N ALA C 6 8.36 3.08 19.75
CA ALA C 6 8.07 4.40 19.06
C ALA C 6 6.69 4.36 18.36
N ALA C 7 5.86 5.41 18.60
CA ALA C 7 4.47 5.50 17.97
C ALA C 7 4.01 6.98 17.89
N MET C 8 4.09 7.71 19.04
CA MET C 8 3.66 9.18 19.09
C MET C 8 4.72 10.10 18.41
N ALA C 9 6.04 9.76 18.52
CA ALA C 9 7.14 10.59 17.88
C ALA C 9 7.50 10.00 16.51
N GLU C 10 7.41 10.82 15.43
CA GLU C 10 7.74 10.39 14.01
C GLU C 10 9.00 11.16 13.57
N GLN C 11 10.07 10.43 13.16
CA GLN C 11 11.39 11.05 12.72
C GLN C 11 11.96 10.33 11.47
N ARG C 12 12.75 11.08 10.64
CA ARG C 12 13.41 10.54 9.37
C ARG C 12 12.36 10.06 8.32
N HIS C 13 12.35 10.68 7.13
CA HIS C 13 11.41 10.33 5.96
C HIS C 13 9.91 10.41 6.39
N GLN C 14 9.21 11.50 5.99
CA GLN C 14 7.75 11.73 6.30
C GLN C 14 6.97 11.60 4.96
N GLU C 15 7.02 10.37 4.36
CA GLU C 15 6.37 10.07 3.03
C GLU C 15 5.54 8.74 3.16
N TRP C 16 6.14 7.53 2.83
CA TRP C 16 5.42 6.17 2.95
C TRP C 16 4.70 6.01 4.31
N LEU C 17 5.33 6.47 5.39
CA LEU C 17 4.82 6.28 6.81
C LEU C 17 3.85 7.36 7.24
N ARG C 18 3.93 8.60 6.69
CA ARG C 18 2.85 9.66 7.00
C ARG C 18 1.48 9.06 6.51
N PHE C 19 1.54 8.16 5.45
CA PHE C 19 0.34 7.40 4.96
C PHE C 19 0.10 6.19 5.93
N VAL C 20 1.17 5.45 6.44
CA VAL C 20 0.96 4.20 7.35
C VAL C 20 0.37 4.58 8.76
N ASP C 21 0.50 5.84 9.24
CA ASP C 21 -0.07 6.28 10.60
C ASP C 21 -1.59 6.49 10.42
N LEU C 22 -1.97 7.32 9.42
CA LEU C 22 -3.45 7.53 9.08
C LEU C 22 -4.04 6.22 8.43
N LEU C 23 -3.16 5.27 7.95
CA LEU C 23 -3.65 3.96 7.38
C LEU C 23 -4.15 3.11 8.56
N LYS C 24 -3.46 3.16 9.75
CA LYS C 24 -3.95 2.42 10.96
C LYS C 24 -5.27 3.04 11.54
N ASN C 25 -5.65 4.30 11.13
CA ASN C 25 -6.99 4.92 11.57
C ASN C 25 -8.11 4.21 10.78
N ALA C 26 -7.88 3.96 9.47
CA ALA C 26 -8.89 3.22 8.62
C ALA C 26 -8.65 1.66 8.72
N TYR C 27 -7.56 1.17 9.37
CA TYR C 27 -7.27 -0.32 9.51
C TYR C 27 -8.08 -0.89 10.71
N GLN C 28 -8.31 -0.08 11.78
CA GLN C 28 -9.16 -0.50 12.98
C GLN C 28 -10.62 -0.69 12.50
N ASN C 29 -11.10 0.23 11.61
CA ASN C 29 -12.47 0.14 10.98
C ASN C 29 -12.30 -0.69 9.65
N ASP C 30 -12.04 -0.02 8.49
CA ASP C 30 -11.76 -0.64 7.08
C ASP C 30 -12.20 0.42 5.99
N LEU C 31 -11.70 1.66 6.14
CA LEU C 31 -12.00 2.83 5.20
C LEU C 31 -10.69 3.24 4.43
N HIS C 32 -9.64 2.36 4.47
CA HIS C 32 -8.35 2.56 3.71
C HIS C 32 -8.56 2.03 2.23
N LEU C 33 -9.80 1.57 1.87
CA LEU C 33 -10.16 0.96 0.54
C LEU C 33 -10.73 2.05 -0.40
N PRO C 34 -11.75 2.89 0.05
CA PRO C 34 -12.19 4.11 -0.74
C PRO C 34 -10.97 5.10 -0.73
N LEU C 35 -10.14 5.07 0.38
CA LEU C 35 -8.88 5.89 0.52
C LEU C 35 -7.83 5.36 -0.53
N LEU C 36 -7.75 4.00 -0.77
CA LEU C 36 -6.80 3.46 -1.86
C LEU C 36 -7.37 3.76 -3.29
N ASN C 37 -8.67 4.11 -3.44
CA ASN C 37 -9.27 4.48 -4.79
C ASN C 37 -8.96 5.98 -5.12
N LEU C 38 -8.57 6.84 -4.12
CA LEU C 38 -8.31 8.33 -4.37
C LEU C 38 -6.80 8.70 -4.50
N MET C 39 -5.91 8.18 -3.62
CA MET C 39 -4.42 8.59 -3.64
C MET C 39 -3.49 7.44 -4.12
N LEU C 40 -4.04 6.26 -4.50
CA LEU C 40 -3.21 5.11 -4.96
C LEU C 40 -3.51 4.78 -6.46
N THR C 41 -4.75 4.33 -6.79
CA THR C 41 -5.30 3.91 -8.21
C THR C 41 -5.74 2.39 -8.18
N PRO C 42 -6.62 1.93 -9.14
CA PRO C 42 -7.00 0.47 -9.25
C PRO C 42 -5.75 -0.37 -9.68
N ASP C 43 -4.83 0.25 -10.49
CA ASP C 43 -3.52 -0.41 -10.93
C ASP C 43 -2.60 -0.65 -9.70
N GLU C 44 -2.74 0.17 -8.60
CA GLU C 44 -1.91 -0.01 -7.33
C GLU C 44 -2.35 -1.30 -6.59
N ARG C 45 -3.67 -1.70 -6.66
CA ARG C 45 -4.12 -3.03 -6.05
C ARG C 45 -3.87 -4.16 -7.09
N GLU C 46 -3.68 -3.82 -8.40
CA GLU C 46 -3.28 -4.84 -9.47
C GLU C 46 -1.76 -5.14 -9.27
N ALA C 47 -1.00 -4.22 -8.59
CA ALA C 47 0.47 -4.41 -8.31
C ALA C 47 0.64 -5.05 -6.91
N LEU C 48 -0.23 -4.74 -5.90
CA LEU C 48 -0.19 -5.49 -4.55
C LEU C 48 -0.78 -6.92 -4.83
N GLY C 49 -1.57 -7.06 -5.94
CA GLY C 49 -2.17 -8.34 -6.43
C GLY C 49 -1.08 -9.29 -6.97
N THR C 50 -0.55 -9.00 -8.18
CA THR C 50 0.51 -9.89 -8.86
C THR C 50 1.86 -9.90 -8.12
N ARG C 51 2.23 -8.84 -7.35
CA ARG C 51 3.56 -8.86 -6.58
C ARG C 51 3.43 -9.84 -5.40
N VAL C 52 2.32 -9.78 -4.60
CA VAL C 52 2.13 -10.84 -3.50
C VAL C 52 1.89 -12.26 -4.17
N ARG C 53 1.51 -12.32 -5.49
CA ARG C 53 1.29 -13.66 -6.20
C ARG C 53 2.66 -14.39 -6.50
N ILE C 54 3.72 -13.72 -7.06
CA ILE C 54 5.04 -14.42 -7.39
C ILE C 54 5.87 -14.69 -6.08
N VAL C 55 5.68 -13.92 -4.96
CA VAL C 55 6.49 -14.16 -3.67
C VAL C 55 5.81 -15.30 -2.89
N GLU C 56 4.46 -15.22 -2.73
CA GLU C 56 3.66 -16.32 -2.02
C GLU C 56 3.76 -17.65 -2.83
N GLU C 57 3.93 -17.57 -4.20
CA GLU C 57 4.10 -18.79 -5.09
C GLU C 57 5.60 -19.19 -5.18
N LEU C 58 6.57 -18.29 -4.84
CA LEU C 58 8.06 -18.61 -4.86
C LEU C 58 8.42 -19.41 -3.58
N LEU C 59 7.85 -19.01 -2.40
CA LEU C 59 8.06 -19.70 -1.04
C LEU C 59 7.82 -21.24 -1.17
N ARG C 60 6.82 -21.65 -2.00
CA ARG C 60 6.52 -23.12 -2.26
C ARG C 60 7.56 -23.62 -3.30
N GLY C 61 7.57 -22.99 -4.51
CA GLY C 61 8.56 -23.31 -5.62
C GLY C 61 8.54 -24.79 -6.06
N GLU C 62 7.44 -25.24 -6.69
CA GLU C 62 7.31 -26.68 -7.18
C GLU C 62 6.83 -26.66 -8.66
N MET C 63 5.73 -25.94 -8.95
CA MET C 63 5.15 -25.85 -10.36
C MET C 63 4.59 -24.40 -10.68
N SER C 64 4.97 -23.34 -9.89
CA SER C 64 4.48 -21.91 -10.12
C SER C 64 5.67 -20.95 -10.49
N GLN C 65 6.65 -21.45 -11.28
CA GLN C 65 7.86 -20.67 -11.76
C GLN C 65 7.80 -20.53 -13.31
N ARG C 66 7.52 -21.65 -14.03
CA ARG C 66 7.45 -21.67 -15.55
C ARG C 66 5.96 -21.77 -15.99
N GLU C 67 5.23 -22.80 -15.50
CA GLU C 67 3.77 -23.03 -15.86
C GLU C 67 2.81 -21.94 -15.25
N LEU C 68 3.29 -21.05 -14.35
CA LEU C 68 2.42 -19.97 -13.71
C LEU C 68 1.99 -18.88 -14.76
N LYS C 69 2.93 -18.36 -15.60
CA LYS C 69 2.63 -17.26 -16.64
C LYS C 69 1.27 -17.45 -17.42
N ASN C 70 0.93 -18.70 -17.82
CA ASN C 70 -0.34 -19.00 -18.63
C ASN C 70 -1.64 -18.78 -17.78
N GLU C 71 -1.60 -19.11 -16.47
CA GLU C 71 -2.79 -18.98 -15.51
C GLU C 71 -3.52 -17.61 -15.60
N LEU C 72 -2.80 -16.48 -15.42
CA LEU C 72 -3.43 -15.08 -15.48
C LEU C 72 -2.65 -14.14 -16.45
N GLY C 73 -1.29 -14.20 -16.48
CA GLY C 73 -0.46 -13.34 -17.42
C GLY C 73 0.60 -12.52 -16.64
N ALA C 74 1.73 -13.18 -16.26
CA ALA C 74 2.88 -12.49 -15.53
C ALA C 74 4.20 -13.14 -16.04
N GLY C 75 4.95 -12.41 -16.90
CA GLY C 75 6.26 -12.87 -17.57
C GLY C 75 7.21 -13.71 -16.70
N ILE C 76 8.26 -14.34 -17.32
CA ILE C 76 9.26 -15.14 -16.50
C ILE C 76 10.27 -14.14 -15.88
N ALA C 77 10.41 -12.88 -16.44
CA ALA C 77 11.36 -11.86 -15.83
C ALA C 77 10.87 -11.48 -14.39
N THR C 78 9.54 -11.48 -14.10
CA THR C 78 9.00 -11.12 -12.71
C THR C 78 9.09 -12.32 -11.72
N ILE C 79 8.61 -13.52 -12.11
CA ILE C 79 8.63 -14.73 -11.15
C ILE C 79 10.07 -15.21 -10.81
N THR C 80 11.10 -14.89 -11.64
CA THR C 80 12.52 -15.33 -11.37
C THR C 80 13.43 -14.16 -10.90
N ARG C 81 13.11 -12.88 -11.26
CA ARG C 81 13.90 -11.68 -10.71
C ARG C 81 13.39 -11.39 -9.25
N GLY C 82 12.13 -11.83 -8.89
CA GLY C 82 11.57 -11.65 -7.50
C GLY C 82 12.32 -12.58 -6.49
N SER C 83 12.80 -13.79 -6.93
CA SER C 83 13.58 -14.76 -6.02
C SER C 83 14.97 -14.17 -5.62
N ASN C 84 15.62 -13.42 -6.55
CA ASN C 84 17.00 -12.76 -6.29
C ASN C 84 16.91 -11.72 -5.12
N SER C 85 15.72 -11.07 -4.93
CA SER C 85 15.48 -10.05 -3.80
C SER C 85 15.47 -10.77 -2.42
N LEU C 86 14.88 -11.98 -2.33
CA LEU C 86 14.78 -12.80 -1.04
C LEU C 86 16.19 -13.13 -0.47
N LYS C 87 17.16 -13.47 -1.35
CA LYS C 87 18.59 -13.85 -0.93
C LYS C 87 19.32 -12.68 -0.17
N ALA C 88 18.85 -11.42 -0.29
CA ALA C 88 19.49 -10.22 0.39
C ALA C 88 18.77 -9.87 1.73
N ALA C 89 17.42 -10.02 1.79
CA ALA C 89 16.58 -9.69 3.05
C ALA C 89 17.18 -10.29 4.37
N PRO C 90 16.78 -9.74 5.58
CA PRO C 90 17.29 -10.25 6.87
C PRO C 90 16.49 -11.51 7.30
N VAL C 91 17.13 -12.44 8.04
CA VAL C 91 16.46 -13.71 8.51
C VAL C 91 15.66 -13.48 9.82
N GLU C 92 16.00 -12.47 10.65
CA GLU C 92 15.24 -12.19 11.93
C GLU C 92 13.76 -11.81 11.61
N LEU C 93 13.55 -11.01 10.52
CA LEU C 93 12.18 -10.58 10.04
C LEU C 93 11.68 -11.48 8.87
N ARG C 94 12.59 -12.26 8.19
CA ARG C 94 12.13 -13.36 7.20
C ARG C 94 11.35 -14.36 8.09
N GLN C 95 11.84 -14.52 9.36
CA GLN C 95 11.18 -15.37 10.42
C GLN C 95 9.73 -14.93 10.67
N TRP C 96 9.43 -13.59 10.68
CA TRP C 96 7.98 -13.11 10.86
C TRP C 96 7.16 -13.63 9.65
N LEU C 97 7.76 -13.71 8.42
CA LEU C 97 7.04 -14.30 7.21
C LEU C 97 6.50 -15.72 7.58
N GLU C 98 7.34 -16.51 8.34
CA GLU C 98 6.92 -17.89 8.88
C GLU C 98 5.80 -17.71 9.96
N GLU C 99 5.89 -16.62 10.78
CA GLU C 99 4.82 -16.27 11.84
C GLU C 99 3.44 -16.01 11.16
N VAL C 100 3.42 -15.65 9.85
CA VAL C 100 2.14 -15.31 9.09
C VAL C 100 1.90 -16.22 7.83
N LEU C 101 2.73 -17.29 7.60
CA LEU C 101 2.56 -18.27 6.47
C LEU C 101 2.18 -19.64 7.11
N LEU C 102 3.04 -20.13 8.05
CA LEU C 102 2.85 -21.45 8.80
C LEU C 102 1.53 -21.46 9.64
N LYS C 103 1.21 -20.33 10.32
CA LYS C 103 -0.02 -20.17 11.23
C LYS C 103 0.28 -20.89 12.58
N SER C 104 0.64 -20.12 13.62
CA SER C 104 0.97 -20.67 15.00
C SER C 104 0.63 -19.63 16.10
N GLN D 1 -17.75 -12.07 -23.68
CA GLN D 1 -18.87 -11.77 -22.72
C GLN D 1 -20.21 -12.29 -23.30
N SER D 2 -20.95 -13.13 -22.54
CA SER D 2 -22.27 -13.72 -23.01
C SER D 2 -23.32 -13.66 -21.83
N PRO D 3 -24.52 -13.02 -22.03
CA PRO D 3 -25.57 -12.94 -20.96
C PRO D 3 -26.45 -14.27 -20.88
N TYR D 4 -26.14 -15.34 -21.66
CA TYR D 4 -26.93 -16.65 -21.66
C TYR D 4 -26.31 -17.65 -20.66
N SER D 5 -24.99 -17.92 -20.77
CA SER D 5 -24.25 -18.92 -19.87
C SER D 5 -23.13 -18.20 -19.08
N ALA D 6 -23.07 -18.43 -17.75
CA ALA D 6 -22.02 -17.81 -16.83
C ALA D 6 -21.79 -18.68 -15.57
N ALA D 7 -20.53 -18.78 -15.09
CA ALA D 7 -20.19 -19.61 -13.86
C ALA D 7 -18.91 -19.11 -13.13
N MET D 8 -18.86 -19.31 -11.79
CA MET D 8 -17.67 -18.90 -10.93
C MET D 8 -16.73 -20.13 -10.78
N ALA D 9 -15.43 -19.99 -11.12
CA ALA D 9 -14.44 -21.14 -11.04
C ALA D 9 -13.00 -20.66 -10.77
N GLU D 10 -12.51 -19.65 -11.54
CA GLU D 10 -11.10 -19.12 -11.38
C GLU D 10 -11.07 -17.91 -10.41
N GLN D 11 -11.85 -16.85 -10.71
CA GLN D 11 -11.90 -15.59 -9.84
C GLN D 11 -13.18 -15.58 -8.97
N ARG D 12 -13.03 -15.37 -7.63
CA ARG D 12 -14.19 -15.34 -6.66
C ARG D 12 -13.82 -14.58 -5.35
N HIS D 13 -12.70 -14.98 -4.69
CA HIS D 13 -12.25 -14.32 -3.38
C HIS D 13 -11.53 -12.95 -3.61
N GLN D 14 -11.30 -12.19 -2.52
CA GLN D 14 -10.62 -10.82 -2.59
C GLN D 14 -9.07 -10.98 -2.71
N GLU D 15 -8.41 -10.07 -3.46
CA GLU D 15 -6.90 -10.09 -3.66
C GLU D 15 -6.26 -9.04 -2.71
N TRP D 16 -6.48 -7.71 -2.97
CA TRP D 16 -5.92 -6.54 -2.12
C TRP D 16 -6.02 -6.79 -0.57
N LEU D 17 -7.02 -7.57 -0.12
CA LEU D 17 -7.36 -7.77 1.36
C LEU D 17 -6.72 -9.00 1.96
N ARG D 18 -6.45 -10.07 1.19
CA ARG D 18 -5.63 -11.24 1.75
C ARG D 18 -4.20 -10.66 2.04
N PHE D 19 -3.82 -9.54 1.33
CA PHE D 19 -2.54 -8.78 1.59
C PHE D 19 -2.79 -7.90 2.87
N VAL D 20 -4.04 -7.29 3.05
CA VAL D 20 -4.36 -6.44 4.30
C VAL D 20 -4.36 -7.27 5.63
N ASP D 21 -4.60 -8.62 5.62
CA ASP D 21 -4.59 -9.44 6.92
C ASP D 21 -3.13 -9.68 7.34
N LEU D 22 -2.24 -10.01 6.37
CA LEU D 22 -0.72 -10.17 6.65
C LEU D 22 -0.11 -8.77 6.98
N LEU D 23 -0.69 -7.67 6.43
CA LEU D 23 -0.22 -6.25 6.71
C LEU D 23 -0.63 -5.85 8.14
N LYS D 24 -1.78 -6.36 8.65
CA LYS D 24 -2.26 -6.05 10.07
C LYS D 24 -1.36 -6.78 11.11
N ASN D 25 -0.76 -7.95 10.77
CA ASN D 25 0.19 -8.69 11.72
C ASN D 25 1.51 -7.89 11.83
N ALA D 26 1.94 -7.29 10.70
CA ALA D 26 3.19 -6.45 10.68
C ALA D 26 2.84 -4.95 11.03
N TYR D 27 1.55 -4.54 11.11
CA TYR D 27 1.16 -3.10 11.44
C TYR D 27 1.23 -2.91 13.00
N GLN D 28 0.87 -3.97 13.78
CA GLN D 28 0.93 -3.95 15.31
C GLN D 28 2.41 -3.71 15.73
N ASN D 29 3.36 -4.39 15.04
CA ASN D 29 4.85 -4.22 15.28
C ASN D 29 5.35 -3.15 14.24
N ASP D 30 5.77 -3.58 13.02
CA ASP D 30 6.26 -2.71 11.82
C ASP D 30 7.25 -3.58 10.94
N LEU D 31 6.80 -4.82 10.60
CA LEU D 31 7.59 -5.83 9.77
C LEU D 31 7.09 -5.86 8.29
N HIS D 32 6.10 -5.00 7.92
CA HIS D 32 5.61 -4.86 6.50
C HIS D 32 6.59 -3.93 5.70
N LEU D 33 7.68 -3.43 6.34
CA LEU D 33 8.67 -2.47 5.72
C LEU D 33 9.85 -3.26 5.11
N PRO D 34 10.51 -4.24 5.85
CA PRO D 34 11.53 -5.15 5.22
C PRO D 34 10.77 -6.01 4.14
N LEU D 35 9.48 -6.36 4.47
CA LEU D 35 8.52 -7.09 3.52
C LEU D 35 8.35 -6.25 2.22
N LEU D 36 8.06 -4.94 2.41
CA LEU D 36 7.83 -3.97 1.24
C LEU D 36 9.13 -3.73 0.40
N ASN D 37 10.34 -3.97 0.95
CA ASN D 37 11.65 -3.80 0.18
C ASN D 37 11.83 -4.90 -0.93
N LEU D 38 11.00 -5.98 -0.92
CA LEU D 38 11.09 -7.12 -1.93
C LEU D 38 9.77 -7.21 -2.78
N MET D 39 8.57 -6.96 -2.19
CA MET D 39 7.24 -7.05 -2.97
C MET D 39 6.74 -5.66 -3.48
N LEU D 40 7.56 -4.56 -3.40
CA LEU D 40 7.12 -3.19 -3.92
C LEU D 40 8.24 -2.52 -4.81
N THR D 41 9.16 -1.65 -4.24
CA THR D 41 10.29 -0.88 -4.97
C THR D 41 10.50 0.51 -4.22
N PRO D 42 11.78 0.97 -3.93
CA PRO D 42 12.03 2.29 -3.24
C PRO D 42 11.46 3.51 -4.05
N ASP D 43 11.49 3.43 -5.41
CA ASP D 43 10.98 4.55 -6.33
C ASP D 43 9.45 4.77 -6.16
N GLU D 44 8.66 3.68 -5.92
CA GLU D 44 7.15 3.80 -5.75
C GLU D 44 6.78 4.40 -4.38
N ARG D 45 7.61 4.19 -3.29
CA ARG D 45 7.31 4.86 -1.95
C ARG D 45 7.72 6.37 -2.03
N GLU D 46 8.68 6.74 -2.94
CA GLU D 46 9.06 8.21 -3.19
C GLU D 46 7.78 8.89 -3.80
N ALA D 47 7.11 8.19 -4.75
CA ALA D 47 5.81 8.66 -5.38
C ALA D 47 4.64 8.53 -4.38
N LEU D 48 4.73 7.66 -3.32
CA LEU D 48 3.65 7.60 -2.25
C LEU D 48 3.81 8.86 -1.32
N GLY D 49 5.03 9.46 -1.26
CA GLY D 49 5.29 10.69 -0.44
C GLY D 49 4.66 11.91 -1.14
N THR D 50 5.06 12.21 -2.40
CA THR D 50 4.45 13.38 -3.19
C THR D 50 2.94 13.12 -3.50
N ARG D 51 2.50 11.83 -3.57
CA ARG D 51 1.02 11.47 -3.79
C ARG D 51 0.21 12.03 -2.55
N VAL D 52 0.66 11.68 -1.34
CA VAL D 52 0.02 12.16 -0.03
C VAL D 52 0.34 13.68 0.20
N ARG D 53 1.31 14.29 -0.51
CA ARG D 53 1.63 15.77 -0.34
C ARG D 53 0.59 16.65 -1.07
N ILE D 54 0.23 16.33 -2.37
CA ILE D 54 -0.76 17.19 -3.15
C ILE D 54 -2.22 17.00 -2.60
N VAL D 55 -2.55 15.85 -1.92
CA VAL D 55 -3.97 15.65 -1.35
C VAL D 55 -4.02 16.28 0.03
N GLU D 56 -3.09 15.91 0.95
CA GLU D 56 -3.03 16.51 2.35
C GLU D 56 -2.87 18.07 2.30
N GLU D 57 -2.30 18.62 1.19
CA GLU D 57 -2.13 20.14 1.03
C GLU D 57 -3.37 20.74 0.30
N LEU D 58 -4.10 19.96 -0.55
CA LEU D 58 -5.35 20.48 -1.30
C LEU D 58 -6.50 20.68 -0.26
N LEU D 59 -6.68 19.71 0.66
CA LEU D 59 -7.75 19.77 1.77
C LEU D 59 -7.58 21.02 2.69
N ARG D 60 -6.37 21.64 2.74
CA ARG D 60 -6.13 22.88 3.61
C ARG D 60 -6.68 24.13 2.87
N GLY D 61 -6.33 24.29 1.58
CA GLY D 61 -6.84 25.44 0.70
C GLY D 61 -6.31 26.83 1.13
N GLU D 62 -5.03 26.93 1.56
CA GLU D 62 -4.40 28.25 1.96
C GLU D 62 -3.60 28.78 0.74
N MET D 63 -2.63 27.97 0.25
CA MET D 63 -1.76 28.33 -0.97
C MET D 63 -0.95 27.06 -1.36
N SER D 64 -1.62 26.12 -2.09
CA SER D 64 -1.01 24.80 -2.47
C SER D 64 -1.33 24.38 -3.96
N GLN D 65 -2.03 25.22 -4.77
CA GLN D 65 -2.37 24.86 -6.21
C GLN D 65 -1.25 25.30 -7.20
N ARG D 66 -1.14 26.62 -7.54
CA ARG D 66 -0.10 27.14 -8.55
C ARG D 66 1.25 27.52 -7.87
N GLU D 67 1.23 28.03 -6.63
CA GLU D 67 2.49 28.47 -5.89
C GLU D 67 3.25 27.30 -5.17
N LEU D 68 2.72 26.04 -5.18
CA LEU D 68 3.39 24.86 -4.48
C LEU D 68 4.52 24.25 -5.36
N LYS D 69 4.28 24.01 -6.67
CA LYS D 69 5.30 23.35 -7.64
C LYS D 69 6.78 23.84 -7.46
N ASN D 70 7.00 25.12 -7.07
CA ASN D 70 8.41 25.70 -6.92
C ASN D 70 9.12 25.15 -5.65
N GLU D 71 8.39 25.00 -4.52
CA GLU D 71 8.96 24.51 -3.19
C GLU D 71 9.75 23.16 -3.32
N LEU D 72 9.08 22.06 -3.74
CA LEU D 72 9.77 20.69 -3.89
C LEU D 72 9.82 20.25 -5.38
N GLY D 73 8.68 20.27 -6.11
CA GLY D 73 8.62 19.86 -7.56
C GLY D 73 7.45 18.87 -7.78
N ALA D 74 6.22 19.41 -7.91
CA ALA D 74 4.97 18.59 -8.16
C ALA D 74 4.14 19.34 -9.24
N GLY D 75 4.24 18.87 -10.53
CA GLY D 75 3.56 19.50 -11.75
C GLY D 75 2.10 19.99 -11.52
N ILE D 76 1.53 20.77 -12.48
CA ILE D 76 0.09 21.25 -12.33
C ILE D 76 -0.87 20.09 -12.77
N ALA D 77 -0.40 19.10 -13.60
CA ALA D 77 -1.30 17.93 -14.01
C ALA D 77 -1.59 17.03 -12.76
N THR D 78 -0.58 16.78 -11.88
CA THR D 78 -0.78 15.90 -10.62
C THR D 78 -1.48 16.67 -9.48
N ILE D 79 -1.15 17.95 -9.30
CA ILE D 79 -1.69 18.81 -8.16
C ILE D 79 -3.23 19.05 -8.30
N THR D 80 -3.74 19.21 -9.56
CA THR D 80 -5.20 19.46 -9.82
C THR D 80 -5.94 18.14 -10.17
N ARG D 81 -5.26 17.14 -10.84
CA ARG D 81 -5.94 15.79 -11.13
C ARG D 81 -6.11 15.00 -9.79
N GLY D 82 -5.30 15.34 -8.72
CA GLY D 82 -5.48 14.70 -7.35
C GLY D 82 -6.84 15.19 -6.76
N SER D 83 -7.23 16.49 -7.05
CA SER D 83 -8.58 17.09 -6.59
C SER D 83 -9.77 16.28 -7.21
N ASN D 84 -9.65 15.90 -8.52
CA ASN D 84 -10.73 15.11 -9.27
C ASN D 84 -11.03 13.72 -8.59
N SER D 85 -10.07 13.16 -7.81
CA SER D 85 -10.24 11.82 -7.09
C SER D 85 -11.41 11.88 -6.06
N LEU D 86 -11.45 12.96 -5.24
CA LEU D 86 -12.52 13.18 -4.18
C LEU D 86 -13.94 13.25 -4.80
N LYS D 87 -14.11 14.08 -5.87
CA LYS D 87 -15.47 14.28 -6.59
C LYS D 87 -16.11 12.93 -7.07
N ALA D 88 -15.29 11.88 -7.33
CA ALA D 88 -15.81 10.53 -7.78
C ALA D 88 -16.17 9.66 -6.55
N ALA D 89 -15.30 9.65 -5.51
CA ALA D 89 -15.53 8.82 -4.22
C ALA D 89 -16.89 9.18 -3.52
N PRO D 90 -17.40 8.29 -2.61
CA PRO D 90 -18.68 8.54 -1.88
C PRO D 90 -18.44 9.51 -0.68
N VAL D 91 -19.52 10.13 -0.15
CA VAL D 91 -19.44 11.11 1.00
C VAL D 91 -19.41 10.40 2.36
N GLU D 92 -19.96 9.17 2.51
CA GLU D 92 -19.97 8.44 3.85
C GLU D 92 -18.52 8.13 4.30
N LEU D 93 -17.64 7.71 3.36
CA LEU D 93 -16.18 7.40 3.65
C LEU D 93 -15.26 8.59 3.25
N ARG D 94 -15.78 9.59 2.43
CA ARG D 94 -15.03 10.93 2.25
C ARG D 94 -15.08 11.56 3.69
N GLN D 95 -16.19 11.26 4.43
CA GLN D 95 -16.42 11.66 5.88
C GLN D 95 -15.28 11.13 6.78
N TRP D 96 -14.73 9.90 6.50
CA TRP D 96 -13.56 9.34 7.33
C TRP D 96 -12.37 10.31 7.18
N LEU D 97 -12.16 10.91 5.97
CA LEU D 97 -11.02 11.95 5.81
C LEU D 97 -11.23 13.09 6.87
N GLU D 98 -12.51 13.50 7.11
CA GLU D 98 -12.87 14.52 8.19
C GLU D 98 -12.61 13.92 9.62
N GLU D 99 -12.75 12.57 9.77
CA GLU D 99 -12.45 11.81 11.08
C GLU D 99 -10.92 11.82 11.39
N VAL D 100 -10.06 11.93 10.35
CA VAL D 100 -8.53 11.86 10.51
C VAL D 100 -7.86 13.26 10.42
N LEU D 101 -8.57 14.33 9.92
CA LEU D 101 -8.03 15.75 9.94
C LEU D 101 -8.55 16.35 11.28
N LEU D 102 -9.90 16.34 11.46
CA LEU D 102 -10.59 16.83 12.72
C LEU D 102 -10.81 15.59 13.68
N LYS D 103 -12.04 14.96 13.73
CA LYS D 103 -12.34 13.72 14.62
C LYS D 103 -13.84 13.32 14.47
N SER D 104 -14.76 14.30 14.61
CA SER D 104 -16.26 14.05 14.50
C SER D 104 -16.75 14.37 13.06
N GLN C 1 21.20 -4.59 37.00
CA GLN C 1 21.59 -3.68 35.88
C GLN C 1 20.32 -3.25 35.08
N SER C 2 20.27 -1.96 34.65
CA SER C 2 19.10 -1.40 33.86
C SER C 2 19.55 -1.24 32.35
N PRO C 3 18.98 -2.05 31.37
CA PRO C 3 19.35 -1.92 29.92
C PRO C 3 18.86 -0.56 29.32
N TYR C 4 17.68 -0.04 29.78
CA TYR C 4 17.09 1.28 29.29
C TYR C 4 17.29 2.39 30.37
N SER C 5 17.77 3.58 29.94
CA SER C 5 17.99 4.78 30.88
C SER C 5 17.42 6.06 30.21
N ALA C 6 17.83 6.34 28.94
CA ALA C 6 17.37 7.56 28.16
C ALA C 6 16.93 7.18 26.72
N ALA C 7 16.06 8.00 26.10
CA ALA C 7 15.54 7.76 24.68
C ALA C 7 16.63 8.07 23.63
N MET C 8 16.81 7.17 22.63
CA MET C 8 17.86 7.35 21.53
C MET C 8 17.18 7.51 20.14
N ALA C 9 17.64 8.52 19.34
CA ALA C 9 17.11 8.82 17.93
C ALA C 9 15.60 9.18 17.90
N GLU C 10 15.17 9.88 16.82
CA GLU C 10 13.72 10.31 16.63
C GLU C 10 13.13 9.59 15.38
N GLN C 11 11.86 9.12 15.49
CA GLN C 11 11.16 8.43 14.33
C GLN C 11 10.38 9.51 13.54
N ARG C 12 10.77 9.74 12.27
CA ARG C 12 10.12 10.80 11.38
C ARG C 12 9.22 10.13 10.31
N HIS C 13 7.93 10.54 10.24
CA HIS C 13 6.93 9.99 9.24
C HIS C 13 6.55 11.19 8.33
N GLN C 14 7.18 11.28 7.14
CA GLN C 14 6.97 12.45 6.18
C GLN C 14 6.26 12.00 4.87
N GLU C 15 6.60 10.80 4.33
CA GLU C 15 6.01 10.31 3.00
C GLU C 15 5.33 8.91 3.13
N TRP C 16 6.09 7.77 2.98
CA TRP C 16 5.52 6.34 3.05
C TRP C 16 4.69 6.13 4.35
N LEU C 17 5.23 6.61 5.47
CA LEU C 17 4.61 6.45 6.84
C LEU C 17 3.55 7.51 7.10
N ARG C 18 3.60 8.68 6.42
CA ARG C 18 2.46 9.71 6.56
C ARG C 18 1.14 8.99 6.11
N PHE C 19 1.26 7.96 5.18
CA PHE C 19 0.10 7.09 4.77
C PHE C 19 -0.04 5.90 5.78
N VAL C 20 1.06 5.29 6.38
CA VAL C 20 0.90 4.03 7.31
C VAL C 20 0.27 4.38 8.69
N ASP C 21 0.41 5.61 9.21
CA ASP C 21 -0.20 6.03 10.56
C ASP C 21 -1.71 6.28 10.30
N LEU C 22 -2.02 7.09 9.26
CA LEU C 22 -3.47 7.36 8.81
C LEU C 22 -4.12 6.00 8.31
N LEU C 23 -3.28 5.02 7.85
CA LEU C 23 -3.79 3.67 7.40
C LEU C 23 -4.28 2.88 8.63
N LYS C 24 -3.56 2.99 9.78
CA LYS C 24 -4.00 2.30 11.07
C LYS C 24 -5.37 2.86 11.58
N ASN C 25 -5.76 4.12 11.18
CA ASN C 25 -7.11 4.71 11.57
C ASN C 25 -8.23 3.99 10.78
N ALA C 26 -7.97 3.69 9.50
CA ALA C 26 -8.96 2.94 8.64
C ALA C 26 -8.71 1.39 8.72
N TYR C 27 -7.63 0.90 9.37
CA TYR C 27 -7.35 -0.61 9.48
C TYR C 27 -8.18 -1.20 10.65
N GLN C 28 -8.40 -0.42 11.74
CA GLN C 28 -9.27 -0.89 12.92
C GLN C 28 -10.72 -1.06 12.41
N ASN C 29 -11.20 -0.08 11.58
CA ASN C 29 -12.57 -0.16 10.94
C ASN C 29 -12.40 -0.97 9.61
N ASP C 30 -12.10 -0.28 8.45
CA ASP C 30 -11.84 -0.88 7.04
C ASP C 30 -12.27 0.20 5.97
N LEU C 31 -11.75 1.44 6.14
CA LEU C 31 -12.06 2.64 5.24
C LEU C 31 -10.77 3.10 4.46
N HIS C 32 -9.70 2.24 4.50
CA HIS C 32 -8.42 2.48 3.73
C HIS C 32 -8.63 2.03 2.23
N LEU C 33 -9.85 1.55 1.86
CA LEU C 33 -10.19 1.00 0.49
C LEU C 33 -10.78 2.13 -0.39
N PRO C 34 -11.83 2.93 0.10
CA PRO C 34 -12.29 4.16 -0.62
C PRO C 34 -11.07 5.14 -0.66
N LEU C 35 -10.24 5.11 0.45
CA LEU C 35 -8.97 5.92 0.58
C LEU C 35 -7.92 5.44 -0.48
N LEU C 36 -7.80 4.10 -0.76
CA LEU C 36 -6.78 3.58 -1.81
C LEU C 36 -7.21 3.92 -3.27
N ASN C 37 -8.51 4.17 -3.54
CA ASN C 37 -8.97 4.60 -4.96
C ASN C 37 -9.09 6.18 -5.04
N LEU C 38 -8.38 6.94 -4.13
CA LEU C 38 -8.41 8.45 -4.09
C LEU C 38 -6.93 8.99 -4.12
N MET C 39 -5.99 8.43 -3.30
CA MET C 39 -4.52 8.92 -3.30
C MET C 39 -3.52 7.81 -3.78
N LEU C 40 -4.02 6.67 -4.33
CA LEU C 40 -3.15 5.56 -4.86
C LEU C 40 -3.54 5.37 -6.37
N THR C 41 -4.48 4.42 -6.72
CA THR C 41 -4.98 4.15 -8.18
C THR C 41 -5.57 2.68 -8.28
N PRO C 42 -6.26 2.32 -9.43
CA PRO C 42 -6.73 0.92 -9.69
C PRO C 42 -5.45 0.02 -9.94
N ASP C 43 -4.44 0.61 -10.65
CA ASP C 43 -3.10 -0.07 -10.92
C ASP C 43 -2.30 -0.27 -9.60
N GLU C 44 -2.62 0.46 -8.48
CA GLU C 44 -1.92 0.28 -7.15
C GLU C 44 -2.34 -1.09 -6.53
N ARG C 45 -3.63 -1.51 -6.69
CA ARG C 45 -4.07 -2.90 -6.21
C ARG C 45 -3.77 -3.96 -7.31
N GLU C 46 -3.50 -3.54 -8.58
CA GLU C 46 -3.06 -4.50 -9.68
C GLU C 46 -1.58 -4.91 -9.38
N ALA C 47 -0.79 -4.01 -8.72
CA ALA C 47 0.65 -4.28 -8.36
C ALA C 47 0.72 -4.96 -6.98
N LEU C 48 -0.16 -4.63 -5.99
CA LEU C 48 -0.19 -5.41 -4.67
C LEU C 48 -0.76 -6.85 -4.99
N GLY C 49 -1.53 -6.97 -6.13
CA GLY C 49 -2.13 -8.25 -6.63
C GLY C 49 -1.02 -9.23 -7.11
N THR C 50 -0.40 -8.93 -8.29
CA THR C 50 0.66 -9.85 -8.90
C THR C 50 2.01 -9.81 -8.12
N ARG C 51 2.32 -8.73 -7.37
CA ARG C 51 3.62 -8.70 -6.55
C ARG C 51 3.48 -9.74 -5.41
N VAL C 52 2.36 -9.69 -4.63
CA VAL C 52 2.15 -10.76 -3.53
C VAL C 52 1.96 -12.17 -4.17
N ARG C 53 1.63 -12.28 -5.50
CA ARG C 53 1.49 -13.63 -6.19
C ARG C 53 2.88 -14.36 -6.33
N ILE C 54 3.90 -13.74 -6.98
CA ILE C 54 5.26 -14.43 -7.20
C ILE C 54 6.06 -14.62 -5.85
N VAL C 55 5.82 -13.77 -4.79
CA VAL C 55 6.59 -13.93 -3.45
C VAL C 55 5.87 -14.99 -2.62
N GLU C 56 4.55 -14.82 -2.42
CA GLU C 56 3.71 -15.83 -1.63
C GLU C 56 3.70 -17.24 -2.34
N GLU C 57 4.06 -17.32 -3.65
CA GLU C 57 4.15 -18.64 -4.41
C GLU C 57 5.63 -19.15 -4.42
N LEU C 58 6.66 -18.26 -4.27
CA LEU C 58 8.14 -18.68 -4.26
C LEU C 58 8.47 -19.36 -2.91
N LEU C 59 8.14 -18.68 -1.79
CA LEU C 59 8.40 -19.18 -0.36
C LEU C 59 7.80 -20.59 -0.08
N ARG C 60 6.74 -21.00 -0.81
CA ARG C 60 6.07 -22.36 -0.57
C ARG C 60 6.88 -23.50 -1.21
N GLY C 61 7.33 -23.33 -2.46
CA GLY C 61 8.11 -24.39 -3.21
C GLY C 61 7.12 -25.36 -3.86
N GLU C 62 6.21 -24.82 -4.71
CA GLU C 62 5.15 -25.65 -5.44
C GLU C 62 5.62 -25.94 -6.90
N MET C 63 6.24 -24.93 -7.57
CA MET C 63 6.77 -24.93 -9.02
C MET C 63 6.01 -23.77 -9.74
N SER C 64 6.34 -22.52 -9.33
CA SER C 64 5.67 -21.26 -9.85
C SER C 64 6.72 -20.33 -10.59
N GLN C 65 7.66 -20.95 -11.33
CA GLN C 65 8.74 -20.21 -12.12
C GLN C 65 8.51 -20.39 -13.64
N ARG C 66 8.25 -21.64 -14.09
CA ARG C 66 8.05 -21.97 -15.57
C ARG C 66 6.54 -22.21 -15.89
N GLU C 67 5.90 -23.15 -15.17
CA GLU C 67 4.45 -23.54 -15.41
C GLU C 67 3.40 -22.48 -14.88
N LEU C 68 3.84 -21.35 -14.26
CA LEU C 68 2.87 -20.32 -13.69
C LEU C 68 2.42 -19.28 -14.77
N LYS C 69 3.34 -18.69 -15.58
CA LYS C 69 2.98 -17.60 -16.63
C LYS C 69 1.68 -17.89 -17.46
N ASN C 70 1.32 -19.17 -17.70
CA ASN C 70 0.07 -19.53 -18.53
C ASN C 70 -1.23 -19.23 -17.73
N GLU C 71 -1.26 -19.55 -16.41
CA GLU C 71 -2.45 -19.35 -15.48
C GLU C 71 -3.12 -17.94 -15.60
N LEU C 72 -2.33 -16.85 -15.46
CA LEU C 72 -2.88 -15.42 -15.53
C LEU C 72 -2.14 -14.57 -16.61
N GLY C 73 -0.79 -14.70 -16.73
CA GLY C 73 0.01 -13.92 -17.77
C GLY C 73 0.96 -12.90 -17.09
N ALA C 74 1.97 -13.41 -16.33
CA ALA C 74 3.02 -12.55 -15.66
C ALA C 74 4.39 -13.13 -16.08
N GLY C 75 5.12 -12.39 -16.95
CA GLY C 75 6.46 -12.81 -17.58
C GLY C 75 7.41 -13.65 -16.70
N ILE C 76 8.46 -14.29 -17.31
CA ILE C 76 9.45 -15.10 -16.48
C ILE C 76 10.42 -14.10 -15.82
N ALA C 77 10.61 -12.85 -16.39
CA ALA C 77 11.51 -11.84 -15.73
C ALA C 77 10.95 -11.46 -14.32
N THR C 78 9.61 -11.43 -14.13
CA THR C 78 8.99 -11.08 -12.77
C THR C 78 9.11 -12.25 -11.75
N ILE C 79 8.59 -13.46 -12.08
CA ILE C 79 8.61 -14.66 -11.11
C ILE C 79 10.04 -15.10 -10.71
N THR C 80 11.08 -14.84 -11.54
CA THR C 80 12.50 -15.24 -11.22
C THR C 80 13.31 -14.04 -10.68
N ARG C 81 12.96 -12.75 -11.03
CA ARG C 81 13.66 -11.53 -10.43
C ARG C 81 13.14 -11.33 -8.97
N GLY C 82 11.90 -11.85 -8.64
CA GLY C 82 11.33 -11.82 -7.23
C GLY C 82 12.19 -12.75 -6.31
N SER C 83 12.76 -13.87 -6.87
CA SER C 83 13.67 -14.83 -6.09
C SER C 83 14.98 -14.08 -5.65
N ASN C 84 15.46 -13.09 -6.44
CA ASN C 84 16.70 -12.24 -6.10
C ASN C 84 16.48 -11.47 -4.74
N SER C 85 15.22 -11.06 -4.44
CA SER C 85 14.84 -10.32 -3.16
C SER C 85 15.05 -11.23 -1.89
N LEU C 86 14.86 -12.56 -2.01
CA LEU C 86 15.03 -13.56 -0.86
C LEU C 86 16.46 -13.47 -0.24
N LYS C 87 17.49 -13.40 -1.11
CA LYS C 87 18.96 -13.33 -0.66
C LYS C 87 19.30 -12.00 0.10
N ALA C 88 18.50 -10.92 -0.06
CA ALA C 88 18.77 -9.59 0.60
C ALA C 88 18.15 -9.47 2.03
N ALA C 89 16.99 -10.11 2.28
CA ALA C 89 16.27 -10.02 3.64
C ALA C 89 17.09 -10.65 4.82
N PRO C 90 16.86 -10.17 6.11
CA PRO C 90 17.55 -10.73 7.31
C PRO C 90 16.75 -11.93 7.90
N VAL C 91 17.34 -12.65 8.89
CA VAL C 91 16.69 -13.86 9.56
C VAL C 91 15.81 -13.42 10.75
N GLU C 92 16.08 -12.29 11.43
CA GLU C 92 15.26 -11.83 12.61
C GLU C 92 13.80 -11.54 12.14
N LEU C 93 13.65 -10.91 10.94
CA LEU C 93 12.31 -10.59 10.33
C LEU C 93 11.91 -11.65 9.25
N ARG C 94 12.86 -12.56 8.83
CA ARG C 94 12.47 -13.81 8.01
C ARG C 94 11.59 -14.62 9.02
N GLN C 95 11.97 -14.56 10.31
CA GLN C 95 11.21 -15.18 11.47
C GLN C 95 9.72 -14.75 11.47
N TRP C 96 9.40 -13.48 11.07
CA TRP C 96 7.94 -13.02 11.00
C TRP C 96 7.27 -13.81 9.86
N LEU C 97 7.98 -14.03 8.71
CA LEU C 97 7.39 -14.86 7.57
C LEU C 97 6.96 -16.27 8.12
N GLU C 98 7.66 -16.78 9.18
CA GLU C 98 7.29 -18.08 9.89
C GLU C 98 6.02 -17.80 10.78
N GLU C 99 5.94 -16.60 11.41
CA GLU C 99 4.75 -16.16 12.26
C GLU C 99 3.44 -16.05 11.41
N VAL C 100 3.55 -15.90 10.05
CA VAL C 100 2.34 -15.71 9.14
C VAL C 100 2.18 -16.83 8.06
N LEU C 101 3.16 -17.76 7.89
CA LEU C 101 3.06 -18.94 6.92
C LEU C 101 2.81 -20.21 7.80
N LEU C 102 3.67 -20.41 8.82
CA LEU C 102 3.60 -21.60 9.79
C LEU C 102 2.28 -21.52 10.64
N LYS C 103 1.98 -20.32 11.20
CA LYS C 103 0.75 -20.11 12.08
C LYS C 103 -0.56 -20.23 11.26
N SER C 104 -0.67 -19.53 10.10
CA SER C 104 -1.91 -19.57 9.22
C SER C 104 -1.80 -20.73 8.19
N GLN D 1 -37.44 -21.11 0.51
CA GLN D 1 -37.05 -21.01 -0.94
C GLN D 1 -36.21 -19.72 -1.23
N SER D 2 -36.44 -18.61 -0.48
CA SER D 2 -35.66 -17.31 -0.69
C SER D 2 -34.16 -17.49 -0.23
N PRO D 3 -33.14 -17.01 -1.03
CA PRO D 3 -31.68 -17.16 -0.69
C PRO D 3 -31.24 -16.20 0.44
N TYR D 4 -31.70 -14.91 0.40
CA TYR D 4 -31.33 -13.79 1.38
C TYR D 4 -30.01 -13.15 0.88
N SER D 5 -28.87 -13.90 0.92
CA SER D 5 -27.49 -13.43 0.45
C SER D 5 -26.97 -12.21 1.26
N ALA D 6 -25.65 -12.20 1.56
CA ALA D 6 -24.99 -11.08 2.35
C ALA D 6 -23.88 -10.44 1.49
N ALA D 7 -22.95 -11.26 0.94
CA ALA D 7 -21.82 -10.77 0.07
C ALA D 7 -21.48 -11.80 -1.02
N MET D 8 -21.27 -13.08 -0.63
CA MET D 8 -20.93 -14.21 -1.61
C MET D 8 -22.25 -14.93 -2.00
N ALA D 9 -22.57 -14.96 -3.32
CA ALA D 9 -23.83 -15.63 -3.85
C ALA D 9 -23.49 -16.41 -5.13
N GLU D 10 -22.86 -15.75 -6.13
CA GLU D 10 -22.45 -16.41 -7.43
C GLU D 10 -20.95 -16.78 -7.36
N GLN D 11 -20.07 -15.77 -7.10
CA GLN D 11 -18.55 -16.01 -6.99
C GLN D 11 -17.82 -14.76 -6.40
N ARG D 12 -17.38 -13.76 -7.24
CA ARG D 12 -16.62 -12.51 -6.78
C ARG D 12 -15.24 -12.91 -6.20
N HIS D 13 -14.13 -12.46 -6.84
CA HIS D 13 -12.71 -12.82 -6.40
C HIS D 13 -12.06 -11.63 -5.65
N GLN D 14 -11.39 -11.90 -4.51
CA GLN D 14 -10.68 -10.84 -3.67
C GLN D 14 -9.14 -11.05 -3.72
N GLU D 15 -8.36 -9.96 -3.92
CA GLU D 15 -6.84 -10.02 -3.98
C GLU D 15 -6.25 -8.98 -2.98
N TRP D 16 -6.47 -7.66 -3.23
CA TRP D 16 -5.95 -6.49 -2.34
C TRP D 16 -6.12 -6.76 -0.79
N LEU D 17 -7.12 -7.55 -0.41
CA LEU D 17 -7.52 -7.77 1.05
C LEU D 17 -6.91 -9.04 1.66
N ARG D 18 -6.66 -10.09 0.85
CA ARG D 18 -5.87 -11.31 1.39
C ARG D 18 -4.44 -10.76 1.78
N PHE D 19 -4.01 -9.63 1.10
CA PHE D 19 -2.73 -8.88 1.43
C PHE D 19 -3.01 -8.01 2.70
N VAL D 20 -4.23 -7.35 2.84
CA VAL D 20 -4.56 -6.48 4.09
C VAL D 20 -4.66 -7.33 5.41
N ASP D 21 -4.94 -8.66 5.35
CA ASP D 21 -5.06 -9.51 6.61
C ASP D 21 -3.65 -9.83 7.11
N LEU D 22 -2.78 -10.36 6.22
CA LEU D 22 -1.32 -10.65 6.59
C LEU D 22 -0.55 -9.30 6.82
N LEU D 23 -1.04 -8.15 6.23
CA LEU D 23 -0.40 -6.79 6.47
C LEU D 23 -0.72 -6.36 7.91
N LYS D 24 -1.94 -6.71 8.43
CA LYS D 24 -2.32 -6.39 9.85
C LYS D 24 -1.44 -7.21 10.86
N ASN D 25 -0.82 -8.35 10.43
CA ASN D 25 0.10 -9.18 11.34
C ASN D 25 1.42 -8.41 11.51
N ALA D 26 1.92 -7.76 10.44
CA ALA D 26 3.18 -6.94 10.53
C ALA D 26 2.84 -5.44 10.86
N TYR D 27 1.55 -5.01 10.87
CA TYR D 27 1.16 -3.58 11.23
C TYR D 27 1.13 -3.51 12.80
N GLN D 28 0.75 -4.64 13.48
CA GLN D 28 0.74 -4.77 15.01
C GLN D 28 2.16 -4.42 15.55
N ASN D 29 3.19 -5.04 14.92
CA ASN D 29 4.64 -4.77 15.29
C ASN D 29 5.15 -3.65 14.31
N ASP D 30 5.61 -4.01 13.09
CA ASP D 30 6.12 -3.10 11.93
C ASP D 30 7.14 -3.91 11.05
N LEU D 31 6.77 -5.16 10.72
CA LEU D 31 7.59 -6.13 9.89
C LEU D 31 7.04 -6.21 8.43
N HIS D 32 6.13 -5.24 8.04
CA HIS D 32 5.60 -5.12 6.63
C HIS D 32 6.63 -4.28 5.77
N LEU D 33 7.80 -3.91 6.37
CA LEU D 33 8.85 -3.05 5.74
C LEU D 33 9.93 -3.98 5.10
N PRO D 34 10.50 -5.01 5.85
CA PRO D 34 11.38 -6.06 5.21
C PRO D 34 10.48 -6.92 4.27
N LEU D 35 9.16 -7.10 4.64
CA LEU D 35 8.13 -7.82 3.76
C LEU D 35 7.92 -6.94 2.48
N LEU D 36 7.87 -5.57 2.63
CA LEU D 36 7.76 -4.62 1.42
C LEU D 36 9.08 -4.67 0.58
N ASN D 37 10.23 -5.07 1.18
CA ASN D 37 11.56 -5.22 0.45
C ASN D 37 11.53 -6.54 -0.40
N LEU D 38 10.76 -7.58 0.05
CA LEU D 38 10.62 -8.90 -0.71
C LEU D 38 9.77 -8.64 -1.98
N MET D 39 8.66 -7.87 -1.82
CA MET D 39 7.81 -7.33 -2.95
C MET D 39 8.41 -5.85 -3.14
N LEU D 40 9.81 -5.76 -3.19
CA LEU D 40 10.67 -4.49 -3.18
C LEU D 40 10.02 -3.20 -3.79
N THR D 41 10.18 -2.91 -5.12
CA THR D 41 9.63 -1.68 -5.82
C THR D 41 9.85 -0.33 -4.97
N PRO D 42 11.06 0.36 -5.09
CA PRO D 42 11.33 1.67 -4.37
C PRO D 42 10.41 2.80 -4.97
N ASP D 43 10.01 2.68 -6.28
CA ASP D 43 9.05 3.66 -6.97
C ASP D 43 7.67 3.74 -6.23
N GLU D 44 7.33 2.75 -5.35
CA GLU D 44 6.04 2.74 -4.54
C GLU D 44 6.08 3.92 -3.53
N ARG D 45 7.19 4.06 -2.74
CA ARG D 45 7.31 5.18 -1.74
C ARG D 45 7.75 6.52 -2.40
N GLU D 46 8.20 6.51 -3.69
CA GLU D 46 8.53 7.81 -4.43
C GLU D 46 7.16 8.50 -4.75
N ALA D 47 6.24 7.75 -5.39
CA ALA D 47 4.86 8.24 -5.76
C ALA D 47 3.88 8.12 -4.57
N LEU D 48 4.20 7.40 -3.45
CA LEU D 48 3.27 7.37 -2.25
C LEU D 48 3.55 8.65 -1.42
N GLY D 49 4.80 9.16 -1.40
CA GLY D 49 5.16 10.40 -0.65
C GLY D 49 4.56 11.63 -1.37
N THR D 50 4.85 11.79 -2.68
CA THR D 50 4.33 12.98 -3.49
C THR D 50 2.79 12.90 -3.73
N ARG D 51 2.18 11.69 -3.80
CA ARG D 51 0.65 11.58 -3.96
C ARG D 51 0.03 12.09 -2.62
N VAL D 52 0.44 11.50 -1.49
CA VAL D 52 -0.04 11.96 -0.10
C VAL D 52 0.34 13.47 0.15
N ARG D 53 1.30 14.06 -0.62
CA ARG D 53 1.68 15.53 -0.45
C ARG D 53 0.67 16.48 -1.18
N ILE D 54 0.19 16.20 -2.45
CA ILE D 54 -0.80 17.13 -3.15
C ILE D 54 -2.22 17.00 -2.51
N VAL D 55 -2.54 15.88 -1.78
CA VAL D 55 -3.92 15.68 -1.14
C VAL D 55 -3.86 16.30 0.27
N GLU D 56 -2.84 15.94 1.07
CA GLU D 56 -2.65 16.53 2.47
C GLU D 56 -2.46 18.09 2.39
N GLU D 57 -2.01 18.63 1.22
CA GLU D 57 -1.82 20.13 1.02
C GLU D 57 -3.06 20.76 0.33
N LEU D 58 -3.90 19.98 -0.43
CA LEU D 58 -5.14 20.55 -1.11
C LEU D 58 -6.26 20.61 -0.03
N LEU D 59 -6.63 19.44 0.56
CA LEU D 59 -7.70 19.26 1.66
C LEU D 59 -7.68 20.42 2.70
N ARG D 60 -6.46 20.91 3.04
CA ARG D 60 -6.29 22.05 4.04
C ARG D 60 -6.48 23.37 3.27
N GLY D 61 -5.73 23.57 2.17
CA GLY D 61 -5.84 24.81 1.31
C GLY D 61 -5.09 25.99 1.95
N GLU D 62 -3.80 25.80 2.27
CA GLU D 62 -2.94 26.90 2.86
C GLU D 62 -2.42 27.77 1.68
N MET D 63 -1.61 27.15 0.77
CA MET D 63 -1.05 27.82 -0.50
C MET D 63 -0.12 26.78 -1.20
N SER D 64 -0.70 25.89 -2.03
CA SER D 64 0.05 24.78 -2.74
C SER D 64 -0.46 24.57 -4.21
N GLN D 65 -0.86 25.66 -4.91
CA GLN D 65 -1.34 25.61 -6.35
C GLN D 65 -0.17 26.05 -7.27
N ARG D 66 0.48 27.18 -6.92
CA ARG D 66 1.62 27.78 -7.73
C ARG D 66 3.01 27.59 -7.03
N GLU D 67 3.04 27.57 -5.67
CA GLU D 67 4.33 27.48 -4.88
C GLU D 67 4.76 26.02 -4.49
N LEU D 68 3.87 25.00 -4.61
CA LEU D 68 4.26 23.57 -4.17
C LEU D 68 5.22 22.91 -5.20
N LYS D 69 4.96 22.99 -6.53
CA LYS D 69 5.87 22.34 -7.60
C LYS D 69 7.40 22.71 -7.42
N ASN D 70 7.71 23.93 -6.92
CA ASN D 70 9.16 24.41 -6.73
C ASN D 70 9.90 23.56 -5.65
N GLU D 71 9.20 23.13 -4.57
CA GLU D 71 9.78 22.32 -3.42
C GLU D 71 10.62 21.08 -3.90
N LEU D 72 10.02 20.15 -4.69
CA LEU D 72 10.75 18.91 -5.21
C LEU D 72 10.51 18.69 -6.73
N GLY D 73 9.29 18.93 -7.26
CA GLY D 73 8.98 18.76 -8.73
C GLY D 73 7.69 17.91 -8.94
N ALA D 74 6.53 18.44 -8.47
CA ALA D 74 5.19 17.75 -8.64
C ALA D 74 4.35 18.67 -9.57
N GLY D 75 4.30 18.34 -10.89
CA GLY D 75 3.58 19.15 -11.99
C GLY D 75 2.20 19.72 -11.59
N ILE D 76 1.61 20.66 -12.43
CA ILE D 76 0.24 21.21 -12.11
C ILE D 76 -0.84 20.23 -12.64
N ALA D 77 -0.49 19.23 -13.52
CA ALA D 77 -1.52 18.19 -13.96
C ALA D 77 -1.86 17.25 -12.75
N THR D 78 -0.86 16.91 -11.89
CA THR D 78 -1.08 16.02 -10.65
C THR D 78 -1.70 16.82 -9.47
N ILE D 79 -1.29 18.08 -9.31
CA ILE D 79 -1.73 18.96 -8.14
C ILE D 79 -3.24 19.35 -8.25
N THR D 80 -3.75 19.59 -9.47
CA THR D 80 -5.20 19.99 -9.70
C THR D 80 -6.05 18.77 -10.13
N ARG D 81 -5.48 17.74 -10.81
CA ARG D 81 -6.28 16.47 -11.13
C ARG D 81 -6.40 15.63 -9.82
N GLY D 82 -5.50 15.86 -8.79
CA GLY D 82 -5.59 15.17 -7.43
C GLY D 82 -6.95 15.55 -6.77
N SER D 83 -7.42 16.83 -6.96
CA SER D 83 -8.78 17.27 -6.41
C SER D 83 -9.92 16.45 -7.10
N ASN D 84 -9.78 16.13 -8.42
CA ASN D 84 -10.81 15.31 -9.23
C ASN D 84 -11.08 13.91 -8.56
N SER D 85 -10.05 13.30 -7.90
CA SER D 85 -10.18 11.93 -7.20
C SER D 85 -11.25 12.00 -6.06
N LEU D 86 -11.26 13.11 -5.29
CA LEU D 86 -12.25 13.35 -4.15
C LEU D 86 -13.71 13.31 -4.66
N LYS D 87 -13.99 14.00 -5.80
CA LYS D 87 -15.40 14.04 -6.42
C LYS D 87 -15.90 12.62 -6.85
N ALA D 88 -14.98 11.66 -7.12
CA ALA D 88 -15.36 10.25 -7.54
C ALA D 88 -15.80 9.42 -6.31
N ALA D 89 -15.10 9.56 -5.16
CA ALA D 89 -15.44 8.79 -3.87
C ALA D 89 -16.84 9.18 -3.28
N PRO D 90 -17.45 8.28 -2.42
CA PRO D 90 -18.76 8.58 -1.77
C PRO D 90 -18.58 9.53 -0.56
N VAL D 91 -19.69 9.89 0.14
CA VAL D 91 -19.66 10.84 1.33
C VAL D 91 -19.65 10.07 2.67
N GLU D 92 -20.19 8.83 2.74
CA GLU D 92 -20.24 8.03 4.04
C GLU D 92 -18.80 7.71 4.52
N LEU D 93 -17.88 7.36 3.58
CA LEU D 93 -16.44 7.05 3.90
C LEU D 93 -15.51 8.28 3.62
N ARG D 94 -15.99 9.31 2.84
CA ARG D 94 -15.24 10.65 2.75
C ARG D 94 -15.40 11.25 4.19
N GLN D 95 -16.53 10.90 4.87
CA GLN D 95 -16.81 11.27 6.32
C GLN D 95 -15.64 10.78 7.22
N TRP D 96 -15.05 9.57 6.93
CA TRP D 96 -13.85 9.05 7.73
C TRP D 96 -12.69 10.04 7.50
N LEU D 97 -12.53 10.56 6.25
CA LEU D 97 -11.44 11.61 5.94
C LEU D 97 -11.55 12.80 6.98
N GLU D 98 -12.81 13.14 7.41
CA GLU D 98 -13.06 14.21 8.50
C GLU D 98 -12.62 13.61 9.88
N GLU D 99 -12.88 12.28 10.10
CA GLU D 99 -12.43 11.53 11.36
C GLU D 99 -10.88 11.54 11.50
N VAL D 100 -10.13 11.74 10.38
CA VAL D 100 -8.61 11.71 10.38
C VAL D 100 -7.96 13.10 10.00
N LEU D 101 -8.77 14.20 9.86
CA LEU D 101 -8.25 15.61 9.59
C LEU D 101 -8.70 16.49 10.80
N LEU D 102 -10.04 16.60 10.99
CA LEU D 102 -10.70 17.44 12.09
C LEU D 102 -10.21 17.02 13.52
N LYS D 103 -10.35 15.72 13.87
CA LYS D 103 -9.93 15.18 15.24
C LYS D 103 -8.53 14.49 15.16
N SER D 104 -8.27 13.72 14.07
CA SER D 104 -6.95 12.96 13.83
C SER D 104 -6.63 11.91 14.94
N GLN C 1 17.11 3.86 38.46
CA GLN C 1 16.89 3.91 39.95
C GLN C 1 17.21 5.33 40.51
N SER C 2 18.41 5.89 40.19
CA SER C 2 18.84 7.27 40.68
C SER C 2 18.42 8.43 39.69
N PRO C 3 18.69 8.33 38.32
CA PRO C 3 18.34 9.44 37.35
C PRO C 3 16.80 9.65 37.22
N TYR C 4 16.37 10.93 37.13
CA TYR C 4 14.90 11.30 36.97
C TYR C 4 14.74 12.12 35.65
N SER C 5 13.82 11.69 34.76
CA SER C 5 13.58 12.38 33.42
C SER C 5 12.07 12.40 33.07
N ALA C 6 11.58 13.50 32.45
CA ALA C 6 10.12 13.66 32.07
C ALA C 6 9.98 14.29 30.66
N ALA C 7 9.12 13.68 29.80
CA ALA C 7 8.81 14.17 28.38
C ALA C 7 10.05 14.16 27.45
N MET C 8 9.86 13.64 26.21
CA MET C 8 10.97 13.58 25.15
C MET C 8 10.33 13.41 23.74
N ALA C 9 10.67 14.30 22.78
CA ALA C 9 10.08 14.25 21.37
C ALA C 9 11.08 14.76 20.31
N GLU C 10 11.13 14.09 19.14
CA GLU C 10 12.06 14.48 17.98
C GLU C 10 11.38 14.16 16.62
N GLN C 11 10.81 12.94 16.46
CA GLN C 11 10.12 12.51 15.18
C GLN C 11 8.71 11.91 15.51
N ARG C 12 7.67 12.37 14.78
CA ARG C 12 6.24 11.89 14.99
C ARG C 12 5.67 11.38 13.64
N HIS C 13 5.65 12.24 12.59
CA HIS C 13 5.13 11.85 11.20
C HIS C 13 5.84 12.69 10.11
N GLN C 14 6.38 12.04 9.05
CA GLN C 14 7.11 12.76 7.92
C GLN C 14 6.28 12.67 6.59
N GLU C 15 6.34 11.52 5.86
CA GLU C 15 5.58 11.32 4.54
C GLU C 15 5.19 9.81 4.47
N TRP C 16 6.23 8.92 4.38
CA TRP C 16 6.08 7.39 4.38
C TRP C 16 5.10 6.92 5.51
N LEU C 17 5.20 7.53 6.70
CA LEU C 17 4.32 7.18 7.91
C LEU C 17 3.03 7.97 7.92
N ARG C 18 2.98 9.19 7.30
CA ARG C 18 1.65 9.95 7.17
C ARG C 18 0.62 9.01 6.42
N PHE C 19 1.11 7.96 5.66
CA PHE C 19 0.25 6.89 5.05
C PHE C 19 0.22 5.63 6.01
N VAL C 20 1.33 5.26 6.74
CA VAL C 20 1.31 3.97 7.65
C VAL C 20 0.39 4.19 8.89
N ASP C 21 0.72 5.14 9.80
CA ASP C 21 -0.12 5.42 11.07
C ASP C 21 -1.61 5.73 10.68
N LEU C 22 -1.82 6.49 9.58
CA LEU C 22 -3.24 6.82 9.05
C LEU C 22 -3.92 5.52 8.54
N LEU C 23 -3.12 4.55 8.00
CA LEU C 23 -3.67 3.22 7.51
C LEU C 23 -4.21 2.40 8.72
N LYS C 24 -3.57 2.52 9.91
CA LYS C 24 -4.09 1.80 11.16
C LYS C 24 -5.45 2.41 11.63
N ASN C 25 -5.75 3.70 11.29
CA ASN C 25 -7.10 4.36 11.64
C ASN C 25 -8.19 3.71 10.79
N ALA C 26 -7.92 3.50 9.50
CA ALA C 26 -8.89 2.83 8.58
C ALA C 26 -8.82 1.27 8.75
N TYR C 27 -7.82 0.70 9.48
CA TYR C 27 -7.72 -0.81 9.68
C TYR C 27 -8.73 -1.25 10.78
N GLN C 28 -8.98 -0.40 11.83
CA GLN C 28 -10.00 -0.74 12.93
C GLN C 28 -11.41 -0.85 12.28
N ASN C 29 -11.72 0.07 11.33
CA ASN C 29 -13.03 0.04 10.57
C ASN C 29 -12.77 -0.79 9.25
N ASP C 30 -12.31 -0.14 8.15
CA ASP C 30 -11.93 -0.74 6.76
C ASP C 30 -12.22 0.38 5.68
N LEU C 31 -11.68 1.59 5.93
CA LEU C 31 -11.87 2.83 5.05
C LEU C 31 -10.53 3.21 4.32
N HIS C 32 -9.51 2.29 4.35
CA HIS C 32 -8.23 2.47 3.60
C HIS C 32 -8.40 1.97 2.11
N LEU C 33 -9.64 1.57 1.74
CA LEU C 33 -10.00 0.99 0.38
C LEU C 33 -10.44 2.14 -0.54
N PRO C 34 -11.42 3.04 -0.10
CA PRO C 34 -11.74 4.29 -0.87
C PRO C 34 -10.44 5.16 -0.87
N LEU C 35 -9.68 5.11 0.29
CA LEU C 35 -8.32 5.80 0.44
C LEU C 35 -7.33 5.33 -0.66
N LEU C 36 -7.29 3.99 -0.94
CA LEU C 36 -6.27 3.43 -1.96
C LEU C 36 -6.65 3.71 -3.46
N ASN C 37 -7.96 3.83 -3.80
CA ASN C 37 -8.37 4.12 -5.26
C ASN C 37 -8.42 5.66 -5.57
N LEU C 38 -7.99 6.55 -4.64
CA LEU C 38 -8.01 8.06 -4.83
C LEU C 38 -6.56 8.62 -4.72
N MET C 39 -5.76 8.17 -3.72
CA MET C 39 -4.35 8.74 -3.51
C MET C 39 -3.46 8.56 -4.76
N LEU C 40 -3.61 7.42 -5.49
CA LEU C 40 -2.80 7.16 -6.72
C LEU C 40 -3.69 6.61 -7.87
N THR C 41 -4.06 5.30 -7.84
CA THR C 41 -4.90 4.61 -8.94
C THR C 41 -5.44 3.20 -8.45
N PRO C 42 -6.33 2.51 -9.27
CA PRO C 42 -6.75 1.09 -8.97
C PRO C 42 -5.51 0.13 -9.22
N ASP C 43 -4.46 0.61 -9.98
CA ASP C 43 -3.17 -0.15 -10.23
C ASP C 43 -2.38 -0.41 -8.90
N GLU C 44 -2.72 0.32 -7.78
CA GLU C 44 -2.06 0.11 -6.41
C GLU C 44 -2.45 -1.30 -5.87
N ARG C 45 -3.72 -1.75 -6.08
CA ARG C 45 -4.15 -3.18 -5.69
C ARG C 45 -3.82 -4.16 -6.85
N GLU C 46 -3.51 -3.66 -8.08
CA GLU C 46 -3.03 -4.55 -9.24
C GLU C 46 -1.55 -4.98 -8.94
N ALA C 47 -0.77 -4.14 -8.18
CA ALA C 47 0.66 -4.44 -7.85
C ALA C 47 0.72 -5.23 -6.54
N LEU C 48 -0.01 -4.83 -5.47
CA LEU C 48 -0.08 -5.68 -4.19
C LEU C 48 -0.77 -7.06 -4.56
N GLY C 49 -1.59 -7.06 -5.66
CA GLY C 49 -2.29 -8.27 -6.22
C GLY C 49 -1.29 -9.29 -6.82
N THR C 50 -0.78 -9.01 -8.05
CA THR C 50 0.17 -9.98 -8.77
C THR C 50 1.56 -10.08 -8.11
N ARG C 51 2.03 -9.04 -7.38
CA ARG C 51 3.39 -9.10 -6.68
C ARG C 51 3.27 -10.08 -5.47
N VAL C 52 2.21 -9.98 -4.62
CA VAL C 52 2.02 -11.03 -3.51
C VAL C 52 1.71 -12.44 -4.17
N ARG C 53 1.27 -12.50 -5.47
CA ARG C 53 0.98 -13.84 -6.14
C ARG C 53 2.31 -14.61 -6.49
N ILE C 54 3.36 -13.98 -7.10
CA ILE C 54 4.64 -14.74 -7.46
C ILE C 54 5.51 -15.04 -6.18
N VAL C 55 5.38 -14.25 -5.06
CA VAL C 55 6.24 -14.51 -3.81
C VAL C 55 5.53 -15.56 -2.95
N GLU C 56 4.24 -15.34 -2.63
CA GLU C 56 3.40 -16.33 -1.81
C GLU C 56 3.32 -17.70 -2.56
N GLU C 57 3.38 -17.70 -3.93
CA GLU C 57 3.38 -19.00 -4.74
C GLU C 57 4.81 -19.63 -4.67
N LEU C 58 5.89 -18.79 -4.59
CA LEU C 58 7.31 -19.31 -4.44
C LEU C 58 7.54 -19.77 -2.94
N LEU C 59 6.76 -19.21 -1.97
CA LEU C 59 6.83 -19.59 -0.51
C LEU C 59 6.10 -20.96 -0.29
N ARG C 60 5.10 -21.31 -1.16
CA ARG C 60 4.34 -22.62 -1.04
C ARG C 60 5.22 -23.77 -1.60
N GLY C 61 5.88 -23.55 -2.78
CA GLY C 61 6.82 -24.58 -3.39
C GLY C 61 6.04 -25.73 -4.05
N GLU C 62 5.06 -25.41 -4.93
CA GLU C 62 4.25 -26.48 -5.67
C GLU C 62 4.88 -26.74 -7.07
N MET C 63 5.32 -25.66 -7.78
CA MET C 63 5.97 -25.66 -9.19
C MET C 63 5.01 -24.79 -10.08
N SER C 64 5.19 -23.44 -9.99
CA SER C 64 4.32 -22.46 -10.73
C SER C 64 5.20 -21.28 -11.29
N GLN C 65 6.30 -21.64 -11.97
CA GLN C 65 7.27 -20.67 -12.63
C GLN C 65 7.13 -20.81 -14.18
N ARG C 66 7.17 -22.07 -14.67
CA ARG C 66 7.05 -22.39 -16.16
C ARG C 66 5.55 -22.65 -16.50
N GLU C 67 4.86 -23.46 -15.66
CA GLU C 67 3.40 -23.82 -15.85
C GLU C 67 2.41 -22.68 -15.45
N LEU C 68 2.88 -21.58 -14.78
CA LEU C 68 1.96 -20.46 -14.30
C LEU C 68 1.65 -19.40 -15.40
N LYS C 69 2.67 -18.84 -16.10
CA LYS C 69 2.46 -17.72 -17.15
C LYS C 69 1.18 -17.84 -18.06
N ASN C 70 0.77 -19.08 -18.45
CA ASN C 70 -0.43 -19.31 -19.37
C ASN C 70 -1.78 -18.89 -18.69
N GLU C 71 -1.93 -19.15 -17.37
CA GLU C 71 -3.19 -18.84 -16.57
C GLU C 71 -3.69 -17.38 -16.73
N LEU C 72 -2.78 -16.37 -16.90
CA LEU C 72 -3.20 -14.92 -17.05
C LEU C 72 -2.19 -14.11 -17.91
N GLY C 73 -0.87 -14.26 -17.67
CA GLY C 73 0.20 -13.52 -18.45
C GLY C 73 0.96 -12.54 -17.53
N ALA C 74 1.96 -13.07 -16.77
CA ALA C 74 2.85 -12.24 -15.86
C ALA C 74 4.24 -12.14 -16.54
N GLY C 75 4.79 -13.29 -16.95
CA GLY C 75 6.12 -13.40 -17.66
C GLY C 75 7.08 -14.26 -16.84
N ILE C 76 8.15 -14.83 -17.48
CA ILE C 76 9.15 -15.65 -16.69
C ILE C 76 10.14 -14.64 -16.00
N ALA C 77 10.23 -13.35 -16.50
CA ALA C 77 11.12 -12.31 -15.84
C ALA C 77 10.56 -11.93 -14.45
N THR C 78 9.21 -11.87 -14.25
CA THR C 78 8.60 -11.49 -12.90
C THR C 78 8.66 -12.66 -11.89
N ILE C 79 8.20 -13.87 -12.27
CA ILE C 79 8.15 -15.07 -11.30
C ILE C 79 9.56 -15.54 -10.84
N THR C 80 10.62 -15.35 -11.66
CA THR C 80 12.01 -15.81 -11.29
C THR C 80 12.87 -14.62 -10.75
N ARG C 81 12.63 -13.35 -11.18
CA ARG C 81 13.37 -12.14 -10.60
C ARG C 81 12.82 -11.85 -9.16
N GLY C 82 11.54 -12.26 -8.86
CA GLY C 82 10.96 -12.12 -7.46
C GLY C 82 11.74 -13.04 -6.46
N SER C 83 12.27 -14.22 -6.95
CA SER C 83 13.10 -15.19 -6.09
C SER C 83 14.45 -14.52 -5.69
N ASN C 84 15.10 -13.81 -6.65
CA ASN C 84 16.43 -13.08 -6.40
C ASN C 84 16.26 -11.93 -5.35
N SER C 85 15.05 -11.31 -5.27
CA SER C 85 14.75 -10.18 -4.28
C SER C 85 14.74 -10.72 -2.81
N LEU C 86 14.21 -11.96 -2.60
CA LEU C 86 14.13 -12.63 -1.23
C LEU C 86 15.53 -12.72 -0.56
N LYS C 87 16.58 -13.14 -1.33
CA LYS C 87 18.01 -13.28 -0.80
C LYS C 87 18.60 -11.89 -0.40
N ALA C 88 18.15 -10.79 -1.03
CA ALA C 88 18.65 -9.39 -0.70
C ALA C 88 18.14 -8.93 0.69
N ALA C 89 16.87 -9.25 1.04
CA ALA C 89 16.23 -8.87 2.40
C ALA C 89 17.04 -9.43 3.61
N PRO C 90 16.84 -8.86 4.86
CA PRO C 90 17.56 -9.32 6.08
C PRO C 90 16.90 -10.60 6.65
N VAL C 91 17.69 -11.40 7.42
CA VAL C 91 17.21 -12.70 8.04
C VAL C 91 16.56 -12.49 9.42
N GLU C 92 16.94 -11.44 10.19
CA GLU C 92 16.32 -11.19 11.56
C GLU C 92 14.80 -10.86 11.40
N LEU C 93 14.42 -10.15 10.29
CA LEU C 93 12.99 -9.81 9.97
C LEU C 93 12.39 -10.84 8.96
N ARG C 94 13.26 -11.61 8.20
CA ARG C 94 12.75 -12.80 7.35
C ARG C 94 12.15 -13.79 8.40
N GLN C 95 12.78 -13.82 9.61
CA GLN C 95 12.30 -14.64 10.80
C GLN C 95 10.81 -14.39 11.09
N TRP C 96 10.34 -13.09 11.03
CA TRP C 96 8.86 -12.76 11.26
C TRP C 96 8.06 -13.44 10.12
N LEU C 97 8.62 -13.50 8.87
CA LEU C 97 7.95 -14.23 7.70
C LEU C 97 7.57 -15.67 8.19
N GLU C 98 8.47 -16.33 8.97
CA GLU C 98 8.20 -17.72 9.59
C GLU C 98 7.11 -17.58 10.70
N GLU C 99 7.13 -16.46 11.48
CA GLU C 99 6.07 -16.14 12.55
C GLU C 99 4.64 -16.08 11.91
N VAL C 100 4.56 -15.82 10.57
CA VAL C 100 3.23 -15.67 9.84
C VAL C 100 3.07 -16.68 8.64
N LEU C 101 4.07 -17.57 8.35
CA LEU C 101 3.98 -18.62 7.27
C LEU C 101 3.96 -19.99 8.02
N LEU C 102 5.03 -20.27 8.83
CA LEU C 102 5.20 -21.54 9.67
C LEU C 102 3.96 -21.79 10.60
N LYS C 103 3.65 -20.82 11.50
CA LYS C 103 2.48 -20.93 12.50
C LYS C 103 1.11 -21.01 11.77
N SER C 104 0.96 -20.39 10.58
CA SER C 104 -0.35 -20.42 9.79
C SER C 104 -0.43 -21.74 8.99
N GLN D 1 -8.93 -14.55 -22.43
CA GLN D 1 -9.24 -13.19 -21.87
C GLN D 1 -10.56 -12.66 -22.49
N SER D 2 -11.50 -12.20 -21.64
CA SER D 2 -12.85 -11.64 -22.11
C SER D 2 -13.03 -10.14 -21.64
N PRO D 3 -13.65 -9.23 -22.49
CA PRO D 3 -13.88 -7.78 -22.11
C PRO D 3 -14.82 -7.68 -20.87
N TYR D 4 -14.33 -7.05 -19.77
CA TYR D 4 -15.12 -6.90 -18.49
C TYR D 4 -15.77 -5.48 -18.46
N SER D 5 -17.11 -5.44 -18.28
CA SER D 5 -17.92 -4.14 -18.21
C SER D 5 -18.89 -4.21 -17.01
N ALA D 6 -19.63 -5.36 -16.86
CA ALA D 6 -20.64 -5.59 -15.73
C ALA D 6 -21.88 -4.70 -15.88
N ALA D 7 -23.09 -5.30 -15.71
CA ALA D 7 -24.42 -4.58 -15.81
C ALA D 7 -25.38 -5.12 -14.72
N MET D 8 -25.53 -6.47 -14.62
CA MET D 8 -26.42 -7.14 -13.60
C MET D 8 -25.56 -7.66 -12.41
N ALA D 9 -26.03 -7.48 -11.15
CA ALA D 9 -25.31 -7.94 -9.87
C ALA D 9 -23.96 -7.19 -9.67
N GLU D 10 -23.60 -6.90 -8.39
CA GLU D 10 -22.32 -6.18 -8.04
C GLU D 10 -21.17 -7.23 -7.99
N GLN D 11 -21.30 -8.27 -7.13
CA GLN D 11 -20.25 -9.40 -6.95
C GLN D 11 -18.92 -8.85 -6.39
N ARG D 12 -18.29 -9.56 -5.42
CA ARG D 12 -16.98 -9.11 -4.78
C ARG D 12 -15.94 -10.26 -4.73
N HIS D 13 -14.68 -9.97 -5.18
CA HIS D 13 -13.52 -10.95 -5.17
C HIS D 13 -12.38 -10.30 -4.33
N GLN D 14 -12.00 -10.95 -3.20
CA GLN D 14 -10.94 -10.38 -2.26
C GLN D 14 -9.51 -10.88 -2.60
N GLU D 15 -8.57 -9.92 -2.79
CA GLU D 15 -7.10 -10.21 -3.10
C GLU D 15 -6.27 -9.18 -2.27
N TRP D 16 -6.53 -7.85 -2.52
CA TRP D 16 -5.86 -6.68 -1.77
C TRP D 16 -5.88 -6.88 -0.20
N LEU D 17 -6.86 -7.64 0.33
CA LEU D 17 -7.10 -7.82 1.83
C LEU D 17 -6.46 -9.07 2.39
N ARG D 18 -6.27 -10.15 1.58
CA ARG D 18 -5.43 -11.35 2.08
C ARG D 18 -3.98 -10.76 2.34
N PHE D 19 -3.63 -9.64 1.61
CA PHE D 19 -2.36 -8.86 1.81
C PHE D 19 -2.55 -7.98 3.10
N VAL D 20 -3.76 -7.31 3.33
CA VAL D 20 -4.02 -6.45 4.61
C VAL D 20 -4.03 -7.34 5.92
N ASP D 21 -4.20 -8.69 5.84
CA ASP D 21 -4.23 -9.58 7.09
C ASP D 21 -2.77 -9.78 7.54
N LEU D 22 -1.91 -10.30 6.64
CA LEU D 22 -0.41 -10.46 6.93
C LEU D 22 0.24 -9.05 7.19
N LEU D 23 -0.37 -7.96 6.64
CA LEU D 23 0.15 -6.55 6.84
C LEU D 23 -0.15 -6.09 8.28
N LYS D 24 -1.33 -6.48 8.85
CA LYS D 24 -1.68 -6.10 10.29
C LYS D 24 -0.74 -6.83 11.31
N ASN D 25 -0.12 -8.00 10.93
CA ASN D 25 0.86 -8.73 11.86
C ASN D 25 2.16 -7.92 11.94
N ALA D 26 2.66 -7.42 10.80
CA ALA D 26 3.91 -6.58 10.78
C ALA D 26 3.58 -5.08 11.16
N TYR D 27 2.29 -4.65 11.16
CA TYR D 27 1.89 -3.22 11.51
C TYR D 27 1.92 -3.02 13.04
N GLN D 28 1.64 -4.09 13.86
CA GLN D 28 1.67 -4.00 15.39
C GLN D 28 3.16 -3.77 15.81
N ASN D 29 4.10 -4.52 15.19
CA ASN D 29 5.59 -4.35 15.44
C ASN D 29 6.07 -3.23 14.44
N ASP D 30 6.52 -3.61 13.20
CA ASP D 30 6.97 -2.67 12.05
C ASP D 30 7.94 -3.48 11.10
N LEU D 31 7.48 -4.68 10.69
CA LEU D 31 8.24 -5.64 9.79
C LEU D 31 7.60 -5.67 8.34
N HIS D 32 6.59 -4.79 8.07
CA HIS D 32 5.97 -4.64 6.69
C HIS D 32 6.93 -3.76 5.78
N LEU D 33 8.13 -3.37 6.30
CA LEU D 33 9.12 -2.48 5.61
C LEU D 33 10.14 -3.38 4.85
N PRO D 34 10.81 -4.40 5.52
CA PRO D 34 11.67 -5.41 4.80
C PRO D 34 10.75 -6.18 3.79
N LEU D 35 9.43 -6.39 4.17
CA LEU D 35 8.37 -7.03 3.27
C LEU D 35 8.20 -6.13 2.03
N LEU D 36 8.02 -4.80 2.27
CA LEU D 36 7.82 -3.80 1.12
C LEU D 36 9.12 -3.57 0.29
N ASN D 37 10.29 -4.04 0.77
CA ASN D 37 11.60 -3.91 0.00
C ASN D 37 11.73 -5.03 -1.10
N LEU D 38 10.91 -6.12 -1.05
CA LEU D 38 11.01 -7.28 -2.04
C LEU D 38 9.71 -7.45 -2.89
N MET D 39 8.49 -7.12 -2.36
CA MET D 39 7.19 -7.31 -3.17
C MET D 39 6.66 -5.96 -3.78
N LEU D 40 7.45 -4.84 -3.75
CA LEU D 40 6.99 -3.51 -4.36
C LEU D 40 8.05 -2.90 -5.37
N THR D 41 8.95 -1.95 -4.94
CA THR D 41 10.01 -1.23 -5.88
C THR D 41 10.55 0.09 -5.15
N PRO D 42 11.54 0.89 -5.75
CA PRO D 42 11.98 2.24 -5.15
C PRO D 42 10.75 3.23 -4.99
N ASP D 43 9.63 2.98 -5.77
CA ASP D 43 8.33 3.78 -5.67
C ASP D 43 7.64 3.59 -4.25
N GLU D 44 8.24 2.77 -3.30
CA GLU D 44 7.67 2.55 -1.91
C GLU D 44 7.50 3.93 -1.22
N ARG D 45 8.54 4.58 -0.66
CA ARG D 45 8.35 5.96 -0.04
C ARG D 45 8.55 7.10 -1.10
N GLU D 46 9.02 6.81 -2.36
CA GLU D 46 9.15 7.92 -3.41
C GLU D 46 7.70 8.35 -3.82
N ALA D 47 6.88 7.37 -4.25
CA ALA D 47 5.45 7.62 -4.66
C ALA D 47 4.48 7.60 -3.46
N LEU D 48 4.74 6.83 -2.37
CA LEU D 48 3.80 6.85 -1.15
C LEU D 48 3.87 8.23 -0.45
N GLY D 49 5.06 8.84 -0.40
CA GLY D 49 5.25 10.18 0.25
C GLY D 49 4.67 11.35 -0.61
N THR D 50 5.11 11.49 -1.90
CA THR D 50 4.64 12.68 -2.76
C THR D 50 3.19 12.52 -3.30
N ARG D 51 2.64 11.29 -3.42
CA ARG D 51 1.19 11.11 -3.88
C ARG D 51 0.30 11.36 -2.64
N VAL D 52 0.69 10.84 -1.44
CA VAL D 52 -0.05 11.19 -0.14
C VAL D 52 0.10 12.74 0.14
N ARG D 53 1.11 13.42 -0.48
CA ARG D 53 1.30 14.93 -0.33
C ARG D 53 0.25 15.73 -1.18
N ILE D 54 -0.05 15.37 -2.49
CA ILE D 54 -1.07 16.18 -3.30
C ILE D 54 -2.55 15.91 -2.80
N VAL D 55 -2.83 14.75 -2.13
CA VAL D 55 -4.24 14.42 -1.60
C VAL D 55 -4.41 15.13 -0.25
N GLU D 56 -3.37 15.07 0.62
CA GLU D 56 -3.38 15.77 1.97
C GLU D 56 -3.44 17.33 1.75
N GLU D 57 -2.89 17.83 0.61
CA GLU D 57 -2.92 19.31 0.24
C GLU D 57 -4.21 19.64 -0.58
N LEU D 58 -4.89 18.62 -1.20
CA LEU D 58 -6.18 18.82 -2.01
C LEU D 58 -7.34 19.02 -0.98
N LEU D 59 -7.41 18.14 0.05
CA LEU D 59 -8.46 18.17 1.19
C LEU D 59 -8.61 19.62 1.76
N ARG D 60 -7.49 20.39 1.79
CA ARG D 60 -7.49 21.82 2.30
C ARG D 60 -8.00 22.74 1.15
N GLY D 61 -7.29 22.72 -0.02
CA GLY D 61 -7.67 23.53 -1.27
C GLY D 61 -7.89 25.04 -0.97
N GLU D 62 -7.08 25.62 -0.07
CA GLU D 62 -7.19 27.09 0.32
C GLU D 62 -6.12 27.90 -0.46
N MET D 63 -4.84 27.46 -0.40
CA MET D 63 -3.69 28.17 -1.12
C MET D 63 -2.50 27.16 -1.34
N SER D 64 -2.84 25.92 -1.78
CA SER D 64 -1.83 24.82 -2.04
C SER D 64 -2.16 24.10 -3.41
N GLN D 65 -2.61 24.90 -4.43
CA GLN D 65 -2.96 24.36 -5.80
C GLN D 65 -1.90 24.84 -6.81
N ARG D 66 -1.67 26.19 -6.89
CA ARG D 66 -0.66 26.80 -7.85
C ARG D 66 0.70 27.07 -7.14
N GLU D 67 0.66 27.62 -5.91
CA GLU D 67 1.91 27.98 -5.12
C GLU D 67 2.60 26.76 -4.42
N LEU D 68 1.93 25.57 -4.33
CA LEU D 68 2.53 24.35 -3.63
C LEU D 68 3.72 23.75 -4.44
N LYS D 69 3.60 23.60 -5.78
CA LYS D 69 4.73 22.99 -6.69
C LYS D 69 6.18 23.47 -6.33
N ASN D 70 6.36 24.70 -5.77
CA ASN D 70 7.74 25.23 -5.37
C ASN D 70 8.27 24.42 -4.13
N GLU D 71 7.42 24.27 -3.10
CA GLU D 71 7.73 23.53 -1.80
C GLU D 71 8.21 22.06 -2.04
N LEU D 72 7.59 21.35 -3.02
CA LEU D 72 7.93 19.89 -3.31
C LEU D 72 8.58 19.72 -4.72
N GLY D 73 7.84 20.10 -5.79
CA GLY D 73 8.33 19.97 -7.23
C GLY D 73 7.45 18.95 -8.03
N ALA D 74 6.15 18.78 -7.67
CA ALA D 74 5.20 17.84 -8.40
C ALA D 74 4.32 18.71 -9.30
N GLY D 75 4.45 18.52 -10.65
CA GLY D 75 3.70 19.33 -11.73
C GLY D 75 2.23 19.67 -11.40
N ILE D 76 1.60 20.61 -12.17
CA ILE D 76 0.14 20.93 -11.93
C ILE D 76 -0.71 19.81 -12.58
N ALA D 77 -0.15 19.01 -13.54
CA ALA D 77 -0.97 17.87 -14.14
C ALA D 77 -1.30 16.79 -13.07
N THR D 78 -0.56 16.69 -11.92
CA THR D 78 -0.88 15.66 -10.82
C THR D 78 -1.64 16.32 -9.63
N ILE D 79 -1.29 17.58 -9.29
CA ILE D 79 -1.92 18.34 -8.12
C ILE D 79 -3.44 18.62 -8.40
N THR D 80 -3.80 18.96 -9.66
CA THR D 80 -5.22 19.23 -10.07
C THR D 80 -5.86 17.95 -10.69
N ARG D 81 -5.04 16.94 -11.17
CA ARG D 81 -5.62 15.59 -11.64
C ARG D 81 -6.25 14.90 -10.36
N GLY D 82 -5.67 15.17 -9.14
CA GLY D 82 -6.21 14.63 -7.83
C GLY D 82 -7.60 15.28 -7.52
N SER D 83 -7.81 16.59 -7.86
CA SER D 83 -9.15 17.32 -7.60
C SER D 83 -10.34 16.68 -8.39
N ASN D 84 -10.08 16.06 -9.58
CA ASN D 84 -11.19 15.38 -10.40
C ASN D 84 -11.73 14.11 -9.65
N SER D 85 -10.89 13.45 -8.80
CA SER D 85 -11.30 12.21 -8.01
C SER D 85 -12.42 12.53 -6.96
N LEU D 86 -12.40 13.75 -6.36
CA LEU D 86 -13.42 14.19 -5.30
C LEU D 86 -14.89 14.10 -5.84
N LYS D 87 -15.11 14.51 -7.10
CA LYS D 87 -16.52 14.50 -7.76
C LYS D 87 -17.10 13.05 -7.91
N ALA D 88 -16.25 11.99 -7.87
CA ALA D 88 -16.70 10.54 -8.04
C ALA D 88 -16.66 9.71 -6.73
N ALA D 89 -15.86 10.10 -5.70
CA ALA D 89 -15.76 9.33 -4.38
C ALA D 89 -17.08 9.35 -3.57
N PRO D 90 -17.26 8.39 -2.59
CA PRO D 90 -18.48 8.36 -1.73
C PRO D 90 -18.29 9.33 -0.54
N VAL D 91 -19.38 9.94 -0.03
CA VAL D 91 -19.29 10.94 1.10
C VAL D 91 -19.23 10.25 2.48
N GLU D 92 -19.80 9.03 2.66
CA GLU D 92 -19.79 8.33 4.00
C GLU D 92 -18.32 8.02 4.43
N LEU D 93 -17.45 7.66 3.46
CA LEU D 93 -15.99 7.34 3.70
C LEU D 93 -15.08 8.57 3.32
N ARG D 94 -15.61 9.55 2.51
CA ARG D 94 -14.88 10.89 2.28
C ARG D 94 -14.80 11.53 3.70
N GLN D 95 -15.89 11.32 4.49
CA GLN D 95 -16.00 11.77 5.93
C GLN D 95 -14.86 11.19 6.81
N TRP D 96 -14.45 9.89 6.59
CA TRP D 96 -13.30 9.31 7.42
C TRP D 96 -12.02 10.11 7.12
N LEU D 97 -11.84 10.63 5.87
CA LEU D 97 -10.62 11.51 5.55
C LEU D 97 -10.57 12.70 6.56
N GLU D 98 -11.77 13.25 6.91
CA GLU D 98 -11.92 14.37 7.93
C GLU D 98 -11.66 13.80 9.37
N GLU D 99 -11.99 12.50 9.61
CA GLU D 99 -11.71 11.78 10.95
C GLU D 99 -10.18 11.65 11.18
N VAL D 100 -9.37 11.61 10.08
CA VAL D 100 -7.86 11.43 10.17
C VAL D 100 -7.08 12.73 9.75
N LEU D 101 -7.76 13.81 9.28
CA LEU D 101 -7.10 15.13 8.95
C LEU D 101 -7.27 15.98 10.25
N LEU D 102 -8.54 16.20 10.67
CA LEU D 102 -8.91 16.94 11.96
C LEU D 102 -8.52 15.99 13.15
N LYS D 103 -9.27 14.87 13.34
CA LYS D 103 -9.04 13.82 14.41
C LYS D 103 -9.11 14.43 15.85
N SER D 104 -10.28 14.29 16.50
CA SER D 104 -10.53 14.82 17.91
C SER D 104 -11.26 13.73 18.76
N GLN C 1 6.08 24.97 31.95
CA GLN C 1 5.95 24.15 33.21
C GLN C 1 6.77 22.85 33.07
N SER C 2 6.54 22.08 31.98
CA SER C 2 7.28 20.77 31.72
C SER C 2 7.55 20.56 30.18
N PRO C 3 8.74 19.96 29.79
CA PRO C 3 9.11 19.72 28.35
C PRO C 3 8.16 18.67 27.67
N TYR C 4 7.71 18.97 26.43
CA TYR C 4 6.78 18.05 25.63
C TYR C 4 7.53 17.48 24.38
N SER C 5 7.22 16.19 24.01
CA SER C 5 7.85 15.45 22.81
C SER C 5 9.38 15.23 23.02
N ALA C 6 9.86 14.00 22.77
CA ALA C 6 11.33 13.63 22.94
C ALA C 6 11.76 12.59 21.88
N ALA C 7 12.90 12.83 21.18
CA ALA C 7 13.44 11.89 20.11
C ALA C 7 14.81 11.31 20.53
N MET C 8 15.01 9.99 20.32
CA MET C 8 16.32 9.30 20.68
C MET C 8 17.12 9.03 19.38
N ALA C 9 16.49 8.41 18.35
CA ALA C 9 17.16 8.10 17.02
C ALA C 9 16.18 8.39 15.85
N GLU C 10 15.01 7.70 15.80
CA GLU C 10 13.93 7.88 14.74
C GLU C 10 14.44 7.47 13.33
N GLN C 11 13.61 6.70 12.57
CA GLN C 11 13.94 6.24 11.16
C GLN C 11 12.64 6.25 10.30
N ARG C 12 12.62 7.11 9.24
CA ARG C 12 11.43 7.29 8.26
C ARG C 12 10.17 7.84 8.99
N HIS C 13 9.50 8.87 8.39
CA HIS C 13 8.26 9.50 9.03
C HIS C 13 7.48 10.43 8.03
N GLN C 14 8.19 11.22 7.20
CA GLN C 14 7.51 12.24 6.27
C GLN C 14 6.83 11.63 5.01
N GLU C 15 7.38 10.55 4.39
CA GLU C 15 6.77 9.97 3.12
C GLU C 15 5.99 8.64 3.40
N TRP C 16 6.63 7.42 3.20
CA TRP C 16 5.93 6.08 3.41
C TRP C 16 5.16 5.99 4.77
N LEU C 17 5.78 6.48 5.82
CA LEU C 17 5.21 6.37 7.25
C LEU C 17 4.16 7.43 7.53
N ARG C 18 4.17 8.59 6.85
CA ARG C 18 3.04 9.61 7.03
C ARG C 18 1.71 8.88 6.57
N PHE C 19 1.82 7.90 5.60
CA PHE C 19 0.64 7.06 5.15
C PHE C 19 0.48 5.83 6.13
N VAL C 20 1.57 5.26 6.77
CA VAL C 20 1.38 4.00 7.68
C VAL C 20 0.66 4.36 9.02
N ASP C 21 0.85 5.58 9.56
CA ASP C 21 0.17 6.03 10.87
C ASP C 21 -1.32 6.29 10.58
N LEU C 22 -1.61 7.08 9.52
CA LEU C 22 -3.06 7.35 9.09
C LEU C 22 -3.70 6.04 8.48
N LEU C 23 -2.86 5.05 8.05
CA LEU C 23 -3.41 3.72 7.55
C LEU C 23 -3.91 2.94 8.77
N LYS C 24 -3.26 3.10 9.96
CA LYS C 24 -3.75 2.42 11.23
C LYS C 24 -5.15 3.00 11.65
N ASN C 25 -5.54 4.24 11.19
CA ASN C 25 -6.90 4.85 11.51
C ASN C 25 -7.97 4.12 10.69
N ALA C 26 -7.70 3.91 9.39
CA ALA C 26 -8.66 3.16 8.49
C ALA C 26 -8.51 1.60 8.67
N TYR C 27 -7.48 1.09 9.39
CA TYR C 27 -7.28 -0.40 9.61
C TYR C 27 -8.21 -0.89 10.76
N GLN C 28 -8.44 -0.02 11.80
CA GLN C 28 -9.38 -0.37 12.95
C GLN C 28 -10.81 -0.59 12.39
N ASN C 29 -11.21 0.28 11.41
CA ASN C 29 -12.55 0.16 10.72
C ASN C 29 -12.31 -0.66 9.40
N ASP C 30 -11.94 0.01 8.26
CA ASP C 30 -11.59 -0.60 6.87
C ASP C 30 -11.97 0.46 5.76
N LEU C 31 -11.45 1.70 5.93
CA LEU C 31 -11.71 2.88 5.00
C LEU C 31 -10.41 3.31 4.22
N HIS C 32 -9.33 2.46 4.31
CA HIS C 32 -8.05 2.67 3.52
C HIS C 32 -8.26 2.08 2.06
N LEU C 33 -9.49 1.60 1.73
CA LEU C 33 -9.85 0.93 0.43
C LEU C 33 -10.41 1.98 -0.55
N PRO C 34 -11.45 2.81 -0.14
CA PRO C 34 -11.89 3.98 -0.97
C PRO C 34 -10.69 5.00 -0.99
N LEU C 35 -9.88 5.02 0.13
CA LEU C 35 -8.62 5.88 0.24
C LEU C 35 -7.59 5.34 -0.81
N LEU C 36 -7.47 3.98 -1.03
CA LEU C 36 -6.51 3.44 -2.11
C LEU C 36 -7.06 3.70 -3.55
N ASN C 37 -8.39 3.96 -3.71
CA ASN C 37 -9.00 4.28 -5.07
C ASN C 37 -8.94 5.83 -5.36
N LEU C 38 -8.21 6.65 -4.53
CA LEU C 38 -8.12 8.15 -4.71
C LEU C 38 -6.64 8.64 -4.74
N MET C 39 -5.77 8.22 -3.78
CA MET C 39 -4.30 8.72 -3.77
C MET C 39 -3.37 7.79 -4.60
N LEU C 40 -3.79 6.54 -4.90
CA LEU C 40 -2.96 5.56 -5.69
C LEU C 40 -3.63 5.34 -7.07
N THR C 41 -4.59 4.37 -7.20
CA THR C 41 -5.34 4.01 -8.52
C THR C 41 -5.95 2.56 -8.40
N PRO C 42 -6.89 2.16 -9.33
CA PRO C 42 -7.43 0.75 -9.39
C PRO C 42 -6.25 -0.20 -9.86
N ASP C 43 -5.39 0.32 -10.79
CA ASP C 43 -4.15 -0.43 -11.30
C ASP C 43 -3.14 -0.67 -10.12
N GLU C 44 -3.20 0.14 -9.03
CA GLU C 44 -2.27 -0.04 -7.83
C GLU C 44 -2.68 -1.32 -7.03
N ARG C 45 -4.01 -1.65 -6.93
CA ARG C 45 -4.42 -2.98 -6.27
C ARG C 45 -4.26 -4.13 -7.31
N GLU C 46 -4.21 -3.80 -8.64
CA GLU C 46 -3.92 -4.84 -9.74
C GLU C 46 -2.42 -5.28 -9.59
N ALA C 47 -1.53 -4.36 -9.10
CA ALA C 47 -0.06 -4.64 -8.89
C ALA C 47 0.19 -5.22 -7.47
N LEU C 48 -0.62 -4.88 -6.43
CA LEU C 48 -0.46 -5.57 -5.06
C LEU C 48 -1.05 -7.03 -5.21
N GLY C 49 -1.93 -7.24 -6.24
CA GLY C 49 -2.56 -8.57 -6.58
C GLY C 49 -1.51 -9.53 -7.19
N THR C 50 -1.01 -9.21 -8.40
CA THR C 50 0.02 -10.10 -9.12
C THR C 50 1.39 -10.12 -8.40
N ARG C 51 1.78 -9.06 -7.66
CA ARG C 51 3.11 -9.07 -6.90
C ARG C 51 2.99 -10.06 -5.70
N VAL C 52 1.92 -10.01 -4.90
CA VAL C 52 1.72 -11.05 -3.78
C VAL C 52 1.43 -12.47 -4.43
N ARG C 53 1.08 -12.56 -5.73
CA ARG C 53 0.82 -13.92 -6.40
C ARG C 53 2.15 -14.65 -6.76
N ILE C 54 3.22 -13.97 -7.33
CA ILE C 54 4.53 -14.69 -7.68
C ILE C 54 5.32 -15.05 -6.38
N VAL C 55 5.11 -14.31 -5.23
CA VAL C 55 5.88 -14.61 -3.93
C VAL C 55 5.08 -15.70 -3.16
N GLU C 56 3.77 -15.50 -2.96
CA GLU C 56 2.86 -16.52 -2.25
C GLU C 56 2.88 -17.89 -3.03
N GLU C 57 3.18 -17.87 -4.36
CA GLU C 57 3.27 -19.13 -5.22
C GLU C 57 4.76 -19.62 -5.34
N LEU C 58 5.79 -18.74 -5.12
CA LEU C 58 7.26 -19.15 -5.21
C LEU C 58 7.61 -20.01 -3.95
N LEU C 59 7.36 -19.45 -2.74
CA LEU C 59 7.63 -20.15 -1.40
C LEU C 59 7.01 -21.58 -1.34
N ARG C 60 5.87 -21.83 -2.04
CA ARG C 60 5.19 -23.19 -2.05
C ARG C 60 5.86 -24.12 -3.07
N GLY C 61 6.14 -23.63 -4.30
CA GLY C 61 6.82 -24.45 -5.40
C GLY C 61 5.87 -25.54 -5.94
N GLU C 62 4.70 -25.13 -6.48
CA GLU C 62 3.68 -26.09 -7.06
C GLU C 62 3.54 -25.81 -8.58
N MET C 63 3.28 -24.53 -8.95
CA MET C 63 3.14 -24.10 -10.42
C MET C 63 3.30 -22.55 -10.47
N SER C 64 4.56 -22.09 -10.43
CA SER C 64 4.89 -20.60 -10.39
C SER C 64 6.02 -20.17 -11.40
N GLN C 65 6.59 -21.08 -12.22
CA GLN C 65 7.72 -20.74 -13.20
C GLN C 65 7.25 -20.89 -14.68
N ARG C 66 6.90 -22.12 -15.13
CA ARG C 66 6.45 -22.39 -16.57
C ARG C 66 4.91 -22.58 -16.63
N GLU C 67 4.34 -23.31 -15.67
CA GLU C 67 2.84 -23.58 -15.60
C GLU C 67 2.01 -22.32 -15.14
N LEU C 68 2.66 -21.19 -14.73
CA LEU C 68 1.90 -19.96 -14.23
C LEU C 68 1.62 -18.91 -15.34
N LYS C 69 2.64 -18.48 -16.16
CA LYS C 69 2.45 -17.41 -17.25
C LYS C 69 1.14 -17.59 -18.11
N ASN C 70 0.66 -18.85 -18.29
CA ASN C 70 -0.57 -19.15 -19.15
C ASN C 70 -1.90 -18.89 -18.37
N GLU C 71 -1.95 -19.22 -17.06
CA GLU C 71 -3.20 -19.07 -16.19
C GLU C 71 -3.84 -17.64 -16.23
N LEU C 72 -3.09 -16.57 -15.84
CA LEU C 72 -3.64 -15.14 -15.82
C LEU C 72 -2.82 -14.19 -16.73
N GLY C 73 -1.48 -14.33 -16.77
CA GLY C 73 -0.59 -13.44 -17.64
C GLY C 73 0.49 -12.76 -16.79
N ALA C 74 1.64 -13.45 -16.58
CA ALA C 74 2.82 -12.88 -15.79
C ALA C 74 4.11 -13.51 -16.36
N GLY C 75 4.90 -12.72 -17.14
CA GLY C 75 6.19 -13.20 -17.83
C GLY C 75 7.14 -14.02 -16.93
N ILE C 76 8.20 -14.69 -17.51
CA ILE C 76 9.14 -15.49 -16.63
C ILE C 76 10.17 -14.53 -15.96
N ALA C 77 10.30 -13.24 -16.40
CA ALA C 77 11.26 -12.28 -15.70
C ALA C 77 10.71 -11.90 -14.30
N THR C 78 9.37 -11.73 -14.12
CA THR C 78 8.77 -11.34 -12.76
C THR C 78 8.67 -12.57 -11.82
N ILE C 79 8.20 -13.72 -12.32
CA ILE C 79 8.00 -14.96 -11.44
C ILE C 79 9.32 -15.63 -10.97
N THR C 80 10.50 -15.31 -11.57
CA THR C 80 11.83 -15.89 -11.12
C THR C 80 12.71 -14.78 -10.47
N ARG C 81 12.65 -13.51 -10.98
CA ARG C 81 13.43 -12.36 -10.34
C ARG C 81 12.77 -11.99 -8.96
N GLY C 82 11.45 -12.32 -8.75
CA GLY C 82 10.75 -12.10 -7.42
C GLY C 82 11.40 -13.03 -6.34
N SER C 83 11.88 -14.25 -6.74
CA SER C 83 12.58 -15.22 -5.78
C SER C 83 13.99 -14.65 -5.37
N ASN C 84 14.69 -13.95 -6.31
CA ASN C 84 16.06 -13.33 -6.03
C ASN C 84 15.99 -12.19 -4.95
N SER C 85 14.79 -11.57 -4.75
CA SER C 85 14.60 -10.46 -3.71
C SER C 85 14.73 -11.03 -2.27
N LEU C 86 14.24 -12.27 -2.03
CA LEU C 86 14.28 -12.97 -0.67
C LEU C 86 15.72 -13.06 -0.09
N LYS C 87 16.68 -13.57 -0.89
CA LYS C 87 18.13 -13.73 -0.40
C LYS C 87 18.89 -12.37 -0.19
N ALA C 88 18.31 -11.22 -0.60
CA ALA C 88 18.95 -9.86 -0.39
C ALA C 88 18.55 -9.27 0.99
N ALA C 89 17.24 -9.35 1.35
CA ALA C 89 16.69 -8.82 2.70
C ALA C 89 17.42 -9.47 3.92
N PRO C 90 17.24 -8.91 5.18
CA PRO C 90 17.90 -9.51 6.39
C PRO C 90 17.19 -10.83 6.81
N VAL C 91 17.68 -11.49 7.89
CA VAL C 91 17.11 -12.81 8.38
C VAL C 91 16.22 -12.61 9.63
N GLU C 92 16.46 -11.59 10.49
CA GLU C 92 15.64 -11.36 11.75
C GLU C 92 14.17 -11.05 11.40
N LEU C 93 13.95 -10.23 10.34
CA LEU C 93 12.56 -9.84 9.86
C LEU C 93 12.10 -10.71 8.66
N ARG C 94 13.05 -11.38 7.93
CA ARG C 94 12.65 -12.44 6.90
C ARG C 94 12.04 -13.61 7.77
N GLN C 95 12.56 -13.74 9.04
CA GLN C 95 12.03 -14.71 10.07
C GLN C 95 10.52 -14.46 10.31
N TRP C 96 10.08 -13.16 10.35
CA TRP C 96 8.60 -12.84 10.53
C TRP C 96 7.85 -13.38 9.29
N LEU C 97 8.47 -13.34 8.06
CA LEU C 97 7.83 -13.95 6.80
C LEU C 97 7.39 -15.43 7.12
N GLU C 98 8.24 -16.15 7.94
CA GLU C 98 7.91 -17.57 8.42
C GLU C 98 6.72 -17.49 9.43
N GLU C 99 6.71 -16.46 10.33
CA GLU C 99 5.55 -16.20 11.32
C GLU C 99 4.19 -15.98 10.56
N VAL C 100 4.24 -15.57 9.26
CA VAL C 100 2.99 -15.26 8.44
C VAL C 100 2.83 -16.24 7.21
N LEU C 101 3.78 -17.18 6.97
CA LEU C 101 3.66 -18.24 5.89
C LEU C 101 3.14 -19.50 6.65
N LEU C 102 3.92 -19.93 7.69
CA LEU C 102 3.56 -21.09 8.63
C LEU C 102 2.29 -20.71 9.45
N LYS C 103 2.25 -19.45 9.99
CA LYS C 103 1.12 -18.85 10.84
C LYS C 103 1.39 -19.12 12.35
N SER C 104 1.78 -20.37 12.73
CA SER C 104 2.08 -20.75 14.17
C SER C 104 3.41 -21.54 14.26
N GLN D 1 -30.32 -5.58 0.42
CA GLN D 1 -30.91 -6.44 -0.66
C GLN D 1 -29.91 -7.59 -1.02
N SER D 2 -30.41 -8.85 -1.02
CA SER D 2 -29.55 -10.08 -1.33
C SER D 2 -29.19 -10.16 -2.87
N PRO D 3 -27.95 -10.68 -3.23
CA PRO D 3 -27.50 -10.79 -4.66
C PRO D 3 -28.27 -11.93 -5.41
N TYR D 4 -28.81 -11.61 -6.62
CA TYR D 4 -29.56 -12.63 -7.48
C TYR D 4 -28.51 -13.39 -8.36
N SER D 5 -28.62 -14.74 -8.42
CA SER D 5 -27.66 -15.65 -9.20
C SER D 5 -26.33 -15.75 -8.41
N ALA D 6 -26.03 -16.96 -7.86
CA ALA D 6 -24.77 -17.19 -7.02
C ALA D 6 -23.73 -18.05 -7.77
N ALA D 7 -22.42 -17.75 -7.58
CA ALA D 7 -21.27 -18.49 -8.24
C ALA D 7 -20.30 -19.06 -7.17
N MET D 8 -19.70 -20.25 -7.45
CA MET D 8 -18.70 -20.89 -6.49
C MET D 8 -17.34 -20.16 -6.62
N ALA D 9 -16.83 -19.58 -5.51
CA ALA D 9 -15.53 -18.81 -5.51
C ALA D 9 -14.62 -19.27 -4.35
N GLU D 10 -13.34 -19.59 -4.67
CA GLU D 10 -12.32 -20.05 -3.66
C GLU D 10 -11.23 -18.96 -3.53
N GLN D 11 -10.70 -18.45 -4.68
CA GLN D 11 -9.60 -17.39 -4.70
C GLN D 11 -10.09 -16.07 -5.39
N ARG D 12 -11.10 -16.11 -6.29
CA ARG D 12 -11.61 -14.85 -7.03
C ARG D 12 -12.30 -13.85 -6.07
N HIS D 13 -12.23 -12.53 -6.43
CA HIS D 13 -12.85 -11.35 -5.66
C HIS D 13 -11.89 -10.88 -4.53
N GLN D 14 -11.49 -11.78 -3.60
CA GLN D 14 -10.55 -11.43 -2.46
C GLN D 14 -9.09 -11.41 -3.01
N GLU D 15 -8.42 -10.23 -2.97
CA GLU D 15 -6.99 -10.07 -3.47
C GLU D 15 -6.28 -9.00 -2.58
N TRP D 16 -6.46 -7.65 -2.87
CA TRP D 16 -5.84 -6.49 -2.04
C TRP D 16 -5.96 -6.70 -0.49
N LEU D 17 -6.97 -7.47 -0.04
CA LEU D 17 -7.33 -7.63 1.43
C LEU D 17 -6.73 -8.86 2.07
N ARG D 18 -6.52 -9.97 1.32
CA ARG D 18 -5.75 -11.15 1.91
C ARG D 18 -4.29 -10.62 2.18
N PHE D 19 -3.88 -9.54 1.44
CA PHE D 19 -2.58 -8.82 1.65
C PHE D 19 -2.76 -7.90 2.90
N VAL D 20 -3.95 -7.19 3.07
CA VAL D 20 -4.22 -6.27 4.30
C VAL D 20 -4.35 -7.10 5.64
N ASP D 21 -4.64 -8.42 5.60
CA ASP D 21 -4.81 -9.26 6.88
C ASP D 21 -3.42 -9.56 7.44
N LEU D 22 -2.53 -10.14 6.61
CA LEU D 22 -1.09 -10.42 7.04
C LEU D 22 -0.31 -9.07 7.13
N LEU D 23 -0.83 -7.96 6.50
CA LEU D 23 -0.20 -6.60 6.63
C LEU D 23 -0.42 -6.13 8.09
N LYS D 24 -1.63 -6.43 8.69
CA LYS D 24 -1.88 -6.06 10.14
C LYS D 24 -1.01 -6.92 11.11
N ASN D 25 -0.47 -8.10 10.68
CA ASN D 25 0.50 -8.93 11.56
C ASN D 25 1.80 -8.13 11.72
N ALA D 26 2.24 -7.44 10.64
CA ALA D 26 3.48 -6.58 10.71
C ALA D 26 3.12 -5.12 11.15
N TYR D 27 1.84 -4.69 11.13
CA TYR D 27 1.42 -3.27 11.54
C TYR D 27 1.45 -3.14 13.09
N GLN D 28 1.15 -4.24 13.84
CA GLN D 28 1.20 -4.25 15.38
C GLN D 28 2.67 -4.02 15.81
N ASN D 29 3.63 -4.73 15.15
CA ASN D 29 5.11 -4.56 15.44
C ASN D 29 5.63 -3.44 14.47
N ASP D 30 6.05 -3.78 13.22
CA ASP D 30 6.55 -2.84 12.09
C ASP D 30 7.55 -3.65 11.17
N LEU D 31 7.07 -4.83 10.70
CA LEU D 31 7.85 -5.80 9.82
C LEU D 31 7.26 -5.85 8.36
N HIS D 32 6.31 -4.92 8.03
CA HIS D 32 5.71 -4.78 6.65
C HIS D 32 6.66 -3.90 5.75
N LEU D 33 7.81 -3.44 6.31
CA LEU D 33 8.78 -2.53 5.62
C LEU D 33 9.89 -3.39 4.96
N PRO D 34 10.57 -4.36 5.70
CA PRO D 34 11.51 -5.32 5.07
C PRO D 34 10.68 -6.26 4.14
N LEU D 35 9.40 -6.58 4.56
CA LEU D 35 8.43 -7.41 3.74
C LEU D 35 8.11 -6.61 2.44
N LEU D 36 7.85 -5.27 2.53
CA LEU D 36 7.54 -4.45 1.28
C LEU D 36 8.82 -4.13 0.44
N ASN D 37 10.04 -4.37 0.98
CA ASN D 37 11.33 -4.20 0.17
C ASN D 37 11.60 -5.51 -0.68
N LEU D 38 10.72 -6.55 -0.58
CA LEU D 38 10.86 -7.86 -1.32
C LEU D 38 9.66 -7.98 -2.33
N MET D 39 8.40 -7.77 -1.87
CA MET D 39 7.16 -7.89 -2.77
C MET D 39 6.70 -6.50 -3.36
N LEU D 40 7.47 -5.38 -3.19
CA LEU D 40 7.03 -4.03 -3.74
C LEU D 40 8.17 -3.30 -4.57
N THR D 41 8.90 -2.26 -4.02
CA THR D 41 10.02 -1.45 -4.80
C THR D 41 10.37 -0.11 -4.02
N PRO D 42 11.62 0.47 -4.24
CA PRO D 42 12.05 1.76 -3.60
C PRO D 42 11.32 2.97 -4.30
N ASP D 43 11.29 2.96 -5.66
CA ASP D 43 10.62 4.07 -6.49
C ASP D 43 9.11 4.27 -6.10
N GLU D 44 8.43 3.20 -5.62
CA GLU D 44 6.96 3.29 -5.22
C GLU D 44 6.81 4.02 -3.86
N ARG D 45 7.76 3.87 -2.89
CA ARG D 45 7.66 4.64 -1.56
C ARG D 45 7.97 6.14 -1.80
N GLU D 46 8.81 6.49 -2.82
CA GLU D 46 9.10 7.96 -3.19
C GLU D 46 7.75 8.59 -3.68
N ALA D 47 7.05 7.87 -4.61
CA ALA D 47 5.70 8.32 -5.15
C ALA D 47 4.56 8.04 -4.11
N LEU D 48 4.81 7.30 -2.99
CA LEU D 48 3.76 7.07 -1.93
C LEU D 48 3.67 8.35 -1.04
N GLY D 49 4.82 8.99 -0.72
CA GLY D 49 4.86 10.24 0.13
C GLY D 49 4.38 11.46 -0.70
N THR D 50 4.82 11.56 -1.97
CA THR D 50 4.43 12.74 -2.87
C THR D 50 2.94 12.65 -3.29
N ARG D 51 2.39 11.42 -3.51
CA ARG D 51 0.91 11.25 -3.87
C ARG D 51 0.06 11.65 -2.61
N VAL D 52 0.45 11.17 -1.41
CA VAL D 52 -0.25 11.58 -0.10
C VAL D 52 -0.01 13.10 0.18
N ARG D 53 1.01 13.75 -0.45
CA ARG D 53 1.28 15.24 -0.22
C ARG D 53 0.32 16.14 -1.09
N ILE D 54 0.00 15.82 -2.41
CA ILE D 54 -0.95 16.71 -3.21
C ILE D 54 -2.42 16.52 -2.70
N VAL D 55 -2.78 15.36 -2.05
CA VAL D 55 -4.22 15.13 -1.54
C VAL D 55 -4.31 15.76 -0.14
N GLU D 56 -3.33 15.48 0.75
CA GLU D 56 -3.28 16.07 2.15
C GLU D 56 -3.15 17.64 2.07
N GLU D 57 -2.64 18.19 0.92
CA GLU D 57 -2.54 19.69 0.70
C GLU D 57 -3.87 20.21 0.06
N LEU D 58 -4.60 19.36 -0.73
CA LEU D 58 -5.95 19.75 -1.38
C LEU D 58 -7.01 19.97 -0.26
N LEU D 59 -7.09 19.01 0.71
CA LEU D 59 -8.06 19.08 1.90
C LEU D 59 -7.91 20.41 2.68
N ARG D 60 -6.71 21.04 2.66
CA ARG D 60 -6.46 22.35 3.40
C ARG D 60 -7.04 23.52 2.56
N GLY D 61 -6.66 23.60 1.26
CA GLY D 61 -7.18 24.66 0.29
C GLY D 61 -6.86 26.10 0.76
N GLU D 62 -5.58 26.53 0.68
CA GLU D 62 -5.14 27.93 1.08
C GLU D 62 -3.98 28.37 0.14
N MET D 63 -2.89 27.57 0.09
CA MET D 63 -1.68 27.84 -0.80
C MET D 63 -1.17 26.44 -1.28
N SER D 64 -2.05 25.71 -2.01
CA SER D 64 -1.77 24.30 -2.50
C SER D 64 -2.07 24.08 -4.02
N GLN D 65 -2.45 25.13 -4.80
CA GLN D 65 -2.75 24.99 -6.28
C GLN D 65 -1.50 25.35 -7.13
N ARG D 66 -1.21 26.66 -7.37
CA ARG D 66 0.01 27.10 -8.19
C ARG D 66 1.22 27.49 -7.29
N GLU D 67 0.95 28.07 -6.10
CA GLU D 67 2.02 28.51 -5.13
C GLU D 67 2.75 27.30 -4.44
N LEU D 68 2.25 26.03 -4.60
CA LEU D 68 2.90 24.82 -3.93
C LEU D 68 3.99 24.19 -4.84
N LYS D 69 3.73 24.03 -6.17
CA LYS D 69 4.73 23.39 -7.18
C LYS D 69 6.24 23.78 -6.93
N ASN D 70 6.50 25.01 -6.43
CA ASN D 70 7.93 25.50 -6.16
C ASN D 70 8.51 24.81 -4.90
N GLU D 71 7.73 24.76 -3.79
CA GLU D 71 8.15 24.15 -2.45
C GLU D 71 8.81 22.75 -2.57
N LEU D 72 8.25 21.82 -3.38
CA LEU D 72 8.81 20.40 -3.52
C LEU D 72 8.93 19.96 -5.01
N GLY D 73 7.90 20.23 -5.85
CA GLY D 73 7.92 19.85 -7.32
C GLY D 73 6.93 18.69 -7.61
N ALA D 74 5.62 19.03 -7.78
CA ALA D 74 4.54 18.01 -8.10
C ALA D 74 4.04 18.25 -9.54
N GLY D 75 3.70 19.52 -9.86
CA GLY D 75 3.16 19.94 -11.24
C GLY D 75 1.70 20.39 -11.12
N ILE D 76 1.13 21.12 -12.14
CA ILE D 76 -0.33 21.53 -12.06
C ILE D 76 -1.20 20.34 -12.56
N ALA D 77 -0.63 19.36 -13.35
CA ALA D 77 -1.44 18.16 -13.80
C ALA D 77 -1.75 17.24 -12.59
N THR D 78 -0.71 16.81 -11.82
CA THR D 78 -0.91 15.89 -10.61
C THR D 78 -1.63 16.60 -9.44
N ILE D 79 -1.35 17.88 -9.20
CA ILE D 79 -1.95 18.66 -8.03
C ILE D 79 -3.50 18.78 -8.20
N THR D 80 -3.98 18.99 -9.44
CA THR D 80 -5.46 19.08 -9.75
C THR D 80 -6.01 17.72 -10.30
N ARG D 81 -5.12 16.72 -10.61
CA ARG D 81 -5.55 15.30 -11.04
C ARG D 81 -6.09 14.60 -9.75
N GLY D 82 -5.47 14.86 -8.56
CA GLY D 82 -5.95 14.28 -7.23
C GLY D 82 -7.38 14.85 -6.92
N SER D 83 -7.62 16.16 -7.26
CA SER D 83 -8.98 16.85 -7.05
C SER D 83 -10.11 16.11 -7.83
N ASN D 84 -9.82 15.67 -9.09
CA ASN D 84 -10.83 14.93 -9.98
C ASN D 84 -11.23 13.56 -9.34
N SER D 85 -10.30 12.89 -8.60
CA SER D 85 -10.58 11.55 -7.90
C SER D 85 -11.60 11.77 -6.74
N LEU D 86 -11.43 12.86 -5.97
CA LEU D 86 -12.32 13.23 -4.78
C LEU D 86 -13.81 13.43 -5.23
N LYS D 87 -14.04 14.07 -6.39
CA LYS D 87 -15.44 14.35 -6.94
C LYS D 87 -16.21 13.03 -7.32
N ALA D 88 -15.48 11.94 -7.68
CA ALA D 88 -16.12 10.61 -8.07
C ALA D 88 -16.22 9.62 -6.89
N ALA D 89 -15.34 9.74 -5.85
CA ALA D 89 -15.35 8.81 -4.63
C ALA D 89 -16.69 8.90 -3.84
N PRO D 90 -17.00 7.91 -2.92
CA PRO D 90 -18.25 7.95 -2.10
C PRO D 90 -18.05 8.98 -0.95
N VAL D 91 -19.12 9.67 -0.53
CA VAL D 91 -19.02 10.73 0.54
C VAL D 91 -19.01 10.13 1.97
N GLU D 92 -19.57 8.93 2.21
CA GLU D 92 -19.60 8.32 3.60
C GLU D 92 -18.15 8.02 4.09
N LEU D 93 -17.26 7.56 3.17
CA LEU D 93 -15.82 7.24 3.48
C LEU D 93 -14.87 8.41 3.03
N ARG D 94 -15.37 9.33 2.13
CA ARG D 94 -14.63 10.66 1.82
C ARG D 94 -14.65 11.43 3.19
N GLN D 95 -15.76 11.21 3.98
CA GLN D 95 -15.94 11.74 5.38
C GLN D 95 -14.81 11.23 6.32
N TRP D 96 -14.36 9.95 6.17
CA TRP D 96 -13.22 9.39 7.04
C TRP D 96 -11.97 10.27 6.82
N LEU D 97 -11.76 10.79 5.57
CA LEU D 97 -10.57 11.73 5.30
C LEU D 97 -10.59 12.89 6.33
N GLU D 98 -11.81 13.40 6.64
CA GLU D 98 -12.01 14.50 7.68
C GLU D 98 -11.76 13.91 9.11
N GLU D 99 -12.10 12.60 9.34
CA GLU D 99 -11.79 11.87 10.67
C GLU D 99 -10.23 11.82 10.90
N VAL D 100 -9.42 11.92 9.81
CA VAL D 100 -7.89 11.84 9.86
C VAL D 100 -7.20 13.17 9.38
N LEU D 101 -7.97 14.28 9.19
CA LEU D 101 -7.44 15.64 8.78
C LEU D 101 -7.74 16.61 9.97
N LEU D 102 -9.04 16.73 10.34
CA LEU D 102 -9.56 17.63 11.48
C LEU D 102 -8.83 17.33 12.83
N LYS D 103 -8.85 16.05 13.29
CA LYS D 103 -8.18 15.65 14.60
C LYS D 103 -6.64 15.56 14.41
N SER D 104 -6.17 14.71 13.47
CA SER D 104 -4.68 14.51 13.18
C SER D 104 -4.29 15.26 11.87
N GLN C 1 12.91 16.94 36.14
CA GLN C 1 12.51 15.54 36.53
C GLN C 1 13.25 14.51 35.64
N SER C 2 13.14 14.64 34.29
CA SER C 2 13.80 13.68 33.31
C SER C 2 14.65 14.50 32.24
N PRO C 3 16.02 14.61 32.41
CA PRO C 3 16.91 15.35 31.45
C PRO C 3 17.12 14.47 30.17
N TYR C 4 16.92 15.07 28.98
CA TYR C 4 17.08 14.34 27.66
C TYR C 4 18.58 14.31 27.25
N SER C 5 19.11 13.11 26.95
CA SER C 5 20.56 12.94 26.55
C SER C 5 20.72 11.70 25.62
N ALA C 6 21.28 11.90 24.39
CA ALA C 6 21.51 10.81 23.34
C ALA C 6 20.17 10.20 22.83
N ALA C 7 20.05 10.02 21.50
CA ALA C 7 18.80 9.43 20.86
C ALA C 7 19.13 8.72 19.52
N MET C 8 19.96 9.37 18.64
CA MET C 8 20.38 8.81 17.27
C MET C 8 19.17 8.82 16.29
N ALA C 9 19.43 9.18 15.01
CA ALA C 9 18.35 9.25 13.94
C ALA C 9 18.65 8.25 12.79
N GLU C 10 17.61 7.50 12.35
CA GLU C 10 17.75 6.50 11.21
C GLU C 10 17.45 7.26 9.89
N GLN C 11 16.27 7.90 9.80
CA GLN C 11 15.84 8.72 8.58
C GLN C 11 15.38 10.14 9.03
N ARG C 12 15.59 11.16 8.15
CA ARG C 12 15.22 12.60 8.46
C ARG C 12 13.84 12.94 7.84
N HIS C 13 13.60 12.56 6.56
CA HIS C 13 12.28 12.85 5.85
C HIS C 13 11.40 11.57 5.87
N GLN C 14 10.16 11.68 6.41
CA GLN C 14 9.18 10.53 6.50
C GLN C 14 8.07 10.71 5.44
N GLU C 15 7.81 9.67 4.62
CA GLU C 15 6.76 9.69 3.53
C GLU C 15 5.84 8.45 3.71
N TRP C 16 6.39 7.21 3.49
CA TRP C 16 5.61 5.90 3.69
C TRP C 16 4.94 5.83 5.11
N LEU C 17 5.47 6.54 6.12
CA LEU C 17 4.96 6.49 7.56
C LEU C 17 3.88 7.55 7.81
N ARG C 18 3.93 8.71 7.14
CA ARG C 18 2.80 9.73 7.25
C ARG C 18 1.49 9.05 6.70
N PHE C 19 1.66 8.05 5.76
CA PHE C 19 0.50 7.23 5.23
C PHE C 19 0.31 5.98 6.19
N VAL C 20 1.36 5.42 6.91
CA VAL C 20 1.12 4.19 7.86
C VAL C 20 0.34 4.63 9.15
N ASP C 21 0.38 5.92 9.56
CA ASP C 21 -0.39 6.41 10.80
C ASP C 21 -1.86 6.56 10.40
N LEU C 22 -2.13 7.28 9.28
CA LEU C 22 -3.56 7.44 8.73
C LEU C 22 -4.13 6.06 8.28
N LEU C 23 -3.25 5.10 7.87
CA LEU C 23 -3.70 3.70 7.46
C LEU C 23 -4.10 2.92 8.72
N LYS C 24 -3.42 3.16 9.88
CA LYS C 24 -3.79 2.46 11.18
C LYS C 24 -5.18 2.96 11.71
N ASN C 25 -5.64 4.19 11.33
CA ASN C 25 -7.01 4.73 11.74
C ASN C 25 -8.10 3.99 10.95
N ALA C 26 -7.87 3.80 9.64
CA ALA C 26 -8.85 3.05 8.77
C ALA C 26 -8.58 1.50 8.84
N TYR C 27 -7.46 1.03 9.47
CA TYR C 27 -7.17 -0.47 9.61
C TYR C 27 -8.03 -1.00 10.81
N GLN C 28 -8.36 -0.11 11.81
CA GLN C 28 -9.25 -0.46 13.02
C GLN C 28 -10.66 -0.84 12.46
N ASN C 29 -11.20 0.02 11.57
CA ASN C 29 -12.52 -0.23 10.89
C ASN C 29 -12.21 -0.99 9.55
N ASP C 30 -11.97 -0.25 8.42
CA ASP C 30 -11.59 -0.77 7.01
C ASP C 30 -12.04 0.32 5.95
N LEU C 31 -11.64 1.58 6.21
CA LEU C 31 -11.97 2.80 5.35
C LEU C 31 -10.71 3.28 4.55
N HIS C 32 -9.61 2.46 4.57
CA HIS C 32 -8.36 2.72 3.77
C HIS C 32 -8.57 2.14 2.31
N LEU C 33 -9.79 1.64 1.99
CA LEU C 33 -10.15 0.98 0.68
C LEU C 33 -10.76 2.04 -0.27
N PRO C 34 -11.80 2.85 0.17
CA PRO C 34 -12.28 4.04 -0.64
C PRO C 34 -11.09 5.06 -0.66
N LEU C 35 -10.32 5.12 0.48
CA LEU C 35 -9.09 5.98 0.63
C LEU C 35 -7.98 5.51 -0.39
N LEU C 36 -7.83 4.17 -0.67
CA LEU C 36 -6.80 3.70 -1.73
C LEU C 36 -7.31 4.07 -3.17
N ASN C 37 -8.65 4.20 -3.38
CA ASN C 37 -9.26 4.60 -4.72
C ASN C 37 -9.00 6.11 -5.02
N LEU C 38 -8.68 6.97 -4.00
CA LEU C 38 -8.48 8.47 -4.22
C LEU C 38 -6.99 8.93 -4.29
N MET C 39 -6.13 8.47 -3.35
CA MET C 39 -4.66 8.93 -3.28
C MET C 39 -3.68 7.84 -3.80
N LEU C 40 -4.17 6.64 -4.19
CA LEU C 40 -3.27 5.55 -4.71
C LEU C 40 -3.52 5.36 -6.25
N THR C 41 -4.50 4.51 -6.67
CA THR C 41 -4.87 4.22 -8.16
C THR C 41 -5.54 2.80 -8.28
N PRO C 42 -6.24 2.52 -9.44
CA PRO C 42 -6.81 1.15 -9.74
C PRO C 42 -5.61 0.19 -10.08
N ASP C 43 -4.57 0.72 -10.78
CA ASP C 43 -3.31 -0.06 -11.12
C ASP C 43 -2.46 -0.32 -9.83
N GLU C 44 -2.70 0.42 -8.70
CA GLU C 44 -1.97 0.18 -7.38
C GLU C 44 -2.47 -1.16 -6.77
N ARG C 45 -3.80 -1.49 -6.94
CA ARG C 45 -4.36 -2.84 -6.47
C ARG C 45 -4.13 -3.92 -7.58
N GLU C 46 -3.88 -3.50 -8.86
CA GLU C 46 -3.52 -4.47 -9.99
C GLU C 46 -2.07 -5.02 -9.71
N ALA C 47 -1.19 -4.16 -9.10
CA ALA C 47 0.22 -4.54 -8.75
C ALA C 47 0.27 -5.18 -7.34
N LEU C 48 -0.61 -4.79 -6.38
CA LEU C 48 -0.62 -5.51 -5.01
C LEU C 48 -1.21 -6.96 -5.24
N GLY C 49 -2.01 -7.15 -6.34
CA GLY C 49 -2.59 -8.46 -6.76
C GLY C 49 -1.51 -9.40 -7.34
N THR C 50 -0.98 -9.08 -8.55
CA THR C 50 0.06 -9.97 -9.25
C THR C 50 1.42 -10.01 -8.49
N ARG C 51 1.76 -8.98 -7.68
CA ARG C 51 3.05 -9.01 -6.86
C ARG C 51 2.84 -10.09 -5.76
N VAL C 52 1.72 -10.04 -4.99
CA VAL C 52 1.43 -11.14 -3.94
C VAL C 52 1.24 -12.53 -4.65
N ARG C 53 0.97 -12.57 -5.99
CA ARG C 53 0.82 -13.89 -6.74
C ARG C 53 2.20 -14.62 -6.88
N ILE C 54 3.27 -13.97 -7.48
CA ILE C 54 4.62 -14.66 -7.70
C ILE C 54 5.38 -14.93 -6.34
N VAL C 55 5.10 -14.16 -5.25
CA VAL C 55 5.82 -14.37 -3.89
C VAL C 55 5.09 -15.51 -3.15
N GLU C 56 3.74 -15.43 -3.07
CA GLU C 56 2.89 -16.50 -2.41
C GLU C 56 3.03 -17.87 -3.19
N GLU C 57 3.44 -17.84 -4.50
CA GLU C 57 3.66 -19.11 -5.32
C GLU C 57 5.15 -19.60 -5.18
N LEU C 58 6.12 -18.70 -4.84
CA LEU C 58 7.57 -19.11 -4.70
C LEU C 58 7.79 -19.75 -3.29
N LEU C 59 7.38 -19.02 -2.22
CA LEU C 59 7.52 -19.45 -0.74
C LEU C 59 7.04 -20.91 -0.50
N ARG C 60 6.06 -21.40 -1.28
CA ARG C 60 5.53 -22.83 -1.12
C ARG C 60 6.38 -23.78 -2.03
N GLY C 61 6.68 -23.34 -3.28
CA GLY C 61 7.51 -24.15 -4.24
C GLY C 61 6.63 -25.20 -4.95
N GLU C 62 5.95 -24.80 -6.06
CA GLU C 62 5.05 -25.73 -6.84
C GLU C 62 4.89 -25.24 -8.31
N MET C 63 4.40 -23.99 -8.48
CA MET C 63 4.16 -23.38 -9.85
C MET C 63 4.60 -21.88 -9.81
N SER C 64 5.93 -21.66 -9.95
CA SER C 64 6.55 -20.27 -9.94
C SER C 64 7.63 -20.08 -11.07
N GLN C 65 7.88 -21.09 -11.97
CA GLN C 65 8.92 -20.99 -13.06
C GLN C 65 8.33 -21.14 -14.51
N ARG C 66 8.01 -22.38 -14.96
CA ARG C 66 7.49 -22.62 -16.38
C ARG C 66 5.97 -22.87 -16.41
N GLU C 67 5.44 -23.70 -15.48
CA GLU C 67 3.96 -24.00 -15.42
C GLU C 67 3.11 -22.78 -14.91
N LEU C 68 3.74 -21.69 -14.39
CA LEU C 68 2.96 -20.50 -13.85
C LEU C 68 2.49 -19.54 -14.98
N LYS C 69 3.40 -19.07 -15.88
CA LYS C 69 3.04 -18.08 -17.02
C LYS C 69 1.69 -18.44 -17.76
N ASN C 70 1.34 -19.75 -17.84
CA ASN C 70 0.08 -20.21 -18.56
C ASN C 70 -1.18 -20.09 -17.65
N GLU C 71 -1.06 -20.40 -16.32
CA GLU C 71 -2.22 -20.36 -15.32
C GLU C 71 -3.08 -19.05 -15.41
N LEU C 72 -2.44 -17.86 -15.26
CA LEU C 72 -3.18 -16.52 -15.32
C LEU C 72 -2.55 -15.59 -16.40
N GLY C 73 -1.20 -15.51 -16.49
CA GLY C 73 -0.50 -14.64 -17.52
C GLY C 73 0.55 -13.74 -16.83
N ALA C 74 1.71 -14.32 -16.47
CA ALA C 74 2.86 -13.55 -15.81
C ALA C 74 4.18 -14.07 -16.41
N GLY C 75 4.92 -13.22 -17.16
CA GLY C 75 6.25 -13.59 -17.86
C GLY C 75 7.24 -14.35 -16.95
N ILE C 76 8.38 -14.88 -17.51
CA ILE C 76 9.37 -15.60 -16.62
C ILE C 76 10.27 -14.53 -15.94
N ALA C 77 10.36 -13.26 -16.47
CA ALA C 77 11.21 -12.19 -15.79
C ALA C 77 10.62 -11.82 -14.41
N THR C 78 9.28 -11.60 -14.29
CA THR C 78 8.64 -11.20 -12.96
C THR C 78 8.59 -12.36 -11.95
N ILE C 79 8.29 -13.60 -12.39
CA ILE C 79 8.20 -14.80 -11.42
C ILE C 79 9.62 -15.21 -10.89
N THR C 80 10.72 -14.93 -11.66
CA THR C 80 12.13 -15.19 -11.17
C THR C 80 12.80 -13.84 -10.72
N ARG C 81 12.11 -12.67 -10.89
CA ARG C 81 12.59 -11.32 -10.34
C ARG C 81 12.17 -11.32 -8.81
N GLY C 82 11.00 -11.98 -8.47
CA GLY C 82 10.52 -12.14 -7.04
C GLY C 82 11.48 -13.05 -6.23
N SER C 83 12.21 -14.01 -6.88
CA SER C 83 13.22 -14.92 -6.16
C SER C 83 14.42 -14.08 -5.58
N ASN C 84 14.67 -12.85 -6.12
CA ASN C 84 15.76 -11.91 -5.57
C ASN C 84 15.55 -11.64 -4.03
N SER C 85 14.29 -11.80 -3.50
CA SER C 85 13.90 -11.63 -2.02
C SER C 85 14.91 -12.33 -1.06
N LEU C 86 15.23 -13.59 -1.38
CA LEU C 86 16.20 -14.45 -0.59
C LEU C 86 17.65 -13.90 -0.73
N LYS C 87 18.04 -13.43 -1.94
CA LYS C 87 19.44 -12.90 -2.24
C LYS C 87 19.61 -11.36 -1.92
N ALA C 88 18.56 -10.65 -1.42
CA ALA C 88 18.65 -9.16 -1.09
C ALA C 88 18.23 -8.91 0.38
N ALA C 89 16.95 -9.22 0.72
CA ALA C 89 16.38 -9.01 2.14
C ALA C 89 17.18 -9.77 3.25
N PRO C 90 17.01 -9.37 4.56
CA PRO C 90 17.70 -10.06 5.69
C PRO C 90 16.94 -11.36 6.08
N VAL C 91 17.42 -12.11 7.10
CA VAL C 91 16.79 -13.41 7.58
C VAL C 91 15.91 -13.19 8.84
N GLU C 92 16.18 -12.17 9.69
CA GLU C 92 15.38 -11.92 10.95
C GLU C 92 13.89 -11.62 10.62
N LEU C 93 13.64 -10.84 9.54
CA LEU C 93 12.27 -10.45 9.08
C LEU C 93 11.79 -11.38 7.91
N ARG C 94 12.76 -12.11 7.23
CA ARG C 94 12.37 -13.24 6.25
C ARG C 94 11.64 -14.28 7.14
N GLN C 95 12.16 -14.43 8.39
CA GLN C 95 11.58 -15.30 9.49
C GLN C 95 10.09 -14.93 9.75
N TRP C 96 9.72 -13.62 9.73
CA TRP C 96 8.27 -13.19 9.96
C TRP C 96 7.40 -13.86 8.88
N LEU C 97 7.90 -13.98 7.62
CA LEU C 97 7.12 -14.71 6.51
C LEU C 97 6.70 -16.13 7.02
N GLU C 98 7.63 -16.80 7.75
CA GLU C 98 7.35 -18.16 8.39
C GLU C 98 6.31 -17.97 9.55
N GLU C 99 6.36 -16.82 10.29
CA GLU C 99 5.32 -16.46 11.38
C GLU C 99 3.89 -16.34 10.75
N VAL C 100 3.81 -16.03 9.42
CA VAL C 100 2.50 -15.81 8.68
C VAL C 100 2.29 -16.90 7.53
N LEU C 101 3.17 -17.93 7.40
CA LEU C 101 3.03 -19.06 6.40
C LEU C 101 2.74 -20.34 7.23
N LEU C 102 3.71 -20.72 8.09
CA LEU C 102 3.63 -21.95 9.03
C LEU C 102 2.29 -21.97 9.83
N LYS C 103 1.78 -20.79 10.25
CA LYS C 103 0.48 -20.68 11.04
C LYS C 103 -0.69 -20.41 10.06
N SER C 104 -0.60 -19.31 9.26
CA SER C 104 -1.68 -18.92 8.25
C SER C 104 -1.33 -19.50 6.86
N GLN D 1 -43.36 -15.73 0.21
CA GLN D 1 -43.35 -17.20 -0.05
C GLN D 1 -43.27 -17.45 -1.58
N SER D 2 -42.33 -18.32 -2.03
CA SER D 2 -42.14 -18.63 -3.51
C SER D 2 -41.52 -20.07 -3.71
N PRO D 3 -41.96 -20.86 -4.78
CA PRO D 3 -41.41 -22.24 -5.04
C PRO D 3 -39.96 -22.16 -5.60
N TYR D 4 -39.05 -23.06 -5.12
CA TYR D 4 -37.58 -23.14 -5.55
C TYR D 4 -36.81 -21.86 -5.12
N SER D 5 -35.61 -22.04 -4.50
CA SER D 5 -34.75 -20.88 -4.02
C SER D 5 -33.94 -20.30 -5.22
N ALA D 6 -33.96 -18.96 -5.40
CA ALA D 6 -33.20 -18.28 -6.53
C ALA D 6 -31.70 -18.18 -6.16
N ALA D 7 -31.38 -17.70 -4.91
CA ALA D 7 -29.94 -17.54 -4.39
C ALA D 7 -29.19 -16.44 -5.19
N MET D 8 -28.58 -15.47 -4.48
CA MET D 8 -27.82 -14.31 -5.12
C MET D 8 -26.29 -14.42 -4.86
N ALA D 9 -25.86 -14.93 -3.66
CA ALA D 9 -24.39 -15.06 -3.26
C ALA D 9 -23.77 -13.65 -3.04
N GLU D 10 -23.19 -13.40 -1.84
CA GLU D 10 -22.57 -12.05 -1.49
C GLU D 10 -21.03 -12.13 -1.60
N GLN D 11 -20.39 -11.12 -2.26
CA GLN D 11 -18.87 -11.06 -2.39
C GLN D 11 -18.32 -10.30 -1.16
N ARG D 12 -17.43 -10.96 -0.38
CA ARG D 12 -16.86 -10.34 0.90
C ARG D 12 -15.42 -9.83 0.69
N HIS D 13 -14.56 -10.60 -0.03
CA HIS D 13 -13.11 -10.18 -0.28
C HIS D 13 -12.69 -10.59 -1.71
N GLN D 14 -12.08 -9.64 -2.48
CA GLN D 14 -11.63 -9.91 -3.91
C GLN D 14 -10.11 -10.23 -3.93
N GLU D 15 -9.21 -9.23 -3.71
CA GLU D 15 -7.70 -9.46 -3.75
C GLU D 15 -6.96 -8.49 -2.77
N TRP D 16 -7.00 -7.15 -3.05
CA TRP D 16 -6.26 -6.06 -2.23
C TRP D 16 -6.21 -6.34 -0.67
N LEU D 17 -7.39 -6.53 -0.10
CA LEU D 17 -7.60 -6.72 1.40
C LEU D 17 -7.16 -8.09 1.94
N ARG D 18 -7.11 -9.17 1.12
CA ARG D 18 -6.52 -10.50 1.61
C ARG D 18 -4.98 -10.23 1.78
N PHE D 19 -4.45 -9.23 1.01
CA PHE D 19 -3.02 -8.75 1.16
C PHE D 19 -2.99 -7.85 2.45
N VAL D 20 -4.10 -7.06 2.75
CA VAL D 20 -4.20 -6.20 4.04
C VAL D 20 -4.33 -7.10 5.31
N ASP D 21 -4.73 -8.41 5.20
CA ASP D 21 -4.89 -9.31 6.43
C ASP D 21 -3.49 -9.67 6.93
N LEU D 22 -2.62 -10.20 6.03
CA LEU D 22 -1.16 -10.48 6.41
C LEU D 22 -0.40 -9.13 6.67
N LEU D 23 -0.89 -7.99 6.07
CA LEU D 23 -0.29 -6.62 6.33
C LEU D 23 -0.56 -6.22 7.82
N LYS D 24 -1.73 -6.63 8.38
CA LYS D 24 -2.08 -6.38 9.83
C LYS D 24 -1.16 -7.22 10.77
N ASN D 25 -0.63 -8.39 10.31
CA ASN D 25 0.33 -9.24 11.15
C ASN D 25 1.66 -8.48 11.31
N ALA D 26 2.09 -7.77 10.25
CA ALA D 26 3.36 -6.95 10.31
C ALA D 26 3.04 -5.47 10.76
N TYR D 27 1.75 -5.04 10.87
CA TYR D 27 1.39 -3.62 11.31
C TYR D 27 1.46 -3.54 12.86
N GLN D 28 1.10 -4.65 13.58
CA GLN D 28 1.19 -4.69 15.12
C GLN D 28 2.69 -4.50 15.52
N ASN D 29 3.60 -5.20 14.81
CA ASN D 29 5.10 -5.07 15.04
C ASN D 29 5.62 -3.93 14.11
N ASP D 30 5.98 -4.23 12.82
CA ASP D 30 6.47 -3.24 11.71
C ASP D 30 7.42 -4.02 10.72
N LEU D 31 6.95 -5.20 10.27
CA LEU D 31 7.71 -6.12 9.33
C LEU D 31 7.04 -6.12 7.89
N HIS D 32 6.11 -5.12 7.65
CA HIS D 32 5.45 -4.91 6.30
C HIS D 32 6.40 -4.03 5.40
N LEU D 33 7.62 -3.70 5.89
CA LEU D 33 8.60 -2.79 5.19
C LEU D 33 9.65 -3.66 4.43
N PRO D 34 10.29 -4.71 5.07
CA PRO D 34 11.15 -5.70 4.32
C PRO D 34 10.22 -6.54 3.40
N LEU D 35 8.96 -6.81 3.87
CA LEU D 35 7.90 -7.55 3.06
C LEU D 35 7.53 -6.66 1.83
N LEU D 36 7.28 -5.33 2.04
CA LEU D 36 6.96 -4.41 0.86
C LEU D 36 8.25 -4.03 0.07
N ASN D 37 9.47 -4.40 0.56
CA ASN D 37 10.78 -4.13 -0.20
C ASN D 37 10.78 -4.92 -1.55
N LEU D 38 10.10 -6.10 -1.62
CA LEU D 38 10.01 -6.95 -2.87
C LEU D 38 8.61 -6.78 -3.50
N MET D 39 7.51 -6.96 -2.72
CA MET D 39 6.10 -6.87 -3.32
C MET D 39 5.59 -5.38 -3.45
N LEU D 40 6.50 -4.34 -3.40
CA LEU D 40 6.07 -2.89 -3.64
C LEU D 40 7.13 -2.12 -4.52
N THR D 41 8.33 -1.76 -3.93
CA THR D 41 9.52 -0.98 -4.59
C THR D 41 9.76 0.40 -3.86
N PRO D 42 11.04 0.95 -3.88
CA PRO D 42 11.37 2.30 -3.27
C PRO D 42 10.71 3.45 -4.12
N ASP D 43 10.76 3.31 -5.49
CA ASP D 43 10.14 4.33 -6.46
C ASP D 43 8.61 4.50 -6.18
N GLU D 44 7.93 3.42 -5.67
CA GLU D 44 6.46 3.49 -5.32
C GLU D 44 6.30 4.28 -3.99
N ARG D 45 7.24 4.14 -3.01
CA ARG D 45 7.21 5.00 -1.74
C ARG D 45 7.87 6.41 -1.97
N GLU D 46 8.31 6.72 -3.22
CA GLU D 46 8.76 8.11 -3.61
C GLU D 46 7.41 8.83 -3.98
N ALA D 47 6.59 8.14 -4.82
CA ALA D 47 5.23 8.63 -5.26
C ALA D 47 4.15 8.44 -4.16
N LEU D 48 4.39 7.65 -3.06
CA LEU D 48 3.35 7.56 -1.92
C LEU D 48 3.46 8.88 -1.13
N GLY D 49 4.69 9.42 -0.93
CA GLY D 49 4.93 10.67 -0.14
C GLY D 49 4.31 11.86 -0.90
N THR D 50 4.72 12.07 -2.18
CA THR D 50 4.19 13.23 -3.03
C THR D 50 2.66 13.09 -3.33
N ARG D 51 2.12 11.86 -3.41
CA ARG D 51 0.60 11.65 -3.64
C ARG D 51 -0.12 12.18 -2.36
N VAL D 52 0.28 11.70 -1.18
CA VAL D 52 -0.28 12.16 0.16
C VAL D 52 0.03 13.68 0.40
N ARG D 53 1.03 14.29 -0.31
CA ARG D 53 1.37 15.77 -0.12
C ARG D 53 0.36 16.69 -0.88
N ILE D 54 -0.05 16.39 -2.17
CA ILE D 54 -1.02 17.28 -2.91
C ILE D 54 -2.47 17.12 -2.35
N VAL D 55 -2.82 15.96 -1.69
CA VAL D 55 -4.24 15.74 -1.13
C VAL D 55 -4.29 16.41 0.27
N GLU D 56 -3.31 16.09 1.14
CA GLU D 56 -3.20 16.72 2.53
C GLU D 56 -3.02 18.28 2.42
N GLU D 57 -2.49 18.78 1.26
CA GLU D 57 -2.27 20.27 1.02
C GLU D 57 -3.46 20.91 0.22
N LEU D 58 -4.29 20.12 -0.54
CA LEU D 58 -5.47 20.72 -1.33
C LEU D 58 -6.74 20.77 -0.43
N LEU D 59 -6.92 19.78 0.48
CA LEU D 59 -8.10 19.71 1.45
C LEU D 59 -8.17 20.99 2.34
N ARG D 60 -6.98 21.53 2.74
CA ARG D 60 -6.91 22.80 3.60
C ARG D 60 -7.25 24.01 2.68
N GLY D 61 -6.55 24.14 1.53
CA GLY D 61 -6.82 25.22 0.50
C GLY D 61 -6.39 26.61 0.99
N GLU D 62 -5.12 27.00 0.73
CA GLU D 62 -4.57 28.37 1.09
C GLU D 62 -3.50 28.77 0.04
N MET D 63 -2.49 27.91 -0.18
CA MET D 63 -1.38 28.14 -1.20
C MET D 63 -0.92 26.75 -1.76
N SER D 64 -1.87 26.04 -2.42
CA SER D 64 -1.63 24.66 -3.01
C SER D 64 -1.94 24.57 -4.54
N GLN D 65 -2.34 25.69 -5.21
CA GLN D 65 -2.68 25.67 -6.69
C GLN D 65 -1.41 25.94 -7.55
N ARG D 66 -0.89 27.19 -7.55
CA ARG D 66 0.36 27.58 -8.36
C ARG D 66 1.59 27.90 -7.46
N GLU D 67 1.38 28.21 -6.15
CA GLU D 67 2.51 28.55 -5.19
C GLU D 67 3.18 27.30 -4.56
N LEU D 68 2.67 26.05 -4.76
CA LEU D 68 3.28 24.80 -4.11
C LEU D 68 4.38 24.12 -4.97
N LYS D 69 4.13 23.85 -6.27
CA LYS D 69 5.10 23.09 -7.20
C LYS D 69 6.63 23.36 -6.98
N ASN D 70 7.02 24.60 -6.60
CA ASN D 70 8.50 24.96 -6.37
C ASN D 70 9.07 24.17 -5.14
N GLU D 71 8.28 24.11 -4.04
CA GLU D 71 8.65 23.39 -2.75
C GLU D 71 8.81 21.85 -2.96
N LEU D 72 7.90 21.21 -3.73
CA LEU D 72 7.90 19.69 -3.94
C LEU D 72 8.47 19.27 -5.32
N GLY D 73 7.79 19.67 -6.43
CA GLY D 73 8.19 19.28 -7.84
C GLY D 73 7.26 18.12 -8.31
N ALA D 74 5.93 18.24 -8.07
CA ALA D 74 4.90 17.21 -8.50
C ALA D 74 4.32 17.56 -9.90
N GLY D 75 4.11 18.86 -10.17
CA GLY D 75 3.53 19.38 -11.47
C GLY D 75 2.11 19.94 -11.23
N ILE D 76 1.53 20.74 -12.18
CA ILE D 76 0.12 21.24 -11.99
C ILE D 76 -0.87 20.15 -12.48
N ALA D 77 -0.43 19.13 -13.30
CA ALA D 77 -1.35 18.00 -13.72
C ALA D 77 -1.67 17.10 -12.49
N THR D 78 -0.67 16.84 -11.61
CA THR D 78 -0.87 15.99 -10.34
C THR D 78 -1.63 16.78 -9.25
N ILE D 79 -1.32 18.06 -9.07
CA ILE D 79 -1.92 18.94 -7.97
C ILE D 79 -3.45 19.16 -8.16
N THR D 80 -3.92 19.33 -9.42
CA THR D 80 -5.38 19.60 -9.71
C THR D 80 -6.13 18.29 -10.07
N ARG D 81 -5.46 17.30 -10.73
CA ARG D 81 -6.13 15.96 -11.01
C ARG D 81 -6.29 15.15 -9.68
N GLY D 82 -5.48 15.48 -8.61
CA GLY D 82 -5.63 14.85 -7.24
C GLY D 82 -6.95 15.36 -6.59
N SER D 83 -7.37 16.64 -6.88
CA SER D 83 -8.69 17.24 -6.34
C SER D 83 -9.91 16.43 -6.92
N ASN D 84 -9.84 16.03 -8.22
CA ASN D 84 -10.94 15.21 -8.92
C ASN D 84 -11.18 13.84 -8.20
N SER D 85 -10.14 13.28 -7.53
CA SER D 85 -10.22 11.94 -6.78
C SER D 85 -11.31 11.98 -5.67
N LEU D 86 -11.35 13.07 -4.88
CA LEU D 86 -12.34 13.27 -3.74
C LEU D 86 -13.81 13.18 -4.26
N LYS D 87 -14.10 13.80 -5.44
CA LYS D 87 -15.51 13.79 -6.06
C LYS D 87 -15.97 12.35 -6.44
N ALA D 88 -15.03 11.42 -6.71
CA ALA D 88 -15.37 9.98 -7.07
C ALA D 88 -15.79 9.19 -5.81
N ALA D 89 -15.06 9.36 -4.67
CA ALA D 89 -15.38 8.64 -3.36
C ALA D 89 -16.79 9.04 -2.80
N PRO D 90 -17.40 8.19 -1.90
CA PRO D 90 -18.72 8.51 -1.30
C PRO D 90 -18.59 9.55 -0.16
N VAL D 91 -19.71 9.88 0.53
CA VAL D 91 -19.71 10.89 1.67
C VAL D 91 -19.61 10.20 3.05
N GLU D 92 -20.12 8.95 3.20
CA GLU D 92 -20.08 8.21 4.52
C GLU D 92 -18.60 7.89 4.90
N LEU D 93 -17.76 7.53 3.89
CA LEU D 93 -16.29 7.23 4.09
C LEU D 93 -15.41 8.45 3.73
N ARG D 94 -15.94 9.47 2.95
CA ARG D 94 -15.21 10.81 2.81
C ARG D 94 -15.31 11.43 4.26
N GLN D 95 -16.40 11.08 4.99
CA GLN D 95 -16.60 11.47 6.45
C GLN D 95 -15.39 10.99 7.29
N TRP D 96 -14.85 9.76 7.00
CA TRP D 96 -13.64 9.22 7.76
C TRP D 96 -12.46 10.17 7.53
N LEU D 97 -12.30 10.75 6.30
CA LEU D 97 -11.17 11.77 6.04
C LEU D 97 -11.29 12.91 7.10
N GLU D 98 -12.53 13.31 7.45
CA GLU D 98 -12.78 14.36 8.54
C GLU D 98 -12.45 13.75 9.94
N GLU D 99 -12.67 12.42 10.14
CA GLU D 99 -12.29 11.66 11.43
C GLU D 99 -10.73 11.65 11.61
N VAL D 100 -9.95 11.84 10.50
CA VAL D 100 -8.43 11.81 10.52
C VAL D 100 -7.79 13.17 10.01
N LEU D 101 -8.61 14.22 9.70
CA LEU D 101 -8.13 15.59 9.28
C LEU D 101 -8.49 16.55 10.45
N LEU D 102 -9.81 16.59 10.81
CA LEU D 102 -10.39 17.45 11.92
C LEU D 102 -9.83 17.04 13.31
N LYS D 103 -10.00 15.75 13.72
CA LYS D 103 -9.52 15.23 15.08
C LYS D 103 -7.96 15.25 15.18
N SER D 104 -7.27 14.45 14.32
CA SER D 104 -5.74 14.38 14.32
C SER D 104 -5.17 15.14 13.09
N GLN C 1 5.75 18.34 26.66
CA GLN C 1 6.74 18.64 25.58
C GLN C 1 7.95 17.67 25.69
N SER C 2 8.32 17.02 24.56
CA SER C 2 9.49 16.03 24.52
C SER C 2 10.63 16.60 23.59
N PRO C 3 11.92 16.72 24.08
CA PRO C 3 13.05 17.25 23.25
C PRO C 3 13.53 16.20 22.19
N TYR C 4 13.82 16.65 20.96
CA TYR C 4 14.31 15.75 19.82
C TYR C 4 15.80 16.06 19.50
N SER C 5 16.61 15.00 19.25
CA SER C 5 18.09 15.14 18.94
C SER C 5 18.34 15.13 17.40
N ALA C 6 19.25 16.01 16.92
CA ALA C 6 19.63 16.12 15.44
C ALA C 6 21.17 16.23 15.31
N ALA C 7 21.78 15.42 14.40
CA ALA C 7 23.30 15.42 14.21
C ALA C 7 23.71 16.32 13.01
N MET C 8 23.40 15.92 11.75
CA MET C 8 23.79 16.73 10.51
C MET C 8 22.68 16.62 9.43
N ALA C 9 22.34 15.38 8.99
CA ALA C 9 21.29 15.13 7.92
C ALA C 9 20.10 14.31 8.46
N GLU C 10 18.88 14.55 7.91
CA GLU C 10 17.58 13.82 8.29
C GLU C 10 17.16 14.17 9.75
N GLN C 11 15.91 14.66 9.93
CA GLN C 11 15.34 15.05 11.28
C GLN C 11 13.98 14.31 11.48
N ARG C 12 13.06 14.40 10.49
CA ARG C 12 11.70 13.73 10.54
C ARG C 12 11.47 13.01 9.18
N HIS C 13 11.29 11.66 9.19
CA HIS C 13 11.12 10.83 7.93
C HIS C 13 9.67 10.25 7.87
N GLN C 14 8.66 11.12 7.60
CA GLN C 14 7.20 10.71 7.49
C GLN C 14 6.74 10.90 6.00
N GLU C 15 6.74 9.79 5.22
CA GLU C 15 6.31 9.77 3.75
C GLU C 15 5.42 8.51 3.55
N TRP C 16 6.02 7.29 3.30
CA TRP C 16 5.22 5.98 3.19
C TRP C 16 4.35 5.83 4.47
N LEU C 17 4.99 6.06 5.62
CA LEU C 17 4.38 5.94 7.00
C LEU C 17 3.44 7.09 7.31
N ARG C 18 3.61 8.31 6.72
CA ARG C 18 2.58 9.43 6.91
C ARG C 18 1.19 8.85 6.42
N PHE C 19 1.23 7.90 5.43
CA PHE C 19 0.02 7.16 4.96
C PHE C 19 -0.25 5.94 5.94
N VAL C 20 0.80 5.19 6.45
CA VAL C 20 0.57 3.90 7.33
C VAL C 20 -0.01 4.22 8.74
N ASP C 21 0.25 5.42 9.33
CA ASP C 21 -0.29 5.80 10.72
C ASP C 21 -1.79 6.09 10.58
N LEU C 22 -2.16 6.95 9.61
CA LEU C 22 -3.64 7.23 9.32
C LEU C 22 -4.29 5.98 8.61
N LEU C 23 -3.45 5.03 8.07
CA LEU C 23 -3.98 3.74 7.47
C LEU C 23 -4.50 2.86 8.64
N LYS C 24 -3.83 2.92 9.84
CA LYS C 24 -4.30 2.17 11.08
C LYS C 24 -5.71 2.72 11.54
N ASN C 25 -6.07 3.99 11.20
CA ASN C 25 -7.45 4.56 11.56
C ASN C 25 -8.51 3.85 10.70
N ALA C 26 -8.21 3.62 9.41
CA ALA C 26 -9.14 2.87 8.50
C ALA C 26 -8.89 1.32 8.59
N TYR C 27 -7.84 0.82 9.30
CA TYR C 27 -7.56 -0.68 9.42
C TYR C 27 -8.41 -1.27 10.58
N GLN C 28 -8.69 -0.46 11.64
CA GLN C 28 -9.60 -0.90 12.80
C GLN C 28 -11.03 -1.10 12.24
N ASN C 29 -11.48 -0.19 11.34
CA ASN C 29 -12.82 -0.30 10.65
C ASN C 29 -12.58 -1.05 9.29
N ASP C 30 -12.31 -0.33 8.18
CA ASP C 30 -11.97 -0.88 6.75
C ASP C 30 -12.35 0.23 5.70
N LEU C 31 -11.84 1.45 5.93
CA LEU C 31 -12.10 2.66 5.05
C LEU C 31 -10.77 3.07 4.29
N HIS C 32 -9.73 2.17 4.31
CA HIS C 32 -8.45 2.36 3.53
C HIS C 32 -8.66 1.81 2.05
N LEU C 33 -9.91 1.42 1.71
CA LEU C 33 -10.29 0.81 0.38
C LEU C 33 -10.83 1.93 -0.55
N PRO C 34 -11.85 2.77 -0.11
CA PRO C 34 -12.27 3.99 -0.88
C PRO C 34 -11.06 4.99 -0.84
N LEU C 35 -10.27 4.97 0.30
CA LEU C 35 -9.03 5.82 0.46
C LEU C 35 -7.95 5.36 -0.57
N LEU C 36 -7.76 4.01 -0.80
CA LEU C 36 -6.74 3.54 -1.88
C LEU C 36 -7.33 3.69 -3.33
N ASN C 37 -8.65 4.00 -3.47
CA ASN C 37 -9.28 4.28 -4.82
C ASN C 37 -9.18 5.83 -5.16
N LEU C 38 -8.43 6.64 -4.35
CA LEU C 38 -8.28 8.13 -4.55
C LEU C 38 -6.76 8.50 -4.64
N MET C 39 -5.96 8.14 -3.61
CA MET C 39 -4.47 8.51 -3.55
C MET C 39 -3.53 7.37 -4.04
N LEU C 40 -4.06 6.24 -4.59
CA LEU C 40 -3.18 5.10 -5.08
C LEU C 40 -3.42 4.84 -6.61
N THR C 41 -4.60 4.28 -7.00
CA THR C 41 -5.05 3.92 -8.48
C THR C 41 -5.53 2.42 -8.52
N PRO C 42 -6.31 1.99 -9.58
CA PRO C 42 -6.74 0.54 -9.72
C PRO C 42 -5.47 -0.32 -10.05
N ASP C 43 -4.48 0.26 -10.80
CA ASP C 43 -3.16 -0.45 -11.13
C ASP C 43 -2.33 -0.70 -9.83
N GLU C 44 -2.57 0.07 -8.72
CA GLU C 44 -1.83 -0.13 -7.41
C GLU C 44 -2.30 -1.44 -6.74
N ARG C 45 -3.62 -1.81 -6.82
CA ARG C 45 -4.11 -3.16 -6.26
C ARG C 45 -3.82 -4.27 -7.32
N GLU C 46 -3.62 -3.91 -8.62
CA GLU C 46 -3.20 -4.90 -9.70
C GLU C 46 -1.69 -5.28 -9.44
N ALA C 47 -0.91 -4.36 -8.78
CA ALA C 47 0.54 -4.58 -8.46
C ALA C 47 0.68 -5.28 -7.08
N LEU C 48 -0.19 -4.99 -6.07
CA LEU C 48 -0.16 -5.76 -4.74
C LEU C 48 -0.80 -7.18 -5.03
N GLY C 49 -1.59 -7.30 -6.14
CA GLY C 49 -2.23 -8.56 -6.62
C GLY C 49 -1.17 -9.55 -7.14
N THR C 50 -0.52 -9.25 -8.30
CA THR C 50 0.52 -10.18 -8.89
C THR C 50 1.86 -10.16 -8.11
N ARG C 51 2.17 -9.08 -7.33
CA ARG C 51 3.48 -9.06 -6.52
C ARG C 51 3.34 -10.08 -5.36
N VAL C 52 2.25 -10.03 -4.57
CA VAL C 52 2.05 -11.10 -3.48
C VAL C 52 1.83 -12.50 -4.15
N ARG C 53 1.46 -12.59 -5.47
CA ARG C 53 1.28 -13.93 -6.17
C ARG C 53 2.66 -14.60 -6.52
N ILE C 54 3.68 -13.87 -7.08
CA ILE C 54 5.01 -14.51 -7.45
C ILE C 54 5.87 -14.83 -6.18
N VAL C 55 5.68 -14.11 -5.03
CA VAL C 55 6.50 -14.39 -3.75
C VAL C 55 5.80 -15.53 -2.99
N GLU C 56 4.46 -15.43 -2.81
CA GLU C 56 3.63 -16.52 -2.13
C GLU C 56 3.73 -17.85 -2.96
N GLU C 57 4.02 -17.76 -4.29
CA GLU C 57 4.20 -18.97 -5.19
C GLU C 57 5.70 -19.40 -5.25
N LEU C 58 6.68 -18.50 -4.93
CA LEU C 58 8.17 -18.85 -4.95
C LEU C 58 8.51 -19.73 -3.71
N LEU C 59 8.21 -19.22 -2.48
CA LEU C 59 8.52 -19.96 -1.15
C LEU C 59 7.97 -21.42 -1.13
N ARG C 60 6.89 -21.71 -1.89
CA ARG C 60 6.29 -23.12 -1.96
C ARG C 60 7.06 -23.87 -3.09
N GLY C 61 7.04 -23.32 -4.32
CA GLY C 61 7.77 -23.90 -5.52
C GLY C 61 7.19 -25.26 -5.98
N GLU C 62 5.92 -25.27 -6.46
CA GLU C 62 5.25 -26.54 -6.97
C GLU C 62 4.98 -26.36 -8.49
N MET C 63 4.27 -25.27 -8.86
CA MET C 63 3.93 -24.93 -10.31
C MET C 63 3.90 -23.36 -10.40
N SER C 64 5.10 -22.76 -10.20
CA SER C 64 5.26 -21.24 -10.13
C SER C 64 6.29 -20.66 -11.16
N GLN C 65 6.85 -21.47 -12.09
CA GLN C 65 7.87 -20.98 -13.12
C GLN C 65 7.30 -21.05 -14.57
N ARG C 66 7.12 -22.27 -15.13
CA ARG C 66 6.62 -22.45 -16.57
C ARG C 66 5.08 -22.57 -16.63
N GLU C 67 4.46 -23.35 -15.72
CA GLU C 67 2.95 -23.55 -15.69
C GLU C 67 2.19 -22.33 -15.07
N LEU C 68 2.89 -21.37 -14.39
CA LEU C 68 2.19 -20.19 -13.73
C LEU C 68 1.90 -19.05 -14.77
N LYS C 69 2.89 -18.61 -15.58
CA LYS C 69 2.69 -17.49 -16.61
C LYS C 69 1.36 -17.63 -17.46
N ASN C 70 0.92 -18.87 -17.72
CA ASN C 70 -0.34 -19.14 -18.55
C ASN C 70 -1.63 -18.89 -17.72
N GLU C 71 -1.64 -19.29 -16.43
CA GLU C 71 -2.85 -19.15 -15.49
C GLU C 71 -3.48 -17.72 -15.49
N LEU C 72 -2.71 -16.67 -15.10
CA LEU C 72 -3.26 -15.23 -15.03
C LEU C 72 -2.51 -14.27 -15.99
N GLY C 73 -1.18 -14.43 -16.18
CA GLY C 73 -0.38 -13.52 -17.12
C GLY C 73 0.74 -12.78 -16.33
N ALA C 74 1.85 -13.50 -16.03
CA ALA C 74 3.04 -12.90 -15.31
C ALA C 74 4.32 -13.59 -15.87
N GLY C 75 5.05 -12.90 -16.78
CA GLY C 75 6.30 -13.42 -17.52
C GLY C 75 7.29 -14.25 -16.67
N ILE C 76 8.31 -14.90 -17.33
CA ILE C 76 9.35 -15.70 -16.56
C ILE C 76 10.34 -14.71 -15.91
N ALA C 77 10.46 -13.44 -16.42
CA ALA C 77 11.39 -12.44 -15.77
C ALA C 77 10.85 -12.07 -14.36
N THR C 78 9.54 -11.71 -14.24
CA THR C 78 8.91 -11.30 -12.88
C THR C 78 8.88 -12.47 -11.85
N ILE C 79 8.53 -13.72 -12.24
CA ILE C 79 8.48 -14.88 -11.22
C ILE C 79 9.90 -15.27 -10.73
N THR C 80 10.95 -15.13 -11.60
CA THR C 80 12.38 -15.45 -11.20
C THR C 80 13.17 -14.13 -10.82
N ARG C 81 12.53 -12.93 -10.94
CA ARG C 81 13.11 -11.59 -10.49
C ARG C 81 12.68 -11.43 -8.99
N GLY C 82 11.48 -11.97 -8.61
CA GLY C 82 10.97 -11.96 -7.17
C GLY C 82 11.94 -12.75 -6.24
N SER C 83 12.65 -13.80 -6.78
CA SER C 83 13.66 -14.60 -5.95
C SER C 83 14.91 -13.72 -5.62
N ASN C 84 15.33 -12.83 -6.58
CA ASN C 84 16.52 -11.88 -6.36
C ASN C 84 16.21 -10.86 -5.19
N SER C 85 14.91 -10.56 -4.92
CA SER C 85 14.48 -9.61 -3.79
C SER C 85 14.79 -10.24 -2.39
N LEU C 86 14.58 -11.57 -2.24
CA LEU C 86 14.84 -12.34 -0.93
C LEU C 86 16.32 -12.18 -0.46
N LYS C 87 17.28 -12.18 -1.42
CA LYS C 87 18.78 -12.04 -1.10
C LYS C 87 19.12 -10.60 -0.56
N ALA C 88 18.34 -9.56 -0.94
CA ALA C 88 18.60 -8.14 -0.47
C ALA C 88 18.12 -7.95 0.99
N ALA C 89 16.89 -8.42 1.32
CA ALA C 89 16.30 -8.27 2.73
C ALA C 89 17.12 -9.07 3.81
N PRO C 90 16.97 -8.71 5.12
CA PRO C 90 17.70 -9.43 6.22
C PRO C 90 16.95 -10.74 6.62
N VAL C 91 17.56 -11.54 7.54
CA VAL C 91 16.98 -12.85 8.03
C VAL C 91 16.19 -12.66 9.35
N GLU C 92 16.49 -11.62 10.17
CA GLU C 92 15.76 -11.38 11.49
C GLU C 92 14.25 -11.18 11.22
N LEU C 93 13.92 -10.36 10.19
CA LEU C 93 12.50 -10.07 9.80
C LEU C 93 12.04 -10.93 8.58
N ARG C 94 12.97 -11.68 7.89
CA ARG C 94 12.52 -12.75 6.87
C ARG C 94 11.83 -13.82 7.78
N GLN C 95 12.37 -13.97 9.01
CA GLN C 95 11.81 -14.87 10.10
C GLN C 95 10.31 -14.53 10.34
N TRP C 96 9.93 -13.21 10.35
CA TRP C 96 8.46 -12.81 10.51
C TRP C 96 7.69 -13.33 9.27
N LEU C 97 8.33 -13.33 8.06
CA LEU C 97 7.67 -13.92 6.80
C LEU C 97 7.18 -15.38 7.13
N GLU C 98 8.01 -16.15 7.93
CA GLU C 98 7.62 -17.56 8.41
C GLU C 98 6.47 -17.44 9.45
N GLU C 99 6.48 -16.38 10.32
CA GLU C 99 5.34 -16.09 11.32
C GLU C 99 3.98 -15.88 10.55
N VAL C 100 4.04 -15.48 9.25
CA VAL C 100 2.81 -15.19 8.40
C VAL C 100 2.73 -16.12 7.13
N LEU C 101 3.67 -17.10 6.95
CA LEU C 101 3.63 -18.11 5.83
C LEU C 101 3.01 -19.39 6.47
N LEU C 102 3.68 -19.90 7.54
CA LEU C 102 3.20 -21.11 8.36
C LEU C 102 1.86 -20.75 9.09
N LYS C 103 1.72 -19.47 9.57
CA LYS C 103 0.50 -18.88 10.30
C LYS C 103 0.67 -18.99 11.84
N SER C 104 1.25 -20.11 12.35
CA SER C 104 1.49 -20.36 13.85
C SER C 104 0.15 -20.49 14.62
N GLN D 1 -32.52 -11.12 -2.61
CA GLN D 1 -31.69 -10.36 -3.60
C GLN D 1 -31.35 -8.93 -3.08
N SER D 2 -30.12 -8.44 -3.36
CA SER D 2 -29.65 -7.06 -2.93
C SER D 2 -29.24 -6.22 -4.19
N PRO D 3 -29.84 -4.98 -4.42
CA PRO D 3 -29.48 -4.13 -5.61
C PRO D 3 -28.05 -3.48 -5.44
N TYR D 4 -27.43 -3.06 -6.59
CA TYR D 4 -26.04 -2.40 -6.67
C TYR D 4 -24.93 -3.49 -6.76
N SER D 5 -24.82 -4.36 -5.71
CA SER D 5 -23.76 -5.45 -5.64
C SER D 5 -24.27 -6.75 -6.32
N ALA D 6 -23.43 -7.38 -7.16
CA ALA D 6 -23.76 -8.67 -7.89
C ALA D 6 -22.66 -9.69 -7.51
N ALA D 7 -23.05 -10.80 -6.83
CA ALA D 7 -22.06 -11.86 -6.36
C ALA D 7 -22.02 -13.05 -7.34
N MET D 8 -20.79 -13.43 -7.79
CA MET D 8 -20.56 -14.60 -8.73
C MET D 8 -19.80 -15.71 -7.95
N ALA D 9 -20.23 -17.00 -8.13
CA ALA D 9 -19.61 -18.21 -7.41
C ALA D 9 -19.92 -18.14 -5.89
N GLU D 10 -20.39 -19.26 -5.28
CA GLU D 10 -20.74 -19.29 -3.79
C GLU D 10 -19.46 -19.19 -2.91
N GLN D 11 -18.33 -19.81 -3.33
CA GLN D 11 -17.02 -19.75 -2.56
C GLN D 11 -16.29 -18.42 -2.93
N ARG D 12 -16.23 -17.47 -1.96
CA ARG D 12 -15.59 -16.10 -2.20
C ARG D 12 -14.03 -16.15 -2.11
N HIS D 13 -13.34 -15.37 -2.98
CA HIS D 13 -11.82 -15.28 -2.98
C HIS D 13 -11.43 -13.78 -3.21
N GLN D 14 -10.65 -13.21 -2.26
CA GLN D 14 -10.21 -11.74 -2.31
C GLN D 14 -8.70 -11.62 -2.65
N GLU D 15 -8.32 -10.61 -3.48
CA GLU D 15 -6.87 -10.37 -3.88
C GLU D 15 -6.26 -9.30 -2.93
N TRP D 16 -6.48 -7.96 -3.19
CA TRP D 16 -5.92 -6.81 -2.31
C TRP D 16 -6.06 -7.07 -0.76
N LEU D 17 -7.07 -7.85 -0.35
CA LEU D 17 -7.43 -8.04 1.12
C LEU D 17 -6.81 -9.29 1.75
N ARG D 18 -6.54 -10.35 0.96
CA ARG D 18 -5.72 -11.55 1.51
C ARG D 18 -4.32 -10.95 1.89
N PHE D 19 -3.92 -9.84 1.19
CA PHE D 19 -2.66 -9.06 1.49
C PHE D 19 -2.95 -8.16 2.73
N VAL D 20 -4.18 -7.52 2.86
CA VAL D 20 -4.53 -6.63 4.11
C VAL D 20 -4.55 -7.47 5.44
N ASP D 21 -4.74 -8.82 5.40
CA ASP D 21 -4.75 -9.68 6.67
C ASP D 21 -3.27 -9.85 7.11
N LEU D 22 -2.40 -10.26 6.16
CA LEU D 22 -0.90 -10.40 6.43
C LEU D 22 -0.27 -8.99 6.78
N LEU D 23 -0.83 -7.89 6.21
CA LEU D 23 -0.36 -6.47 6.52
C LEU D 23 -0.74 -6.14 7.98
N LYS D 24 -1.91 -6.67 8.47
CA LYS D 24 -2.33 -6.45 9.91
C LYS D 24 -1.38 -7.18 10.90
N ASN D 25 -0.70 -8.30 10.48
CA ASN D 25 0.31 -9.02 11.38
C ASN D 25 1.55 -8.12 11.56
N ALA D 26 1.95 -7.40 10.49
CA ALA D 26 3.12 -6.46 10.55
C ALA D 26 2.66 -5.01 10.96
N TYR D 27 1.34 -4.69 11.01
CA TYR D 27 0.85 -3.30 11.39
C TYR D 27 0.84 -3.16 12.94
N GLN D 28 0.57 -4.27 13.70
CA GLN D 28 0.59 -4.24 15.23
C GLN D 28 2.05 -3.97 15.69
N ASN D 29 3.03 -4.64 15.03
CA ASN D 29 4.50 -4.42 15.33
C ASN D 29 4.99 -3.27 14.37
N ASP D 30 5.50 -3.62 13.14
CA ASP D 30 5.98 -2.66 12.01
C ASP D 30 7.02 -3.45 11.11
N LEU D 31 6.62 -4.66 10.67
CA LEU D 31 7.47 -5.60 9.83
C LEU D 31 6.96 -5.63 8.33
N HIS D 32 5.99 -4.74 7.98
CA HIS D 32 5.49 -4.59 6.56
C HIS D 32 6.50 -3.70 5.74
N LEU D 33 7.60 -3.22 6.38
CA LEU D 33 8.60 -2.28 5.77
C LEU D 33 9.78 -3.10 5.18
N PRO D 34 10.43 -4.07 5.95
CA PRO D 34 11.43 -5.01 5.35
C PRO D 34 10.65 -5.93 4.34
N LEU D 35 9.37 -6.28 4.71
CA LEU D 35 8.41 -7.08 3.84
C LEU D 35 8.15 -6.28 2.53
N LEU D 36 7.95 -4.93 2.62
CA LEU D 36 7.71 -4.07 1.37
C LEU D 36 9.02 -3.91 0.54
N ASN D 37 10.22 -4.10 1.15
CA ASN D 37 11.54 -4.01 0.40
C ASN D 37 11.78 -5.34 -0.43
N LEU D 38 10.92 -6.39 -0.29
CA LEU D 38 11.06 -7.70 -1.01
C LEU D 38 9.93 -7.83 -2.08
N MET D 39 8.65 -7.56 -1.73
CA MET D 39 7.48 -7.70 -2.72
C MET D 39 7.19 -6.42 -3.54
N LEU D 40 7.78 -5.23 -3.21
CA LEU D 40 7.46 -3.96 -3.99
C LEU D 40 8.76 -3.21 -4.51
N THR D 41 9.13 -1.98 -4.01
CA THR D 41 10.37 -1.18 -4.52
C THR D 41 10.60 0.13 -3.64
N PRO D 42 11.85 0.73 -3.69
CA PRO D 42 12.16 2.02 -2.97
C PRO D 42 11.51 3.23 -3.72
N ASP D 43 11.59 3.23 -5.09
CA ASP D 43 11.00 4.35 -5.98
C ASP D 43 9.47 4.49 -5.76
N GLU D 44 8.75 3.38 -5.44
CA GLU D 44 7.24 3.42 -5.21
C GLU D 44 6.92 4.13 -3.86
N ARG D 45 7.78 3.98 -2.80
CA ARG D 45 7.51 4.72 -1.48
C ARG D 45 7.95 6.19 -1.60
N GLU D 46 8.89 6.55 -2.54
CA GLU D 46 9.27 8.01 -2.81
C GLU D 46 8.00 8.70 -3.39
N ALA D 47 7.29 7.97 -4.31
CA ALA D 47 6.01 8.47 -4.93
C ALA D 47 4.82 8.30 -3.96
N LEU D 48 4.88 7.43 -2.90
CA LEU D 48 3.73 7.35 -1.89
C LEU D 48 3.81 8.59 -0.94
N GLY D 49 5.03 9.15 -0.71
CA GLY D 49 5.20 10.37 0.15
C GLY D 49 4.66 11.60 -0.61
N THR D 50 5.19 11.83 -1.84
CA THR D 50 4.76 13.02 -2.72
C THR D 50 3.28 12.89 -3.19
N ARG D 51 2.74 11.65 -3.34
CA ARG D 51 1.26 11.44 -3.73
C ARG D 51 0.39 11.90 -2.51
N VAL D 52 0.76 11.48 -1.28
CA VAL D 52 0.01 11.93 -0.02
C VAL D 52 0.31 13.45 0.26
N ARG D 53 1.36 14.07 -0.38
CA ARG D 53 1.67 15.54 -0.17
C ARG D 53 0.72 16.45 -1.02
N ILE D 54 0.44 16.15 -2.33
CA ILE D 54 -0.49 17.04 -3.15
C ILE D 54 -1.98 16.85 -2.68
N VAL D 55 -2.38 15.68 -2.06
CA VAL D 55 -3.84 15.48 -1.60
C VAL D 55 -3.98 16.13 -0.21
N GLU D 56 -3.09 15.74 0.74
CA GLU D 56 -3.11 16.32 2.16
C GLU D 56 -2.95 17.87 2.13
N GLU D 57 -2.31 18.44 1.06
CA GLU D 57 -2.13 19.96 0.92
C GLU D 57 -3.28 20.57 0.07
N LEU D 58 -3.97 19.79 -0.83
CA LEU D 58 -5.15 20.34 -1.65
C LEU D 58 -6.38 20.50 -0.71
N LEU D 59 -6.59 19.55 0.25
CA LEU D 59 -7.71 19.60 1.28
C LEU D 59 -7.65 20.91 2.13
N ARG D 60 -6.45 21.57 2.22
CA ARG D 60 -6.29 22.86 3.02
C ARG D 60 -6.87 24.04 2.18
N GLY D 61 -6.43 24.16 0.90
CA GLY D 61 -6.93 25.23 -0.06
C GLY D 61 -6.51 26.66 0.37
N GLU D 62 -5.20 26.88 0.66
CA GLU D 62 -4.67 28.25 1.06
C GLU D 62 -3.50 28.63 0.09
N MET D 63 -2.50 27.75 -0.03
CA MET D 63 -1.30 27.96 -0.95
C MET D 63 -0.84 26.54 -1.42
N SER D 64 -1.73 25.85 -2.18
CA SER D 64 -1.49 24.43 -2.65
C SER D 64 -1.73 24.21 -4.18
N GLN D 65 -2.22 25.20 -4.96
CA GLN D 65 -2.49 25.01 -6.45
C GLN D 65 -1.25 25.46 -7.31
N ARG D 66 -1.05 26.79 -7.54
CA ARG D 66 0.12 27.33 -8.39
C ARG D 66 1.36 27.69 -7.53
N GLU D 67 1.15 28.20 -6.30
CA GLU D 67 2.28 28.63 -5.37
C GLU D 67 3.02 27.43 -4.68
N LEU D 68 2.49 26.17 -4.75
CA LEU D 68 3.13 24.98 -4.05
C LEU D 68 4.29 24.35 -4.88
N LYS D 69 4.14 24.15 -6.22
CA LYS D 69 5.24 23.50 -7.10
C LYS D 69 6.69 24.04 -6.81
N ASN D 70 6.83 25.32 -6.36
CA ASN D 70 8.19 25.93 -6.03
C ASN D 70 8.82 25.20 -4.80
N GLU D 71 8.01 24.98 -3.74
CA GLU D 71 8.42 24.30 -2.44
C GLU D 71 8.96 22.85 -2.69
N LEU D 72 8.20 22.00 -3.43
CA LEU D 72 8.59 20.55 -3.70
C LEU D 72 9.02 20.32 -5.19
N GLY D 73 8.11 20.56 -6.17
CA GLY D 73 8.40 20.36 -7.65
C GLY D 73 7.41 19.37 -8.33
N ALA D 74 6.20 19.12 -7.74
CA ALA D 74 5.17 18.20 -8.38
C ALA D 74 4.34 19.05 -9.36
N GLY D 75 4.36 18.69 -10.66
CA GLY D 75 3.64 19.46 -11.79
C GLY D 75 2.21 19.94 -11.45
N ILE D 76 1.62 20.84 -12.30
CA ILE D 76 0.21 21.33 -12.03
C ILE D 76 -0.81 20.24 -12.52
N ALA D 77 -0.39 19.28 -13.42
CA ALA D 77 -1.35 18.16 -13.84
C ALA D 77 -1.59 17.19 -12.63
N THR D 78 -0.56 16.92 -11.80
CA THR D 78 -0.71 16.01 -10.57
C THR D 78 -1.37 16.75 -9.38
N ILE D 79 -1.05 18.03 -9.19
CA ILE D 79 -1.56 18.83 -8.01
C ILE D 79 -3.10 19.06 -8.07
N THR D 80 -3.67 19.29 -9.27
CA THR D 80 -5.15 19.54 -9.43
C THR D 80 -5.90 18.28 -9.88
N ARG D 81 -5.25 17.31 -10.61
CA ARG D 81 -5.95 16.01 -11.01
C ARG D 81 -6.09 15.08 -9.75
N GLY D 82 -5.21 15.24 -8.72
CA GLY D 82 -5.31 14.42 -7.44
C GLY D 82 -6.57 14.85 -6.64
N SER D 83 -6.92 16.17 -6.67
CA SER D 83 -8.17 16.70 -5.95
C SER D 83 -9.47 16.40 -6.76
N ASN D 84 -9.40 16.33 -8.12
CA ASN D 84 -10.62 16.02 -9.00
C ASN D 84 -11.16 14.58 -8.72
N SER D 85 -10.27 13.62 -8.33
CA SER D 85 -10.68 12.18 -7.98
C SER D 85 -11.71 12.18 -6.80
N LEU D 86 -11.55 13.11 -5.82
CA LEU D 86 -12.47 13.24 -4.60
C LEU D 86 -13.96 13.35 -5.02
N LYS D 87 -14.24 14.20 -6.04
CA LYS D 87 -15.67 14.43 -6.58
C LYS D 87 -16.33 13.09 -7.07
N ALA D 88 -15.55 12.16 -7.64
CA ALA D 88 -16.06 10.84 -8.14
C ALA D 88 -16.23 9.81 -7.00
N ALA D 89 -15.34 9.83 -5.97
CA ALA D 89 -15.41 8.86 -4.78
C ALA D 89 -16.75 9.02 -3.96
N PRO D 90 -17.04 8.11 -2.97
CA PRO D 90 -18.27 8.19 -2.16
C PRO D 90 -18.04 9.20 -1.01
N VAL D 91 -19.06 10.03 -0.68
CA VAL D 91 -18.97 11.05 0.43
C VAL D 91 -19.17 10.38 1.82
N GLU D 92 -19.81 9.19 1.91
CA GLU D 92 -20.02 8.48 3.23
C GLU D 92 -18.65 8.11 3.86
N LEU D 93 -17.69 7.62 3.01
CA LEU D 93 -16.30 7.25 3.46
C LEU D 93 -15.28 8.40 3.17
N ARG D 94 -15.67 9.42 2.32
CA ARG D 94 -14.83 10.71 2.20
C ARG D 94 -14.98 11.38 3.61
N GLN D 95 -16.17 11.17 4.24
CA GLN D 95 -16.49 11.63 5.65
C GLN D 95 -15.41 11.09 6.63
N TRP D 96 -14.93 9.82 6.42
CA TRP D 96 -13.82 9.23 7.29
C TRP D 96 -12.56 10.11 7.08
N LEU D 97 -12.31 10.61 5.82
CA LEU D 97 -11.13 11.56 5.56
C LEU D 97 -11.21 12.74 6.59
N GLU D 98 -12.46 13.23 6.91
CA GLU D 98 -12.70 14.31 7.97
C GLU D 98 -12.41 13.71 9.38
N GLU D 99 -12.77 12.41 9.62
CA GLU D 99 -12.45 11.66 10.94
C GLU D 99 -10.90 11.62 11.16
N VAL D 100 -10.08 11.75 10.08
CA VAL D 100 -8.56 11.67 10.15
C VAL D 100 -7.86 13.00 9.62
N LEU D 101 -8.64 14.06 9.26
CA LEU D 101 -8.11 15.40 8.81
C LEU D 101 -8.50 16.39 9.95
N LEU D 102 -9.83 16.55 10.18
CA LEU D 102 -10.41 17.44 11.29
C LEU D 102 -10.03 16.81 12.67
N LYS D 103 -10.57 15.59 12.97
CA LYS D 103 -10.32 14.77 14.24
C LYS D 103 -11.24 15.21 15.41
N SER D 104 -11.40 16.54 15.64
CA SER D 104 -12.29 17.09 16.76
C SER D 104 -13.32 18.09 16.17
N GLN C 1 21.24 14.83 20.07
CA GLN C 1 21.26 16.33 20.00
C GLN C 1 20.06 16.90 20.80
N SER C 2 20.32 17.80 21.78
CA SER C 2 19.24 18.45 22.65
C SER C 2 18.96 19.93 22.18
N PRO C 3 17.70 20.47 22.40
CA PRO C 3 17.34 21.87 21.98
C PRO C 3 18.01 22.93 22.91
N TYR C 4 18.78 23.87 22.33
CA TYR C 4 19.49 24.98 23.09
C TYR C 4 19.50 26.25 22.20
N SER C 5 20.06 26.14 20.97
CA SER C 5 20.09 27.28 19.94
C SER C 5 19.05 26.97 18.82
N ALA C 6 18.46 28.03 18.19
CA ALA C 6 17.38 27.88 17.08
C ALA C 6 16.06 27.37 17.72
N ALA C 7 14.94 28.08 17.46
CA ALA C 7 13.59 27.71 18.05
C ALA C 7 12.97 26.50 17.32
N MET C 8 12.78 26.58 15.98
CA MET C 8 12.17 25.45 15.16
C MET C 8 13.24 24.88 14.19
N ALA C 9 13.50 23.56 14.29
CA ALA C 9 14.51 22.83 13.41
C ALA C 9 13.91 21.47 12.96
N GLU C 10 13.99 21.14 11.65
CA GLU C 10 13.42 19.85 11.10
C GLU C 10 14.32 19.25 10.00
N GLN C 11 14.61 17.93 10.11
CA GLN C 11 15.42 17.15 9.08
C GLN C 11 14.43 16.33 8.24
N ARG C 12 13.42 15.69 8.90
CA ARG C 12 12.30 14.88 8.24
C ARG C 12 12.83 13.58 7.60
N HIS C 13 12.03 12.50 7.76
CA HIS C 13 12.34 11.12 7.18
C HIS C 13 11.02 10.37 6.79
N GLN C 14 9.93 10.53 7.60
CA GLN C 14 8.58 9.84 7.33
C GLN C 14 7.90 10.42 6.05
N GLU C 15 7.41 9.53 5.18
CA GLU C 15 6.65 9.89 3.91
C GLU C 15 5.65 8.73 3.68
N TRP C 16 6.19 7.50 3.38
CA TRP C 16 5.36 6.22 3.28
C TRP C 16 4.54 6.04 4.59
N LEU C 17 5.18 6.38 5.72
CA LEU C 17 4.62 6.20 7.12
C LEU C 17 3.63 7.31 7.50
N ARG C 18 3.75 8.54 6.92
CA ARG C 18 2.65 9.62 7.15
C ARG C 18 1.31 8.97 6.65
N PHE C 19 1.41 8.06 5.60
CA PHE C 19 0.25 7.26 5.10
C PHE C 19 -0.03 6.07 6.11
N VAL C 20 1.02 5.34 6.65
CA VAL C 20 0.78 4.09 7.56
C VAL C 20 0.17 4.42 8.97
N ASP C 21 0.36 5.64 9.51
CA ASP C 21 -0.20 6.00 10.90
C ASP C 21 -1.71 6.26 10.76
N LEU C 22 -2.09 7.12 9.80
CA LEU C 22 -3.57 7.37 9.51
C LEU C 22 -4.17 6.15 8.72
N LEU C 23 -3.30 5.21 8.20
CA LEU C 23 -3.81 3.92 7.57
C LEU C 23 -4.36 3.04 8.73
N LYS C 24 -3.69 3.08 9.92
CA LYS C 24 -4.19 2.32 11.15
C LYS C 24 -5.59 2.85 11.61
N ASN C 25 -5.97 4.12 11.25
CA ASN C 25 -7.35 4.70 11.59
C ASN C 25 -8.41 3.97 10.74
N ALA C 26 -8.13 3.81 9.44
CA ALA C 26 -9.08 3.07 8.53
C ALA C 26 -8.87 1.51 8.66
N TYR C 27 -7.82 1.02 9.36
CA TYR C 27 -7.58 -0.50 9.51
C TYR C 27 -8.49 -1.04 10.66
N GLN C 28 -8.70 -0.24 11.74
CA GLN C 28 -9.62 -0.64 12.91
C GLN C 28 -11.05 -0.88 12.34
N ASN C 29 -11.50 0.03 11.43
CA ASN C 29 -12.85 -0.11 10.75
C ASN C 29 -12.60 -0.95 9.43
N ASP C 30 -12.21 -0.29 8.30
CA ASP C 30 -11.86 -0.89 6.92
C ASP C 30 -12.28 0.15 5.80
N LEU C 31 -11.81 1.41 5.98
CA LEU C 31 -12.08 2.59 5.05
C LEU C 31 -10.75 3.01 4.31
N HIS C 32 -9.69 2.15 4.41
CA HIS C 32 -8.38 2.36 3.68
C HIS C 32 -8.53 1.79 2.21
N LEU C 33 -9.77 1.36 1.81
CA LEU C 33 -10.09 0.70 0.50
C LEU C 33 -10.62 1.77 -0.49
N PRO C 34 -11.66 2.61 -0.12
CA PRO C 34 -12.07 3.81 -0.95
C PRO C 34 -10.87 4.82 -0.91
N LEU C 35 -10.13 4.83 0.26
CA LEU C 35 -8.87 5.65 0.45
C LEU C 35 -7.78 5.14 -0.53
N LEU C 36 -7.66 3.79 -0.77
CA LEU C 36 -6.65 3.25 -1.81
C LEU C 36 -7.14 3.60 -3.26
N ASN C 37 -8.46 3.85 -3.48
CA ASN C 37 -9.01 4.24 -4.84
C ASN C 37 -8.89 5.81 -5.08
N LEU C 38 -8.40 6.61 -4.09
CA LEU C 38 -8.28 8.13 -4.21
C LEU C 38 -6.79 8.60 -4.24
N MET C 39 -5.85 7.95 -3.48
CA MET C 39 -4.36 8.38 -3.48
C MET C 39 -3.41 7.19 -3.79
N LEU C 40 -3.90 6.17 -4.54
CA LEU C 40 -3.04 4.97 -4.94
C LEU C 40 -3.26 4.68 -6.45
N THR C 41 -4.55 4.34 -6.85
CA THR C 41 -5.06 3.96 -8.28
C THR C 41 -5.61 2.50 -8.27
N PRO C 42 -6.51 2.12 -9.27
CA PRO C 42 -7.02 0.70 -9.40
C PRO C 42 -5.84 -0.23 -9.85
N ASP C 43 -4.87 0.32 -10.65
CA ASP C 43 -3.63 -0.45 -11.11
C ASP C 43 -2.70 -0.75 -9.88
N GLU C 44 -2.82 0.01 -8.74
CA GLU C 44 -1.99 -0.26 -7.50
C GLU C 44 -2.53 -1.52 -6.75
N ARG C 45 -3.87 -1.84 -6.83
CA ARG C 45 -4.41 -3.13 -6.21
C ARG C 45 -4.28 -4.28 -7.24
N GLU C 46 -4.18 -3.97 -8.57
CA GLU C 46 -3.89 -5.03 -9.64
C GLU C 46 -2.39 -5.43 -9.46
N ALA C 47 -1.54 -4.50 -8.93
CA ALA C 47 -0.08 -4.75 -8.67
C ALA C 47 0.13 -5.32 -7.25
N LEU C 48 -0.75 -5.04 -6.24
CA LEU C 48 -0.65 -5.73 -4.87
C LEU C 48 -1.19 -7.20 -5.07
N GLY C 49 -2.03 -7.41 -6.15
CA GLY C 49 -2.58 -8.74 -6.56
C GLY C 49 -1.44 -9.63 -7.06
N THR C 50 -0.91 -9.32 -8.28
CA THR C 50 0.22 -10.13 -8.92
C THR C 50 1.57 -10.05 -8.14
N ARG C 51 1.81 -9.01 -7.31
CA ARG C 51 3.11 -8.94 -6.49
C ARG C 51 3.03 -10.02 -5.38
N VAL C 52 1.95 -10.04 -4.58
CA VAL C 52 1.78 -11.14 -3.52
C VAL C 52 1.55 -12.54 -4.22
N ARG C 53 1.20 -12.59 -5.55
CA ARG C 53 1.01 -13.94 -6.27
C ARG C 53 2.38 -14.60 -6.60
N ILE C 54 3.40 -13.86 -7.16
CA ILE C 54 4.74 -14.48 -7.53
C ILE C 54 5.59 -14.80 -6.26
N VAL C 55 5.35 -14.14 -5.09
CA VAL C 55 6.17 -14.42 -3.82
C VAL C 55 5.44 -15.56 -3.07
N GLU C 56 4.14 -15.40 -2.79
CA GLU C 56 3.30 -16.48 -2.09
C GLU C 56 3.34 -17.83 -2.90
N GLU C 57 3.64 -17.78 -4.24
CA GLU C 57 3.77 -19.04 -5.10
C GLU C 57 5.26 -19.48 -5.20
N LEU C 58 6.26 -18.55 -5.11
CA LEU C 58 7.75 -18.90 -5.21
C LEU C 58 8.18 -19.74 -3.97
N LEU C 59 7.98 -19.21 -2.75
CA LEU C 59 8.38 -19.92 -1.44
C LEU C 59 7.79 -21.36 -1.32
N ARG C 60 6.67 -21.66 -2.02
CA ARG C 60 6.01 -23.05 -1.94
C ARG C 60 6.78 -24.05 -2.84
N GLY C 61 7.06 -23.66 -4.11
CA GLY C 61 7.82 -24.55 -5.09
C GLY C 61 6.91 -25.70 -5.60
N GLU C 62 6.05 -25.41 -6.60
CA GLU C 62 5.09 -26.44 -7.20
C GLU C 62 4.66 -25.96 -8.62
N MET C 63 4.08 -24.74 -8.68
CA MET C 63 3.64 -24.07 -9.98
C MET C 63 4.05 -22.57 -9.79
N SER C 64 5.37 -22.30 -9.96
CA SER C 64 5.97 -20.93 -9.64
C SER C 64 6.82 -20.34 -10.79
N GLN C 65 7.53 -21.18 -11.57
CA GLN C 65 8.46 -20.69 -12.68
C GLN C 65 7.85 -20.92 -14.10
N ARG C 66 7.66 -22.20 -14.52
CA ARG C 66 7.13 -22.54 -15.91
C ARG C 66 5.60 -22.81 -15.88
N GLU C 67 5.11 -23.60 -14.90
CA GLU C 67 3.64 -23.92 -14.77
C GLU C 67 2.79 -22.69 -14.27
N LEU C 68 3.45 -21.62 -13.73
CA LEU C 68 2.70 -20.39 -13.20
C LEU C 68 2.26 -19.44 -14.34
N LYS C 69 3.19 -18.98 -15.21
CA LYS C 69 2.86 -17.99 -16.37
C LYS C 69 1.52 -18.31 -17.13
N ASN C 70 1.19 -19.62 -17.32
CA ASN C 70 -0.06 -20.05 -18.08
C ASN C 70 -1.35 -19.82 -17.21
N GLU C 71 -1.28 -20.11 -15.89
CA GLU C 71 -2.44 -19.96 -14.90
C GLU C 71 -3.21 -18.59 -15.04
N LEU C 72 -2.49 -17.44 -14.96
CA LEU C 72 -3.15 -16.06 -15.07
C LEU C 72 -2.37 -15.13 -16.05
N GLY C 73 -1.00 -15.15 -16.04
CA GLY C 73 -0.17 -14.28 -16.96
C GLY C 73 0.71 -13.31 -16.14
N ALA C 74 1.91 -13.75 -15.72
CA ALA C 74 2.89 -12.92 -14.91
C ALA C 74 4.17 -12.69 -15.75
N GLY C 75 4.71 -13.78 -16.35
CA GLY C 75 5.99 -13.73 -17.17
C GLY C 75 7.15 -14.37 -16.38
N ILE C 76 8.29 -14.78 -17.05
CA ILE C 76 9.45 -15.36 -16.27
C ILE C 76 10.31 -14.16 -15.74
N ALA C 77 10.13 -12.90 -16.25
CA ALA C 77 10.92 -11.72 -15.71
C ALA C 77 10.44 -11.33 -14.28
N THR C 78 9.14 -11.53 -13.91
CA THR C 78 8.62 -11.14 -12.50
C THR C 78 8.69 -12.33 -11.51
N ILE C 79 8.43 -13.58 -11.95
CA ILE C 79 8.47 -14.79 -11.00
C ILE C 79 9.91 -15.19 -10.62
N THR C 80 10.94 -14.87 -11.46
CA THR C 80 12.38 -15.22 -11.15
C THR C 80 13.16 -13.96 -10.66
N ARG C 81 12.79 -12.70 -11.13
CA ARG C 81 13.46 -11.42 -10.57
C ARG C 81 12.90 -11.18 -9.12
N GLY C 82 11.66 -11.70 -8.80
CA GLY C 82 11.06 -11.62 -7.40
C GLY C 82 11.94 -12.49 -6.43
N SER C 83 12.63 -13.55 -6.95
CA SER C 83 13.58 -14.42 -6.14
C SER C 83 14.86 -13.58 -5.78
N ASN C 84 15.31 -12.67 -6.70
CA ASN C 84 16.51 -11.74 -6.46
C ASN C 84 16.22 -10.79 -5.23
N SER C 85 14.93 -10.44 -5.00
CA SER C 85 14.50 -9.53 -3.83
C SER C 85 14.79 -10.23 -2.45
N LEU C 86 14.58 -11.58 -2.36
CA LEU C 86 14.84 -12.39 -1.08
C LEU C 86 16.29 -12.16 -0.55
N LYS C 87 17.28 -12.05 -1.48
CA LYS C 87 18.76 -11.82 -1.11
C LYS C 87 18.97 -10.40 -0.50
N ALA C 88 18.24 -9.38 -1.00
CA ALA C 88 18.37 -7.95 -0.50
C ALA C 88 17.84 -7.79 0.96
N ALA C 89 16.76 -8.52 1.33
CA ALA C 89 16.17 -8.45 2.73
C ALA C 89 17.08 -9.14 3.78
N PRO C 90 16.94 -8.79 5.10
CA PRO C 90 17.76 -9.39 6.20
C PRO C 90 17.11 -10.72 6.72
N VAL C 91 17.74 -11.37 7.73
CA VAL C 91 17.22 -12.66 8.35
C VAL C 91 16.40 -12.37 9.63
N GLU C 92 16.70 -11.27 10.38
CA GLU C 92 15.96 -10.94 11.66
C GLU C 92 14.45 -10.75 11.37
N LEU C 93 14.12 -10.00 10.29
CA LEU C 93 12.69 -9.74 9.86
C LEU C 93 12.23 -10.66 8.69
N ARG C 94 13.17 -11.40 8.01
CA ARG C 94 12.74 -12.53 7.05
C ARG C 94 12.11 -13.59 8.02
N GLN C 95 12.65 -13.64 9.29
CA GLN C 95 12.11 -14.52 10.40
C GLN C 95 10.61 -14.21 10.67
N TRP C 96 10.18 -12.90 10.60
CA TRP C 96 8.69 -12.57 10.76
C TRP C 96 7.94 -13.18 9.55
N LEU C 97 8.58 -13.21 8.33
CA LEU C 97 7.94 -13.87 7.10
C LEU C 97 7.54 -15.34 7.50
N GLU C 98 8.39 -16.02 8.33
CA GLU C 98 8.07 -17.42 8.90
C GLU C 98 6.88 -17.31 9.90
N GLU C 99 6.83 -16.22 10.72
CA GLU C 99 5.66 -15.93 11.68
C GLU C 99 4.30 -15.82 10.89
N VAL C 100 4.37 -15.48 9.57
CA VAL C 100 3.12 -15.27 8.70
C VAL C 100 3.08 -16.24 7.46
N LEU C 101 4.06 -17.18 7.30
CA LEU C 101 4.07 -18.20 6.18
C LEU C 101 3.78 -19.58 6.83
N LEU C 102 4.62 -19.97 7.82
CA LEU C 102 4.52 -21.27 8.62
C LEU C 102 3.08 -21.49 9.17
N LYS C 103 2.46 -20.42 9.75
CA LYS C 103 1.06 -20.50 10.33
C LYS C 103 0.02 -20.38 9.18
N SER C 104 0.10 -19.29 8.38
CA SER C 104 -0.87 -19.03 7.23
C SER C 104 -0.10 -19.08 5.88
N GLN D 1 -35.74 -17.83 -16.36
CA GLN D 1 -35.96 -19.32 -16.43
C GLN D 1 -35.08 -19.93 -17.55
N SER D 2 -35.13 -19.37 -18.78
CA SER D 2 -34.31 -19.88 -19.95
C SER D 2 -33.18 -18.80 -20.28
N PRO D 3 -31.85 -19.10 -20.00
CA PRO D 3 -30.72 -18.14 -20.27
C PRO D 3 -30.49 -18.00 -21.81
N TYR D 4 -30.42 -16.74 -22.32
CA TYR D 4 -30.20 -16.45 -23.79
C TYR D 4 -28.71 -16.12 -24.08
N SER D 5 -28.19 -16.62 -25.22
CA SER D 5 -26.75 -16.39 -25.71
C SER D 5 -25.69 -17.07 -24.78
N ALA D 6 -25.28 -16.44 -23.65
CA ALA D 6 -24.21 -17.01 -22.71
C ALA D 6 -24.76 -17.39 -21.31
N ALA D 7 -23.95 -18.15 -20.53
CA ALA D 7 -24.32 -18.61 -19.12
C ALA D 7 -23.32 -18.05 -18.07
N MET D 8 -23.81 -17.70 -16.86
CA MET D 8 -22.95 -17.12 -15.72
C MET D 8 -22.60 -18.23 -14.69
N ALA D 9 -21.42 -18.13 -14.03
CA ALA D 9 -20.97 -19.16 -12.99
C ALA D 9 -20.35 -18.46 -11.75
N GLU D 10 -19.34 -17.56 -11.94
CA GLU D 10 -18.65 -16.85 -10.78
C GLU D 10 -19.13 -15.37 -10.63
N GLN D 11 -19.12 -14.86 -9.38
CA GLN D 11 -19.52 -13.43 -9.06
C GLN D 11 -18.69 -12.92 -7.83
N ARG D 12 -18.10 -11.69 -7.94
CA ARG D 12 -17.24 -11.04 -6.84
C ARG D 12 -15.92 -11.85 -6.62
N HIS D 13 -14.77 -11.15 -6.53
CA HIS D 13 -13.41 -11.82 -6.29
C HIS D 13 -12.48 -10.80 -5.58
N GLN D 14 -12.01 -11.14 -4.35
CA GLN D 14 -11.11 -10.21 -3.53
C GLN D 14 -9.64 -10.69 -3.56
N GLU D 15 -8.70 -9.74 -3.74
CA GLU D 15 -7.21 -10.02 -3.77
C GLU D 15 -6.53 -9.06 -2.76
N TRP D 16 -6.65 -7.71 -3.02
CA TRP D 16 -6.07 -6.59 -2.12
C TRP D 16 -6.27 -6.86 -0.56
N LEU D 17 -7.30 -7.62 -0.19
CA LEU D 17 -7.72 -7.83 1.26
C LEU D 17 -7.12 -9.07 1.90
N ARG D 18 -6.91 -10.16 1.14
CA ARG D 18 -6.15 -11.37 1.71
C ARG D 18 -4.68 -10.86 2.01
N PHE D 19 -4.24 -9.78 1.28
CA PHE D 19 -2.93 -9.07 1.53
C PHE D 19 -3.12 -8.14 2.76
N VAL D 20 -4.32 -7.46 2.94
CA VAL D 20 -4.56 -6.53 4.17
C VAL D 20 -4.59 -7.34 5.53
N ASP D 21 -4.90 -8.67 5.51
CA ASP D 21 -4.94 -9.51 6.79
C ASP D 21 -3.50 -9.79 7.23
N LEU D 22 -2.65 -10.26 6.29
CA LEU D 22 -1.15 -10.53 6.59
C LEU D 22 -0.42 -9.15 6.89
N LEU D 23 -0.93 -8.03 6.30
CA LEU D 23 -0.36 -6.65 6.57
C LEU D 23 -0.69 -6.25 8.03
N LYS D 24 -1.86 -6.71 8.56
CA LYS D 24 -2.25 -6.43 10.01
C LYS D 24 -1.27 -7.16 11.01
N ASN D 25 -0.61 -8.28 10.58
CA ASN D 25 0.42 -9.01 11.48
C ASN D 25 1.65 -8.10 11.61
N ALA D 26 2.06 -7.44 10.52
CA ALA D 26 3.24 -6.51 10.55
C ALA D 26 2.79 -5.04 10.93
N TYR D 27 1.47 -4.72 10.99
CA TYR D 27 1.00 -3.31 11.36
C TYR D 27 1.02 -3.16 12.91
N GLN D 28 0.75 -4.27 13.68
CA GLN D 28 0.81 -4.25 15.21
C GLN D 28 2.26 -3.91 15.63
N ASN D 29 3.26 -4.55 14.97
CA ASN D 29 4.73 -4.27 15.24
C ASN D 29 5.18 -3.14 14.25
N ASP D 30 5.62 -3.49 13.00
CA ASP D 30 6.07 -2.56 11.85
C ASP D 30 7.13 -3.36 10.97
N LEU D 31 6.72 -4.58 10.55
CA LEU D 31 7.58 -5.53 9.72
C LEU D 31 7.02 -5.67 8.26
N HIS D 32 6.03 -4.80 7.88
CA HIS D 32 5.47 -4.75 6.46
C HIS D 32 6.44 -3.87 5.57
N LEU D 33 7.54 -3.33 6.15
CA LEU D 33 8.52 -2.42 5.47
C LEU D 33 9.69 -3.25 4.90
N PRO D 34 10.37 -4.16 5.72
CA PRO D 34 11.38 -5.14 5.17
C PRO D 34 10.60 -6.14 4.26
N LEU D 35 9.31 -6.46 4.64
CA LEU D 35 8.38 -7.35 3.84
C LEU D 35 8.09 -6.65 2.48
N LEU D 36 7.77 -5.31 2.48
CA LEU D 36 7.51 -4.57 1.15
C LEU D 36 8.84 -4.13 0.46
N ASN D 37 10.02 -4.38 1.09
CA ASN D 37 11.36 -4.16 0.44
C ASN D 37 11.67 -5.41 -0.48
N LEU D 38 10.88 -6.53 -0.35
CA LEU D 38 11.06 -7.81 -1.13
C LEU D 38 9.90 -7.95 -2.19
N MET D 39 8.62 -7.71 -1.81
CA MET D 39 7.43 -7.86 -2.78
C MET D 39 7.21 -6.58 -3.64
N LEU D 40 7.59 -5.35 -3.14
CA LEU D 40 7.35 -4.05 -3.89
C LEU D 40 8.67 -3.43 -4.49
N THR D 41 9.33 -2.40 -3.83
CA THR D 41 10.62 -1.66 -4.33
C THR D 41 10.65 -0.18 -3.70
N PRO D 42 11.89 0.41 -3.39
CA PRO D 42 12.01 1.81 -2.78
C PRO D 42 11.37 2.93 -3.64
N ASP D 43 11.41 2.81 -4.99
CA ASP D 43 10.80 3.87 -5.94
C ASP D 43 9.28 4.07 -5.66
N GLU D 44 8.57 3.01 -5.19
CA GLU D 44 7.07 3.09 -4.86
C GLU D 44 6.83 4.00 -3.64
N ARG D 45 7.72 3.96 -2.60
CA ARG D 45 7.54 4.87 -1.38
C ARG D 45 7.99 6.32 -1.70
N GLU D 46 8.83 6.54 -2.75
CA GLU D 46 9.21 7.97 -3.20
C GLU D 46 7.89 8.63 -3.73
N ALA D 47 7.19 7.89 -4.63
CA ALA D 47 5.87 8.35 -5.21
C ALA D 47 4.70 8.18 -4.22
N LEU D 48 4.85 7.40 -3.09
CA LEU D 48 3.74 7.31 -2.04
C LEU D 48 3.81 8.59 -1.16
N GLY D 49 5.02 9.19 -0.97
CA GLY D 49 5.21 10.43 -0.15
C GLY D 49 4.62 11.62 -0.94
N THR D 50 5.10 11.85 -2.19
CA THR D 50 4.60 13.03 -3.05
C THR D 50 3.09 12.88 -3.43
N ARG D 51 2.57 11.64 -3.58
CA ARG D 51 1.06 11.43 -3.87
C ARG D 51 0.27 11.93 -2.62
N VAL D 52 0.65 11.46 -1.42
CA VAL D 52 0.00 11.91 -0.10
C VAL D 52 0.30 13.44 0.16
N ARG D 53 1.30 14.06 -0.55
CA ARG D 53 1.61 15.54 -0.36
C ARG D 53 0.62 16.44 -1.15
N ILE D 54 0.25 16.15 -2.45
CA ILE D 54 -0.72 17.03 -3.22
C ILE D 54 -2.18 16.83 -2.67
N VAL D 55 -2.54 15.66 -2.04
CA VAL D 55 -3.96 15.44 -1.51
C VAL D 55 -4.03 16.03 -0.09
N GLU D 56 -3.10 15.62 0.80
CA GLU D 56 -3.05 16.15 2.24
C GLU D 56 -2.82 17.71 2.26
N GLU D 57 -2.25 18.30 1.17
CA GLU D 57 -2.04 19.81 1.07
C GLU D 57 -3.25 20.47 0.34
N LEU D 58 -4.02 19.72 -0.53
CA LEU D 58 -5.24 20.31 -1.27
C LEU D 58 -6.38 20.52 -0.22
N LEU D 59 -6.73 19.45 0.54
CA LEU D 59 -7.83 19.48 1.62
C LEU D 59 -7.69 20.69 2.58
N ARG D 60 -6.45 21.17 2.82
CA ARG D 60 -6.21 22.36 3.75
C ARG D 60 -6.52 23.67 3.00
N GLY D 61 -5.95 23.85 1.78
CA GLY D 61 -6.21 25.08 0.91
C GLY D 61 -5.50 26.33 1.48
N GLU D 62 -4.24 26.56 1.07
CA GLU D 62 -3.43 27.78 1.53
C GLU D 62 -2.34 28.09 0.47
N MET D 63 -1.49 27.07 0.17
CA MET D 63 -0.38 27.18 -0.88
C MET D 63 -0.21 25.76 -1.52
N SER D 64 -1.26 25.31 -2.27
CA SER D 64 -1.30 23.94 -2.90
C SER D 64 -1.57 23.95 -4.44
N GLN D 65 -2.05 25.06 -5.05
CA GLN D 65 -2.35 25.09 -6.55
C GLN D 65 -1.19 25.74 -7.36
N ARG D 66 -0.81 26.98 -7.00
CA ARG D 66 0.28 27.77 -7.75
C ARG D 66 1.59 27.86 -6.92
N GLU D 67 1.47 28.04 -5.58
CA GLU D 67 2.65 28.21 -4.64
C GLU D 67 3.35 26.88 -4.23
N LEU D 68 2.78 25.68 -4.55
CA LEU D 68 3.41 24.35 -4.10
C LEU D 68 4.51 23.83 -5.08
N LYS D 69 4.27 23.79 -6.42
CA LYS D 69 5.30 23.23 -7.45
C LYS D 69 6.77 23.76 -7.23
N ASN D 70 6.95 24.98 -6.68
CA ASN D 70 8.35 25.58 -6.42
C ASN D 70 9.10 24.77 -5.33
N GLU D 71 8.38 24.37 -4.26
CA GLU D 71 8.93 23.57 -3.07
C GLU D 71 9.76 22.32 -3.51
N LEU D 72 9.14 21.33 -4.21
CA LEU D 72 9.86 20.07 -4.67
C LEU D 72 9.87 19.93 -6.22
N GLY D 73 8.74 20.27 -6.90
CA GLY D 73 8.64 20.16 -8.41
C GLY D 73 7.49 19.21 -8.86
N ALA D 74 6.33 19.21 -8.14
CA ALA D 74 5.14 18.35 -8.53
C ALA D 74 4.28 19.20 -9.50
N GLY D 75 4.29 18.83 -10.81
CA GLY D 75 3.54 19.56 -11.92
C GLY D 75 2.11 20.02 -11.60
N ILE D 76 1.47 20.85 -12.49
CA ILE D 76 0.05 21.28 -12.25
C ILE D 76 -0.91 20.19 -12.80
N ALA D 77 -0.43 19.22 -13.66
CA ALA D 77 -1.35 18.10 -14.13
C ALA D 77 -1.65 17.15 -12.94
N THR D 78 -0.66 16.87 -12.05
CA THR D 78 -0.86 15.97 -10.82
C THR D 78 -1.54 16.70 -9.65
N ILE D 79 -1.22 17.99 -9.47
CA ILE D 79 -1.75 18.81 -8.31
C ILE D 79 -3.27 19.12 -8.45
N THR D 80 -3.75 19.38 -9.70
CA THR D 80 -5.21 19.71 -9.97
C THR D 80 -5.98 18.47 -10.47
N ARG D 81 -5.32 17.43 -11.06
CA ARG D 81 -6.08 16.14 -11.42
C ARG D 81 -6.23 15.28 -10.13
N GLY D 82 -5.36 15.49 -9.07
CA GLY D 82 -5.48 14.77 -7.74
C GLY D 82 -6.82 15.20 -7.06
N SER D 83 -7.26 16.50 -7.25
CA SER D 83 -8.59 17.00 -6.68
C SER D 83 -9.79 16.22 -7.35
N ASN D 84 -9.64 15.82 -8.65
CA ASN D 84 -10.71 15.02 -9.42
C ASN D 84 -10.95 13.63 -8.74
N SER D 85 -9.92 13.03 -8.10
CA SER D 85 -10.03 11.67 -7.37
C SER D 85 -11.03 11.78 -6.18
N LEU D 86 -10.93 12.89 -5.41
CA LEU D 86 -11.85 13.17 -4.21
C LEU D 86 -13.34 13.10 -4.62
N LYS D 87 -13.70 13.73 -5.77
CA LYS D 87 -15.15 13.73 -6.30
C LYS D 87 -15.56 12.32 -6.81
N ALA D 88 -14.60 11.49 -7.29
CA ALA D 88 -14.89 10.07 -7.79
C ALA D 88 -15.41 9.16 -6.66
N ALA D 89 -14.78 9.25 -5.46
CA ALA D 89 -15.19 8.42 -4.22
C ALA D 89 -16.62 8.81 -3.70
N PRO D 90 -17.26 7.93 -2.86
CA PRO D 90 -18.61 8.23 -2.29
C PRO D 90 -18.51 9.21 -1.08
N VAL D 91 -19.66 9.56 -0.47
CA VAL D 91 -19.74 10.54 0.70
C VAL D 91 -19.73 9.78 2.06
N GLU D 92 -20.19 8.51 2.13
CA GLU D 92 -20.21 7.73 3.43
C GLU D 92 -18.77 7.57 3.96
N LEU D 93 -17.81 7.21 3.06
CA LEU D 93 -16.36 7.03 3.41
C LEU D 93 -15.52 8.31 3.09
N ARG D 94 -16.13 9.34 2.36
CA ARG D 94 -15.47 10.74 2.25
C ARG D 94 -15.50 11.24 3.72
N GLN D 95 -16.63 10.93 4.42
CA GLN D 95 -16.84 11.22 5.89
C GLN D 95 -15.63 10.73 6.74
N TRP D 96 -15.02 9.56 6.39
CA TRP D 96 -13.81 9.03 7.16
C TRP D 96 -12.65 10.04 6.98
N LEU D 97 -12.46 10.61 5.75
CA LEU D 97 -11.37 11.68 5.54
C LEU D 97 -11.58 12.84 6.57
N GLU D 98 -12.86 13.13 6.94
CA GLU D 98 -13.21 14.18 8.00
C GLU D 98 -12.87 13.57 9.42
N GLU D 99 -13.07 12.23 9.61
CA GLU D 99 -12.72 11.47 10.91
C GLU D 99 -11.19 11.48 11.18
N VAL D 100 -10.34 11.69 10.13
CA VAL D 100 -8.82 11.61 10.27
C VAL D 100 -8.14 13.02 10.17
N LEU D 101 -8.81 14.05 9.57
CA LEU D 101 -8.25 15.47 9.55
C LEU D 101 -8.75 16.15 10.85
N LEU D 102 -10.11 16.20 11.01
CA LEU D 102 -10.78 16.83 12.23
C LEU D 102 -10.69 15.87 13.47
N LYS D 103 -11.36 14.68 13.41
CA LYS D 103 -11.47 13.61 14.51
C LYS D 103 -12.70 13.92 15.41
N SER D 104 -12.80 15.16 15.94
CA SER D 104 -13.96 15.60 16.83
C SER D 104 -14.83 16.63 16.08
N GLN C 1 17.75 32.63 24.84
CA GLN C 1 16.39 32.76 24.21
C GLN C 1 16.46 32.49 22.68
N SER C 2 15.41 31.82 22.13
CA SER C 2 15.27 31.48 20.65
C SER C 2 16.54 30.71 20.05
N PRO C 3 16.46 29.35 19.84
CA PRO C 3 17.60 28.53 19.29
C PRO C 3 17.67 28.65 17.73
N TYR C 4 18.89 28.71 17.16
CA TYR C 4 19.08 28.80 15.65
C TYR C 4 19.61 27.43 15.13
N SER C 5 20.82 27.00 15.57
CA SER C 5 21.42 25.67 15.16
C SER C 5 22.04 24.99 16.41
N ALA C 6 21.55 23.77 16.77
CA ALA C 6 22.05 23.03 18.00
C ALA C 6 22.05 21.49 17.76
N ALA C 7 20.91 20.93 17.29
CA ALA C 7 20.78 19.42 17.06
C ALA C 7 20.95 19.07 15.55
N MET C 8 20.16 19.71 14.65
CA MET C 8 20.20 19.45 13.13
C MET C 8 19.69 18.00 12.82
N ALA C 9 18.69 17.88 11.92
CA ALA C 9 18.09 16.53 11.53
C ALA C 9 18.51 16.11 10.10
N GLU C 10 18.50 14.78 9.83
CA GLU C 10 18.88 14.23 8.46
C GLU C 10 17.65 14.27 7.54
N GLN C 11 16.49 13.73 8.00
CA GLN C 11 15.19 13.69 7.20
C GLN C 11 14.15 14.69 7.79
N ARG C 12 13.36 15.33 6.91
CA ARG C 12 12.29 16.34 7.33
C ARG C 12 10.89 15.80 6.93
N HIS C 13 9.93 15.73 7.91
CA HIS C 13 8.49 15.23 7.70
C HIS C 13 8.45 13.74 7.22
N GLN C 14 7.31 13.03 7.49
CA GLN C 14 7.14 11.56 7.09
C GLN C 14 6.46 11.46 5.68
N GLU C 15 6.77 10.37 4.93
CA GLU C 15 6.19 10.12 3.54
C GLU C 15 5.32 8.81 3.61
N TRP C 16 5.90 7.59 3.35
CA TRP C 16 5.13 6.26 3.42
C TRP C 16 4.37 6.12 4.76
N LEU C 17 5.00 6.56 5.85
CA LEU C 17 4.46 6.41 7.27
C LEU C 17 3.43 7.49 7.61
N ARG C 18 3.49 8.69 6.98
CA ARG C 18 2.37 9.73 7.18
C ARG C 18 1.05 9.05 6.68
N PHE C 19 1.17 8.08 5.71
CA PHE C 19 0.01 7.25 5.24
C PHE C 19 -0.20 6.05 6.24
N VAL C 20 0.88 5.40 6.83
CA VAL C 20 0.68 4.17 7.76
C VAL C 20 -0.05 4.53 9.10
N ASP C 21 0.02 5.80 9.59
CA ASP C 21 -0.67 6.22 10.89
C ASP C 21 -2.17 6.42 10.58
N LEU C 22 -2.48 7.22 9.54
CA LEU C 22 -3.94 7.44 9.08
C LEU C 22 -4.51 6.08 8.50
N LEU C 23 -3.62 5.13 8.08
CA LEU C 23 -4.09 3.78 7.56
C LEU C 23 -4.61 2.96 8.74
N LYS C 24 -3.93 3.02 9.93
CA LYS C 24 -4.44 2.29 11.17
C LYS C 24 -5.86 2.80 11.59
N ASN C 25 -6.30 4.03 11.15
CA ASN C 25 -7.70 4.55 11.46
C ASN C 25 -8.72 3.79 10.59
N ALA C 26 -8.39 3.58 9.30
CA ALA C 26 -9.29 2.81 8.36
C ALA C 26 -8.92 1.26 8.39
N TYR C 27 -7.90 0.82 9.16
CA TYR C 27 -7.49 -0.65 9.24
C TYR C 27 -8.31 -1.33 10.37
N GLN C 28 -8.63 -0.60 11.48
CA GLN C 28 -9.49 -1.15 12.62
C GLN C 28 -10.92 -1.39 12.04
N ASN C 29 -11.41 -0.44 11.19
CA ASN C 29 -12.75 -0.58 10.49
C ASN C 29 -12.48 -1.31 9.12
N ASP C 30 -12.18 -0.57 8.02
CA ASP C 30 -11.83 -1.10 6.59
C ASP C 30 -12.23 0.01 5.52
N LEU C 31 -11.89 1.28 5.81
CA LEU C 31 -12.21 2.47 4.92
C LEU C 31 -10.93 2.93 4.11
N HIS C 32 -9.87 2.06 4.06
CA HIS C 32 -8.62 2.31 3.25
C HIS C 32 -8.87 1.81 1.76
N LEU C 33 -10.12 1.37 1.44
CA LEU C 33 -10.53 0.78 0.12
C LEU C 33 -11.15 1.90 -0.76
N PRO C 34 -12.13 2.75 -0.26
CA PRO C 34 -12.58 3.98 -1.00
C PRO C 34 -11.36 4.96 -1.00
N LEU C 35 -10.58 4.97 0.15
CA LEU C 35 -9.30 5.79 0.30
C LEU C 35 -8.26 5.29 -0.76
N LEU C 36 -8.21 3.97 -1.07
CA LEU C 36 -7.28 3.39 -2.18
C LEU C 36 -7.63 4.06 -3.54
N ASN C 37 -8.93 4.09 -3.89
CA ASN C 37 -9.46 4.69 -5.21
C ASN C 37 -9.10 6.21 -5.38
N LEU C 38 -8.69 6.93 -4.30
CA LEU C 38 -8.40 8.43 -4.38
C LEU C 38 -6.88 8.79 -4.40
N MET C 39 -6.03 8.21 -3.49
CA MET C 39 -4.54 8.63 -3.41
C MET C 39 -3.57 7.45 -3.65
N LEU C 40 -4.04 6.30 -4.19
CA LEU C 40 -3.17 5.12 -4.43
C LEU C 40 -3.21 4.70 -5.93
N THR C 41 -4.44 4.56 -6.53
CA THR C 41 -4.74 4.14 -8.00
C THR C 41 -5.32 2.69 -8.06
N PRO C 42 -6.05 2.32 -9.19
CA PRO C 42 -6.49 0.90 -9.42
C PRO C 42 -5.22 0.06 -9.79
N ASP C 43 -4.22 0.71 -10.48
CA ASP C 43 -2.89 0.07 -10.83
C ASP C 43 -2.03 -0.19 -9.54
N GLU C 44 -2.37 0.44 -8.37
CA GLU C 44 -1.63 0.23 -7.07
C GLU C 44 -2.09 -1.14 -6.48
N ARG C 45 -3.42 -1.48 -6.55
CA ARG C 45 -3.90 -2.86 -6.10
C ARG C 45 -3.70 -3.91 -7.24
N GLU C 46 -3.39 -3.45 -8.49
CA GLU C 46 -3.06 -4.38 -9.66
C GLU C 46 -1.63 -4.93 -9.40
N ALA C 47 -0.71 -4.06 -8.89
CA ALA C 47 0.71 -4.45 -8.59
C ALA C 47 0.81 -5.12 -7.20
N LEU C 48 -0.03 -4.75 -6.19
CA LEU C 48 -0.03 -5.52 -4.85
C LEU C 48 -0.65 -6.93 -5.13
N GLY C 49 -1.51 -7.05 -6.20
CA GLY C 49 -2.15 -8.32 -6.68
C GLY C 49 -1.10 -9.31 -7.23
N THR C 50 -0.54 -9.03 -8.42
CA THR C 50 0.47 -9.96 -9.10
C THR C 50 1.84 -10.00 -8.38
N ARG C 51 2.24 -8.95 -7.62
CA ARG C 51 3.58 -8.99 -6.87
C ARG C 51 3.41 -9.98 -5.69
N VAL C 52 2.34 -9.89 -4.89
CA VAL C 52 2.11 -10.94 -3.77
C VAL C 52 1.80 -12.35 -4.42
N ARG C 53 1.41 -12.41 -5.72
CA ARG C 53 1.12 -13.77 -6.40
C ARG C 53 2.45 -14.56 -6.70
N ILE C 54 3.51 -13.93 -7.33
CA ILE C 54 4.80 -14.67 -7.66
C ILE C 54 5.66 -14.94 -6.37
N VAL C 55 5.53 -14.12 -5.27
CA VAL C 55 6.37 -14.36 -3.99
C VAL C 55 5.66 -15.41 -3.14
N GLU C 56 4.34 -15.23 -2.90
CA GLU C 56 3.53 -16.23 -2.09
C GLU C 56 3.52 -17.63 -2.82
N GLU C 57 3.67 -17.66 -4.17
CA GLU C 57 3.73 -18.95 -4.97
C GLU C 57 5.21 -19.44 -5.12
N LEU C 58 6.24 -18.55 -4.95
CA LEU C 58 7.72 -18.96 -5.04
C LEU C 58 8.12 -19.70 -3.73
N LEU C 59 7.74 -19.13 -2.56
CA LEU C 59 8.04 -19.73 -1.17
C LEU C 59 7.58 -21.20 -1.04
N ARG C 60 6.54 -21.61 -1.81
CA ARG C 60 6.01 -23.05 -1.75
C ARG C 60 6.73 -23.91 -2.83
N GLY C 61 6.79 -23.40 -4.08
CA GLY C 61 7.50 -24.12 -5.22
C GLY C 61 6.70 -25.36 -5.71
N GLU C 62 5.65 -25.13 -6.53
CA GLU C 62 4.80 -26.26 -7.11
C GLU C 62 4.38 -25.86 -8.55
N MET C 63 3.66 -24.72 -8.69
CA MET C 63 3.22 -24.16 -10.03
C MET C 63 3.47 -22.61 -9.99
N SER C 64 4.77 -22.22 -10.02
CA SER C 64 5.19 -20.75 -9.92
C SER C 64 6.16 -20.30 -11.05
N GLN C 65 6.95 -21.21 -11.66
CA GLN C 65 7.98 -20.81 -12.73
C GLN C 65 7.51 -21.16 -14.17
N ARG C 66 7.26 -22.45 -14.45
CA ARG C 66 6.86 -22.93 -15.85
C ARG C 66 5.32 -22.92 -16.05
N GLU C 67 4.59 -23.73 -15.27
CA GLU C 67 3.08 -23.88 -15.39
C GLU C 67 2.26 -22.65 -14.85
N LEU C 68 2.91 -21.60 -14.26
CA LEU C 68 2.15 -20.41 -13.69
C LEU C 68 1.69 -19.42 -14.80
N LYS C 69 2.59 -18.95 -15.70
CA LYS C 69 2.24 -17.90 -16.78
C LYS C 69 0.88 -18.18 -17.52
N ASN C 70 0.49 -19.46 -17.68
CA ASN C 70 -0.81 -19.83 -18.39
C ASN C 70 -2.05 -19.45 -17.52
N GLU C 71 -1.97 -19.70 -16.19
CA GLU C 71 -3.10 -19.43 -15.20
C GLU C 71 -3.44 -17.90 -15.10
N LEU C 72 -2.44 -17.04 -14.78
CA LEU C 72 -2.67 -15.53 -14.60
C LEU C 72 -2.26 -14.74 -15.87
N GLY C 73 -1.02 -14.93 -16.34
CA GLY C 73 -0.44 -14.19 -17.54
C GLY C 73 0.79 -13.32 -17.14
N ALA C 74 1.53 -13.68 -16.04
CA ALA C 74 2.76 -12.92 -15.59
C ALA C 74 3.97 -13.62 -16.22
N GLY C 75 4.75 -12.87 -17.05
CA GLY C 75 5.97 -13.41 -17.81
C GLY C 75 6.93 -14.29 -16.97
N ILE C 76 7.93 -14.95 -17.61
CA ILE C 76 8.93 -15.79 -16.83
C ILE C 76 10.01 -14.84 -16.20
N ALA C 77 10.15 -13.56 -16.69
CA ALA C 77 11.15 -12.59 -16.07
C ALA C 77 10.70 -12.17 -14.64
N THR C 78 9.39 -12.00 -14.38
CA THR C 78 8.87 -11.57 -13.00
C THR C 78 8.82 -12.77 -12.01
N ILE C 79 8.35 -13.95 -12.46
CA ILE C 79 8.21 -15.17 -11.52
C ILE C 79 9.56 -15.80 -11.11
N THR C 80 10.68 -15.52 -11.82
CA THR C 80 12.05 -16.09 -11.45
C THR C 80 12.99 -14.97 -10.94
N ARG C 81 12.83 -13.69 -11.41
CA ARG C 81 13.64 -12.53 -10.85
C ARG C 81 13.04 -12.14 -9.45
N GLY C 82 11.73 -12.49 -9.18
CA GLY C 82 11.05 -12.24 -7.84
C GLY C 82 11.79 -13.02 -6.72
N SER C 83 12.30 -14.26 -7.02
CA SER C 83 13.11 -15.07 -5.99
C SER C 83 14.46 -14.34 -5.68
N ASN C 84 15.06 -13.64 -6.69
CA ASN C 84 16.37 -12.85 -6.51
C ASN C 84 16.21 -11.70 -5.45
N SER C 85 15.00 -11.09 -5.33
CA SER C 85 14.71 -9.96 -4.32
C SER C 85 14.97 -10.43 -2.85
N LEU C 86 14.62 -11.70 -2.53
CA LEU C 86 14.82 -12.33 -1.15
C LEU C 86 16.33 -12.33 -0.74
N LYS C 87 17.23 -12.64 -1.70
CA LYS C 87 18.74 -12.68 -1.44
C LYS C 87 19.33 -11.28 -1.05
N ALA C 88 18.63 -10.17 -1.38
CA ALA C 88 19.09 -8.77 -1.03
C ALA C 88 18.60 -8.39 0.39
N ALA C 89 17.33 -8.70 0.74
CA ALA C 89 16.72 -8.38 2.12
C ALA C 89 17.48 -9.10 3.29
N PRO C 90 17.27 -8.66 4.59
CA PRO C 90 17.95 -9.30 5.75
C PRO C 90 17.17 -10.55 6.24
N VAL C 91 17.81 -11.37 7.10
CA VAL C 91 17.17 -12.64 7.65
C VAL C 91 16.45 -12.36 9.00
N GLU C 92 16.80 -11.30 9.75
CA GLU C 92 16.13 -10.97 11.09
C GLU C 92 14.62 -10.71 10.86
N LEU C 93 14.28 -9.94 9.78
CA LEU C 93 12.85 -9.62 9.41
C LEU C 93 12.31 -10.56 8.28
N ARG C 94 13.22 -11.34 7.59
CA ARG C 94 12.73 -12.48 6.67
C ARG C 94 12.09 -13.51 7.67
N GLN C 95 12.67 -13.56 8.91
CA GLN C 95 12.17 -14.39 10.08
C GLN C 95 10.68 -14.06 10.36
N TRP C 96 10.26 -12.76 10.24
CA TRP C 96 8.79 -12.39 10.43
C TRP C 96 7.99 -13.05 9.30
N LEU C 97 8.55 -13.10 8.05
CA LEU C 97 7.85 -13.82 6.88
C LEU C 97 7.48 -15.28 7.33
N GLU C 98 8.37 -15.91 8.17
CA GLU C 98 8.10 -17.30 8.78
C GLU C 98 6.98 -17.16 9.85
N GLU C 99 6.98 -16.05 10.64
CA GLU C 99 5.89 -15.71 11.68
C GLU C 99 4.49 -15.62 11.00
N VAL C 100 4.44 -15.34 9.65
CA VAL C 100 3.13 -15.14 8.91
C VAL C 100 2.78 -16.30 7.92
N LEU C 101 3.66 -17.34 7.74
CA LEU C 101 3.36 -18.57 6.90
C LEU C 101 3.28 -19.79 7.87
N LEU C 102 4.41 -20.07 8.58
CA LEU C 102 4.55 -21.24 9.58
C LEU C 102 3.36 -21.32 10.59
N LYS C 103 3.07 -20.23 11.33
CA LYS C 103 1.93 -20.21 12.34
C LYS C 103 0.58 -20.07 11.59
N SER C 104 0.40 -18.98 10.81
CA SER C 104 -0.87 -18.72 10.02
C SER C 104 -0.65 -19.01 8.52
N GLN D 1 -34.71 -26.91 -19.22
CA GLN D 1 -34.53 -25.42 -19.22
C GLN D 1 -35.15 -24.82 -17.93
N SER D 2 -34.37 -23.99 -17.19
CA SER D 2 -34.85 -23.33 -15.90
C SER D 2 -35.24 -21.84 -16.20
N PRO D 3 -36.53 -21.39 -15.92
CA PRO D 3 -36.97 -19.98 -16.19
C PRO D 3 -36.41 -19.04 -15.08
N TYR D 4 -36.67 -19.38 -13.79
CA TYR D 4 -36.17 -18.58 -12.60
C TYR D 4 -35.03 -19.37 -11.91
N SER D 5 -33.87 -18.70 -11.70
CA SER D 5 -32.66 -19.34 -11.04
C SER D 5 -31.88 -18.29 -10.20
N ALA D 6 -31.56 -17.12 -10.80
CA ALA D 6 -30.79 -15.97 -10.13
C ALA D 6 -29.33 -16.40 -9.81
N ALA D 7 -28.35 -15.50 -10.08
CA ALA D 7 -26.86 -15.77 -9.82
C ALA D 7 -26.19 -14.56 -9.12
N MET D 8 -25.21 -14.84 -8.22
CA MET D 8 -24.41 -13.79 -7.42
C MET D 8 -25.34 -13.01 -6.45
N ALA D 9 -24.87 -12.80 -5.19
CA ALA D 9 -25.66 -12.06 -4.12
C ALA D 9 -24.72 -11.16 -3.27
N GLU D 10 -23.60 -11.72 -2.78
CA GLU D 10 -22.60 -10.94 -1.91
C GLU D 10 -21.17 -11.11 -2.47
N GLN D 11 -20.41 -10.00 -2.64
CA GLN D 11 -18.97 -10.05 -3.15
C GLN D 11 -18.04 -10.29 -1.94
N ARG D 12 -17.18 -11.34 -1.99
CA ARG D 12 -16.23 -11.68 -0.84
C ARG D 12 -14.91 -12.31 -1.38
N HIS D 13 -13.76 -11.99 -0.72
CA HIS D 13 -12.37 -12.52 -1.09
C HIS D 13 -11.98 -12.07 -2.53
N GLN D 14 -11.09 -11.03 -2.63
CA GLN D 14 -10.60 -10.47 -3.95
C GLN D 14 -9.07 -10.74 -4.06
N GLU D 15 -8.17 -9.74 -3.83
CA GLU D 15 -6.66 -9.94 -3.90
C GLU D 15 -5.98 -8.97 -2.88
N TRP D 16 -6.15 -7.62 -3.10
CA TRP D 16 -5.58 -6.52 -2.19
C TRP D 16 -5.75 -6.82 -0.64
N LEU D 17 -6.76 -7.60 -0.28
CA LEU D 17 -7.18 -7.83 1.17
C LEU D 17 -6.53 -9.03 1.80
N ARG D 18 -6.25 -10.12 1.05
CA ARG D 18 -5.44 -11.27 1.64
C ARG D 18 -4.00 -10.68 1.93
N PHE D 19 -3.63 -9.57 1.21
CA PHE D 19 -2.36 -8.80 1.44
C PHE D 19 -2.60 -7.89 2.70
N VAL D 20 -3.86 -7.30 2.90
CA VAL D 20 -4.20 -6.45 4.15
C VAL D 20 -4.23 -7.33 5.45
N ASP D 21 -4.40 -8.68 5.37
CA ASP D 21 -4.45 -9.58 6.60
C ASP D 21 -3.01 -9.75 7.13
N LEU D 22 -2.07 -10.17 6.25
CA LEU D 22 -0.60 -10.29 6.64
C LEU D 22 0.00 -8.85 6.89
N LEU D 23 -0.64 -7.78 6.32
CA LEU D 23 -0.19 -6.36 6.57
C LEU D 23 -0.51 -6.00 8.04
N LYS D 24 -1.66 -6.50 8.59
CA LYS D 24 -2.02 -6.28 10.04
C LYS D 24 -1.02 -7.01 10.99
N ASN D 25 -0.32 -8.10 10.52
CA ASN D 25 0.71 -8.84 11.37
C ASN D 25 1.97 -7.98 11.54
N ALA D 26 2.41 -7.29 10.47
CA ALA D 26 3.61 -6.39 10.54
C ALA D 26 3.18 -4.95 11.00
N TYR D 27 1.87 -4.60 11.00
CA TYR D 27 1.35 -3.25 11.49
C TYR D 27 1.41 -3.23 13.06
N GLN D 28 1.27 -4.43 13.71
CA GLN D 28 1.36 -4.60 15.24
C GLN D 28 2.79 -4.18 15.67
N ASN D 29 3.82 -4.74 14.97
CA ASN D 29 5.27 -4.40 15.24
C ASN D 29 5.64 -3.21 14.27
N ASP D 30 6.09 -3.50 13.03
CA ASP D 30 6.46 -2.50 11.90
C ASP D 30 7.47 -3.22 10.93
N LEU D 31 7.09 -4.44 10.46
CA LEU D 31 7.92 -5.33 9.55
C LEU D 31 7.31 -5.41 8.10
N HIS D 32 6.30 -4.52 7.81
CA HIS D 32 5.68 -4.41 6.43
C HIS D 32 6.59 -3.48 5.53
N LEU D 33 7.75 -3.01 6.06
CA LEU D 33 8.69 -2.04 5.38
C LEU D 33 9.86 -2.84 4.72
N PRO D 34 10.57 -3.79 5.45
CA PRO D 34 11.55 -4.71 4.79
C PRO D 34 10.73 -5.70 3.91
N LEU D 35 9.44 -6.00 4.33
CA LEU D 35 8.49 -6.84 3.53
C LEU D 35 8.17 -6.07 2.22
N LEU D 36 7.88 -4.72 2.30
CA LEU D 36 7.60 -3.91 1.03
C LEU D 36 8.93 -3.58 0.25
N ASN D 37 10.13 -3.87 0.83
CA ASN D 37 11.46 -3.68 0.11
C ASN D 37 11.77 -4.96 -0.78
N LEU D 38 10.88 -6.00 -0.77
CA LEU D 38 11.05 -7.30 -1.54
C LEU D 38 9.86 -7.43 -2.55
N MET D 39 8.60 -7.22 -2.10
CA MET D 39 7.36 -7.38 -2.99
C MET D 39 6.79 -6.01 -3.49
N LEU D 40 7.53 -4.86 -3.33
CA LEU D 40 7.02 -3.50 -3.79
C LEU D 40 8.07 -2.74 -4.68
N THR D 41 9.03 -1.96 -4.08
CA THR D 41 10.15 -1.11 -4.76
C THR D 41 10.22 0.29 -4.00
N PRO D 42 11.44 0.86 -3.70
CA PRO D 42 11.58 2.18 -2.96
C PRO D 42 10.96 3.39 -3.76
N ASP D 43 10.95 3.34 -5.12
CA ASP D 43 10.36 4.46 -6.00
C ASP D 43 8.83 4.63 -5.73
N GLU D 44 8.12 3.53 -5.34
CA GLU D 44 6.62 3.60 -5.04
C GLU D 44 6.37 4.39 -3.72
N ARG D 45 7.21 4.17 -2.66
CA ARG D 45 7.05 4.96 -1.35
C ARG D 45 7.53 6.43 -1.52
N GLU D 46 8.41 6.73 -2.53
CA GLU D 46 8.85 8.18 -2.82
C GLU D 46 7.59 8.95 -3.31
N ALA D 47 6.89 8.34 -4.32
CA ALA D 47 5.62 8.90 -4.89
C ALA D 47 4.42 8.65 -3.95
N LEU D 48 4.57 7.81 -2.86
CA LEU D 48 3.46 7.63 -1.84
C LEU D 48 3.51 8.86 -0.87
N GLY D 49 4.72 9.45 -0.61
CA GLY D 49 4.86 10.66 0.28
C GLY D 49 4.28 11.87 -0.44
N THR D 50 4.79 12.16 -1.67
CA THR D 50 4.31 13.35 -2.52
C THR D 50 2.82 13.19 -2.95
N ARG D 51 2.28 11.96 -3.10
CA ARG D 51 0.80 11.75 -3.45
C ARG D 51 -0.04 12.20 -2.21
N VAL D 52 0.31 11.69 -1.02
CA VAL D 52 -0.39 12.10 0.28
C VAL D 52 -0.10 13.63 0.57
N ARG D 53 0.94 14.26 -0.08
CA ARG D 53 1.24 15.74 0.13
C ARG D 53 0.25 16.64 -0.67
N ILE D 54 -0.04 16.39 -2.00
CA ILE D 54 -1.00 17.29 -2.79
C ILE D 54 -2.48 17.08 -2.30
N VAL D 55 -2.85 15.92 -1.66
CA VAL D 55 -4.28 15.69 -1.17
C VAL D 55 -4.40 16.31 0.23
N GLU D 56 -3.47 15.98 1.15
CA GLU D 56 -3.44 16.58 2.57
C GLU D 56 -3.36 18.14 2.50
N GLU D 57 -2.80 18.72 1.40
CA GLU D 57 -2.71 20.24 1.20
C GLU D 57 -3.99 20.74 0.44
N LEU D 58 -4.64 19.89 -0.41
CA LEU D 58 -5.92 20.27 -1.20
C LEU D 58 -7.09 20.48 -0.20
N LEU D 59 -7.23 19.57 0.79
CA LEU D 59 -8.31 19.62 1.87
C LEU D 59 -8.21 20.92 2.73
N ARG D 60 -7.02 21.57 2.79
CA ARG D 60 -6.82 22.85 3.60
C ARG D 60 -7.31 24.06 2.76
N GLY D 61 -6.88 24.16 1.47
CA GLY D 61 -7.31 25.28 0.53
C GLY D 61 -6.75 26.66 0.99
N GLU D 62 -5.46 26.94 0.71
CA GLU D 62 -4.80 28.25 1.12
C GLU D 62 -3.60 28.54 0.16
N MET D 63 -2.70 27.55 0.01
CA MET D 63 -1.47 27.67 -0.89
C MET D 63 -1.08 26.22 -1.36
N SER D 64 -2.01 25.58 -2.11
CA SER D 64 -1.86 24.15 -2.60
C SER D 64 -2.16 24.00 -4.15
N GLN D 65 -2.44 25.10 -4.90
CA GLN D 65 -2.77 25.03 -6.38
C GLN D 65 -1.63 25.62 -7.25
N ARG D 66 -1.23 26.90 -7.00
CA ARG D 66 -0.17 27.61 -7.83
C ARG D 66 1.21 27.66 -7.11
N GLU D 67 1.26 28.26 -5.91
CA GLU D 67 2.54 28.43 -5.11
C GLU D 67 3.08 27.11 -4.46
N LEU D 68 2.41 25.94 -4.63
CA LEU D 68 2.89 24.65 -3.99
C LEU D 68 4.09 24.06 -4.81
N LYS D 69 4.03 24.00 -6.16
CA LYS D 69 5.20 23.45 -7.01
C LYS D 69 6.53 24.23 -6.68
N ASN D 70 6.44 25.55 -6.42
CA ASN D 70 7.66 26.42 -6.06
C ASN D 70 8.30 25.92 -4.72
N GLU D 71 7.45 25.49 -3.75
CA GLU D 71 7.92 24.95 -2.41
C GLU D 71 8.71 23.61 -2.59
N LEU D 72 8.05 22.54 -3.09
CA LEU D 72 8.70 21.17 -3.29
C LEU D 72 9.15 20.99 -4.78
N GLY D 73 8.18 20.88 -5.73
CA GLY D 73 8.49 20.66 -7.21
C GLY D 73 7.57 19.53 -7.76
N ALA D 74 6.23 19.62 -7.50
CA ALA D 74 5.22 18.59 -8.00
C ALA D 74 4.35 19.30 -9.08
N GLY D 75 4.44 18.84 -10.35
CA GLY D 75 3.71 19.45 -11.55
C GLY D 75 2.24 19.86 -11.32
N ILE D 76 1.65 20.64 -12.28
CA ILE D 76 0.18 21.04 -12.13
C ILE D 76 -0.69 19.85 -12.64
N ALA D 77 -0.14 18.87 -13.43
CA ALA D 77 -0.96 17.66 -13.86
C ALA D 77 -1.26 16.78 -12.61
N THR D 78 -0.29 16.64 -11.66
CA THR D 78 -0.48 15.83 -10.38
C THR D 78 -1.27 16.59 -9.29
N ILE D 79 -1.05 17.90 -9.19
CA ILE D 79 -1.67 18.77 -8.11
C ILE D 79 -3.20 18.96 -8.33
N THR D 80 -3.64 19.10 -9.61
CA THR D 80 -5.08 19.32 -9.97
C THR D 80 -5.78 17.98 -10.33
N ARG D 81 -5.03 16.95 -10.86
CA ARG D 81 -5.65 15.57 -11.08
C ARG D 81 -5.79 14.88 -9.67
N GLY D 82 -4.98 15.33 -8.63
CA GLY D 82 -5.10 14.85 -7.20
C GLY D 82 -6.46 15.40 -6.62
N SER D 83 -6.97 16.56 -7.14
CA SER D 83 -8.32 17.16 -6.72
C SER D 83 -9.47 16.22 -7.20
N ASN D 84 -9.31 15.60 -8.42
CA ASN D 84 -10.33 14.59 -8.97
C ASN D 84 -10.44 13.33 -8.04
N SER D 85 -9.39 13.05 -7.21
CA SER D 85 -9.35 11.87 -6.22
C SER D 85 -10.66 11.78 -5.39
N LEU D 86 -11.12 12.93 -4.83
CA LEU D 86 -12.40 13.03 -4.03
C LEU D 86 -13.63 12.84 -4.98
N LYS D 87 -13.58 13.44 -6.19
CA LYS D 87 -14.73 13.34 -7.23
C LYS D 87 -15.08 11.86 -7.59
N ALA D 88 -14.12 10.93 -7.48
CA ALA D 88 -14.34 9.47 -7.80
C ALA D 88 -14.96 8.74 -6.59
N ALA D 89 -14.43 8.99 -5.36
CA ALA D 89 -14.95 8.33 -4.08
C ALA D 89 -16.37 8.84 -3.67
N PRO D 90 -17.13 8.05 -2.84
CA PRO D 90 -18.47 8.46 -2.36
C PRO D 90 -18.36 9.44 -1.14
N VAL D 91 -19.51 9.96 -0.65
CA VAL D 91 -19.55 10.93 0.52
C VAL D 91 -19.67 10.20 1.88
N GLU D 92 -20.24 8.96 1.94
CA GLU D 92 -20.37 8.21 3.25
C GLU D 92 -18.96 7.90 3.82
N LEU D 93 -17.98 7.55 2.93
CA LEU D 93 -16.55 7.26 3.35
C LEU D 93 -15.61 8.48 3.07
N ARG D 94 -16.09 9.53 2.31
CA ARG D 94 -15.36 10.88 2.25
C ARG D 94 -15.53 11.42 3.72
N GLN D 95 -16.70 11.07 4.34
CA GLN D 95 -17.05 11.37 5.79
C GLN D 95 -15.97 10.77 6.74
N TRP D 96 -15.39 9.56 6.43
CA TRP D 96 -14.26 8.98 7.29
C TRP D 96 -13.06 9.95 7.20
N LEU D 97 -12.82 10.57 6.00
CA LEU D 97 -11.69 11.60 5.84
C LEU D 97 -11.86 12.72 6.96
N GLU D 98 -13.14 13.08 7.30
CA GLU D 98 -13.47 14.06 8.44
C GLU D 98 -13.16 13.36 9.81
N GLU D 99 -13.44 12.02 9.92
CA GLU D 99 -13.06 11.18 11.16
C GLU D 99 -11.51 11.21 11.39
N VAL D 100 -10.71 11.49 10.32
CA VAL D 100 -9.18 11.50 10.39
C VAL D 100 -8.58 12.93 10.13
N LEU D 101 -9.41 13.99 9.92
CA LEU D 101 -8.94 15.43 9.78
C LEU D 101 -9.40 16.12 11.11
N LEU D 102 -10.75 16.22 11.31
CA LEU D 102 -11.42 16.83 12.55
C LEU D 102 -10.81 16.26 13.89
N LYS D 103 -10.40 14.96 13.89
CA LYS D 103 -9.78 14.21 15.09
C LYS D 103 -10.88 13.59 16.02
N SER D 104 -12.04 14.27 16.22
CA SER D 104 -13.20 13.78 17.11
C SER D 104 -12.79 13.71 18.60
N GLN C 1 40.11 16.97 17.44
CA GLN C 1 38.67 16.68 17.76
C GLN C 1 38.49 15.15 17.95
N SER C 2 37.91 14.72 19.10
CA SER C 2 37.70 13.24 19.42
C SER C 2 36.16 12.90 19.53
N PRO C 3 35.72 11.64 19.11
CA PRO C 3 34.28 11.22 19.16
C PRO C 3 33.76 11.05 20.61
N TYR C 4 32.54 11.56 20.89
CA TYR C 4 31.86 11.46 22.25
C TYR C 4 30.49 10.76 22.04
N SER C 5 29.64 11.32 21.13
CA SER C 5 28.28 10.74 20.80
C SER C 5 28.14 10.68 19.26
N ALA C 6 27.90 9.47 18.70
CA ALA C 6 27.77 9.27 17.20
C ALA C 6 26.28 9.04 16.83
N ALA C 7 25.74 9.85 15.90
CA ALA C 7 24.29 9.74 15.43
C ALA C 7 24.10 10.49 14.09
N MET C 8 23.47 9.82 13.09
CA MET C 8 23.22 10.43 11.71
C MET C 8 21.71 10.73 11.56
N ALA C 9 20.84 9.67 11.47
CA ALA C 9 19.33 9.85 11.30
C ALA C 9 18.56 8.54 11.61
N GLU C 10 17.36 8.68 12.22
CA GLU C 10 16.46 7.50 12.56
C GLU C 10 15.06 7.79 11.95
N GLN C 11 14.40 8.88 12.39
CA GLN C 11 13.05 9.31 11.87
C GLN C 11 13.05 10.87 11.74
N ARG C 12 12.95 11.40 10.50
CA ARG C 12 12.98 12.91 10.24
C ARG C 12 11.85 13.29 9.24
N HIS C 13 11.80 12.64 8.05
CA HIS C 13 10.75 12.92 6.98
C HIS C 13 9.76 11.73 6.88
N GLN C 14 8.43 12.01 6.92
CA GLN C 14 7.37 10.94 6.81
C GLN C 14 6.70 11.01 5.41
N GLU C 15 6.81 9.91 4.63
CA GLU C 15 6.24 9.80 3.23
C GLU C 15 5.35 8.51 3.20
N TRP C 16 5.98 7.29 3.01
CA TRP C 16 5.24 5.95 3.05
C TRP C 16 4.39 5.85 4.35
N LEU C 17 4.99 6.28 5.48
CA LEU C 17 4.39 6.19 6.86
C LEU C 17 3.34 7.26 7.10
N ARG C 18 3.42 8.45 6.43
CA ARG C 18 2.28 9.49 6.55
C ARG C 18 0.96 8.78 6.06
N PHE C 19 1.10 7.75 5.15
CA PHE C 19 -0.06 6.89 4.72
C PHE C 19 -0.28 5.76 5.81
N VAL C 20 0.80 5.14 6.40
CA VAL C 20 0.63 3.95 7.39
C VAL C 20 -0.08 4.35 8.75
N ASP C 21 0.20 5.54 9.33
CA ASP C 21 -0.43 5.97 10.67
C ASP C 21 -1.94 6.22 10.46
N LEU C 22 -2.31 7.03 9.44
CA LEU C 22 -3.78 7.26 9.10
C LEU C 22 -4.41 5.93 8.52
N LEU C 23 -3.55 4.97 8.05
CA LEU C 23 -4.06 3.63 7.55
C LEU C 23 -4.64 2.87 8.76
N LYS C 24 -4.00 2.98 9.96
CA LYS C 24 -4.53 2.31 11.23
C LYS C 24 -5.93 2.89 11.64
N ASN C 25 -6.29 4.14 11.21
CA ASN C 25 -7.67 4.74 11.50
C ASN C 25 -8.71 3.99 10.64
N ALA C 26 -8.38 3.71 9.36
CA ALA C 26 -9.30 2.95 8.46
C ALA C 26 -9.05 1.39 8.58
N TYR C 27 -8.05 0.92 9.37
CA TYR C 27 -7.76 -0.58 9.52
C TYR C 27 -8.66 -1.15 10.64
N GLN C 28 -8.90 -0.37 11.74
CA GLN C 28 -9.84 -0.81 12.88
C GLN C 28 -11.25 -1.06 12.28
N ASN C 29 -11.72 -0.13 11.40
CA ASN C 29 -13.04 -0.28 10.69
C ASN C 29 -12.76 -1.10 9.38
N ASP C 30 -12.37 -0.43 8.25
CA ASP C 30 -11.98 -1.02 6.87
C ASP C 30 -12.36 0.02 5.73
N LEU C 31 -12.01 1.31 5.95
CA LEU C 31 -12.29 2.45 4.98
C LEU C 31 -10.96 2.86 4.24
N HIS C 32 -9.90 2.00 4.31
CA HIS C 32 -8.60 2.20 3.56
C HIS C 32 -8.76 1.63 2.10
N LEU C 33 -9.99 1.21 1.72
CA LEU C 33 -10.32 0.56 0.40
C LEU C 33 -10.83 1.66 -0.58
N PRO C 34 -11.86 2.51 -0.20
CA PRO C 34 -12.25 3.71 -1.01
C PRO C 34 -11.06 4.72 -0.94
N LEU C 35 -10.35 4.74 0.24
CA LEU C 35 -9.12 5.60 0.46
C LEU C 35 -7.98 5.15 -0.51
N LEU C 36 -7.78 3.81 -0.75
CA LEU C 36 -6.70 3.38 -1.77
C LEU C 36 -7.21 3.61 -3.24
N ASN C 37 -8.53 3.75 -3.47
CA ASN C 37 -9.07 4.07 -4.86
C ASN C 37 -8.92 5.62 -5.16
N LEU C 38 -8.50 6.45 -4.15
CA LEU C 38 -8.34 7.96 -4.32
C LEU C 38 -6.85 8.38 -4.38
N MET C 39 -6.02 8.10 -3.33
CA MET C 39 -4.54 8.55 -3.33
C MET C 39 -3.56 7.48 -3.86
N LEU C 40 -4.06 6.32 -4.35
CA LEU C 40 -3.20 5.23 -4.93
C LEU C 40 -3.68 5.02 -6.42
N THR C 41 -4.59 4.03 -6.72
CA THR C 41 -5.16 3.71 -8.15
C THR C 41 -5.68 2.20 -8.19
N PRO C 42 -6.41 1.77 -9.30
CA PRO C 42 -6.83 0.33 -9.46
C PRO C 42 -5.55 -0.53 -9.72
N ASP C 43 -4.56 0.03 -10.49
CA ASP C 43 -3.22 -0.63 -10.76
C ASP C 43 -2.40 -0.79 -9.42
N GLU C 44 -2.70 0.03 -8.36
CA GLU C 44 -1.98 -0.07 -7.02
C GLU C 44 -2.40 -1.37 -6.30
N ARG C 45 -3.70 -1.82 -6.36
CA ARG C 45 -4.08 -3.18 -5.78
C ARG C 45 -3.70 -4.29 -6.81
N GLU C 46 -3.48 -3.91 -8.11
CA GLU C 46 -2.93 -4.88 -9.16
C GLU C 46 -1.40 -5.09 -8.86
N ALA C 47 -0.77 -4.16 -8.07
CA ALA C 47 0.69 -4.27 -7.69
C ALA C 47 0.79 -5.06 -6.37
N LEU C 48 -0.03 -4.77 -5.32
CA LEU C 48 -0.03 -5.65 -4.05
C LEU C 48 -0.62 -7.07 -4.43
N GLY C 49 -1.39 -7.15 -5.57
CA GLY C 49 -1.99 -8.40 -6.14
C GLY C 49 -0.91 -9.32 -6.74
N THR C 50 -0.35 -8.93 -7.90
CA THR C 50 0.69 -9.77 -8.64
C THR C 50 2.05 -9.82 -7.90
N ARG C 51 2.41 -8.83 -7.06
CA ARG C 51 3.72 -8.89 -6.28
C ARG C 51 3.55 -9.94 -5.15
N VAL C 52 2.48 -9.86 -4.32
CA VAL C 52 2.23 -10.96 -3.26
C VAL C 52 1.97 -12.34 -3.98
N ARG C 53 1.63 -12.36 -5.30
CA ARG C 53 1.40 -13.66 -6.04
C ARG C 53 2.74 -14.38 -6.39
N ILE C 54 3.78 -13.70 -6.98
CA ILE C 54 5.09 -14.40 -7.34
C ILE C 54 5.92 -14.77 -6.06
N VAL C 55 5.69 -14.10 -4.88
CA VAL C 55 6.50 -14.43 -3.60
C VAL C 55 5.77 -15.57 -2.87
N GLU C 56 4.46 -15.44 -2.59
CA GLU C 56 3.67 -16.55 -1.92
C GLU C 56 3.66 -17.84 -2.83
N GLU C 57 3.89 -17.70 -4.17
CA GLU C 57 3.96 -18.90 -5.11
C GLU C 57 5.43 -19.40 -5.24
N LEU C 58 6.47 -18.54 -4.99
CA LEU C 58 7.94 -18.98 -5.06
C LEU C 58 8.25 -19.78 -3.74
N LEU C 59 8.13 -19.09 -2.56
CA LEU C 59 8.37 -19.66 -1.15
C LEU C 59 7.78 -21.08 -0.96
N ARG C 60 6.58 -21.34 -1.53
CA ARG C 60 5.91 -22.71 -1.40
C ARG C 60 6.43 -23.61 -2.55
N GLY C 61 6.15 -23.23 -3.82
CA GLY C 61 6.61 -24.00 -5.04
C GLY C 61 5.53 -25.02 -5.45
N GLU C 62 4.52 -24.58 -6.22
CA GLU C 62 3.39 -25.45 -6.74
C GLU C 62 3.25 -25.18 -8.26
N MET C 63 2.99 -23.90 -8.61
CA MET C 63 2.87 -23.43 -10.05
C MET C 63 3.23 -21.90 -10.09
N SER C 64 4.56 -21.63 -10.13
CA SER C 64 5.11 -20.20 -10.09
C SER C 64 6.15 -19.91 -11.22
N GLN C 65 6.63 -20.91 -12.00
CA GLN C 65 7.68 -20.69 -13.10
C GLN C 65 7.06 -20.78 -14.52
N ARG C 66 6.54 -21.96 -14.94
CA ARG C 66 5.93 -22.16 -16.32
C ARG C 66 4.39 -22.22 -16.20
N GLU C 67 3.88 -22.98 -15.22
CA GLU C 67 2.37 -23.14 -14.98
C GLU C 67 1.70 -21.80 -14.48
N LEU C 68 2.48 -20.74 -14.12
CA LEU C 68 1.89 -19.44 -13.58
C LEU C 68 1.55 -18.42 -14.71
N LYS C 69 2.52 -18.03 -15.58
CA LYS C 69 2.30 -16.97 -16.70
C LYS C 69 0.87 -17.04 -17.39
N ASN C 70 0.33 -18.25 -17.60
CA ASN C 70 -1.04 -18.43 -18.27
C ASN C 70 -2.18 -18.03 -17.28
N GLU C 71 -2.09 -18.46 -16.00
CA GLU C 71 -3.12 -18.18 -14.90
C GLU C 71 -3.58 -16.69 -14.84
N LEU C 72 -2.62 -15.73 -14.82
CA LEU C 72 -2.96 -14.24 -14.73
C LEU C 72 -2.18 -13.40 -15.78
N GLY C 73 -0.85 -13.67 -15.98
CA GLY C 73 -0.01 -12.90 -16.99
C GLY C 73 1.05 -12.03 -16.26
N ALA C 74 2.11 -12.66 -15.72
CA ALA C 74 3.24 -11.94 -14.99
C ALA C 74 4.54 -11.94 -15.85
N GLY C 75 4.81 -13.06 -16.56
CA GLY C 75 6.07 -13.22 -17.41
C GLY C 75 7.10 -14.07 -16.63
N ILE C 76 8.16 -14.63 -17.31
CA ILE C 76 9.19 -15.43 -16.55
C ILE C 76 10.29 -14.46 -16.00
N ALA C 77 10.33 -13.15 -16.43
CA ALA C 77 11.34 -12.17 -15.85
C ALA C 77 10.96 -11.78 -14.40
N THR C 78 9.64 -11.62 -14.07
CA THR C 78 9.18 -11.22 -12.66
C THR C 78 9.09 -12.42 -11.70
N ILE C 79 8.61 -13.60 -12.18
CA ILE C 79 8.44 -14.82 -11.27
C ILE C 79 9.80 -15.49 -10.90
N THR C 80 10.93 -15.18 -11.60
CA THR C 80 12.29 -15.75 -11.26
C THR C 80 13.23 -14.63 -10.73
N ARG C 81 13.11 -13.36 -11.23
CA ARG C 81 13.92 -12.20 -10.63
C ARG C 81 13.34 -11.84 -9.23
N GLY C 82 12.03 -12.22 -8.95
CA GLY C 82 11.39 -12.02 -7.59
C GLY C 82 12.12 -12.89 -6.53
N SER C 83 12.64 -14.10 -6.92
CA SER C 83 13.45 -15.01 -5.98
C SER C 83 14.77 -14.29 -5.56
N ASN C 84 15.37 -13.46 -6.45
CA ASN C 84 16.65 -12.65 -6.15
C ASN C 84 16.46 -11.75 -4.86
N SER C 85 15.23 -11.22 -4.63
CA SER C 85 14.90 -10.33 -3.42
C SER C 85 15.11 -11.06 -2.07
N LEU C 86 14.82 -12.39 -2.01
CA LEU C 86 14.98 -13.24 -0.74
C LEU C 86 16.42 -13.16 -0.17
N LYS C 87 17.44 -13.22 -1.06
CA LYS C 87 18.91 -13.16 -0.64
C LYS C 87 19.33 -11.73 -0.16
N ALA C 88 18.60 -10.66 -0.56
CA ALA C 88 18.94 -9.24 -0.15
C ALA C 88 18.48 -8.93 1.29
N ALA C 89 17.25 -9.37 1.67
CA ALA C 89 16.66 -9.09 3.07
C ALA C 89 17.54 -9.65 4.23
N PRO C 90 17.37 -9.13 5.49
CA PRO C 90 18.14 -9.60 6.68
C PRO C 90 17.44 -10.85 7.31
N VAL C 91 18.19 -11.69 8.05
CA VAL C 91 17.62 -12.93 8.71
C VAL C 91 16.85 -12.57 10.00
N GLU C 92 17.17 -11.46 10.72
CA GLU C 92 16.46 -11.07 11.99
C GLU C 92 14.94 -10.87 11.70
N LEU C 93 14.61 -10.17 10.58
CA LEU C 93 13.19 -9.93 10.13
C LEU C 93 12.74 -10.91 9.00
N ARG C 94 13.68 -11.73 8.43
CA ARG C 94 13.27 -12.89 7.50
C ARG C 94 12.50 -13.84 8.48
N GLN C 95 13.01 -13.89 9.76
CA GLN C 95 12.37 -14.65 10.90
C GLN C 95 10.89 -14.24 11.09
N TRP C 96 10.53 -12.91 10.96
CA TRP C 96 9.05 -12.50 11.09
C TRP C 96 8.28 -13.14 9.93
N LEU C 97 8.89 -13.26 8.71
CA LEU C 97 8.21 -13.95 7.53
C LEU C 97 7.75 -15.37 7.99
N GLU C 98 8.58 -16.06 8.84
CA GLU C 98 8.20 -17.43 9.44
C GLU C 98 7.04 -17.22 10.46
N GLU C 99 7.06 -16.09 11.24
CA GLU C 99 5.92 -15.72 12.20
C GLU C 99 4.55 -15.61 11.42
N VAL C 100 4.61 -15.32 10.09
CA VAL C 100 3.36 -15.10 9.22
C VAL C 100 3.28 -16.13 8.01
N LEU C 101 4.21 -17.12 7.92
CA LEU C 101 4.21 -18.17 6.83
C LEU C 101 4.21 -19.58 7.52
N LEU C 102 5.24 -19.82 8.39
CA LEU C 102 5.44 -21.14 9.16
C LEU C 102 4.13 -21.68 9.84
N LYS C 103 3.59 -20.96 10.87
CA LYS C 103 2.37 -21.42 11.64
C LYS C 103 1.10 -20.58 11.27
N SER C 104 1.07 -19.26 11.62
CA SER C 104 -0.14 -18.37 11.34
C SER C 104 0.26 -16.87 11.37
N GLN D 1 -39.93 -14.81 -19.40
CA GLN D 1 -38.61 -14.91 -18.71
C GLN D 1 -37.49 -15.27 -19.72
N SER D 2 -36.31 -14.61 -19.59
CA SER D 2 -35.10 -14.86 -20.49
C SER D 2 -33.94 -15.48 -19.63
N PRO D 3 -33.32 -16.65 -20.05
CA PRO D 3 -32.20 -17.31 -19.26
C PRO D 3 -30.93 -16.40 -19.18
N TYR D 4 -30.55 -16.01 -17.94
CA TYR D 4 -29.33 -15.13 -17.69
C TYR D 4 -28.80 -15.42 -16.24
N SER D 5 -27.53 -15.88 -16.13
CA SER D 5 -26.90 -16.22 -14.80
C SER D 5 -25.58 -15.44 -14.61
N ALA D 6 -25.42 -14.77 -13.45
CA ALA D 6 -24.17 -13.97 -13.12
C ALA D 6 -23.31 -14.73 -12.09
N ALA D 7 -23.95 -15.29 -11.03
CA ALA D 7 -23.23 -16.06 -9.94
C ALA D 7 -23.63 -17.55 -9.96
N MET D 8 -22.64 -18.46 -9.99
CA MET D 8 -22.86 -19.96 -10.01
C MET D 8 -21.70 -20.64 -9.22
N ALA D 9 -20.45 -20.38 -9.65
CA ALA D 9 -19.20 -20.93 -8.99
C ALA D 9 -18.40 -19.76 -8.34
N GLU D 10 -18.22 -18.64 -9.08
CA GLU D 10 -17.47 -17.42 -8.58
C GLU D 10 -18.46 -16.27 -8.25
N GLN D 11 -18.37 -15.70 -7.02
CA GLN D 11 -19.26 -14.56 -6.56
C GLN D 11 -18.40 -13.27 -6.47
N ARG D 12 -17.30 -13.31 -5.67
CA ARG D 12 -16.37 -12.12 -5.48
C ARG D 12 -14.90 -12.63 -5.30
N HIS D 13 -13.96 -12.14 -6.15
CA HIS D 13 -12.49 -12.55 -6.08
C HIS D 13 -11.76 -11.83 -4.91
N GLN D 14 -11.02 -12.59 -4.07
CA GLN D 14 -10.25 -12.01 -2.89
C GLN D 14 -8.73 -11.92 -3.26
N GLU D 15 -8.12 -10.73 -3.09
CA GLU D 15 -6.65 -10.50 -3.40
C GLU D 15 -6.07 -9.40 -2.45
N TRP D 16 -6.34 -8.08 -2.73
CA TRP D 16 -5.84 -6.88 -1.86
C TRP D 16 -5.98 -7.13 -0.31
N LEU D 17 -6.97 -7.94 0.10
CA LEU D 17 -7.32 -8.16 1.58
C LEU D 17 -6.66 -9.40 2.16
N ARG D 18 -6.41 -10.46 1.35
CA ARG D 18 -5.58 -11.65 1.86
C ARG D 18 -4.13 -11.09 2.20
N PHE D 19 -3.76 -9.92 1.58
CA PHE D 19 -2.50 -9.16 1.88
C PHE D 19 -2.76 -8.30 3.16
N VAL D 20 -3.99 -7.65 3.31
CA VAL D 20 -4.32 -6.76 4.54
C VAL D 20 -4.22 -7.53 5.92
N ASP D 21 -4.76 -8.77 6.06
CA ASP D 21 -4.70 -9.54 7.40
C ASP D 21 -3.24 -9.78 7.82
N LEU D 22 -2.39 -10.24 6.86
CA LEU D 22 -0.90 -10.44 7.14
C LEU D 22 -0.19 -9.05 7.39
N LEU D 23 -0.75 -7.95 6.82
CA LEU D 23 -0.21 -6.54 7.04
C LEU D 23 -0.46 -6.14 8.52
N LYS D 24 -1.57 -6.63 9.14
CA LYS D 24 -1.89 -6.35 10.59
C LYS D 24 -0.86 -7.03 11.54
N ASN D 25 -0.16 -8.12 11.09
CA ASN D 25 0.92 -8.82 11.92
C ASN D 25 2.15 -7.90 11.98
N ALA D 26 2.51 -7.28 10.83
CA ALA D 26 3.66 -6.33 10.78
C ALA D 26 3.20 -4.87 11.14
N TYR D 27 1.89 -4.58 11.30
CA TYR D 27 1.38 -3.17 11.65
C TYR D 27 1.50 -2.97 13.19
N GLN D 28 1.27 -4.04 14.01
CA GLN D 28 1.41 -3.97 15.53
C GLN D 28 2.87 -3.60 15.88
N ASN D 29 3.85 -4.26 15.20
CA ASN D 29 5.31 -3.94 15.41
C ASN D 29 5.70 -2.83 14.37
N ASP D 30 6.03 -3.22 13.10
CA ASP D 30 6.42 -2.33 11.88
C ASP D 30 7.43 -3.14 10.97
N LEU D 31 7.08 -4.42 10.68
CA LEU D 31 7.92 -5.37 9.84
C LEU D 31 7.37 -5.52 8.38
N HIS D 32 6.37 -4.66 8.00
CA HIS D 32 5.82 -4.63 6.59
C HIS D 32 6.80 -3.77 5.69
N LEU D 33 7.91 -3.23 6.26
CA LEU D 33 8.88 -2.31 5.57
C LEU D 33 10.05 -3.16 4.98
N PRO D 34 10.74 -4.06 5.79
CA PRO D 34 11.74 -5.04 5.22
C PRO D 34 10.94 -6.02 4.29
N LEU D 35 9.68 -6.38 4.72
CA LEU D 35 8.73 -7.25 3.92
C LEU D 35 8.41 -6.53 2.57
N LEU D 36 8.20 -5.19 2.58
CA LEU D 36 7.90 -4.41 1.30
C LEU D 36 9.16 -4.29 0.39
N ASN D 37 10.40 -4.37 0.95
CA ASN D 37 11.68 -4.32 0.12
C ASN D 37 11.94 -5.71 -0.56
N LEU D 38 11.15 -6.78 -0.22
CA LEU D 38 11.31 -8.17 -0.80
C LEU D 38 10.19 -8.42 -1.86
N MET D 39 8.92 -8.02 -1.61
CA MET D 39 7.77 -8.29 -2.59
C MET D 39 7.66 -7.21 -3.70
N LEU D 40 8.08 -5.93 -3.46
CA LEU D 40 7.92 -4.83 -4.51
C LEU D 40 9.25 -4.00 -4.74
N THR D 41 9.34 -2.69 -4.33
CA THR D 41 10.58 -1.80 -4.56
C THR D 41 10.55 -0.51 -3.63
N PRO D 42 11.73 0.18 -3.45
CA PRO D 42 11.81 1.49 -2.70
C PRO D 42 11.26 2.65 -3.61
N ASP D 43 11.44 2.56 -4.97
CA ASP D 43 10.95 3.61 -5.98
C ASP D 43 9.44 3.88 -5.84
N GLU D 44 8.62 2.83 -5.54
CA GLU D 44 7.11 3.00 -5.39
C GLU D 44 6.78 3.75 -4.08
N ARG D 45 7.58 3.60 -2.97
CA ARG D 45 7.31 4.43 -1.71
C ARG D 45 7.76 5.89 -1.94
N GLU D 46 8.69 6.16 -2.93
CA GLU D 46 9.07 7.59 -3.32
C GLU D 46 7.78 8.24 -3.92
N ALA D 47 7.07 7.47 -4.81
CA ALA D 47 5.75 7.93 -5.41
C ALA D 47 4.62 7.90 -4.36
N LEU D 48 4.74 7.13 -3.22
CA LEU D 48 3.68 7.17 -2.13
C LEU D 48 3.92 8.44 -1.23
N GLY D 49 5.14 9.04 -1.23
CA GLY D 49 5.43 10.29 -0.45
C GLY D 49 4.83 11.49 -1.20
N THR D 50 5.15 11.63 -2.51
CA THR D 50 4.62 12.78 -3.38
C THR D 50 3.10 12.60 -3.65
N ARG D 51 2.59 11.34 -3.76
CA ARG D 51 1.09 11.08 -3.96
C ARG D 51 0.36 11.60 -2.68
N VAL D 52 0.78 11.12 -1.50
CA VAL D 52 0.19 11.57 -0.17
C VAL D 52 0.52 13.08 0.11
N ARG D 53 1.48 13.72 -0.61
CA ARG D 53 1.80 15.20 -0.40
C ARG D 53 0.76 16.12 -1.12
N ILE D 54 0.34 15.85 -2.40
CA ILE D 54 -0.66 16.74 -3.11
C ILE D 54 -2.10 16.55 -2.50
N VAL D 55 -2.39 15.38 -1.82
CA VAL D 55 -3.78 15.13 -1.19
C VAL D 55 -3.76 15.71 0.24
N GLU D 56 -2.76 15.33 1.06
CA GLU D 56 -2.60 15.86 2.48
C GLU D 56 -2.48 17.44 2.47
N GLU D 57 -2.02 18.04 1.33
CA GLU D 57 -1.89 19.56 1.19
C GLU D 57 -3.12 20.17 0.45
N LEU D 58 -3.88 19.38 -0.38
CA LEU D 58 -5.10 19.91 -1.14
C LEU D 58 -6.31 19.99 -0.15
N LEU D 59 -6.74 18.81 0.39
CA LEU D 59 -7.93 18.66 1.36
C LEU D 59 -7.98 19.77 2.46
N ARG D 60 -6.80 20.30 2.88
CA ARG D 60 -6.75 21.39 3.94
C ARG D 60 -7.16 22.74 3.30
N GLY D 61 -6.52 23.11 2.16
CA GLY D 61 -6.86 24.38 1.39
C GLY D 61 -6.17 25.60 2.04
N GLU D 62 -4.97 25.97 1.53
CA GLU D 62 -4.18 27.17 2.05
C GLU D 62 -3.12 27.59 0.98
N MET D 63 -2.29 26.61 0.54
CA MET D 63 -1.20 26.84 -0.49
C MET D 63 -0.95 25.47 -1.20
N SER D 64 -1.86 25.11 -2.14
CA SER D 64 -1.82 23.77 -2.85
C SER D 64 -2.07 23.85 -4.40
N GLN D 65 -2.22 25.06 -5.01
CA GLN D 65 -2.49 25.19 -6.50
C GLN D 65 -1.26 25.81 -7.25
N ARG D 66 -0.97 27.11 -7.05
CA ARG D 66 0.16 27.84 -7.78
C ARG D 66 1.47 27.86 -6.94
N GLU D 67 1.36 28.18 -5.63
CA GLU D 67 2.56 28.32 -4.71
C GLU D 67 3.11 26.96 -4.16
N LEU D 68 2.46 25.79 -4.44
CA LEU D 68 2.94 24.45 -3.89
C LEU D 68 4.07 23.82 -4.75
N LYS D 69 3.95 23.74 -6.10
CA LYS D 69 5.03 23.10 -7.01
C LYS D 69 6.50 23.59 -6.70
N ASN D 70 6.67 24.84 -6.22
CA ASN D 70 8.07 25.40 -5.92
C ASN D 70 8.71 24.67 -4.70
N GLU D 71 7.91 24.34 -3.66
CA GLU D 71 8.36 23.64 -2.38
C GLU D 71 9.22 22.36 -2.66
N LEU D 72 8.65 21.32 -3.35
CA LEU D 72 9.39 20.02 -3.66
C LEU D 72 9.50 19.76 -5.19
N GLY D 73 8.47 20.11 -6.00
CA GLY D 73 8.51 19.90 -7.51
C GLY D 73 7.43 18.88 -7.95
N ALA D 74 6.14 19.16 -7.64
CA ALA D 74 4.98 18.28 -8.05
C ALA D 74 4.11 19.11 -9.04
N GLY D 75 4.23 18.80 -10.37
CA GLY D 75 3.52 19.53 -11.53
C GLY D 75 2.07 19.97 -11.25
N ILE D 76 1.48 20.89 -12.08
CA ILE D 76 0.05 21.30 -11.83
C ILE D 76 -0.91 20.23 -12.48
N ALA D 77 -0.42 19.29 -13.34
CA ALA D 77 -1.33 18.19 -13.88
C ALA D 77 -1.69 17.20 -12.73
N THR D 78 -0.72 16.83 -11.85
CA THR D 78 -0.98 15.88 -10.67
C THR D 78 -1.70 16.61 -9.51
N ILE D 79 -1.34 17.86 -9.25
CA ILE D 79 -1.88 18.67 -8.08
C ILE D 79 -3.40 18.97 -8.25
N THR D 80 -3.84 19.29 -9.49
CA THR D 80 -5.28 19.65 -9.77
C THR D 80 -6.07 18.46 -10.37
N ARG D 81 -5.40 17.39 -10.92
CA ARG D 81 -6.15 16.14 -11.38
C ARG D 81 -6.40 15.25 -10.12
N GLY D 82 -5.59 15.42 -9.00
CA GLY D 82 -5.82 14.66 -7.70
C GLY D 82 -7.18 15.11 -7.09
N SER D 83 -7.55 16.43 -7.23
CA SER D 83 -8.89 16.96 -6.71
C SER D 83 -10.09 16.34 -7.49
N ASN D 84 -9.91 16.04 -8.80
CA ASN D 84 -10.98 15.40 -9.68
C ASN D 84 -11.35 13.96 -9.16
N SER D 85 -10.37 13.23 -8.55
CA SER D 85 -10.60 11.81 -7.98
C SER D 85 -11.63 11.85 -6.81
N LEU D 86 -11.54 12.89 -5.95
CA LEU D 86 -12.46 13.09 -4.74
C LEU D 86 -13.97 13.05 -5.14
N LYS D 87 -14.35 13.81 -6.20
CA LYS D 87 -15.80 13.87 -6.71
C LYS D 87 -16.32 12.48 -7.19
N ALA D 88 -15.43 11.59 -7.68
CA ALA D 88 -15.83 10.21 -8.17
C ALA D 88 -16.20 9.30 -6.96
N ALA D 89 -15.42 9.36 -5.85
CA ALA D 89 -15.68 8.53 -4.58
C ALA D 89 -17.11 8.79 -3.98
N PRO D 90 -17.62 7.87 -3.09
CA PRO D 90 -18.96 8.07 -2.46
C PRO D 90 -18.88 9.11 -1.29
N VAL D 91 -20.00 9.36 -0.59
CA VAL D 91 -20.06 10.36 0.57
C VAL D 91 -19.98 9.64 1.94
N GLU D 92 -20.45 8.37 2.06
CA GLU D 92 -20.44 7.63 3.38
C GLU D 92 -18.98 7.40 3.86
N LEU D 93 -18.06 7.05 2.92
CA LEU D 93 -16.61 6.82 3.23
C LEU D 93 -15.74 8.06 2.87
N ARG D 94 -16.27 9.02 2.04
CA ARG D 94 -15.57 10.37 1.88
C ARG D 94 -15.74 11.04 3.31
N GLN D 95 -16.84 10.68 4.02
CA GLN D 95 -17.12 11.09 5.45
C GLN D 95 -15.95 10.64 6.38
N TRP D 96 -15.33 9.44 6.12
CA TRP D 96 -14.15 8.95 6.96
C TRP D 96 -12.98 9.95 6.76
N LEU D 97 -12.79 10.52 5.54
CA LEU D 97 -11.69 11.58 5.34
C LEU D 97 -11.88 12.73 6.39
N GLU D 98 -13.18 13.07 6.69
CA GLU D 98 -13.52 14.11 7.76
C GLU D 98 -13.21 13.50 9.18
N GLU D 99 -13.41 12.17 9.37
CA GLU D 99 -13.03 11.43 10.68
C GLU D 99 -11.48 11.53 10.93
N VAL D 100 -10.67 11.73 9.84
CA VAL D 100 -9.15 11.79 9.91
C VAL D 100 -8.59 13.17 9.36
N LEU D 101 -9.47 14.21 9.18
CA LEU D 101 -9.05 15.62 8.73
C LEU D 101 -9.64 16.62 9.77
N LEU D 102 -11.00 16.65 9.90
CA LEU D 102 -11.76 17.58 10.86
C LEU D 102 -11.23 17.43 12.32
N LYS D 103 -11.10 16.17 12.81
CA LYS D 103 -10.62 15.82 14.21
C LYS D 103 -11.71 16.21 15.26
N SER D 104 -12.54 15.23 15.66
CA SER D 104 -13.67 15.42 16.66
C SER D 104 -13.38 14.63 17.96
N GLN C 1 34.06 2.57 15.78
CA GLN C 1 34.99 3.72 16.04
C GLN C 1 35.07 3.99 17.57
N SER C 2 33.89 4.24 18.21
CA SER C 2 33.81 4.52 19.70
C SER C 2 32.63 3.70 20.35
N PRO C 3 32.82 3.08 21.58
CA PRO C 3 31.76 2.26 22.26
C PRO C 3 30.56 3.12 22.76
N TYR C 4 30.82 4.19 23.54
CA TYR C 4 29.72 5.06 24.14
C TYR C 4 29.35 6.28 23.23
N SER C 5 30.33 6.86 22.49
CA SER C 5 30.06 8.09 21.61
C SER C 5 29.11 7.77 20.43
N ALA C 6 29.19 6.54 19.85
CA ALA C 6 28.31 6.13 18.68
C ALA C 6 27.90 4.64 18.78
N ALA C 7 26.57 4.35 18.68
CA ALA C 7 26.01 2.94 18.74
C ALA C 7 25.05 2.74 17.54
N MET C 8 24.06 3.65 17.37
CA MET C 8 23.07 3.58 16.22
C MET C 8 22.50 5.01 15.92
N ALA C 9 22.61 5.49 14.66
CA ALA C 9 22.11 6.88 14.25
C ALA C 9 20.57 6.95 14.21
N GLU C 10 19.99 8.12 14.61
CA GLU C 10 18.48 8.35 14.62
C GLU C 10 18.15 9.56 13.69
N GLN C 11 17.37 9.33 12.61
CA GLN C 11 16.97 10.41 11.61
C GLN C 11 15.74 9.92 10.79
N ARG C 12 14.62 10.69 10.77
CA ARG C 12 13.36 10.26 10.04
C ARG C 12 12.49 11.46 9.60
N HIS C 13 11.83 11.33 8.42
CA HIS C 13 10.90 12.38 7.82
C HIS C 13 9.49 11.74 7.69
N GLN C 14 8.44 12.43 8.20
CA GLN C 14 7.02 11.87 8.17
C GLN C 14 6.32 12.15 6.78
N GLU C 15 6.28 11.10 5.93
CA GLU C 15 5.60 11.12 4.56
C GLU C 15 5.09 9.68 4.30
N TRP C 16 6.05 8.70 4.13
CA TRP C 16 5.74 7.20 4.00
C TRP C 16 4.81 6.75 5.20
N LEU C 17 5.05 7.33 6.40
CA LEU C 17 4.27 7.01 7.67
C LEU C 17 3.06 7.92 7.83
N ARG C 18 3.08 9.15 7.25
CA ARG C 18 1.81 10.05 7.25
C ARG C 18 0.64 9.18 6.63
N PHE C 19 1.00 8.19 5.72
CA PHE C 19 0.03 7.19 5.17
C PHE C 19 -0.05 5.95 6.14
N VAL C 20 1.08 5.43 6.79
CA VAL C 20 0.98 4.15 7.70
C VAL C 20 0.12 4.39 9.00
N ASP C 21 0.47 5.37 9.87
CA ASP C 21 -0.29 5.64 11.19
C ASP C 21 -1.79 5.89 10.92
N LEU C 22 -2.12 6.73 9.91
CA LEU C 22 -3.57 7.00 9.51
C LEU C 22 -4.19 5.75 8.81
N LEU C 23 -3.35 4.87 8.19
CA LEU C 23 -3.86 3.58 7.56
C LEU C 23 -4.40 2.66 8.68
N LYS C 24 -3.75 2.69 9.90
CA LYS C 24 -4.23 1.86 11.07
C LYS C 24 -5.64 2.34 11.54
N ASN C 25 -6.02 3.63 11.33
CA ASN C 25 -7.40 4.15 11.71
C ASN C 25 -8.45 3.52 10.76
N ALA C 26 -8.12 3.39 9.46
CA ALA C 26 -9.03 2.74 8.46
C ALA C 26 -8.87 1.18 8.49
N TYR C 27 -7.84 0.61 9.19
CA TYR C 27 -7.69 -0.90 9.32
C TYR C 27 -8.68 -1.38 10.43
N GLN C 28 -8.93 -0.53 11.48
CA GLN C 28 -9.92 -0.81 12.61
C GLN C 28 -11.32 -1.09 11.97
N ASN C 29 -11.73 -0.23 11.01
CA ASN C 29 -13.04 -0.38 10.26
C ASN C 29 -12.74 -1.11 8.91
N ASP C 30 -12.29 -0.37 7.86
CA ASP C 30 -11.88 -0.87 6.44
C ASP C 30 -12.18 0.29 5.40
N LEU C 31 -11.71 1.52 5.73
CA LEU C 31 -11.91 2.77 4.89
C LEU C 31 -10.61 3.14 4.09
N HIS C 32 -9.59 2.23 4.08
CA HIS C 32 -8.33 2.40 3.26
C HIS C 32 -8.60 1.94 1.76
N LEU C 33 -9.89 1.57 1.44
CA LEU C 33 -10.33 1.01 0.11
C LEU C 33 -10.89 2.16 -0.78
N PRO C 34 -11.85 3.03 -0.27
CA PRO C 34 -12.25 4.28 -1.01
C PRO C 34 -10.95 5.17 -1.08
N LEU C 35 -10.15 5.15 0.05
CA LEU C 35 -8.78 5.82 0.15
C LEU C 35 -7.87 5.33 -1.00
N LEU C 36 -7.86 4.00 -1.28
CA LEU C 36 -7.03 3.37 -2.43
C LEU C 36 -7.38 4.08 -3.77
N ASN C 37 -8.69 4.16 -4.12
CA ASN C 37 -9.21 4.81 -5.42
C ASN C 37 -8.80 6.32 -5.57
N LEU C 38 -8.38 7.02 -4.48
CA LEU C 38 -8.03 8.50 -4.52
C LEU C 38 -6.49 8.78 -4.42
N MET C 39 -5.70 7.97 -3.66
CA MET C 39 -4.18 8.26 -3.51
C MET C 39 -3.31 7.01 -3.88
N LEU C 40 -3.84 6.05 -4.69
CA LEU C 40 -3.02 4.86 -5.13
C LEU C 40 -3.28 4.55 -6.64
N THR C 41 -4.52 4.07 -6.99
CA THR C 41 -5.05 3.69 -8.42
C THR C 41 -5.55 2.18 -8.40
N PRO C 42 -6.46 1.77 -9.36
CA PRO C 42 -6.91 0.34 -9.49
C PRO C 42 -5.70 -0.55 -9.97
N ASP C 43 -4.76 0.05 -10.78
CA ASP C 43 -3.50 -0.67 -11.26
C ASP C 43 -2.56 -0.93 -10.04
N GLU C 44 -2.62 -0.08 -8.96
CA GLU C 44 -1.77 -0.27 -7.73
C GLU C 44 -2.26 -1.52 -6.93
N ARG C 45 -3.58 -1.86 -6.98
CA ARG C 45 -4.09 -3.16 -6.32
C ARG C 45 -3.91 -4.32 -7.33
N GLU C 46 -3.74 -4.03 -8.67
CA GLU C 46 -3.40 -5.08 -9.71
C GLU C 46 -1.88 -5.42 -9.53
N ALA C 47 -1.08 -4.49 -8.92
CA ALA C 47 0.40 -4.69 -8.67
C ALA C 47 0.59 -5.36 -7.30
N LEU C 48 -0.24 -5.05 -6.25
CA LEU C 48 -0.17 -5.82 -4.93
C LEU C 48 -0.83 -7.22 -5.19
N GLY C 49 -1.65 -7.34 -6.28
CA GLY C 49 -2.33 -8.60 -6.72
C GLY C 49 -1.29 -9.62 -7.24
N THR C 50 -0.68 -9.35 -8.42
CA THR C 50 0.33 -10.29 -9.05
C THR C 50 1.69 -10.27 -8.33
N ARG C 51 2.08 -9.18 -7.63
CA ARG C 51 3.41 -9.15 -6.85
C ARG C 51 3.28 -10.12 -5.65
N VAL C 52 2.22 -10.01 -4.82
CA VAL C 52 2.01 -11.03 -3.68
C VAL C 52 1.80 -12.47 -4.30
N ARG C 53 1.42 -12.59 -5.60
CA ARG C 53 1.24 -13.96 -6.23
C ARG C 53 2.60 -14.66 -6.54
N ILE C 54 3.66 -13.98 -7.11
CA ILE C 54 4.99 -14.67 -7.41
C ILE C 54 5.80 -14.91 -6.09
N VAL C 55 5.58 -14.13 -4.99
CA VAL C 55 6.38 -14.31 -3.68
C VAL C 55 5.65 -15.36 -2.83
N GLU C 56 4.33 -15.19 -2.62
CA GLU C 56 3.49 -16.18 -1.82
C GLU C 56 3.48 -17.59 -2.54
N GLU C 57 3.72 -17.63 -3.88
CA GLU C 57 3.77 -18.94 -4.67
C GLU C 57 5.24 -19.44 -4.83
N LEU C 58 6.28 -18.55 -4.69
CA LEU C 58 7.75 -19.00 -4.80
C LEU C 58 8.14 -19.67 -3.45
N LEU C 59 7.79 -19.02 -2.32
CA LEU C 59 8.07 -19.54 -0.90
C LEU C 59 7.58 -21.00 -0.69
N ARG C 60 6.55 -21.46 -1.47
CA ARG C 60 6.01 -22.88 -1.37
C ARG C 60 6.82 -23.75 -2.39
N GLY C 61 6.90 -23.31 -3.66
CA GLY C 61 7.70 -24.03 -4.74
C GLY C 61 6.96 -25.27 -5.29
N GLU C 62 6.22 -25.11 -6.40
CA GLU C 62 5.48 -26.26 -7.08
C GLU C 62 5.16 -25.88 -8.55
N MET C 63 4.40 -24.78 -8.75
CA MET C 63 4.02 -24.26 -10.14
C MET C 63 4.12 -22.70 -10.09
N SER C 64 5.38 -22.16 -10.06
CA SER C 64 5.63 -20.67 -9.93
C SER C 64 6.72 -20.11 -10.90
N GLN C 65 7.56 -20.96 -11.54
CA GLN C 65 8.69 -20.46 -12.44
C GLN C 65 8.39 -20.67 -13.94
N ARG C 66 8.10 -21.92 -14.36
CA ARG C 66 7.85 -22.29 -15.82
C ARG C 66 6.34 -22.48 -16.11
N GLU C 67 5.68 -23.35 -15.33
CA GLU C 67 4.22 -23.69 -15.52
C GLU C 67 3.23 -22.56 -15.08
N LEU C 68 3.71 -21.47 -14.42
CA LEU C 68 2.80 -20.35 -13.93
C LEU C 68 2.41 -19.33 -15.05
N LYS C 69 3.39 -18.76 -15.82
CA LYS C 69 3.09 -17.69 -16.91
C LYS C 69 1.80 -17.95 -17.77
N ASN C 70 1.42 -19.22 -18.02
CA ASN C 70 0.18 -19.56 -18.86
C ASN C 70 -1.12 -19.24 -18.06
N GLU C 71 -1.15 -19.64 -16.76
CA GLU C 71 -2.34 -19.43 -15.82
C GLU C 71 -2.82 -17.95 -15.76
N LEU C 72 -1.88 -17.00 -15.53
CA LEU C 72 -2.22 -15.51 -15.39
C LEU C 72 -1.71 -14.69 -16.60
N GLY C 73 -0.42 -14.83 -16.95
CA GLY C 73 0.23 -14.05 -18.09
C GLY C 73 1.38 -13.15 -17.58
N ALA C 74 1.95 -13.38 -16.36
CA ALA C 74 3.10 -12.56 -15.82
C ALA C 74 4.39 -13.24 -16.30
N GLY C 75 5.15 -12.57 -17.19
CA GLY C 75 6.44 -13.09 -17.84
C GLY C 75 7.41 -13.81 -16.88
N ILE C 76 8.53 -14.41 -17.40
CA ILE C 76 9.53 -15.07 -16.48
C ILE C 76 10.44 -13.96 -15.86
N ALA C 77 10.50 -12.72 -16.45
CA ALA C 77 11.27 -11.60 -15.80
C ALA C 77 10.55 -11.08 -14.50
N THR C 78 9.31 -11.53 -14.17
CA THR C 78 8.59 -11.10 -12.89
C THR C 78 8.63 -12.23 -11.83
N ILE C 79 8.39 -13.51 -12.22
CA ILE C 79 8.37 -14.66 -11.20
C ILE C 79 9.81 -14.99 -10.72
N THR C 80 10.81 -14.96 -11.63
CA THR C 80 12.27 -15.23 -11.25
C THR C 80 12.91 -13.95 -10.66
N ARG C 81 12.41 -12.72 -11.01
CA ARG C 81 12.89 -11.40 -10.38
C ARG C 81 12.42 -11.42 -8.86
N GLY C 82 11.21 -11.99 -8.58
CA GLY C 82 10.64 -12.12 -7.18
C GLY C 82 11.44 -13.14 -6.32
N SER C 83 12.11 -14.16 -6.93
CA SER C 83 12.95 -15.19 -6.14
C SER C 83 14.18 -14.50 -5.46
N ASN C 84 14.67 -13.36 -6.03
CA ASN C 84 15.84 -12.55 -5.41
C ASN C 84 15.52 -12.16 -3.91
N SER C 85 14.21 -12.08 -3.53
CA SER C 85 13.73 -11.74 -2.10
C SER C 85 14.44 -12.62 -1.03
N LEU C 86 14.58 -13.92 -1.32
CA LEU C 86 15.28 -14.91 -0.38
C LEU C 86 16.78 -14.55 -0.24
N LYS C 87 17.44 -14.18 -1.37
CA LYS C 87 18.93 -13.81 -1.40
C LYS C 87 19.19 -12.29 -1.09
N ALA C 88 18.14 -11.45 -0.84
CA ALA C 88 18.32 -9.98 -0.55
C ALA C 88 17.94 -9.61 0.91
N ALA C 89 16.65 -9.78 1.30
CA ALA C 89 16.13 -9.44 2.72
C ALA C 89 16.99 -10.03 3.88
N PRO C 90 16.90 -9.45 5.13
CA PRO C 90 17.65 -9.98 6.30
C PRO C 90 16.94 -11.26 6.86
N VAL C 91 17.48 -11.87 7.95
CA VAL C 91 16.89 -13.13 8.55
C VAL C 91 16.02 -12.81 9.79
N GLU C 92 16.27 -11.71 10.53
CA GLU C 92 15.47 -11.36 11.78
C GLU C 92 13.98 -11.13 11.42
N LEU C 93 13.71 -10.41 10.30
CA LEU C 93 12.31 -10.12 9.82
C LEU C 93 11.87 -11.07 8.68
N ARG C 94 12.83 -11.81 8.02
CA ARG C 94 12.42 -12.96 7.08
C ARG C 94 11.82 -14.03 8.05
N GLN C 95 12.33 -14.05 9.33
CA GLN C 95 11.79 -14.93 10.44
C GLN C 95 10.27 -14.67 10.63
N TRP C 96 9.80 -13.38 10.52
CA TRP C 96 8.32 -13.06 10.64
C TRP C 96 7.61 -13.71 9.42
N LEU C 97 8.27 -13.75 8.22
CA LEU C 97 7.66 -14.45 6.99
C LEU C 97 7.28 -15.93 7.40
N GLU C 98 8.09 -16.57 8.30
CA GLU C 98 7.77 -17.97 8.85
C GLU C 98 6.56 -17.84 9.84
N GLU C 99 6.49 -16.72 10.64
CA GLU C 99 5.32 -16.41 11.57
C GLU C 99 3.98 -16.27 10.75
N VAL C 100 4.06 -15.97 9.43
CA VAL C 100 2.83 -15.73 8.55
C VAL C 100 2.73 -16.80 7.38
N LEU C 101 3.61 -17.85 7.34
CA LEU C 101 3.54 -18.98 6.32
C LEU C 101 3.15 -20.25 7.13
N LEU C 102 4.04 -20.65 8.10
CA LEU C 102 3.88 -21.88 9.01
C LEU C 102 2.45 -21.98 9.62
N LYS C 103 1.93 -20.87 10.20
CA LYS C 103 0.54 -20.86 10.81
C LYS C 103 -0.48 -20.35 9.75
N SER C 104 -0.26 -19.11 9.24
CA SER C 104 -1.14 -18.42 8.19
C SER C 104 -2.63 -18.28 8.64
N GLN D 1 -27.15 -11.60 17.01
CA GLN D 1 -28.02 -12.19 15.92
C GLN D 1 -27.19 -13.20 15.08
N SER D 2 -26.03 -12.76 14.53
CA SER D 2 -25.12 -13.65 13.69
C SER D 2 -23.62 -13.33 14.03
N PRO D 3 -22.77 -14.37 14.41
CA PRO D 3 -21.32 -14.14 14.75
C PRO D 3 -20.50 -13.91 13.44
N TYR D 4 -20.69 -14.77 12.42
CA TYR D 4 -19.92 -14.69 11.10
C TYR D 4 -20.67 -13.78 10.09
N SER D 5 -19.92 -13.21 9.11
CA SER D 5 -20.51 -12.28 8.06
C SER D 5 -21.19 -13.09 6.92
N ALA D 6 -22.42 -12.68 6.52
CA ALA D 6 -23.19 -13.34 5.39
C ALA D 6 -23.04 -12.48 4.11
N ALA D 7 -23.10 -11.12 4.24
CA ALA D 7 -22.94 -10.12 3.10
C ALA D 7 -24.07 -10.24 2.05
N MET D 8 -24.51 -9.09 1.49
CA MET D 8 -25.60 -9.04 0.43
C MET D 8 -24.95 -9.30 -0.96
N ALA D 9 -23.78 -8.67 -1.25
CA ALA D 9 -23.02 -8.85 -2.55
C ALA D 9 -21.67 -9.56 -2.32
N GLU D 10 -21.30 -10.53 -3.19
CA GLU D 10 -20.00 -11.31 -3.08
C GLU D 10 -19.08 -11.04 -4.33
N GLN D 11 -19.67 -11.00 -5.56
CA GLN D 11 -18.91 -10.78 -6.87
C GLN D 11 -18.18 -12.11 -7.26
N ARG D 12 -16.85 -12.29 -6.99
CA ARG D 12 -16.11 -13.59 -7.35
C ARG D 12 -15.05 -13.89 -6.25
N HIS D 13 -13.99 -13.04 -6.09
CA HIS D 13 -12.91 -13.25 -5.04
C HIS D 13 -12.18 -11.92 -4.68
N GLN D 14 -11.51 -11.89 -3.51
CA GLN D 14 -10.74 -10.68 -3.01
C GLN D 14 -9.22 -10.96 -3.09
N GLU D 15 -8.45 -10.05 -3.77
CA GLU D 15 -6.94 -10.19 -3.92
C GLU D 15 -6.26 -9.19 -2.95
N TRP D 16 -6.41 -7.84 -3.19
CA TRP D 16 -5.80 -6.73 -2.30
C TRP D 16 -5.97 -7.01 -0.76
N LEU D 17 -7.03 -7.73 -0.37
CA LEU D 17 -7.42 -7.92 1.09
C LEU D 17 -6.86 -9.20 1.70
N ARG D 18 -6.69 -10.30 0.92
CA ARG D 18 -5.95 -11.54 1.47
C ARG D 18 -4.49 -11.06 1.83
N PHE D 19 -4.02 -9.97 1.13
CA PHE D 19 -2.71 -9.28 1.43
C PHE D 19 -2.92 -8.42 2.70
N VAL D 20 -4.09 -7.65 2.84
CA VAL D 20 -4.37 -6.76 4.09
C VAL D 20 -4.56 -7.62 5.39
N ASP D 21 -4.82 -8.95 5.31
CA ASP D 21 -5.01 -9.81 6.56
C ASP D 21 -3.62 -10.10 7.14
N LEU D 22 -2.69 -10.62 6.31
CA LEU D 22 -1.25 -10.86 6.78
C LEU D 22 -0.49 -9.49 6.86
N LEU D 23 -1.04 -8.39 6.24
CA LEU D 23 -0.44 -7.00 6.37
C LEU D 23 -0.73 -6.51 7.82
N LYS D 24 -1.92 -6.88 8.38
CA LYS D 24 -2.28 -6.53 9.81
C LYS D 24 -1.38 -7.33 10.80
N ASN D 25 -0.79 -8.50 10.38
CA ASN D 25 0.16 -9.31 11.28
C ASN D 25 1.44 -8.48 11.49
N ALA D 26 1.92 -7.82 10.43
CA ALA D 26 3.15 -6.94 10.52
C ALA D 26 2.79 -5.47 10.90
N TYR D 27 1.51 -5.02 10.83
CA TYR D 27 1.11 -3.60 11.24
C TYR D 27 1.03 -3.57 12.81
N GLN D 28 0.70 -4.74 13.45
CA GLN D 28 0.64 -4.91 14.96
C GLN D 28 2.05 -4.64 15.55
N ASN D 29 3.09 -5.26 14.94
CA ASN D 29 4.53 -5.06 15.35
C ASN D 29 5.07 -3.87 14.48
N ASP D 30 5.56 -4.16 13.23
CA ASP D 30 6.06 -3.15 12.16
C ASP D 30 7.13 -3.88 11.26
N LEU D 31 6.73 -5.06 10.74
CA LEU D 31 7.57 -5.96 9.85
C LEU D 31 7.00 -5.94 8.38
N HIS D 32 6.07 -4.98 8.07
CA HIS D 32 5.49 -4.75 6.69
C HIS D 32 6.44 -3.78 5.88
N LEU D 33 7.65 -3.48 6.45
CA LEU D 33 8.67 -2.52 5.90
C LEU D 33 9.72 -3.35 5.11
N PRO D 34 10.36 -4.44 5.71
CA PRO D 34 11.24 -5.40 4.94
C PRO D 34 10.30 -6.14 3.94
N LEU D 35 9.01 -6.40 4.36
CA LEU D 35 7.94 -7.02 3.47
C LEU D 35 7.74 -6.11 2.23
N LEU D 36 7.53 -4.77 2.47
CA LEU D 36 7.32 -3.78 1.31
C LEU D 36 8.65 -3.39 0.61
N ASN D 37 9.83 -3.82 1.13
CA ASN D 37 11.16 -3.47 0.49
C ASN D 37 11.41 -4.32 -0.78
N LEU D 38 10.76 -5.52 -0.95
CA LEU D 38 10.97 -6.38 -2.19
C LEU D 38 9.66 -6.79 -2.91
N MET D 39 8.48 -6.89 -2.23
CA MET D 39 7.19 -7.24 -3.02
C MET D 39 6.63 -5.96 -3.74
N LEU D 40 7.37 -4.79 -3.78
CA LEU D 40 6.88 -3.54 -4.48
C LEU D 40 8.00 -2.91 -5.41
N THR D 41 8.87 -1.98 -4.90
CA THR D 41 9.99 -1.24 -5.73
C THR D 41 10.48 0.06 -4.94
N PRO D 42 11.56 0.81 -5.44
CA PRO D 42 11.99 2.14 -4.82
C PRO D 42 10.82 3.21 -4.96
N ASP D 43 9.90 2.98 -5.96
CA ASP D 43 8.67 3.85 -6.17
C ASP D 43 7.60 3.61 -5.02
N GLU D 44 7.95 2.84 -3.92
CA GLU D 44 7.01 2.59 -2.77
C GLU D 44 6.86 3.89 -1.96
N ARG D 45 7.96 4.50 -1.42
CA ARG D 45 7.86 5.85 -0.70
C ARG D 45 8.13 7.04 -1.67
N GLU D 46 8.55 6.80 -2.96
CA GLU D 46 8.70 7.95 -3.96
C GLU D 46 7.24 8.37 -4.39
N ALA D 47 6.39 7.35 -4.70
CA ALA D 47 4.94 7.57 -5.12
C ALA D 47 3.97 7.56 -3.90
N LEU D 48 4.32 6.93 -2.75
CA LEU D 48 3.40 6.99 -1.50
C LEU D 48 3.65 8.35 -0.80
N GLY D 49 4.89 8.88 -0.83
CA GLY D 49 5.24 10.18 -0.20
C GLY D 49 4.66 11.34 -1.04
N THR D 50 4.94 11.38 -2.38
CA THR D 50 4.44 12.53 -3.27
C THR D 50 2.92 12.46 -3.53
N ARG D 51 2.30 11.26 -3.62
CA ARG D 51 0.78 11.15 -3.81
C ARG D 51 0.13 11.68 -2.49
N VAL D 52 0.54 11.13 -1.33
CA VAL D 52 0.01 11.61 0.02
C VAL D 52 0.37 13.12 0.26
N ARG D 53 1.36 13.71 -0.49
CA ARG D 53 1.70 15.18 -0.34
C ARG D 53 0.67 16.08 -1.12
N ILE D 54 0.21 15.76 -2.38
CA ILE D 54 -0.80 16.65 -3.11
C ILE D 54 -2.23 16.54 -2.45
N VAL D 55 -2.53 15.44 -1.71
CA VAL D 55 -3.91 15.25 -1.05
C VAL D 55 -3.87 15.94 0.32
N GLU D 56 -2.87 15.63 1.16
CA GLU D 56 -2.73 16.28 2.54
C GLU D 56 -2.38 17.81 2.39
N GLU D 57 -1.91 18.27 1.19
CA GLU D 57 -1.62 19.75 0.93
C GLU D 57 -2.83 20.42 0.20
N LEU D 58 -3.69 19.64 -0.52
CA LEU D 58 -4.92 20.22 -1.23
C LEU D 58 -6.02 20.44 -0.16
N LEU D 59 -6.38 19.35 0.57
CA LEU D 59 -7.45 19.33 1.67
C LEU D 59 -7.34 20.55 2.65
N ARG D 60 -6.10 21.08 2.88
CA ARG D 60 -5.91 22.30 3.77
C ARG D 60 -6.14 23.55 2.89
N GLY D 61 -5.47 23.62 1.71
CA GLY D 61 -5.67 24.75 0.71
C GLY D 61 -4.93 26.04 1.11
N GLU D 62 -3.70 26.24 0.58
CA GLU D 62 -2.88 27.51 0.82
C GLU D 62 -1.70 27.56 -0.20
N MET D 63 -0.83 26.52 -0.19
CA MET D 63 0.35 26.40 -1.13
C MET D 63 0.29 24.95 -1.74
N SER D 64 -0.72 24.72 -2.61
CA SER D 64 -0.98 23.36 -3.25
C SER D 64 -1.05 23.42 -4.81
N GLN D 65 -1.07 24.61 -5.45
CA GLN D 65 -1.19 24.73 -6.97
C GLN D 65 0.11 25.32 -7.61
N ARG D 66 0.41 26.63 -7.40
CA ARG D 66 1.64 27.30 -8.01
C ARG D 66 2.84 27.20 -7.05
N GLU D 67 2.67 27.62 -5.78
CA GLU D 67 3.78 27.58 -4.75
C GLU D 67 4.16 26.12 -4.33
N LEU D 68 3.35 25.08 -4.70
CA LEU D 68 3.67 23.64 -4.34
C LEU D 68 4.72 23.06 -5.33
N LYS D 69 4.47 23.12 -6.67
CA LYS D 69 5.45 22.57 -7.73
C LYS D 69 6.95 23.01 -7.46
N ASN D 70 7.15 24.22 -6.88
CA ASN D 70 8.54 24.78 -6.57
C ASN D 70 9.19 24.02 -5.36
N GLU D 71 8.39 23.74 -4.30
CA GLU D 71 8.85 23.02 -3.02
C GLU D 71 9.75 21.77 -3.29
N LEU D 72 9.26 20.78 -4.08
CA LEU D 72 10.05 19.52 -4.41
C LEU D 72 9.93 19.13 -5.91
N GLY D 73 8.71 19.24 -6.51
CA GLY D 73 8.48 18.88 -7.96
C GLY D 73 7.35 17.84 -8.09
N ALA D 74 6.12 18.31 -8.41
CA ALA D 74 4.90 17.41 -8.59
C ALA D 74 4.26 17.70 -9.98
N GLY D 75 4.06 18.99 -10.31
CA GLY D 75 3.42 19.43 -11.62
C GLY D 75 2.00 19.98 -11.35
N ILE D 76 1.41 20.77 -12.29
CA ILE D 76 0.00 21.29 -12.06
C ILE D 76 -1.00 20.17 -12.52
N ALA D 77 -0.57 19.17 -13.35
CA ALA D 77 -1.50 18.04 -13.76
C ALA D 77 -1.78 17.10 -12.56
N THR D 78 -0.79 16.81 -11.68
CA THR D 78 -1.01 15.88 -10.48
C THR D 78 -1.74 16.61 -9.32
N ILE D 79 -1.31 17.83 -8.95
CA ILE D 79 -1.95 18.58 -7.77
C ILE D 79 -3.41 19.04 -8.05
N THR D 80 -3.83 19.19 -9.33
CA THR D 80 -5.26 19.63 -9.68
C THR D 80 -6.10 18.46 -10.27
N ARG D 81 -5.47 17.38 -10.83
CA ARG D 81 -6.26 16.15 -11.30
C ARG D 81 -6.51 15.24 -10.05
N GLY D 82 -5.69 15.38 -8.96
CA GLY D 82 -5.89 14.61 -7.68
C GLY D 82 -7.21 15.09 -6.97
N SER D 83 -7.58 16.41 -7.13
CA SER D 83 -8.89 16.97 -6.53
C SER D 83 -10.12 16.30 -7.22
N ASN D 84 -10.02 16.00 -8.54
CA ASN D 84 -11.13 15.32 -9.36
C ASN D 84 -11.53 13.93 -8.74
N SER D 85 -10.58 13.24 -8.05
CA SER D 85 -10.85 11.87 -7.39
C SER D 85 -11.88 12.03 -6.22
N LEU D 86 -11.84 13.16 -5.48
CA LEU D 86 -12.78 13.43 -4.32
C LEU D 86 -14.21 13.78 -4.85
N LYS D 87 -14.32 14.64 -5.88
CA LYS D 87 -15.69 15.08 -6.49
C LYS D 87 -16.57 13.85 -6.91
N ALA D 88 -15.95 12.72 -7.29
CA ALA D 88 -16.70 11.46 -7.71
C ALA D 88 -16.81 10.46 -6.53
N ALA D 89 -15.78 10.38 -5.65
CA ALA D 89 -15.75 9.43 -4.43
C ALA D 89 -17.02 9.54 -3.53
N PRO D 90 -17.28 8.55 -2.61
CA PRO D 90 -18.44 8.60 -1.70
C PRO D 90 -18.18 9.61 -0.54
N VAL D 91 -19.22 10.28 -0.05
CA VAL D 91 -19.08 11.32 1.05
C VAL D 91 -19.07 10.68 2.45
N GLU D 92 -19.69 9.50 2.67
CA GLU D 92 -19.71 8.84 4.03
C GLU D 92 -18.27 8.42 4.46
N LEU D 93 -17.42 7.98 3.48
CA LEU D 93 -15.99 7.58 3.74
C LEU D 93 -15.02 8.76 3.41
N ARG D 94 -15.46 9.76 2.56
CA ARG D 94 -14.69 11.09 2.39
C ARG D 94 -14.69 11.72 3.82
N GLN D 95 -15.83 11.50 4.55
CA GLN D 95 -16.03 11.91 5.99
C GLN D 95 -14.95 11.30 6.91
N TRP D 96 -14.55 10.00 6.70
CA TRP D 96 -13.47 9.34 7.56
C TRP D 96 -12.18 10.18 7.47
N LEU D 97 -11.90 10.80 6.28
CA LEU D 97 -10.68 11.72 6.13
C LEU D 97 -10.72 12.80 7.25
N GLU D 98 -11.93 13.36 7.49
CA GLU D 98 -12.17 14.38 8.60
C GLU D 98 -12.01 13.69 10.00
N GLU D 99 -12.39 12.39 10.13
CA GLU D 99 -12.18 11.56 11.41
C GLU D 99 -10.65 11.46 11.75
N VAL D 100 -9.77 11.58 10.71
CA VAL D 100 -8.26 11.43 10.87
C VAL D 100 -7.47 12.74 10.44
N LEU D 101 -8.17 13.87 10.14
CA LEU D 101 -7.52 15.18 9.75
C LEU D 101 -7.98 16.26 10.79
N LEU D 102 -9.32 16.43 10.93
CA LEU D 102 -9.97 17.47 11.86
C LEU D 102 -9.57 17.30 13.36
N LYS D 103 -9.95 16.17 14.01
CA LYS D 103 -9.67 15.93 15.50
C LYS D 103 -8.39 15.08 15.72
N SER D 104 -8.05 14.15 14.79
CA SER D 104 -6.80 13.24 14.91
C SER D 104 -6.98 12.23 16.07
N GLN C 1 24.90 4.04 37.89
CA GLN C 1 24.84 5.28 37.03
C GLN C 1 24.41 4.94 35.58
N SER C 2 23.65 5.85 34.92
CA SER C 2 23.17 5.65 33.50
C SER C 2 23.92 6.65 32.55
N PRO C 3 24.72 6.16 31.51
CA PRO C 3 25.48 7.06 30.56
C PRO C 3 24.51 7.89 29.66
N TYR C 4 24.81 9.19 29.45
CA TYR C 4 23.96 10.12 28.59
C TYR C 4 24.87 10.81 27.55
N SER C 5 24.51 10.72 26.25
CA SER C 5 25.31 11.33 25.12
C SER C 5 24.37 11.96 24.07
N ALA C 6 23.35 11.18 23.59
CA ALA C 6 22.34 11.64 22.55
C ALA C 6 23.02 11.78 21.15
N ALA C 7 22.59 10.94 20.17
CA ALA C 7 23.15 10.96 18.76
C ALA C 7 22.04 10.53 17.77
N MET C 8 21.77 11.37 16.72
CA MET C 8 20.68 11.13 15.66
C MET C 8 19.27 11.22 16.31
N ALA C 9 18.35 12.00 15.71
CA ALA C 9 16.94 12.20 16.27
C ALA C 9 16.00 11.02 15.94
N GLU C 10 14.96 10.83 16.78
CA GLU C 10 13.91 9.73 16.58
C GLU C 10 12.79 10.24 15.63
N GLN C 11 12.31 9.37 14.72
CA GLN C 11 11.22 9.74 13.70
C GLN C 11 9.80 9.35 14.21
N ARG C 12 8.81 10.25 13.98
CA ARG C 12 7.36 10.01 14.40
C ARG C 12 6.51 9.78 13.12
N HIS C 13 6.57 10.73 12.16
CA HIS C 13 5.82 10.65 10.84
C HIS C 13 6.75 11.19 9.70
N GLN C 14 7.02 10.36 8.66
CA GLN C 14 7.94 10.74 7.52
C GLN C 14 7.15 10.93 6.18
N GLU C 15 7.02 9.90 5.30
CA GLU C 15 6.28 10.01 3.96
C GLU C 15 5.41 8.72 3.80
N TRP C 16 6.05 7.53 3.51
CA TRP C 16 5.32 6.19 3.39
C TRP C 16 4.44 5.95 4.66
N LEU C 17 4.99 6.33 5.83
CA LEU C 17 4.35 6.14 7.18
C LEU C 17 3.34 7.23 7.49
N ARG C 18 3.48 8.45 6.91
CA ARG C 18 2.40 9.54 7.05
C ARG C 18 1.06 8.92 6.53
N PHE C 19 1.14 7.94 5.56
CA PHE C 19 -0.07 7.17 5.09
C PHE C 19 -0.29 5.93 6.05
N VAL C 20 0.80 5.22 6.59
CA VAL C 20 0.58 3.94 7.48
C VAL C 20 -0.07 4.26 8.86
N ASP C 21 0.09 5.50 9.41
CA ASP C 21 -0.52 5.87 10.76
C ASP C 21 -2.03 6.11 10.54
N LEU C 22 -2.38 6.94 9.53
CA LEU C 22 -3.84 7.16 9.14
C LEU C 22 -4.42 5.87 8.45
N LEU C 23 -3.54 4.92 7.99
CA LEU C 23 -4.01 3.60 7.41
C LEU C 23 -4.55 2.74 8.57
N LYS C 24 -3.89 2.81 9.77
CA LYS C 24 -4.39 2.07 10.99
C LYS C 24 -5.77 2.64 11.47
N ASN C 25 -6.14 3.90 11.08
CA ASN C 25 -7.50 4.49 11.44
C ASN C 25 -8.58 3.78 10.60
N ALA C 26 -8.30 3.52 9.31
CA ALA C 26 -9.28 2.78 8.42
C ALA C 26 -9.05 1.22 8.52
N TYR C 27 -7.97 0.74 9.18
CA TYR C 27 -7.72 -0.77 9.36
C TYR C 27 -8.56 -1.25 10.58
N GLN C 28 -8.84 -0.35 11.58
CA GLN C 28 -9.72 -0.65 12.78
C GLN C 28 -11.16 -0.93 12.26
N ASN C 29 -11.65 -0.07 11.34
CA ASN C 29 -13.01 -0.25 10.70
C ASN C 29 -12.77 -1.05 9.36
N ASP C 30 -12.51 -0.36 8.21
CA ASP C 30 -12.19 -0.96 6.82
C ASP C 30 -12.57 0.12 5.72
N LEU C 31 -12.05 1.35 5.92
CA LEU C 31 -12.31 2.56 5.02
C LEU C 31 -11.02 2.94 4.22
N HIS C 32 -9.98 2.03 4.22
CA HIS C 32 -8.72 2.20 3.41
C HIS C 32 -8.99 1.72 1.92
N LEU C 33 -10.25 1.29 1.61
CA LEU C 33 -10.65 0.71 0.28
C LEU C 33 -11.26 1.82 -0.63
N PRO C 34 -12.26 2.64 -0.14
CA PRO C 34 -12.72 3.86 -0.90
C PRO C 34 -11.50 4.85 -0.90
N LEU C 35 -10.72 4.86 0.25
CA LEU C 35 -9.44 5.67 0.42
C LEU C 35 -8.42 5.23 -0.69
N LEU C 36 -8.33 3.89 -1.03
CA LEU C 36 -7.38 3.41 -2.16
C LEU C 36 -7.78 4.11 -3.51
N ASN C 37 -9.10 4.16 -3.80
CA ASN C 37 -9.65 4.82 -5.08
C ASN C 37 -9.33 6.36 -5.18
N LEU C 38 -8.96 7.02 -4.06
CA LEU C 38 -8.67 8.52 -4.02
C LEU C 38 -7.15 8.85 -4.12
N MET C 39 -6.26 8.23 -3.29
CA MET C 39 -4.75 8.60 -3.30
C MET C 39 -3.81 7.46 -3.77
N LEU C 40 -4.35 6.42 -4.48
CA LEU C 40 -3.47 5.30 -5.02
C LEU C 40 -3.80 5.05 -6.54
N THR C 41 -4.89 4.29 -6.87
CA THR C 41 -5.38 3.93 -8.31
C THR C 41 -5.88 2.42 -8.33
N PRO C 42 -6.80 2.03 -9.31
CA PRO C 42 -7.30 0.60 -9.46
C PRO C 42 -6.14 -0.34 -9.92
N ASP C 43 -5.25 0.16 -10.82
CA ASP C 43 -4.04 -0.65 -11.32
C ASP C 43 -3.05 -0.97 -10.15
N GLU C 44 -3.09 -0.17 -9.03
CA GLU C 44 -2.19 -0.41 -7.83
C GLU C 44 -2.65 -1.66 -7.04
N ARG C 45 -3.98 -2.01 -7.04
CA ARG C 45 -4.45 -3.32 -6.37
C ARG C 45 -4.24 -4.47 -7.37
N GLU C 46 -4.22 -4.19 -8.72
CA GLU C 46 -3.85 -5.25 -9.78
C GLU C 46 -2.33 -5.61 -9.60
N ALA C 47 -1.54 -4.64 -9.04
CA ALA C 47 -0.05 -4.77 -8.80
C ALA C 47 0.25 -5.30 -7.38
N LEU C 48 -0.62 -5.04 -6.35
CA LEU C 48 -0.44 -5.70 -4.97
C LEU C 48 -1.00 -7.16 -5.13
N GLY C 49 -1.84 -7.40 -6.19
CA GLY C 49 -2.43 -8.72 -6.55
C GLY C 49 -1.31 -9.64 -7.09
N THR C 50 -0.82 -9.35 -8.31
CA THR C 50 0.27 -10.20 -8.98
C THR C 50 1.62 -10.15 -8.24
N ARG C 51 1.94 -9.08 -7.47
CA ARG C 51 3.25 -9.03 -6.67
C ARG C 51 3.16 -10.06 -5.51
N VAL C 52 2.11 -10.01 -4.67
CA VAL C 52 1.96 -11.08 -3.57
C VAL C 52 1.75 -12.50 -4.23
N ARG C 53 1.39 -12.59 -5.56
CA ARG C 53 1.21 -13.94 -6.24
C ARG C 53 2.58 -14.62 -6.58
N ILE C 54 3.60 -13.89 -7.17
CA ILE C 54 4.94 -14.53 -7.53
C ILE C 54 5.79 -14.82 -6.24
N VAL C 55 5.55 -14.10 -5.10
CA VAL C 55 6.37 -14.33 -3.82
C VAL C 55 5.66 -15.43 -3.02
N GLU C 56 4.34 -15.28 -2.75
CA GLU C 56 3.51 -16.33 -2.00
C GLU C 56 3.57 -17.71 -2.76
N GLU C 57 3.83 -17.71 -4.10
CA GLU C 57 3.98 -18.98 -4.91
C GLU C 57 5.46 -19.46 -4.88
N LEU C 58 6.47 -18.53 -4.81
CA LEU C 58 7.96 -18.90 -4.77
C LEU C 58 8.29 -19.70 -3.47
N LEU C 59 8.02 -19.11 -2.27
CA LEU C 59 8.30 -19.78 -0.91
C LEU C 59 7.74 -21.24 -0.82
N ARG C 60 6.68 -21.58 -1.60
CA ARG C 60 6.07 -22.97 -1.57
C ARG C 60 6.79 -23.89 -2.58
N GLY C 61 7.10 -23.40 -3.81
CA GLY C 61 7.83 -24.19 -4.89
C GLY C 61 6.98 -25.36 -5.41
N GLU C 62 6.14 -25.11 -6.45
CA GLU C 62 5.25 -26.20 -7.05
C GLU C 62 4.78 -25.79 -8.49
N MET C 63 4.17 -24.60 -8.61
CA MET C 63 3.65 -24.04 -9.93
C MET C 63 3.94 -22.51 -9.89
N SER C 64 5.24 -22.16 -10.06
CA SER C 64 5.71 -20.72 -9.90
C SER C 64 6.66 -20.23 -11.05
N GLN C 65 7.21 -21.12 -11.91
CA GLN C 65 8.19 -20.71 -13.01
C GLN C 65 7.59 -20.89 -14.44
N ARG C 66 7.36 -22.14 -14.89
CA ARG C 66 6.83 -22.42 -16.30
C ARG C 66 5.28 -22.57 -16.31
N GLU C 67 4.73 -23.36 -15.37
CA GLU C 67 3.23 -23.58 -15.28
C GLU C 67 2.46 -22.33 -14.73
N LEU C 68 3.17 -21.31 -14.16
CA LEU C 68 2.47 -20.08 -13.55
C LEU C 68 2.02 -19.03 -14.61
N LYS C 69 2.93 -18.52 -15.50
CA LYS C 69 2.59 -17.42 -16.55
C LYS C 69 1.18 -17.61 -17.23
N ASN C 70 0.87 -18.83 -17.72
CA ASN C 70 -0.46 -19.11 -18.45
C ASN C 70 -1.69 -19.05 -17.48
N GLU C 71 -1.52 -19.48 -16.20
CA GLU C 71 -2.65 -19.50 -15.15
C GLU C 71 -3.37 -18.12 -15.01
N LEU C 72 -2.60 -17.02 -14.77
CA LEU C 72 -3.20 -15.62 -14.57
C LEU C 72 -2.65 -14.62 -15.63
N GLY C 73 -1.33 -14.66 -15.94
CA GLY C 73 -0.70 -13.73 -16.97
C GLY C 73 0.44 -12.91 -16.33
N ALA C 74 1.53 -13.59 -15.89
CA ALA C 74 2.74 -12.91 -15.28
C ALA C 74 4.01 -13.51 -15.94
N GLY C 75 4.72 -12.72 -16.80
CA GLY C 75 5.98 -13.16 -17.57
C GLY C 75 7.01 -13.96 -16.71
N ILE C 76 8.07 -14.56 -17.35
CA ILE C 76 9.11 -15.30 -16.54
C ILE C 76 10.13 -14.27 -15.95
N ALA C 77 10.16 -12.99 -16.45
CA ALA C 77 11.10 -11.95 -15.83
C ALA C 77 10.62 -11.55 -14.41
N THR C 78 9.30 -11.55 -14.10
CA THR C 78 8.76 -11.16 -12.71
C THR C 78 8.82 -12.35 -11.72
N ILE C 79 8.44 -13.58 -12.14
CA ILE C 79 8.44 -14.79 -11.20
C ILE C 79 9.87 -15.26 -10.82
N THR C 80 10.91 -14.96 -11.65
CA THR C 80 12.34 -15.37 -11.33
C THR C 80 13.19 -14.16 -10.86
N ARG C 81 12.85 -12.88 -11.24
CA ARG C 81 13.59 -11.67 -10.68
C ARG C 81 13.04 -11.38 -9.24
N GLY C 82 11.78 -11.84 -8.92
CA GLY C 82 11.15 -11.70 -7.54
C GLY C 82 11.97 -12.52 -6.50
N SER C 83 12.57 -13.69 -6.91
CA SER C 83 13.45 -14.53 -5.97
C SER C 83 14.76 -13.75 -5.62
N ASN C 84 15.29 -12.92 -6.57
CA ASN C 84 16.55 -12.06 -6.36
C ASN C 84 16.36 -11.06 -5.17
N SER C 85 15.11 -10.58 -4.93
CA SER C 85 14.76 -9.59 -3.80
C SER C 85 15.10 -10.17 -2.41
N LEU C 86 14.78 -11.48 -2.18
CA LEU C 86 15.04 -12.20 -0.86
C LEU C 86 16.54 -12.17 -0.47
N LYS C 87 17.45 -12.32 -1.47
CA LYS C 87 18.98 -12.34 -1.24
C LYS C 87 19.53 -11.02 -0.60
N ALA C 88 18.78 -9.89 -0.70
CA ALA C 88 19.24 -8.55 -0.13
C ALA C 88 18.67 -8.30 1.29
N ALA C 89 17.34 -8.49 1.49
CA ALA C 89 16.63 -8.26 2.85
C ALA C 89 17.38 -8.89 4.07
N PRO C 90 17.09 -8.41 5.34
CA PRO C 90 17.75 -8.98 6.55
C PRO C 90 17.07 -10.32 6.96
N VAL C 91 17.63 -11.01 7.99
CA VAL C 91 17.10 -12.34 8.48
C VAL C 91 16.22 -12.17 9.74
N GLU C 92 16.44 -11.14 10.58
CA GLU C 92 15.63 -10.95 11.85
C GLU C 92 14.14 -10.67 11.50
N LEU C 93 13.89 -9.86 10.45
CA LEU C 93 12.49 -9.52 9.97
C LEU C 93 12.07 -10.41 8.76
N ARG C 94 13.04 -11.07 8.03
CA ARG C 94 12.66 -12.15 7.00
C ARG C 94 12.05 -13.30 7.89
N GLN C 95 12.54 -13.40 9.16
CA GLN C 95 12.02 -14.37 10.21
C GLN C 95 10.50 -14.13 10.44
N TRP C 96 10.03 -12.84 10.47
CA TRP C 96 8.53 -12.56 10.62
C TRP C 96 7.82 -13.15 9.38
N LEU C 97 8.46 -13.10 8.17
CA LEU C 97 7.84 -13.73 6.90
C LEU C 97 7.48 -15.23 7.22
N GLU C 98 8.36 -15.93 8.03
CA GLU C 98 8.09 -17.36 8.51
C GLU C 98 6.89 -17.34 9.51
N GLU C 99 6.81 -16.31 10.38
CA GLU C 99 5.64 -16.11 11.37
C GLU C 99 4.29 -15.94 10.61
N VAL C 100 4.32 -15.52 9.32
CA VAL C 100 3.05 -15.26 8.50
C VAL C 100 2.98 -16.19 7.23
N LEU C 101 3.91 -17.17 7.06
CA LEU C 101 3.92 -18.17 5.93
C LEU C 101 3.52 -19.54 6.57
N LEU C 102 4.30 -19.98 7.60
CA LEU C 102 4.10 -21.28 8.40
C LEU C 102 2.61 -21.46 8.84
N LYS C 103 2.03 -20.45 9.51
CA LYS C 103 0.60 -20.48 10.00
C LYS C 103 -0.28 -19.58 9.07
N SER C 104 -0.22 -19.87 7.74
CA SER C 104 -1.01 -19.11 6.70
C SER C 104 -2.15 -20.02 6.15
N GLN D 1 -27.56 -19.04 -4.44
CA GLN D 1 -27.35 -19.69 -5.78
C GLN D 1 -26.29 -20.80 -5.67
N SER D 2 -26.61 -22.03 -6.15
CA SER D 2 -25.66 -23.22 -6.11
C SER D 2 -25.83 -24.09 -7.43
N PRO D 3 -24.69 -24.56 -8.07
CA PRO D 3 -24.77 -25.38 -9.33
C PRO D 3 -25.19 -26.84 -9.02
N TYR D 4 -26.15 -27.38 -9.82
CA TYR D 4 -26.63 -28.82 -9.66
C TYR D 4 -25.80 -29.70 -10.63
N SER D 5 -25.69 -29.27 -11.91
CA SER D 5 -24.89 -30.00 -12.97
C SER D 5 -23.60 -29.18 -13.26
N ALA D 6 -23.75 -27.89 -13.66
CA ALA D 6 -22.57 -26.97 -13.96
C ALA D 6 -23.05 -25.50 -14.18
N ALA D 7 -22.31 -24.52 -13.59
CA ALA D 7 -22.65 -23.04 -13.73
C ALA D 7 -21.36 -22.19 -13.85
N MET D 8 -21.33 -21.26 -14.84
CA MET D 8 -20.13 -20.35 -15.06
C MET D 8 -20.36 -19.03 -14.25
N ALA D 9 -19.68 -18.91 -13.09
CA ALA D 9 -19.82 -17.68 -12.18
C ALA D 9 -18.67 -17.63 -11.13
N GLU D 10 -18.05 -16.43 -10.95
CA GLU D 10 -16.92 -16.23 -9.95
C GLU D 10 -17.30 -15.00 -9.07
N GLN D 11 -17.65 -15.26 -7.79
CA GLN D 11 -18.10 -14.18 -6.80
C GLN D 11 -17.28 -14.21 -5.47
N ARG D 12 -16.72 -15.38 -5.07
CA ARG D 12 -15.92 -15.52 -3.77
C ARG D 12 -14.39 -15.27 -3.98
N HIS D 13 -13.61 -15.28 -2.85
CA HIS D 13 -12.09 -15.09 -2.81
C HIS D 13 -11.68 -13.68 -3.32
N GLN D 14 -10.95 -12.91 -2.47
CA GLN D 14 -10.43 -11.51 -2.80
C GLN D 14 -8.88 -11.52 -2.85
N GLU D 15 -8.26 -10.62 -3.66
CA GLU D 15 -6.74 -10.52 -3.79
C GLU D 15 -6.22 -9.42 -2.81
N TRP D 16 -6.45 -8.09 -3.11
CA TRP D 16 -5.96 -6.91 -2.23
C TRP D 16 -6.09 -7.17 -0.69
N LEU D 17 -7.12 -7.93 -0.29
CA LEU D 17 -7.50 -8.15 1.17
C LEU D 17 -6.81 -9.34 1.80
N ARG D 18 -6.51 -10.42 1.03
CA ARG D 18 -5.65 -11.57 1.59
C ARG D 18 -4.24 -10.95 1.96
N PHE D 19 -3.90 -9.80 1.31
CA PHE D 19 -2.64 -9.00 1.61
C PHE D 19 -2.96 -8.12 2.86
N VAL D 20 -4.21 -7.51 2.97
CA VAL D 20 -4.61 -6.63 4.20
C VAL D 20 -4.67 -7.46 5.54
N ASP D 21 -4.84 -8.81 5.49
CA ASP D 21 -4.89 -9.67 6.77
C ASP D 21 -3.46 -9.84 7.29
N LEU D 22 -2.53 -10.28 6.41
CA LEU D 22 -1.05 -10.41 6.80
C LEU D 22 -0.43 -8.99 7.03
N LEU D 23 -1.04 -7.91 6.46
CA LEU D 23 -0.56 -6.49 6.71
C LEU D 23 -0.89 -6.13 8.17
N LYS D 24 -2.06 -6.61 8.70
CA LYS D 24 -2.44 -6.39 10.15
C LYS D 24 -1.46 -7.16 11.10
N ASN D 25 -0.80 -8.28 10.62
CA ASN D 25 0.23 -9.05 11.48
C ASN D 25 1.47 -8.18 11.67
N ALA D 26 1.86 -7.44 10.62
CA ALA D 26 3.05 -6.53 10.69
C ALA D 26 2.63 -5.07 11.13
N TYR D 27 1.32 -4.72 11.20
CA TYR D 27 0.90 -3.32 11.65
C TYR D 27 0.92 -3.26 13.21
N GLN D 28 0.65 -4.41 13.91
CA GLN D 28 0.74 -4.47 15.44
C GLN D 28 2.20 -4.15 15.87
N ASN D 29 3.19 -4.72 15.13
CA ASN D 29 4.66 -4.45 15.39
C ASN D 29 5.11 -3.30 14.41
N ASP D 30 5.53 -3.65 13.15
CA ASP D 30 5.98 -2.70 12.00
C ASP D 30 7.02 -3.48 11.11
N LEU D 31 6.61 -4.70 10.66
CA LEU D 31 7.47 -5.64 9.82
C LEU D 31 6.92 -5.77 8.35
N HIS D 32 5.91 -4.93 7.98
CA HIS D 32 5.37 -4.88 6.57
C HIS D 32 6.30 -3.97 5.69
N LEU D 33 7.37 -3.37 6.29
CA LEU D 33 8.31 -2.41 5.62
C LEU D 33 9.50 -3.20 5.03
N PRO D 34 10.21 -4.11 5.81
CA PRO D 34 11.25 -5.03 5.23
C PRO D 34 10.51 -6.00 4.25
N LEU D 35 9.25 -6.42 4.62
CA LEU D 35 8.35 -7.28 3.74
C LEU D 35 8.04 -6.47 2.44
N LEU D 36 7.78 -5.14 2.56
CA LEU D 36 7.47 -4.28 1.32
C LEU D 36 8.75 -4.07 0.44
N ASN D 37 9.97 -4.19 1.01
CA ASN D 37 11.26 -4.03 0.19
C ASN D 37 11.56 -5.36 -0.61
N LEU D 38 10.78 -6.46 -0.41
CA LEU D 38 10.96 -7.78 -1.12
C LEU D 38 9.82 -7.97 -2.18
N MET D 39 8.54 -7.64 -1.84
CA MET D 39 7.37 -7.80 -2.80
C MET D 39 7.04 -6.49 -3.57
N LEU D 40 7.73 -5.33 -3.31
CA LEU D 40 7.39 -4.01 -4.00
C LEU D 40 8.67 -3.34 -4.66
N THR D 41 9.22 -2.20 -4.12
CA THR D 41 10.47 -1.42 -4.66
C THR D 41 10.38 0.09 -4.12
N PRO D 42 11.55 0.73 -3.70
CA PRO D 42 11.58 2.13 -3.10
C PRO D 42 10.88 3.25 -3.94
N ASP D 43 10.83 3.12 -5.29
CA ASP D 43 10.21 4.20 -6.20
C ASP D 43 8.70 4.46 -5.87
N GLU D 44 7.96 3.43 -5.40
CA GLU D 44 6.49 3.59 -5.03
C GLU D 44 6.32 4.38 -3.70
N ARG D 45 7.29 4.27 -2.74
CA ARG D 45 7.20 5.09 -1.45
C ARG D 45 7.67 6.55 -1.69
N GLU D 46 8.46 6.83 -2.76
CA GLU D 46 8.85 8.27 -3.13
C GLU D 46 7.54 8.96 -3.65
N ALA D 47 6.81 8.25 -4.55
CA ALA D 47 5.48 8.74 -5.10
C ALA D 47 4.34 8.51 -4.07
N LEU D 48 4.54 7.73 -2.95
CA LEU D 48 3.45 7.59 -1.89
C LEU D 48 3.54 8.84 -0.97
N GLY D 49 4.76 9.39 -0.72
CA GLY D 49 4.94 10.63 0.14
C GLY D 49 4.33 11.84 -0.61
N THR D 50 4.75 12.04 -1.88
CA THR D 50 4.24 13.20 -2.74
C THR D 50 2.74 13.05 -3.10
N ARG D 51 2.19 11.81 -3.23
CA ARG D 51 0.69 11.61 -3.51
C ARG D 51 -0.10 12.08 -2.23
N VAL D 52 0.34 11.66 -1.04
CA VAL D 52 -0.32 12.10 0.27
C VAL D 52 0.01 13.63 0.52
N ARG D 53 1.02 14.23 -0.19
CA ARG D 53 1.35 15.71 -0.02
C ARG D 53 0.35 16.61 -0.84
N ILE D 54 -0.06 16.25 -2.10
CA ILE D 54 -1.03 17.13 -2.89
C ILE D 54 -2.47 17.00 -2.33
N VAL D 55 -2.85 15.87 -1.64
CA VAL D 55 -4.26 15.70 -1.05
C VAL D 55 -4.26 16.37 0.34
N GLU D 56 -3.28 16.02 1.20
CA GLU D 56 -3.15 16.64 2.61
C GLU D 56 -2.98 18.19 2.51
N GLU D 57 -2.43 18.71 1.36
CA GLU D 57 -2.24 20.21 1.15
C GLU D 57 -3.45 20.81 0.36
N LEU D 58 -4.23 20.00 -0.42
CA LEU D 58 -5.45 20.50 -1.20
C LEU D 58 -6.59 20.84 -0.19
N LEU D 59 -6.87 19.93 0.77
CA LEU D 59 -7.97 20.13 1.82
C LEU D 59 -7.75 21.40 2.70
N ARG D 60 -6.51 21.97 2.75
CA ARG D 60 -6.24 23.22 3.59
C ARG D 60 -6.38 24.47 2.67
N GLY D 61 -5.78 24.44 1.46
CA GLY D 61 -5.86 25.58 0.46
C GLY D 61 -5.09 26.85 0.93
N GLU D 62 -3.75 26.77 1.04
CA GLU D 62 -2.88 27.95 1.46
C GLU D 62 -1.92 28.25 0.27
N MET D 63 -1.10 27.26 -0.12
CA MET D 63 -0.13 27.35 -1.28
C MET D 63 0.05 25.88 -1.80
N SER D 64 -0.94 25.42 -2.61
CA SER D 64 -1.01 23.98 -3.08
C SER D 64 -1.25 23.83 -4.62
N GLN D 65 -1.55 24.92 -5.36
CA GLN D 65 -1.83 24.84 -6.86
C GLN D 65 -0.78 25.67 -7.66
N ARG D 66 -0.63 26.98 -7.33
CA ARG D 66 0.34 27.91 -8.07
C ARG D 66 1.75 27.91 -7.42
N GLU D 67 1.85 28.36 -6.13
CA GLU D 67 3.17 28.50 -5.39
C GLU D 67 3.72 27.15 -4.79
N LEU D 68 3.02 26.00 -4.94
CA LEU D 68 3.53 24.68 -4.37
C LEU D 68 4.63 24.09 -5.28
N LYS D 69 4.42 24.06 -6.62
CA LYS D 69 5.40 23.44 -7.61
C LYS D 69 6.91 23.86 -7.38
N ASN D 70 7.17 25.06 -6.81
CA ASN D 70 8.58 25.57 -6.56
C ASN D 70 9.26 24.82 -5.38
N GLU D 71 8.51 24.55 -4.28
CA GLU D 71 9.04 23.86 -3.02
C GLU D 71 9.87 22.57 -3.31
N LEU D 72 9.32 21.62 -4.12
CA LEU D 72 10.04 20.31 -4.45
C LEU D 72 10.06 20.03 -5.98
N GLY D 73 8.95 20.32 -6.71
CA GLY D 73 8.86 20.08 -8.20
C GLY D 73 7.95 18.88 -8.51
N ALA D 74 6.63 19.06 -8.41
CA ALA D 74 5.59 17.98 -8.71
C ALA D 74 4.72 18.35 -9.97
N GLY D 75 4.94 19.53 -10.59
CA GLY D 75 4.14 19.99 -11.80
C GLY D 75 2.70 20.39 -11.40
N ILE D 76 1.92 21.03 -12.31
CA ILE D 76 0.48 21.41 -11.97
C ILE D 76 -0.46 20.23 -12.38
N ALA D 77 0.01 19.22 -13.19
CA ALA D 77 -0.88 18.05 -13.57
C ALA D 77 -1.27 17.18 -12.33
N THR D 78 -0.36 16.97 -11.34
CA THR D 78 -0.71 16.10 -10.11
C THR D 78 -1.46 16.93 -9.03
N ILE D 79 -1.04 18.18 -8.76
CA ILE D 79 -1.71 19.03 -7.67
C ILE D 79 -3.14 19.49 -8.02
N THR D 80 -3.56 19.46 -9.31
CA THR D 80 -4.98 19.84 -9.72
C THR D 80 -5.76 18.60 -10.24
N ARG D 81 -5.08 17.56 -10.83
CA ARG D 81 -5.83 16.28 -11.24
C ARG D 81 -6.13 15.44 -9.96
N GLY D 82 -5.38 15.70 -8.81
CA GLY D 82 -5.64 14.99 -7.49
C GLY D 82 -7.04 15.40 -6.95
N SER D 83 -7.47 16.69 -7.14
CA SER D 83 -8.87 17.16 -6.68
C SER D 83 -9.99 16.40 -7.49
N ASN D 84 -9.73 16.08 -8.79
CA ASN D 84 -10.72 15.32 -9.70
C ASN D 84 -11.13 13.94 -9.06
N SER D 85 -10.18 13.26 -8.35
CA SER D 85 -10.43 11.90 -7.67
C SER D 85 -11.61 11.98 -6.66
N LEU D 86 -11.67 13.08 -5.85
CA LEU D 86 -12.75 13.31 -4.81
C LEU D 86 -14.19 13.28 -5.45
N LYS D 87 -14.37 13.95 -6.61
CA LYS D 87 -15.73 14.02 -7.34
C LYS D 87 -16.31 12.62 -7.69
N ALA D 88 -15.43 11.59 -7.87
CA ALA D 88 -15.89 10.19 -8.21
C ALA D 88 -16.21 9.39 -6.92
N ALA D 89 -15.40 9.53 -5.84
CA ALA D 89 -15.65 8.80 -4.50
C ALA D 89 -17.00 9.23 -3.83
N PRO D 90 -17.52 8.42 -2.85
CA PRO D 90 -18.80 8.74 -2.15
C PRO D 90 -18.56 9.71 -0.96
N VAL D 91 -19.65 10.21 -0.34
CA VAL D 91 -19.58 11.16 0.85
C VAL D 91 -19.62 10.40 2.20
N GLU D 92 -20.19 9.17 2.26
CA GLU D 92 -20.28 8.38 3.55
C GLU D 92 -18.86 8.04 4.08
N LEU D 93 -17.93 7.66 3.16
CA LEU D 93 -16.50 7.32 3.51
C LEU D 93 -15.51 8.49 3.18
N ARG D 94 -15.96 9.53 2.41
CA ARG D 94 -15.15 10.84 2.28
C ARG D 94 -15.26 11.45 3.74
N GLN D 95 -16.42 11.16 4.40
CA GLN D 95 -16.71 11.53 5.84
C GLN D 95 -15.59 10.97 6.78
N TRP D 96 -15.08 9.72 6.51
CA TRP D 96 -13.92 9.15 7.35
C TRP D 96 -12.69 10.05 7.12
N LEU D 97 -12.50 10.59 5.88
CA LEU D 97 -11.35 11.56 5.60
C LEU D 97 -11.42 12.73 6.66
N GLU D 98 -12.67 13.19 7.02
CA GLU D 98 -12.89 14.24 8.11
C GLU D 98 -12.51 13.62 9.49
N GLU D 99 -12.83 12.31 9.72
CA GLU D 99 -12.45 11.55 11.00
C GLU D 99 -10.89 11.50 11.15
N VAL D 100 -10.12 11.68 10.04
CA VAL D 100 -8.59 11.59 10.05
C VAL D 100 -7.91 12.92 9.50
N LEU D 101 -8.69 14.00 9.19
CA LEU D 101 -8.17 15.33 8.72
C LEU D 101 -8.43 16.32 9.90
N LEU D 102 -9.72 16.47 10.29
CA LEU D 102 -10.20 17.35 11.46
C LEU D 102 -9.36 17.08 12.76
N LYS D 103 -8.88 15.82 12.94
CA LYS D 103 -8.06 15.42 14.17
C LYS D 103 -6.56 15.81 13.94
N SER D 104 -5.89 15.22 12.92
CA SER D 104 -4.43 15.51 12.61
C SER D 104 -4.24 15.74 11.09
N GLN C 1 5.17 16.72 32.26
CA GLN C 1 5.48 16.07 33.57
C GLN C 1 7.02 15.97 33.76
N SER C 2 7.76 15.45 32.74
CA SER C 2 9.27 15.29 32.82
C SER C 2 9.91 15.25 31.38
N PRO C 3 11.05 16.00 31.13
CA PRO C 3 11.74 16.01 29.79
C PRO C 3 12.55 14.70 29.56
N TYR C 4 12.81 14.32 28.28
CA TYR C 4 13.61 13.07 27.93
C TYR C 4 14.85 13.43 27.07
N SER C 5 14.65 14.10 25.90
CA SER C 5 15.81 14.45 24.97
C SER C 5 15.61 15.79 24.22
N ALA C 6 16.72 16.46 23.88
CA ALA C 6 16.72 17.77 23.12
C ALA C 6 17.16 17.49 21.66
N ALA C 7 18.30 16.75 21.48
CA ALA C 7 18.87 16.36 20.11
C ALA C 7 19.24 17.59 19.23
N MET C 8 20.17 17.38 18.25
CA MET C 8 20.63 18.47 17.30
C MET C 8 20.22 18.06 15.87
N ALA C 9 20.67 16.86 15.41
CA ALA C 9 20.32 16.35 14.01
C ALA C 9 20.47 14.81 13.93
N GLU C 10 19.39 14.11 13.50
CA GLU C 10 19.35 12.60 13.34
C GLU C 10 18.87 12.28 11.91
N GLN C 11 17.71 12.86 11.49
CA GLN C 11 17.09 12.68 10.12
C GLN C 11 16.63 11.20 9.87
N ARG C 12 15.29 10.99 9.91
CA ARG C 12 14.65 9.62 9.65
C ARG C 12 13.66 9.72 8.44
N HIS C 13 12.94 10.88 8.27
CA HIS C 13 11.96 11.16 7.13
C HIS C 13 10.69 10.28 7.24
N GLN C 14 9.50 10.93 7.37
CA GLN C 14 8.16 10.21 7.46
C GLN C 14 7.36 10.57 6.17
N GLU C 15 7.30 9.62 5.22
CA GLU C 15 6.58 9.79 3.90
C GLU C 15 5.59 8.60 3.77
N TRP C 16 6.11 7.37 3.50
CA TRP C 16 5.26 6.09 3.45
C TRP C 16 4.45 5.94 4.77
N LEU C 17 5.10 6.29 5.89
CA LEU C 17 4.52 6.13 7.29
C LEU C 17 3.56 7.26 7.64
N ARG C 18 3.70 8.48 7.06
CA ARG C 18 2.63 9.58 7.27
C ARG C 18 1.28 8.97 6.75
N PHE C 19 1.36 8.05 5.74
CA PHE C 19 0.16 7.29 5.23
C PHE C 19 -0.13 6.07 6.18
N VAL C 20 0.91 5.34 6.76
CA VAL C 20 0.64 4.08 7.63
C VAL C 20 -0.03 4.42 9.01
N ASP C 21 0.10 5.66 9.54
CA ASP C 21 -0.58 6.04 10.86
C ASP C 21 -2.07 6.31 10.57
N LEU C 22 -2.35 7.13 9.53
CA LEU C 22 -3.80 7.38 9.07
C LEU C 22 -4.38 6.07 8.42
N LEU C 23 -3.51 5.11 7.99
CA LEU C 23 -3.99 3.79 7.40
C LEU C 23 -4.56 2.94 8.56
N LYS C 24 -3.91 2.99 9.76
CA LYS C 24 -4.44 2.26 10.97
C LYS C 24 -5.80 2.87 11.45
N ASN C 25 -6.17 4.13 11.02
CA ASN C 25 -7.51 4.74 11.37
C ASN C 25 -8.60 4.05 10.53
N ALA C 26 -8.31 3.76 9.25
CA ALA C 26 -9.27 3.03 8.35
C ALA C 26 -9.04 1.47 8.44
N TYR C 27 -8.00 0.97 9.18
CA TYR C 27 -7.75 -0.52 9.31
C TYR C 27 -8.59 -1.06 10.51
N GLN C 28 -8.79 -0.24 11.59
CA GLN C 28 -9.67 -0.65 12.79
C GLN C 28 -11.11 -0.87 12.27
N ASN C 29 -11.59 0.02 11.37
CA ASN C 29 -12.96 -0.10 10.74
C ASN C 29 -12.77 -0.89 9.40
N ASP C 30 -12.42 -0.21 8.27
CA ASP C 30 -12.14 -0.78 6.85
C ASP C 30 -12.53 0.33 5.78
N LEU C 31 -12.08 1.58 6.02
CA LEU C 31 -12.35 2.78 5.13
C LEU C 31 -11.05 3.17 4.32
N HIS C 32 -10.06 2.23 4.25
CA HIS C 32 -8.80 2.44 3.42
C HIS C 32 -9.10 2.04 1.91
N LEU C 33 -10.38 1.70 1.60
CA LEU C 33 -10.86 1.21 0.25
C LEU C 33 -11.35 2.44 -0.58
N PRO C 34 -12.25 3.34 -0.01
CA PRO C 34 -12.58 4.66 -0.66
C PRO C 34 -11.24 5.47 -0.68
N LEU C 35 -10.40 5.30 0.41
CA LEU C 35 -8.99 5.90 0.52
C LEU C 35 -8.17 5.50 -0.72
N LEU C 36 -8.23 4.19 -1.15
CA LEU C 36 -7.48 3.72 -2.43
C LEU C 36 -7.99 4.52 -3.67
N ASN C 37 -9.33 4.75 -3.77
CA ASN C 37 -9.95 5.52 -4.95
C ASN C 37 -9.47 7.01 -5.03
N LEU C 38 -8.80 7.58 -3.98
CA LEU C 38 -8.35 9.04 -3.98
C LEU C 38 -6.80 9.28 -4.06
N MET C 39 -5.96 8.49 -3.34
CA MET C 39 -4.43 8.75 -3.31
C MET C 39 -3.58 7.49 -3.63
N LEU C 40 -4.19 6.40 -4.16
CA LEU C 40 -3.44 5.15 -4.50
C LEU C 40 -3.45 4.97 -6.06
N THR C 41 -4.63 4.58 -6.63
CA THR C 41 -4.93 4.28 -8.13
C THR C 41 -5.57 2.84 -8.20
N PRO C 42 -6.35 2.52 -9.30
CA PRO C 42 -6.90 1.15 -9.52
C PRO C 42 -5.69 0.21 -9.88
N ASP C 43 -4.69 0.75 -10.64
CA ASP C 43 -3.40 0.00 -11.00
C ASP C 43 -2.57 -0.29 -9.72
N GLU C 44 -2.78 0.46 -8.58
CA GLU C 44 -2.03 0.23 -7.29
C GLU C 44 -2.57 -1.03 -6.57
N ARG C 45 -3.87 -1.44 -6.75
CA ARG C 45 -4.37 -2.77 -6.19
C ARG C 45 -4.08 -3.88 -7.24
N GLU C 46 -3.88 -3.49 -8.55
CA GLU C 46 -3.44 -4.46 -9.64
C GLU C 46 -1.91 -4.78 -9.37
N ALA C 47 -1.18 -3.86 -8.66
CA ALA C 47 0.27 -4.05 -8.33
C ALA C 47 0.38 -4.84 -7.02
N LEU C 48 -0.43 -4.55 -5.96
CA LEU C 48 -0.43 -5.42 -4.69
C LEU C 48 -1.04 -6.83 -5.07
N GLY C 49 -1.81 -6.89 -6.21
CA GLY C 49 -2.43 -8.14 -6.76
C GLY C 49 -1.35 -9.10 -7.31
N THR C 50 -0.70 -8.72 -8.42
CA THR C 50 0.35 -9.61 -9.10
C THR C 50 1.70 -9.63 -8.33
N ARG C 51 2.06 -8.56 -7.57
CA ARG C 51 3.36 -8.59 -6.75
C ARG C 51 3.18 -9.65 -5.61
N VAL C 52 2.06 -9.61 -4.84
CA VAL C 52 1.83 -10.69 -3.77
C VAL C 52 1.62 -12.09 -4.46
N ARG C 53 1.29 -12.15 -5.78
CA ARG C 53 1.12 -13.49 -6.49
C ARG C 53 2.50 -14.21 -6.71
N ILE C 54 3.55 -13.55 -7.30
CA ILE C 54 4.88 -14.23 -7.56
C ILE C 54 5.69 -14.48 -6.24
N VAL C 55 5.46 -13.69 -5.13
CA VAL C 55 6.25 -13.92 -3.81
C VAL C 55 5.52 -15.02 -3.01
N GLU C 56 4.20 -14.83 -2.79
CA GLU C 56 3.34 -15.85 -2.03
C GLU C 56 3.36 -17.24 -2.77
N GLU C 57 3.64 -17.27 -4.10
CA GLU C 57 3.75 -18.56 -4.90
C GLU C 57 5.24 -19.04 -4.98
N LEU C 58 6.25 -18.11 -4.84
CA LEU C 58 7.74 -18.50 -4.91
C LEU C 58 8.15 -19.28 -3.63
N LEU C 59 8.01 -18.66 -2.43
CA LEU C 59 8.40 -19.31 -1.08
C LEU C 59 7.79 -20.73 -0.90
N ARG C 60 6.61 -21.01 -1.51
CA ARG C 60 5.93 -22.37 -1.39
C ARG C 60 6.61 -23.37 -2.38
N GLY C 61 6.81 -22.96 -3.65
CA GLY C 61 7.49 -23.82 -4.70
C GLY C 61 6.59 -25.00 -5.16
N GLU C 62 5.73 -24.78 -6.17
CA GLU C 62 4.81 -25.85 -6.74
C GLU C 62 4.53 -25.52 -8.23
N MET C 63 4.02 -24.29 -8.49
CA MET C 63 3.72 -23.77 -9.88
C MET C 63 4.00 -22.23 -9.84
N SER C 64 5.31 -21.85 -9.77
CA SER C 64 5.74 -20.40 -9.63
C SER C 64 7.05 -20.04 -10.43
N GLN C 65 7.59 -20.95 -11.29
CA GLN C 65 8.86 -20.67 -12.08
C GLN C 65 8.63 -20.81 -13.62
N ARG C 66 8.27 -22.02 -14.09
CA ARG C 66 8.05 -22.32 -15.57
C ARG C 66 6.55 -22.55 -15.86
N GLU C 67 5.90 -23.39 -15.04
CA GLU C 67 4.43 -23.76 -15.20
C GLU C 67 3.45 -22.64 -14.67
N LEU C 68 3.94 -21.45 -14.22
CA LEU C 68 3.02 -20.35 -13.67
C LEU C 68 2.49 -19.38 -14.76
N LYS C 69 3.37 -18.88 -15.65
CA LYS C 69 3.00 -17.80 -16.69
C LYS C 69 1.61 -17.96 -17.41
N ASN C 70 1.23 -19.19 -17.82
CA ASN C 70 -0.09 -19.44 -18.59
C ASN C 70 -1.37 -19.12 -17.73
N GLU C 71 -1.26 -19.10 -16.37
CA GLU C 71 -2.42 -18.82 -15.41
C GLU C 71 -3.08 -17.43 -15.67
N LEU C 72 -2.32 -16.31 -15.57
CA LEU C 72 -2.87 -14.91 -15.79
C LEU C 72 -1.97 -14.09 -16.76
N GLY C 73 -0.63 -14.19 -16.62
CA GLY C 73 0.34 -13.45 -17.52
C GLY C 73 1.24 -12.50 -16.70
N ALA C 74 2.27 -13.05 -16.03
CA ALA C 74 3.28 -12.24 -15.23
C ALA C 74 4.61 -12.15 -16.02
N GLY C 75 5.02 -13.27 -16.68
CA GLY C 75 6.29 -13.38 -17.50
C GLY C 75 7.33 -14.21 -16.71
N ILE C 76 8.41 -14.75 -17.36
CA ILE C 76 9.45 -15.52 -16.58
C ILE C 76 10.48 -14.50 -15.98
N ALA C 77 10.50 -13.21 -16.44
CA ALA C 77 11.44 -12.18 -15.84
C ALA C 77 10.98 -11.81 -14.40
N THR C 78 9.66 -11.65 -14.14
CA THR C 78 9.15 -11.26 -12.74
C THR C 78 9.11 -12.45 -11.75
N ILE C 79 8.64 -13.64 -12.19
CA ILE C 79 8.51 -14.85 -11.24
C ILE C 79 9.86 -15.46 -10.80
N THR C 80 10.99 -15.17 -11.49
CA THR C 80 12.36 -15.68 -11.09
C THR C 80 13.26 -14.52 -10.61
N ARG C 81 13.12 -13.28 -11.17
CA ARG C 81 13.91 -12.06 -10.66
C ARG C 81 13.33 -11.64 -9.26
N GLY C 82 12.06 -12.04 -8.92
CA GLY C 82 11.43 -11.78 -7.56
C GLY C 82 12.25 -12.55 -6.48
N SER C 83 12.70 -13.81 -6.81
CA SER C 83 13.58 -14.64 -5.86
C SER C 83 14.96 -13.95 -5.63
N ASN C 84 15.46 -13.16 -6.62
CA ASN C 84 16.80 -12.41 -6.50
C ASN C 84 16.79 -11.41 -5.30
N SER C 85 15.61 -10.82 -4.97
CA SER C 85 15.44 -9.83 -3.81
C SER C 85 15.70 -10.53 -2.43
N LEU C 86 15.31 -11.82 -2.27
CA LEU C 86 15.49 -12.63 -0.98
C LEU C 86 16.97 -12.67 -0.53
N LYS C 87 17.93 -12.82 -1.49
CA LYS C 87 19.43 -12.91 -1.19
C LYS C 87 19.98 -11.69 -0.38
N ALA C 88 19.28 -10.52 -0.39
CA ALA C 88 19.75 -9.28 0.35
C ALA C 88 18.90 -9.01 1.63
N ALA C 89 17.60 -9.38 1.66
CA ALA C 89 16.66 -9.12 2.87
C ALA C 89 17.27 -9.60 4.24
N PRO C 90 16.76 -9.07 5.40
CA PRO C 90 17.26 -9.46 6.76
C PRO C 90 16.55 -10.75 7.26
N VAL C 91 17.23 -11.56 8.09
CA VAL C 91 16.67 -12.87 8.64
C VAL C 91 15.78 -12.64 9.88
N GLU C 92 15.98 -11.55 10.67
CA GLU C 92 15.12 -11.28 11.90
C GLU C 92 13.65 -11.06 11.48
N LEU C 93 13.43 -10.32 10.36
CA LEU C 93 12.06 -10.03 9.79
C LEU C 93 11.71 -11.01 8.62
N ARG C 94 12.72 -11.77 8.06
CA ARG C 94 12.42 -12.95 7.12
C ARG C 94 11.64 -13.94 8.03
N GLN C 95 12.08 -14.01 9.32
CA GLN C 95 11.42 -14.83 10.42
C GLN C 95 9.90 -14.51 10.53
N TRP C 96 9.48 -13.22 10.37
CA TRP C 96 8.00 -12.85 10.43
C TRP C 96 7.27 -13.58 9.28
N LEU C 97 7.90 -13.71 8.08
CA LEU C 97 7.26 -14.48 6.91
C LEU C 97 6.90 -15.92 7.40
N GLU C 98 7.76 -16.52 8.29
CA GLU C 98 7.48 -17.88 8.93
C GLU C 98 6.30 -17.72 9.96
N GLU C 99 6.22 -16.56 10.67
CA GLU C 99 5.06 -16.22 11.63
C GLU C 99 3.70 -16.15 10.84
N VAL C 100 3.76 -15.89 9.50
CA VAL C 100 2.52 -15.74 8.60
C VAL C 100 2.52 -16.80 7.42
N LEU C 101 3.41 -17.84 7.47
CA LEU C 101 3.46 -18.98 6.45
C LEU C 101 3.34 -20.31 7.24
N LEU C 102 4.32 -20.57 8.14
CA LEU C 102 4.39 -21.82 9.05
C LEU C 102 3.02 -22.11 9.76
N LYS C 103 2.30 -21.02 10.19
CA LYS C 103 0.93 -21.08 10.90
C LYS C 103 1.20 -21.18 12.45
N SER C 104 1.04 -20.04 13.15
CA SER C 104 1.26 -19.95 14.66
C SER C 104 -0.10 -19.99 15.39
N GLN D 1 -35.72 -5.97 12.98
CA GLN D 1 -36.85 -6.93 13.19
C GLN D 1 -37.42 -7.39 11.82
N SER D 2 -37.59 -8.73 11.62
CA SER D 2 -38.13 -9.39 10.34
C SER D 2 -37.19 -9.08 9.10
N PRO D 3 -36.56 -10.13 8.44
CA PRO D 3 -35.65 -9.91 7.26
C PRO D 3 -36.43 -9.46 5.97
N TYR D 4 -35.69 -8.94 4.96
CA TYR D 4 -36.27 -8.49 3.64
C TYR D 4 -35.57 -9.30 2.51
N SER D 5 -34.22 -9.27 2.47
CA SER D 5 -33.40 -10.00 1.42
C SER D 5 -32.57 -11.15 2.03
N ALA D 6 -32.39 -12.25 1.26
CA ALA D 6 -31.57 -13.46 1.69
C ALA D 6 -30.18 -13.39 1.00
N ALA D 7 -29.08 -13.47 1.79
CA ALA D 7 -27.67 -13.38 1.22
C ALA D 7 -27.26 -14.73 0.58
N MET D 8 -26.74 -14.66 -0.68
CA MET D 8 -26.27 -15.90 -1.45
C MET D 8 -25.06 -15.51 -2.33
N ALA D 9 -23.93 -16.26 -2.21
CA ALA D 9 -22.65 -15.97 -2.98
C ALA D 9 -22.32 -17.13 -3.97
N GLU D 10 -21.94 -16.77 -5.22
CA GLU D 10 -21.56 -17.78 -6.29
C GLU D 10 -20.28 -17.26 -7.01
N GLN D 11 -20.33 -16.02 -7.55
CA GLN D 11 -19.16 -15.37 -8.26
C GLN D 11 -18.49 -14.36 -7.30
N ARG D 12 -17.47 -14.82 -6.54
CA ARG D 12 -16.72 -13.94 -5.53
C ARG D 12 -15.20 -14.26 -5.58
N HIS D 13 -14.36 -13.20 -5.65
CA HIS D 13 -12.84 -13.36 -5.68
C HIS D 13 -12.16 -12.12 -5.03
N GLN D 14 -11.47 -12.33 -3.88
CA GLN D 14 -10.76 -11.21 -3.13
C GLN D 14 -9.23 -11.26 -3.41
N GLU D 15 -8.64 -10.10 -3.78
CA GLU D 15 -7.16 -9.97 -4.09
C GLU D 15 -6.54 -8.95 -3.10
N TRP D 16 -6.74 -7.60 -3.32
CA TRP D 16 -6.19 -6.48 -2.42
C TRP D 16 -6.35 -6.77 -0.87
N LEU D 17 -7.36 -7.56 -0.50
CA LEU D 17 -7.75 -7.79 0.97
C LEU D 17 -7.16 -9.06 1.56
N ARG D 18 -6.93 -10.12 0.75
CA ARG D 18 -6.16 -11.33 1.29
C ARG D 18 -4.71 -10.82 1.62
N PHE D 19 -4.28 -9.70 0.94
CA PHE D 19 -2.98 -8.96 1.24
C PHE D 19 -3.24 -8.15 2.54
N VAL D 20 -4.46 -7.48 2.72
CA VAL D 20 -4.80 -6.69 4.02
C VAL D 20 -4.90 -7.64 5.27
N ASP D 21 -5.07 -8.99 5.10
CA ASP D 21 -5.18 -9.95 6.28
C ASP D 21 -3.76 -10.16 6.86
N LEU D 22 -2.82 -10.61 6.01
CA LEU D 22 -1.36 -10.75 6.44
C LEU D 22 -0.74 -9.34 6.71
N LEU D 23 -1.36 -8.24 6.16
CA LEU D 23 -0.86 -6.84 6.41
C LEU D 23 -1.14 -6.48 7.89
N LYS D 24 -2.34 -6.88 8.44
CA LYS D 24 -2.67 -6.62 9.89
C LYS D 24 -1.73 -7.46 10.84
N ASN D 25 -1.06 -8.54 10.33
CA ASN D 25 -0.06 -9.35 11.17
C ASN D 25 1.22 -8.51 11.35
N ALA D 26 1.65 -7.80 10.28
CA ALA D 26 2.87 -6.91 10.35
C ALA D 26 2.47 -5.43 10.72
N TYR D 27 1.17 -5.06 10.77
CA TYR D 27 0.72 -3.64 11.11
C TYR D 27 0.69 -3.49 12.66
N GLN D 28 0.33 -4.58 13.41
CA GLN D 28 0.33 -4.57 14.94
C GLN D 28 1.79 -4.33 15.43
N ASN D 29 2.77 -5.00 14.76
CA ASN D 29 4.24 -4.82 15.06
C ASN D 29 4.76 -3.67 14.12
N ASP D 30 5.21 -4.00 12.87
CA ASP D 30 5.72 -3.04 11.75
C ASP D 30 6.79 -3.81 10.87
N LEU D 31 6.40 -5.02 10.41
CA LEU D 31 7.28 -5.94 9.56
C LEU D 31 6.73 -6.04 8.09
N HIS D 32 5.73 -5.18 7.72
CA HIS D 32 5.18 -5.08 6.31
C HIS D 32 6.13 -4.15 5.47
N LEU D 33 7.22 -3.59 6.10
CA LEU D 33 8.16 -2.61 5.47
C LEU D 33 9.34 -3.39 4.82
N PRO D 34 10.03 -4.36 5.55
CA PRO D 34 11.04 -5.27 4.91
C PRO D 34 10.28 -6.20 3.90
N LEU D 35 9.00 -6.59 4.27
CA LEU D 35 8.06 -7.40 3.37
C LEU D 35 7.77 -6.54 2.08
N LEU D 36 7.59 -5.19 2.24
CA LEU D 36 7.36 -4.25 1.05
C LEU D 36 8.68 -4.03 0.23
N ASN D 37 9.87 -4.23 0.86
CA ASN D 37 11.22 -4.08 0.15
C ASN D 37 11.46 -5.26 -0.84
N LEU D 38 10.70 -6.39 -0.71
CA LEU D 38 10.85 -7.59 -1.59
C LEU D 38 9.76 -7.62 -2.68
N MET D 39 8.45 -7.52 -2.29
CA MET D 39 7.31 -7.66 -3.30
C MET D 39 7.43 -6.70 -4.52
N LEU D 40 7.83 -5.40 -4.33
CA LEU D 40 7.97 -4.45 -5.51
C LEU D 40 9.31 -3.60 -5.48
N THR D 41 9.30 -2.28 -5.13
CA THR D 41 10.57 -1.40 -5.13
C THR D 41 10.46 -0.16 -4.15
N PRO D 42 11.63 0.51 -3.79
CA PRO D 42 11.63 1.75 -2.93
C PRO D 42 10.97 2.96 -3.69
N ASP D 43 11.02 2.99 -5.05
CA ASP D 43 10.38 4.12 -5.88
C ASP D 43 8.84 4.18 -5.66
N GLU D 44 8.18 3.08 -5.18
CA GLU D 44 6.69 3.08 -4.88
C GLU D 44 6.42 3.93 -3.62
N ARG D 45 7.31 3.86 -2.60
CA ARG D 45 7.18 4.71 -1.34
C ARG D 45 7.69 6.15 -1.58
N GLU D 46 8.53 6.41 -2.63
CA GLU D 46 8.99 7.84 -2.98
C GLU D 46 7.73 8.59 -3.51
N ALA D 47 6.97 7.92 -4.41
CA ALA D 47 5.68 8.45 -4.98
C ALA D 47 4.51 8.25 -3.98
N LEU D 48 4.64 7.37 -2.93
CA LEU D 48 3.55 7.25 -1.86
C LEU D 48 3.64 8.51 -0.94
N GLY D 49 4.86 9.06 -0.73
CA GLY D 49 5.10 10.28 0.12
C GLY D 49 4.53 11.51 -0.60
N THR D 50 5.08 11.82 -1.81
CA THR D 50 4.63 13.03 -2.65
C THR D 50 3.13 12.94 -3.06
N ARG D 51 2.56 11.71 -3.20
CA ARG D 51 1.06 11.56 -3.52
C ARG D 51 0.26 12.03 -2.26
N VAL D 52 0.61 11.53 -1.07
CA VAL D 52 -0.04 11.99 0.24
C VAL D 52 0.32 13.51 0.52
N ARG D 53 1.36 14.09 -0.18
CA ARG D 53 1.74 15.55 0.03
C ARG D 53 0.73 16.49 -0.73
N ILE D 54 0.38 16.23 -2.03
CA ILE D 54 -0.57 17.14 -2.80
C ILE D 54 -2.04 17.00 -2.27
N VAL D 55 -2.43 15.85 -1.64
CA VAL D 55 -3.85 15.66 -1.12
C VAL D 55 -3.91 16.23 0.30
N GLU D 56 -2.99 15.79 1.20
CA GLU D 56 -2.95 16.30 2.64
C GLU D 56 -2.70 17.86 2.67
N GLU D 57 -2.13 18.45 1.58
CA GLU D 57 -1.91 19.96 1.48
C GLU D 57 -3.13 20.63 0.79
N LEU D 58 -3.87 19.90 -0.12
CA LEU D 58 -5.12 20.45 -0.83
C LEU D 58 -6.25 20.66 0.20
N LEU D 59 -6.48 19.64 1.08
CA LEU D 59 -7.54 19.67 2.19
C LEU D 59 -7.37 20.89 3.13
N ARG D 60 -6.14 21.43 3.26
CA ARG D 60 -5.86 22.64 4.15
C ARG D 60 -6.24 23.92 3.34
N GLY D 61 -5.69 24.07 2.11
CA GLY D 61 -5.97 25.26 1.22
C GLY D 61 -5.11 26.46 1.66
N GLU D 62 -3.80 26.45 1.31
CA GLU D 62 -2.83 27.57 1.67
C GLU D 62 -1.81 27.79 0.51
N MET D 63 -1.02 26.74 0.18
CA MET D 63 0.01 26.79 -0.94
C MET D 63 0.09 25.35 -1.52
N SER D 64 -0.89 24.99 -2.39
CA SER D 64 -1.00 23.58 -2.93
C SER D 64 -1.38 23.47 -4.43
N GLN D 65 -1.90 24.54 -5.08
CA GLN D 65 -2.35 24.48 -6.53
C GLN D 65 -1.42 25.31 -7.48
N ARG D 66 -1.19 26.60 -7.16
CA ARG D 66 -0.36 27.53 -8.02
C ARG D 66 1.01 27.80 -7.34
N GLU D 67 0.98 28.26 -6.08
CA GLU D 67 2.22 28.62 -5.28
C GLU D 67 3.05 27.37 -4.78
N LEU D 68 2.62 26.11 -5.07
CA LEU D 68 3.36 24.87 -4.57
C LEU D 68 4.48 24.38 -5.53
N LYS D 69 4.24 24.23 -6.85
CA LYS D 69 5.26 23.65 -7.84
C LYS D 69 6.73 24.21 -7.69
N ASN D 70 6.89 25.54 -7.56
CA ASN D 70 8.28 26.20 -7.47
C ASN D 70 9.07 25.75 -6.19
N GLU D 71 8.37 25.40 -5.08
CA GLU D 71 9.00 24.95 -3.77
C GLU D 71 9.98 23.73 -3.95
N LEU D 72 9.49 22.60 -4.51
CA LEU D 72 10.35 21.34 -4.72
C LEU D 72 10.30 20.86 -6.21
N GLY D 73 9.12 20.93 -6.87
CA GLY D 73 8.98 20.49 -8.32
C GLY D 73 7.90 19.39 -8.49
N ALA D 74 6.62 19.74 -8.21
CA ALA D 74 5.44 18.79 -8.38
C ALA D 74 4.50 19.47 -9.40
N GLY D 75 4.52 18.99 -10.68
CA GLY D 75 3.70 19.56 -11.85
C GLY D 75 2.26 19.99 -11.48
N ILE D 76 1.57 20.82 -12.32
CA ILE D 76 0.15 21.22 -11.97
C ILE D 76 -0.80 20.07 -12.37
N ALA D 77 -0.42 19.12 -13.28
CA ALA D 77 -1.32 17.92 -13.59
C ALA D 77 -1.50 17.05 -12.32
N THR D 78 -0.47 16.94 -11.43
CA THR D 78 -0.56 16.10 -10.15
C THR D 78 -1.32 16.85 -9.03
N ILE D 79 -0.91 18.09 -8.71
CA ILE D 79 -1.55 18.87 -7.55
C ILE D 79 -3.03 19.28 -7.82
N THR D 80 -3.51 19.28 -9.10
CA THR D 80 -4.94 19.63 -9.42
C THR D 80 -5.73 18.35 -9.84
N ARG D 81 -5.08 17.27 -10.37
CA ARG D 81 -5.83 15.97 -10.66
C ARG D 81 -6.08 15.23 -9.29
N GLY D 82 -5.25 15.56 -8.23
CA GLY D 82 -5.45 14.98 -6.84
C GLY D 82 -6.74 15.58 -6.19
N SER D 83 -7.07 16.89 -6.49
CA SER D 83 -8.33 17.57 -5.94
C SER D 83 -9.60 17.00 -6.63
N ASN D 84 -9.53 16.75 -7.98
CA ASN D 84 -10.70 16.17 -8.79
C ASN D 84 -11.10 14.76 -8.23
N SER D 85 -10.12 13.97 -7.71
CA SER D 85 -10.39 12.57 -7.10
C SER D 85 -11.40 12.69 -5.91
N LEU D 86 -11.29 13.76 -5.09
CA LEU D 86 -12.20 14.03 -3.89
C LEU D 86 -13.68 14.21 -4.37
N LYS D 87 -13.88 15.00 -5.45
CA LYS D 87 -15.28 15.28 -6.04
C LYS D 87 -16.01 13.96 -6.50
N ALA D 88 -15.25 12.89 -6.84
CA ALA D 88 -15.85 11.59 -7.33
C ALA D 88 -16.27 10.67 -6.15
N ALA D 89 -15.47 10.61 -5.06
CA ALA D 89 -15.78 9.72 -3.83
C ALA D 89 -17.18 10.01 -3.20
N PRO D 90 -17.74 9.07 -2.37
CA PRO D 90 -19.06 9.28 -1.71
C PRO D 90 -18.90 10.19 -0.44
N VAL D 91 -20.00 10.47 0.29
CA VAL D 91 -19.99 11.36 1.52
C VAL D 91 -19.94 10.51 2.82
N GLU D 92 -20.49 9.27 2.83
CA GLU D 92 -20.51 8.40 4.07
C GLU D 92 -19.07 8.10 4.55
N LEU D 93 -18.15 7.76 3.60
CA LEU D 93 -16.71 7.46 3.89
C LEU D 93 -15.79 8.68 3.60
N ARG D 94 -16.28 9.73 2.86
CA ARG D 94 -15.50 11.06 2.77
C ARG D 94 -15.62 11.66 4.22
N GLN D 95 -16.72 11.29 4.94
CA GLN D 95 -16.94 11.65 6.40
C GLN D 95 -15.75 11.12 7.25
N TRP D 96 -15.23 9.89 6.93
CA TRP D 96 -14.02 9.32 7.67
C TRP D 96 -12.83 10.25 7.39
N LEU D 97 -12.73 10.83 6.14
CA LEU D 97 -11.60 11.82 5.81
C LEU D 97 -11.58 12.95 6.90
N GLU D 98 -12.80 13.37 7.39
CA GLU D 98 -12.93 14.39 8.53
C GLU D 98 -12.43 13.72 9.85
N GLU D 99 -12.77 12.41 10.07
CA GLU D 99 -12.26 11.60 11.29
C GLU D 99 -10.69 11.59 11.33
N VAL D 100 -10.02 11.81 10.17
CA VAL D 100 -8.50 11.75 10.06
C VAL D 100 -7.86 13.10 9.55
N LEU D 101 -8.66 14.16 9.28
CA LEU D 101 -8.16 15.53 8.86
C LEU D 101 -8.50 16.49 10.03
N LEU D 102 -9.81 16.62 10.36
CA LEU D 102 -10.32 17.50 11.52
C LEU D 102 -9.74 17.01 12.88
N LYS D 103 -9.67 15.67 13.09
CA LYS D 103 -9.15 15.01 14.36
C LYS D 103 -10.25 15.11 15.46
N SER D 104 -10.98 13.98 15.70
CA SER D 104 -12.09 13.90 16.73
C SER D 104 -11.76 12.79 17.78
N GLN C 1 38.14 16.58 12.49
CA GLN C 1 38.78 15.40 13.17
C GLN C 1 37.71 14.29 13.39
N SER C 2 36.63 14.62 14.13
CA SER C 2 35.51 13.64 14.43
C SER C 2 34.41 13.71 13.30
N PRO C 3 33.92 12.53 12.74
CA PRO C 3 32.87 12.52 11.66
C PRO C 3 31.49 13.01 12.19
N TYR C 4 31.15 12.71 13.47
CA TYR C 4 29.83 13.13 14.10
C TYR C 4 29.96 14.54 14.73
N SER C 5 29.01 15.45 14.40
CA SER C 5 28.97 16.86 14.97
C SER C 5 27.55 17.08 15.56
N ALA C 6 27.45 17.36 16.89
CA ALA C 6 26.10 17.53 17.63
C ALA C 6 25.37 16.15 17.69
N ALA C 7 24.90 15.74 18.89
CA ALA C 7 24.18 14.38 19.09
C ALA C 7 22.99 14.19 18.10
N MET C 8 22.04 15.15 18.09
CA MET C 8 20.83 15.09 17.17
C MET C 8 20.90 16.30 16.19
N ALA C 9 21.05 16.01 14.87
CA ALA C 9 21.16 17.09 13.80
C ALA C 9 20.81 16.52 12.41
N GLU C 10 19.93 17.23 11.65
CA GLU C 10 19.46 16.83 10.23
C GLU C 10 18.64 15.50 10.28
N GLN C 11 17.39 15.53 9.76
CA GLN C 11 16.48 14.30 9.74
C GLN C 11 15.53 14.35 8.50
N ARG C 12 15.48 13.25 7.72
CA ARG C 12 14.62 13.18 6.45
C ARG C 12 13.11 13.03 6.79
N HIS C 13 12.24 13.75 6.04
CA HIS C 13 10.72 13.74 6.27
C HIS C 13 10.08 12.38 5.83
N GLN C 14 8.98 11.99 6.51
CA GLN C 14 8.23 10.69 6.20
C GLN C 14 7.24 10.88 5.02
N GLU C 15 7.23 9.91 4.06
CA GLU C 15 6.31 9.93 2.84
C GLU C 15 5.45 8.63 2.87
N TRP C 16 6.09 7.43 2.66
CA TRP C 16 5.39 6.06 2.72
C TRP C 16 4.58 5.94 4.05
N LEU C 17 5.22 6.35 5.15
CA LEU C 17 4.64 6.26 6.55
C LEU C 17 3.62 7.36 6.81
N ARG C 18 3.69 8.53 6.11
CA ARG C 18 2.59 9.61 6.24
C ARG C 18 1.23 8.90 5.90
N PHE C 19 1.26 7.86 5.00
CA PHE C 19 0.05 7.02 4.70
C PHE C 19 -0.07 5.87 5.77
N VAL C 20 1.05 5.22 6.27
CA VAL C 20 0.94 4.00 7.25
C VAL C 20 0.43 4.38 8.68
N ASP C 21 0.70 5.61 9.19
CA ASP C 21 0.24 6.03 10.58
C ASP C 21 -1.28 6.27 10.53
N LEU C 22 -1.75 7.07 9.55
CA LEU C 22 -3.24 7.30 9.35
C LEU C 22 -3.91 6.01 8.74
N LEU C 23 -3.09 5.06 8.18
CA LEU C 23 -3.64 3.74 7.67
C LEU C 23 -4.10 2.92 8.90
N LYS C 24 -3.32 3.00 10.04
CA LYS C 24 -3.73 2.28 11.32
C LYS C 24 -5.08 2.84 11.88
N ASN C 25 -5.50 4.10 11.50
CA ASN C 25 -6.86 4.66 11.93
C ASN C 25 -7.97 3.91 11.17
N ALA C 26 -7.75 3.63 9.88
CA ALA C 26 -8.75 2.86 9.06
C ALA C 26 -8.47 1.30 9.15
N TYR C 27 -7.37 0.84 9.81
CA TYR C 27 -7.06 -0.65 9.95
C TYR C 27 -7.85 -1.21 11.15
N GLN C 28 -8.00 -0.40 12.25
CA GLN C 28 -8.81 -0.81 13.48
C GLN C 28 -10.28 -1.06 13.05
N ASN C 29 -10.80 -0.21 12.13
CA ASN C 29 -12.20 -0.36 11.56
C ASN C 29 -12.09 -1.11 10.19
N ASP C 30 -11.84 -0.39 9.05
CA ASP C 30 -11.66 -0.93 7.60
C ASP C 30 -12.16 0.19 6.60
N LEU C 31 -11.64 1.43 6.77
CA LEU C 31 -12.03 2.64 5.93
C LEU C 31 -10.83 3.12 5.03
N HIS C 32 -9.75 2.29 4.92
CA HIS C 32 -8.57 2.57 4.00
C HIS C 32 -8.94 2.11 2.53
N LEU C 33 -10.18 1.57 2.32
CA LEU C 33 -10.68 1.00 1.01
C LEU C 33 -11.38 2.14 0.21
N PRO C 34 -12.36 2.90 0.82
CA PRO C 34 -12.90 4.14 0.14
C PRO C 34 -11.71 5.12 -0.02
N LEU C 35 -10.82 5.20 1.03
CA LEU C 35 -9.54 6.04 1.02
C LEU C 35 -8.65 5.62 -0.20
N LEU C 36 -8.55 4.28 -0.56
CA LEU C 36 -7.75 3.83 -1.82
C LEU C 36 -8.36 4.51 -3.09
N ASN C 37 -9.73 4.55 -3.19
CA ASN C 37 -10.47 5.17 -4.39
C ASN C 37 -10.19 6.71 -4.54
N LEU C 38 -9.84 7.42 -3.44
CA LEU C 38 -9.56 8.93 -3.48
C LEU C 38 -8.12 9.16 -3.99
N MET C 39 -7.15 8.35 -3.53
CA MET C 39 -5.72 8.38 -4.08
C MET C 39 -5.67 7.19 -5.15
N LEU C 40 -6.78 7.11 -6.00
CA LEU C 40 -7.08 6.01 -7.01
C LEU C 40 -5.82 5.32 -7.66
N THR C 41 -5.42 5.63 -8.93
CA THR C 41 -4.24 5.00 -9.68
C THR C 41 -4.32 3.42 -9.66
N PRO C 42 -4.24 2.70 -10.84
CA PRO C 42 -4.30 1.20 -10.85
C PRO C 42 -3.08 0.61 -10.05
N ASP C 43 -1.89 1.29 -10.06
CA ASP C 43 -0.63 0.85 -9.29
C ASP C 43 -0.88 0.48 -7.79
N GLU C 44 -2.00 0.97 -7.16
CA GLU C 44 -2.32 0.65 -5.69
C GLU C 44 -2.53 -0.88 -5.50
N ARG C 45 -3.69 -1.47 -5.94
CA ARG C 45 -3.92 -2.98 -5.83
C ARG C 45 -3.38 -3.75 -7.08
N GLU C 46 -2.69 -3.05 -8.03
CA GLU C 46 -2.00 -3.71 -9.21
C GLU C 46 -0.58 -4.10 -8.70
N ALA C 47 -0.01 -3.33 -7.74
CA ALA C 47 1.35 -3.62 -7.18
C ALA C 47 1.19 -4.53 -5.95
N LEU C 48 0.29 -4.20 -4.99
CA LEU C 48 0.03 -5.15 -3.80
C LEU C 48 -0.59 -6.47 -4.36
N GLY C 49 -1.34 -6.38 -5.51
CA GLY C 49 -1.97 -7.56 -6.21
C GLY C 49 -0.92 -8.50 -6.85
N THR C 50 -0.30 -8.07 -7.97
CA THR C 50 0.70 -8.94 -8.76
C THR C 50 2.02 -9.18 -8.02
N ARG C 51 2.50 -8.26 -7.15
CA ARG C 51 3.79 -8.50 -6.38
C ARG C 51 3.50 -9.56 -5.28
N VAL C 52 2.39 -9.44 -4.51
CA VAL C 52 2.04 -10.56 -3.52
C VAL C 52 1.65 -11.87 -4.33
N ARG C 53 1.34 -11.79 -5.65
CA ARG C 53 1.00 -13.04 -6.48
C ARG C 53 2.29 -13.89 -6.77
N ILE C 54 3.41 -13.31 -7.29
CA ILE C 54 4.67 -14.12 -7.63
C ILE C 54 5.42 -14.58 -6.33
N VAL C 55 5.27 -13.90 -5.16
CA VAL C 55 6.01 -14.33 -3.89
C VAL C 55 5.14 -15.41 -3.19
N GLU C 56 3.84 -15.11 -2.98
CA GLU C 56 2.86 -16.11 -2.35
C GLU C 56 2.77 -17.43 -3.20
N GLU C 57 3.09 -17.35 -4.53
CA GLU C 57 3.09 -18.57 -5.45
C GLU C 57 4.53 -19.18 -5.56
N LEU C 58 5.62 -18.39 -5.31
CA LEU C 58 7.04 -18.91 -5.39
C LEU C 58 7.35 -19.70 -4.07
N LEU C 59 7.48 -18.97 -2.93
CA LEU C 59 7.81 -19.55 -1.54
C LEU C 59 7.04 -20.87 -1.20
N ARG C 60 5.81 -21.02 -1.72
CA ARG C 60 4.96 -22.26 -1.44
C ARG C 60 5.26 -23.37 -2.50
N GLY C 61 5.39 -22.99 -3.79
CA GLY C 61 5.71 -23.99 -4.90
C GLY C 61 4.45 -24.76 -5.32
N GLU C 62 3.69 -24.20 -6.28
CA GLU C 62 2.42 -24.86 -6.81
C GLU C 62 2.23 -24.45 -8.30
N MET C 63 2.22 -23.12 -8.57
CA MET C 63 2.07 -22.57 -9.98
C MET C 63 2.87 -21.23 -10.06
N SER C 64 4.20 -21.34 -10.29
CA SER C 64 5.12 -20.12 -10.37
C SER C 64 6.31 -20.31 -11.40
N GLN C 65 6.25 -21.32 -12.30
CA GLN C 65 7.34 -21.57 -13.35
C GLN C 65 6.79 -21.37 -14.79
N ARG C 66 5.95 -22.32 -15.29
CA ARG C 66 5.37 -22.26 -16.70
C ARG C 66 3.85 -21.97 -16.65
N GLU C 67 3.11 -22.68 -15.77
CA GLU C 67 1.61 -22.54 -15.63
C GLU C 67 1.17 -21.15 -15.05
N LEU C 68 2.08 -20.34 -14.43
CA LEU C 68 1.66 -19.01 -13.82
C LEU C 68 1.43 -17.89 -14.88
N LYS C 69 2.45 -17.52 -15.69
CA LYS C 69 2.32 -16.39 -16.76
C LYS C 69 0.93 -16.35 -17.52
N ASN C 70 0.31 -17.52 -17.75
CA ASN C 70 -1.02 -17.59 -18.51
C ASN C 70 -2.19 -17.04 -17.63
N GLU C 71 -2.24 -17.44 -16.33
CA GLU C 71 -3.30 -17.02 -15.31
C GLU C 71 -3.69 -15.50 -15.38
N LEU C 72 -2.67 -14.61 -15.36
CA LEU C 72 -2.90 -13.09 -15.42
C LEU C 72 -2.14 -12.50 -16.65
N GLY C 73 -0.80 -12.32 -16.57
CA GLY C 73 0.03 -11.76 -17.72
C GLY C 73 1.36 -11.15 -17.21
N ALA C 74 2.09 -11.86 -16.31
CA ALA C 74 3.42 -11.37 -15.78
C ALA C 74 4.51 -12.34 -16.31
N GLY C 75 5.41 -11.82 -17.20
CA GLY C 75 6.54 -12.63 -17.87
C GLY C 75 7.33 -13.57 -16.93
N ILE C 76 8.31 -14.38 -17.48
CA ILE C 76 9.14 -15.28 -16.58
C ILE C 76 10.28 -14.41 -15.97
N ALA C 77 10.61 -13.21 -16.57
CA ALA C 77 11.63 -12.30 -15.91
C ALA C 77 11.00 -11.54 -14.67
N THR C 78 9.68 -11.76 -14.31
CA THR C 78 9.04 -11.10 -13.07
C THR C 78 8.91 -12.17 -11.95
N ILE C 79 8.37 -13.39 -12.27
CA ILE C 79 8.16 -14.48 -11.21
C ILE C 79 9.51 -15.01 -10.66
N THR C 80 10.52 -15.19 -11.52
CA THR C 80 11.89 -15.67 -11.06
C THR C 80 12.73 -14.47 -10.53
N ARG C 81 12.45 -13.20 -11.01
CA ARG C 81 13.15 -11.92 -10.48
C ARG C 81 12.74 -11.72 -8.99
N GLY C 82 11.47 -12.07 -8.60
CA GLY C 82 10.97 -11.98 -7.16
C GLY C 82 11.90 -12.83 -6.24
N SER C 83 12.41 -13.99 -6.74
CA SER C 83 13.38 -14.89 -5.95
C SER C 83 14.71 -14.12 -5.65
N ASN C 84 15.22 -13.35 -6.65
CA ASN C 84 16.51 -12.53 -6.53
C ASN C 84 16.43 -11.44 -5.41
N SER C 85 15.23 -10.86 -5.18
CA SER C 85 15.03 -9.76 -4.13
C SER C 85 15.20 -10.33 -2.68
N LEU C 86 14.70 -11.56 -2.42
CA LEU C 86 14.78 -12.23 -1.05
C LEU C 86 16.26 -12.41 -0.59
N LYS C 87 17.17 -12.80 -1.53
CA LYS C 87 18.67 -13.01 -1.21
C LYS C 87 19.33 -11.74 -0.58
N ALA C 88 18.83 -10.53 -0.91
CA ALA C 88 19.39 -9.23 -0.37
C ALA C 88 18.80 -8.90 1.03
N ALA C 89 17.49 -9.18 1.26
CA ALA C 89 16.77 -8.90 2.61
C ALA C 89 17.56 -9.48 3.84
N PRO C 90 17.25 -9.00 5.09
CA PRO C 90 17.94 -9.50 6.32
C PRO C 90 17.28 -10.84 6.80
N VAL C 91 17.92 -11.52 7.78
CA VAL C 91 17.40 -12.83 8.35
C VAL C 91 16.56 -12.60 9.63
N GLU C 92 16.82 -11.53 10.41
CA GLU C 92 16.06 -11.25 11.69
C GLU C 92 14.56 -11.02 11.35
N LEU C 93 14.28 -10.23 10.28
CA LEU C 93 12.88 -9.92 9.81
C LEU C 93 12.43 -10.84 8.63
N ARG C 94 13.38 -11.58 7.95
CA ARG C 94 12.96 -12.69 6.96
C ARG C 94 12.32 -13.77 7.90
N GLN C 95 12.83 -13.85 9.17
CA GLN C 95 12.26 -14.74 10.26
C GLN C 95 10.77 -14.43 10.50
N TRP C 96 10.36 -13.11 10.46
CA TRP C 96 8.89 -12.75 10.63
C TRP C 96 8.13 -13.32 9.40
N LEU C 97 8.76 -13.36 8.19
CA LEU C 97 8.11 -13.99 6.95
C LEU C 97 7.65 -15.45 7.31
N GLU C 98 8.47 -16.17 8.16
CA GLU C 98 8.11 -17.56 8.70
C GLU C 98 6.92 -17.42 9.70
N GLU C 99 6.92 -16.33 10.54
CA GLU C 99 5.77 -16.01 11.51
C GLU C 99 4.42 -15.83 10.74
N VAL C 100 4.49 -15.46 9.43
CA VAL C 100 3.25 -15.19 8.58
C VAL C 100 3.05 -16.24 7.43
N LEU C 101 3.98 -17.23 7.26
CA LEU C 101 3.80 -18.37 6.26
C LEU C 101 3.39 -19.60 7.12
N LEU C 102 4.30 -20.03 8.04
CA LEU C 102 4.10 -21.18 9.01
C LEU C 102 2.79 -20.99 9.86
N LYS C 103 2.43 -19.71 10.20
CA LYS C 103 1.20 -19.32 11.03
C LYS C 103 1.31 -19.73 12.54
N SER C 104 2.48 -20.27 13.02
CA SER C 104 2.66 -20.66 14.47
C SER C 104 3.47 -19.56 15.23
N GLN D 1 -36.27 -15.26 -23.94
CA GLN D 1 -35.08 -14.72 -23.17
C GLN D 1 -35.33 -14.79 -21.64
N SER D 2 -34.34 -15.32 -20.87
CA SER D 2 -34.43 -15.44 -19.36
C SER D 2 -34.01 -14.08 -18.68
N PRO D 3 -34.88 -13.42 -17.82
CA PRO D 3 -34.53 -12.12 -17.14
C PRO D 3 -33.50 -12.30 -15.96
N TYR D 4 -33.04 -13.54 -15.61
CA TYR D 4 -32.07 -13.83 -14.47
C TYR D 4 -32.80 -13.53 -13.11
N SER D 5 -32.97 -14.57 -12.24
CA SER D 5 -33.71 -14.41 -10.91
C SER D 5 -32.76 -14.70 -9.71
N ALA D 6 -31.94 -15.78 -9.80
CA ALA D 6 -30.99 -16.17 -8.67
C ALA D 6 -29.59 -15.55 -8.92
N ALA D 7 -29.05 -14.81 -7.89
CA ALA D 7 -27.68 -14.12 -7.95
C ALA D 7 -27.64 -13.00 -9.03
N MET D 8 -26.99 -11.86 -8.72
CA MET D 8 -26.85 -10.69 -9.68
C MET D 8 -25.42 -10.65 -10.29
N ALA D 9 -24.38 -10.92 -9.47
CA ALA D 9 -22.93 -10.90 -9.95
C ALA D 9 -22.02 -11.77 -9.05
N GLU D 10 -21.09 -12.54 -9.67
CA GLU D 10 -20.10 -13.43 -8.93
C GLU D 10 -18.69 -12.77 -8.97
N GLN D 11 -18.05 -12.59 -7.79
CA GLN D 11 -16.68 -11.94 -7.69
C GLN D 11 -15.58 -13.03 -7.55
N ARG D 12 -15.73 -13.94 -6.55
CA ARG D 12 -14.76 -15.10 -6.29
C ARG D 12 -13.32 -14.61 -5.92
N HIS D 13 -12.80 -15.04 -4.74
CA HIS D 13 -11.39 -14.72 -4.23
C HIS D 13 -11.17 -13.19 -3.99
N GLN D 14 -10.52 -12.83 -2.85
CA GLN D 14 -10.18 -11.38 -2.50
C GLN D 14 -8.64 -11.24 -2.55
N GLU D 15 -8.12 -10.27 -3.34
CA GLU D 15 -6.63 -10.05 -3.51
C GLU D 15 -6.12 -8.94 -2.55
N TRP D 16 -6.46 -7.63 -2.80
CA TRP D 16 -5.98 -6.45 -1.93
C TRP D 16 -6.07 -6.73 -0.37
N LEU D 17 -7.01 -7.58 0.06
CA LEU D 17 -7.31 -7.82 1.54
C LEU D 17 -6.63 -9.06 2.10
N ARG D 18 -6.36 -10.11 1.28
CA ARG D 18 -5.50 -11.28 1.79
C ARG D 18 -4.08 -10.65 2.11
N PHE D 19 -3.74 -9.50 1.44
CA PHE D 19 -2.50 -8.68 1.71
C PHE D 19 -2.76 -7.87 3.02
N VAL D 20 -3.99 -7.27 3.22
CA VAL D 20 -4.31 -6.45 4.52
C VAL D 20 -4.34 -7.34 5.81
N ASP D 21 -4.57 -8.66 5.71
CA ASP D 21 -4.66 -9.55 6.95
C ASP D 21 -3.24 -9.84 7.47
N LEU D 22 -2.35 -10.31 6.58
CA LEU D 22 -0.89 -10.56 6.97
C LEU D 22 -0.12 -9.21 7.09
N LEU D 23 -0.66 -8.10 6.48
CA LEU D 23 -0.04 -6.71 6.67
C LEU D 23 -0.36 -6.27 8.11
N LYS D 24 -1.55 -6.69 8.67
CA LYS D 24 -1.91 -6.38 10.10
C LYS D 24 -0.93 -7.12 11.08
N ASN D 25 -0.30 -8.26 10.68
CA ASN D 25 0.73 -9.00 11.54
C ASN D 25 1.98 -8.10 11.69
N ALA D 26 2.39 -7.47 10.59
CA ALA D 26 3.58 -6.55 10.60
C ALA D 26 3.16 -5.08 10.97
N TYR D 27 1.86 -4.71 11.03
CA TYR D 27 1.43 -3.29 11.40
C TYR D 27 1.46 -3.13 12.94
N GLN D 28 1.13 -4.22 13.71
CA GLN D 28 1.17 -4.21 15.24
C GLN D 28 2.63 -3.92 15.69
N ASN D 29 3.62 -4.56 15.00
CA ASN D 29 5.09 -4.33 15.28
C ASN D 29 5.58 -3.21 14.29
N ASP D 30 5.98 -3.58 13.03
CA ASP D 30 6.45 -2.66 11.87
C ASP D 30 7.49 -3.49 10.99
N LEU D 31 7.11 -4.73 10.62
CA LEU D 31 7.97 -5.68 9.79
C LEU D 31 7.44 -5.78 8.32
N HIS D 32 6.44 -4.93 7.95
CA HIS D 32 5.91 -4.84 6.54
C HIS D 32 6.86 -3.91 5.70
N LEU D 33 7.95 -3.37 6.31
CA LEU D 33 8.90 -2.39 5.67
C LEU D 33 10.09 -3.17 5.04
N PRO D 34 10.77 -4.14 5.78
CA PRO D 34 11.80 -5.05 5.15
C PRO D 34 11.03 -5.99 4.16
N LEU D 35 9.78 -6.42 4.55
CA LEU D 35 8.85 -7.28 3.70
C LEU D 35 8.53 -6.49 2.39
N LEU D 36 8.22 -5.16 2.50
CA LEU D 36 7.90 -4.30 1.27
C LEU D 36 9.17 -4.16 0.35
N ASN D 37 10.39 -4.16 0.92
CA ASN D 37 11.70 -4.06 0.11
C ASN D 37 11.79 -5.16 -1.01
N LEU D 38 11.07 -6.31 -0.86
CA LEU D 38 11.07 -7.44 -1.86
C LEU D 38 9.75 -7.39 -2.72
N MET D 39 8.57 -7.09 -2.10
CA MET D 39 7.24 -7.05 -2.87
C MET D 39 6.78 -5.58 -3.22
N LEU D 40 7.71 -4.59 -3.30
CA LEU D 40 7.32 -3.14 -3.67
C LEU D 40 8.24 -2.53 -4.80
N THR D 41 9.30 -1.74 -4.44
CA THR D 41 10.30 -0.97 -5.35
C THR D 41 10.35 0.54 -4.83
N PRO D 42 11.57 1.21 -4.78
CA PRO D 42 11.69 2.64 -4.28
C PRO D 42 10.80 3.66 -5.07
N ASP D 43 10.57 3.42 -6.39
CA ASP D 43 9.70 4.34 -7.26
C ASP D 43 8.22 4.36 -6.76
N GLU D 44 7.70 3.22 -6.23
CA GLU D 44 6.27 3.13 -5.71
C GLU D 44 6.11 3.98 -4.42
N ARG D 45 7.10 3.95 -3.48
CA ARG D 45 7.00 4.78 -2.21
C ARG D 45 7.28 6.28 -2.48
N GLU D 46 7.97 6.65 -3.60
CA GLU D 46 8.17 8.12 -3.98
C GLU D 46 6.76 8.67 -4.40
N ALA D 47 6.02 7.86 -5.22
CA ALA D 47 4.63 8.21 -5.67
C ALA D 47 3.57 7.89 -4.57
N LEU D 48 3.91 7.15 -3.46
CA LEU D 48 2.90 6.89 -2.35
C LEU D 48 2.79 8.18 -1.49
N GLY D 49 3.94 8.83 -1.17
CA GLY D 49 3.96 10.09 -0.36
C GLY D 49 3.39 11.25 -1.18
N THR D 50 3.87 11.42 -2.43
CA THR D 50 3.40 12.56 -3.35
C THR D 50 1.90 12.42 -3.73
N ARG D 51 1.37 11.19 -3.89
CA ARG D 51 -0.12 10.97 -4.18
C ARG D 51 -0.91 11.46 -2.92
N VAL D 52 -0.53 10.97 -1.74
CA VAL D 52 -1.17 11.40 -0.41
C VAL D 52 -0.87 12.92 -0.11
N ARG D 53 0.13 13.55 -0.80
CA ARG D 53 0.45 15.03 -0.57
C ARG D 53 -0.56 15.92 -1.33
N ILE D 54 -0.93 15.61 -2.61
CA ILE D 54 -1.90 16.48 -3.40
C ILE D 54 -3.37 16.26 -2.93
N VAL D 55 -3.73 15.06 -2.35
CA VAL D 55 -5.17 14.79 -1.90
C VAL D 55 -5.31 15.34 -0.48
N GLU D 56 -4.40 14.96 0.43
CA GLU D 56 -4.42 15.45 1.88
C GLU D 56 -4.27 17.01 1.93
N GLU D 57 -3.59 17.62 0.92
CA GLU D 57 -3.44 19.15 0.87
C GLU D 57 -4.63 19.78 0.07
N LEU D 58 -5.34 19.00 -0.84
CA LEU D 58 -6.55 19.54 -1.61
C LEU D 58 -7.71 19.78 -0.61
N LEU D 59 -7.96 18.77 0.28
CA LEU D 59 -9.05 18.82 1.37
C LEU D 59 -8.96 20.15 2.21
N ARG D 60 -7.75 20.74 2.35
CA ARG D 60 -7.56 22.03 3.13
C ARG D 60 -7.93 23.23 2.21
N GLY D 61 -7.33 23.30 1.00
CA GLY D 61 -7.62 24.38 -0.03
C GLY D 61 -7.20 25.80 0.44
N GLU D 62 -5.90 26.15 0.25
CA GLU D 62 -5.35 27.53 0.64
C GLU D 62 -4.01 27.79 -0.10
N MET D 63 -3.06 26.84 0.01
CA MET D 63 -1.69 26.93 -0.65
C MET D 63 -1.27 25.47 -1.06
N SER D 64 -2.16 24.81 -1.84
CA SER D 64 -1.97 23.35 -2.28
C SER D 64 -2.18 23.11 -3.82
N GLN D 65 -2.59 24.12 -4.61
CA GLN D 65 -2.86 23.94 -6.10
C GLN D 65 -1.75 24.62 -6.95
N ARG D 66 -1.54 25.95 -6.79
CA ARG D 66 -0.52 26.74 -7.59
C ARG D 66 0.78 26.95 -6.77
N GLU D 67 0.64 27.45 -5.52
CA GLU D 67 1.81 27.77 -4.62
C GLU D 67 2.52 26.50 -4.02
N LEU D 68 2.14 25.25 -4.38
CA LEU D 68 2.78 24.00 -3.79
C LEU D 68 3.98 23.48 -4.62
N LYS D 69 3.80 23.19 -5.94
CA LYS D 69 4.86 22.56 -6.87
C LYS D 69 6.37 22.85 -6.58
N ASN D 70 6.71 24.07 -6.07
CA ASN D 70 8.17 24.45 -5.76
C ASN D 70 8.88 23.43 -4.78
N GLU D 71 8.11 22.62 -4.00
CA GLU D 71 8.65 21.59 -3.04
C GLU D 71 8.53 20.18 -3.68
N LEU D 72 7.35 19.50 -3.60
CA LEU D 72 7.14 18.09 -4.17
C LEU D 72 5.72 17.97 -4.87
N GLY D 73 5.04 19.10 -5.23
CA GLY D 73 3.65 19.09 -5.90
C GLY D 73 3.54 18.10 -7.10
N ALA D 74 4.65 17.82 -7.82
CA ALA D 74 4.70 16.84 -9.02
C ALA D 74 3.89 17.38 -10.25
N GLY D 75 3.99 18.70 -10.51
CA GLY D 75 3.30 19.35 -11.69
C GLY D 75 1.86 19.76 -11.36
N ILE D 76 1.20 20.60 -12.23
CA ILE D 76 -0.26 20.96 -11.97
C ILE D 76 -1.15 19.83 -12.57
N ALA D 77 -0.64 18.96 -13.49
CA ALA D 77 -1.49 17.83 -14.04
C ALA D 77 -1.89 16.85 -12.88
N THR D 78 -0.96 16.53 -11.93
CA THR D 78 -1.29 15.60 -10.75
C THR D 78 -2.11 16.31 -9.66
N ILE D 79 -1.75 17.56 -9.37
CA ILE D 79 -2.39 18.38 -8.25
C ILE D 79 -3.92 18.64 -8.48
N THR D 80 -4.34 18.87 -9.74
CA THR D 80 -5.78 19.15 -10.10
C THR D 80 -6.50 17.89 -10.61
N ARG D 81 -5.79 16.92 -11.28
CA ARG D 81 -6.46 15.62 -11.72
C ARG D 81 -6.73 14.71 -10.47
N GLY D 82 -5.98 14.93 -9.34
CA GLY D 82 -6.21 14.19 -8.04
C GLY D 82 -7.45 14.80 -7.31
N SER D 83 -7.75 16.13 -7.53
CA SER D 83 -8.94 16.86 -6.88
C SER D 83 -10.29 16.25 -7.34
N ASN D 84 -10.40 15.88 -8.65
CA ASN D 84 -11.69 15.27 -9.23
C ASN D 84 -12.08 13.91 -8.54
N SER D 85 -11.08 13.17 -7.96
CA SER D 85 -11.34 11.84 -7.25
C SER D 85 -12.25 12.04 -5.99
N LEU D 86 -11.99 13.12 -5.21
CA LEU D 86 -12.78 13.48 -3.95
C LEU D 86 -14.31 13.60 -4.23
N LYS D 87 -14.69 14.24 -5.35
CA LYS D 87 -16.16 14.47 -5.75
C LYS D 87 -16.91 13.11 -6.01
N ALA D 88 -16.22 12.08 -6.50
CA ALA D 88 -16.85 10.73 -6.81
C ALA D 88 -17.15 9.92 -5.51
N ALA D 89 -16.28 10.03 -4.47
CA ALA D 89 -16.42 9.28 -3.14
C ALA D 89 -17.85 9.28 -2.51
N PRO D 90 -18.12 8.36 -1.52
CA PRO D 90 -19.41 8.34 -0.78
C PRO D 90 -19.27 9.33 0.42
N VAL D 91 -20.34 9.61 1.20
CA VAL D 91 -20.24 10.57 2.38
C VAL D 91 -20.09 9.81 3.72
N GLU D 92 -20.59 8.56 3.86
CA GLU D 92 -20.51 7.78 5.16
C GLU D 92 -19.03 7.53 5.55
N LEU D 93 -18.18 7.13 4.56
CA LEU D 93 -16.72 6.86 4.79
C LEU D 93 -15.81 8.06 4.36
N ARG D 94 -16.36 9.05 3.57
CA ARG D 94 -15.59 10.36 3.34
C ARG D 94 -15.62 11.05 4.76
N GLN D 95 -16.70 10.76 5.54
CA GLN D 95 -16.85 11.21 7.00
C GLN D 95 -15.61 10.73 7.82
N TRP D 96 -15.08 9.48 7.54
CA TRP D 96 -13.83 8.97 8.27
C TRP D 96 -12.67 9.92 7.90
N LEU D 97 -12.59 10.39 6.62
CA LEU D 97 -11.51 11.39 6.21
C LEU D 97 -11.51 12.62 7.20
N GLU D 98 -12.74 13.05 7.65
CA GLU D 98 -12.90 14.17 8.70
C GLU D 98 -12.40 13.63 10.09
N GLU D 99 -12.63 12.32 10.40
CA GLU D 99 -12.13 11.64 11.69
C GLU D 99 -10.56 11.64 11.72
N VAL D 100 -9.89 11.73 10.54
CA VAL D 100 -8.37 11.70 10.44
C VAL D 100 -7.77 13.05 9.89
N LEU D 101 -8.61 14.13 9.78
CA LEU D 101 -8.15 15.53 9.35
C LEU D 101 -8.28 16.40 10.64
N LEU D 102 -9.53 16.56 11.15
CA LEU D 102 -9.86 17.36 12.40
C LEU D 102 -9.38 16.59 13.67
N LYS D 103 -9.65 15.26 13.73
CA LYS D 103 -9.29 14.35 14.92
C LYS D 103 -10.18 14.75 16.14
N SER D 104 -11.29 14.01 16.34
CA SER D 104 -12.28 14.27 17.47
C SER D 104 -12.70 12.94 18.15
#